data_6CKQ
#
_entry.id   6CKQ
#
_entity_poly.entity_id   1
_entity_poly.type   'polypeptide(L)'
_entity_poly.pdbx_seq_one_letter_code
;GPGSMKKSARRQSRELATQGLYQWLLSNAAPGEIDAQLRGALGYDKADKTLLDTILHGVIREHATLAEAISPSLDRPIDQ
LSPVERAVLLIATYELTHQIETPYRVIINEAVELAKTFGGSDGYKYVNGVLDKLAVKLRPAETQARRGA
;
_entity_poly.pdbx_strand_id   A
#
# COMPACT_ATOMS: atom_id res chain seq x y z
N GLY A 1 -18.55 13.00 -6.19
CA GLY A 1 -17.53 12.05 -5.67
C GLY A 1 -16.65 11.49 -6.78
N PRO A 2 -16.63 10.16 -6.97
CA PRO A 2 -15.82 9.52 -8.02
C PRO A 2 -16.32 9.87 -9.42
N GLY A 3 -15.39 10.17 -10.33
CA GLY A 3 -15.74 10.49 -11.70
C GLY A 3 -16.43 9.33 -12.39
N SER A 4 -15.67 8.25 -12.61
CA SER A 4 -16.21 7.02 -13.22
C SER A 4 -16.94 7.34 -14.53
N MET A 5 -16.40 8.31 -15.27
CA MET A 5 -17.05 8.85 -16.48
C MET A 5 -17.61 7.76 -17.40
N LYS A 6 -16.78 6.78 -17.76
CA LYS A 6 -17.19 5.73 -18.68
C LYS A 6 -17.10 4.36 -18.02
N LYS A 7 -15.91 4.01 -17.53
CA LYS A 7 -15.71 2.73 -16.86
C LYS A 7 -15.76 2.92 -15.34
N SER A 8 -16.19 1.88 -14.65
CA SER A 8 -16.46 1.95 -13.21
C SER A 8 -15.22 2.36 -12.40
N ALA A 9 -15.46 3.26 -11.45
CA ALA A 9 -14.43 3.70 -10.50
C ALA A 9 -14.02 2.55 -9.56
N ARG A 10 -14.87 1.52 -9.52
CA ARG A 10 -14.69 0.38 -8.62
C ARG A 10 -13.30 -0.25 -8.75
N ARG A 11 -12.69 -0.10 -9.92
CA ARG A 11 -11.35 -0.64 -10.15
C ARG A 11 -10.38 -0.16 -9.08
N GLN A 12 -10.41 1.15 -8.80
CA GLN A 12 -9.47 1.78 -7.87
C GLN A 12 -9.57 1.15 -6.48
N SER A 13 -10.81 1.00 -6.00
CA SER A 13 -11.04 0.40 -4.69
C SER A 13 -10.54 -1.04 -4.65
N ARG A 14 -10.59 -1.72 -5.80
CA ARG A 14 -10.07 -3.08 -5.90
C ARG A 14 -8.54 -3.07 -5.84
N GLU A 15 -7.92 -2.16 -6.57
CA GLU A 15 -6.46 -2.02 -6.59
C GLU A 15 -5.95 -1.65 -5.19
N LEU A 16 -6.75 -0.90 -4.45
CA LEU A 16 -6.46 -0.60 -3.06
C LEU A 16 -6.62 -1.86 -2.21
N ALA A 17 -7.71 -2.59 -2.44
CA ALA A 17 -8.06 -3.76 -1.65
C ALA A 17 -7.03 -4.88 -1.80
N THR A 18 -6.52 -5.08 -3.03
CA THR A 18 -5.60 -6.18 -3.32
C THR A 18 -4.38 -6.13 -2.40
N GLN A 19 -4.02 -4.92 -1.95
CA GLN A 19 -2.90 -4.75 -1.03
C GLN A 19 -3.20 -5.44 0.31
N GLY A 20 -4.37 -5.13 0.86
CA GLY A 20 -4.77 -5.70 2.14
C GLY A 20 -5.01 -7.20 2.04
N LEU A 21 -5.69 -7.60 0.97
CA LEU A 21 -5.97 -9.02 0.73
C LEU A 21 -4.67 -9.79 0.53
N TYR A 22 -3.68 -9.16 -0.10
CA TYR A 22 -2.37 -9.77 -0.29
C TYR A 22 -1.70 -9.98 1.06
N GLN A 23 -1.62 -8.91 1.85
CA GLN A 23 -1.03 -8.98 3.19
C GLN A 23 -1.75 -10.02 4.03
N TRP A 24 -3.05 -10.15 3.81
CA TRP A 24 -3.86 -11.13 4.54
C TRP A 24 -3.43 -12.55 4.18
N LEU A 25 -3.47 -12.87 2.89
CA LEU A 25 -3.16 -14.21 2.42
C LEU A 25 -1.67 -14.55 2.58
N LEU A 26 -0.84 -13.51 2.53
CA LEU A 26 0.62 -13.68 2.56
C LEU A 26 1.14 -13.70 4.00
N SER A 27 0.73 -12.72 4.81
CA SER A 27 1.18 -12.65 6.20
C SER A 27 0.34 -13.59 7.07
N ASN A 28 -0.87 -13.92 6.60
CA ASN A 28 -1.75 -14.87 7.29
C ASN A 28 -2.12 -14.37 8.68
N ALA A 29 -2.33 -13.05 8.78
CA ALA A 29 -2.80 -12.44 10.02
C ALA A 29 -4.33 -12.47 10.07
N ALA A 30 -4.89 -12.20 11.25
CA ALA A 30 -6.34 -12.17 11.44
C ALA A 30 -6.98 -11.16 10.49
N PRO A 31 -8.12 -11.52 9.85
CA PRO A 31 -8.80 -10.70 8.85
C PRO A 31 -9.04 -9.26 9.31
N GLY A 32 -9.64 -9.12 10.49
CA GLY A 32 -10.03 -7.80 10.99
C GLY A 32 -8.84 -6.89 11.21
N GLU A 33 -7.75 -7.46 11.71
CA GLU A 33 -6.53 -6.70 12.01
C GLU A 33 -6.05 -5.94 10.78
N ILE A 34 -6.13 -6.60 9.63
CA ILE A 34 -5.71 -6.02 8.36
C ILE A 34 -6.84 -5.20 7.73
N ASP A 35 -8.05 -5.74 7.80
CA ASP A 35 -9.26 -5.11 7.27
C ASP A 35 -9.38 -3.67 7.79
N ALA A 36 -8.90 -3.47 9.01
CA ALA A 36 -8.97 -2.18 9.70
C ALA A 36 -8.43 -1.03 8.84
N GLN A 37 -7.46 -1.34 7.96
CA GLN A 37 -6.83 -0.30 7.15
C GLN A 37 -7.87 0.46 6.31
N LEU A 38 -8.93 -0.24 5.92
CA LEU A 38 -9.99 0.37 5.11
C LEU A 38 -10.96 1.15 6.01
N ARG A 39 -10.99 0.79 7.29
CA ARG A 39 -11.82 1.50 8.25
C ARG A 39 -11.23 2.89 8.49
N GLY A 40 -9.90 2.97 8.36
CA GLY A 40 -9.21 4.24 8.44
C GLY A 40 -9.25 4.98 7.11
N ALA A 41 -9.02 4.24 6.02
CA ALA A 41 -9.04 4.81 4.68
C ALA A 41 -10.16 4.18 3.86
N LEU A 42 -11.33 4.82 3.89
CA LEU A 42 -12.51 4.31 3.18
C LEU A 42 -12.32 4.44 1.68
N GLY A 43 -12.23 3.29 1.00
CA GLY A 43 -11.89 3.28 -0.41
C GLY A 43 -12.98 3.82 -1.31
N TYR A 44 -14.24 3.58 -0.95
CA TYR A 44 -15.38 3.90 -1.79
C TYR A 44 -15.35 5.32 -2.35
N ASP A 45 -15.31 6.31 -1.45
CA ASP A 45 -15.41 7.71 -1.85
C ASP A 45 -14.14 8.19 -2.55
N LYS A 46 -13.04 7.48 -2.35
CA LYS A 46 -11.74 7.91 -2.83
C LYS A 46 -11.30 7.11 -4.06
N ALA A 47 -12.12 6.15 -4.46
CA ALA A 47 -11.80 5.28 -5.58
C ALA A 47 -12.10 5.95 -6.92
N ASP A 48 -11.13 6.75 -7.40
CA ASP A 48 -11.20 7.38 -8.73
C ASP A 48 -10.01 8.31 -8.94
N LYS A 49 -9.62 8.51 -10.21
CA LYS A 49 -8.42 9.27 -10.55
C LYS A 49 -8.54 10.74 -10.13
N THR A 50 -9.75 11.24 -9.99
CA THR A 50 -9.96 12.63 -9.58
C THR A 50 -9.62 12.81 -8.10
N LEU A 51 -9.95 11.80 -7.30
CA LEU A 51 -9.76 11.84 -5.86
C LEU A 51 -8.28 11.75 -5.49
N LEU A 52 -7.48 11.16 -6.37
CA LEU A 52 -6.04 11.01 -6.14
C LEU A 52 -5.39 12.32 -5.67
N ASP A 53 -5.89 13.43 -6.19
CA ASP A 53 -5.30 14.75 -5.90
C ASP A 53 -5.60 15.09 -4.45
N THR A 54 -6.83 14.83 -4.10
CA THR A 54 -7.30 14.88 -2.74
C THR A 54 -6.46 13.94 -1.85
N ILE A 55 -6.13 12.76 -2.39
CA ILE A 55 -5.41 11.74 -1.64
C ILE A 55 -3.97 12.16 -1.34
N LEU A 56 -3.28 12.75 -2.32
CA LEU A 56 -1.88 13.14 -2.11
C LEU A 56 -1.79 14.21 -1.01
N HIS A 57 -2.80 15.08 -0.96
CA HIS A 57 -2.89 16.07 0.11
C HIS A 57 -3.19 15.39 1.43
N GLY A 58 -4.00 14.34 1.36
CA GLY A 58 -4.27 13.50 2.53
C GLY A 58 -3.03 12.77 2.97
N VAL A 59 -2.14 12.49 2.03
CA VAL A 59 -0.86 11.85 2.32
C VAL A 59 0.04 12.81 3.09
N ILE A 60 0.20 14.00 2.55
CA ILE A 60 1.06 15.02 3.16
C ILE A 60 0.51 15.44 4.54
N ARG A 61 -0.79 15.63 4.61
CA ARG A 61 -1.44 16.09 5.83
C ARG A 61 -1.73 14.94 6.81
N GLU A 62 -2.53 13.98 6.38
CA GLU A 62 -3.14 13.00 7.27
C GLU A 62 -2.33 11.70 7.34
N HIS A 63 -1.06 11.74 6.95
CA HIS A 63 -0.20 10.55 6.98
C HIS A 63 -0.11 9.99 8.40
N ALA A 64 0.20 10.88 9.34
CA ALA A 64 0.36 10.50 10.75
C ALA A 64 -0.96 9.98 11.32
N THR A 65 -2.03 10.75 11.08
CA THR A 65 -3.36 10.37 11.54
C THR A 65 -3.77 9.00 10.98
N LEU A 66 -3.44 8.76 9.72
CA LEU A 66 -3.76 7.49 9.06
C LEU A 66 -3.02 6.36 9.77
N ALA A 67 -1.72 6.56 10.00
CA ALA A 67 -0.90 5.57 10.69
C ALA A 67 -1.45 5.26 12.09
N GLU A 68 -1.90 6.30 12.79
CA GLU A 68 -2.45 6.14 14.14
C GLU A 68 -3.86 5.54 14.09
N ALA A 69 -4.58 5.82 13.00
CA ALA A 69 -5.99 5.44 12.87
C ALA A 69 -6.19 3.93 13.00
N ILE A 70 -5.12 3.17 12.78
CA ILE A 70 -5.18 1.71 12.85
C ILE A 70 -5.49 1.23 14.29
N SER A 71 -5.00 1.97 15.28
CA SER A 71 -5.11 1.55 16.68
C SER A 71 -6.56 1.61 17.19
N PRO A 72 -7.28 2.74 17.00
CA PRO A 72 -8.69 2.84 17.41
C PRO A 72 -9.62 2.07 16.47
N SER A 73 -9.11 1.72 15.29
CA SER A 73 -9.89 0.97 14.31
C SER A 73 -10.07 -0.48 14.78
N LEU A 74 -9.15 -0.94 15.61
CA LEU A 74 -9.21 -2.28 16.17
C LEU A 74 -9.66 -2.25 17.63
N ASP A 75 -9.78 -3.42 18.23
CA ASP A 75 -10.05 -3.54 19.67
C ASP A 75 -8.73 -3.68 20.41
N ARG A 76 -7.65 -3.69 19.65
CA ARG A 76 -6.31 -3.93 20.17
C ARG A 76 -5.40 -2.77 19.79
N PRO A 77 -4.28 -2.57 20.53
CA PRO A 77 -3.32 -1.49 20.24
C PRO A 77 -2.65 -1.63 18.87
N ILE A 78 -2.02 -0.55 18.43
CA ILE A 78 -1.42 -0.45 17.09
C ILE A 78 -0.37 -1.54 16.83
N ASP A 79 0.31 -2.01 17.87
CA ASP A 79 1.48 -2.86 17.70
C ASP A 79 1.13 -4.32 17.43
N GLN A 80 -0.16 -4.64 17.36
CA GLN A 80 -0.59 -6.01 17.07
C GLN A 80 0.01 -6.48 15.75
N LEU A 81 -0.24 -5.73 14.68
CA LEU A 81 0.40 -5.99 13.40
C LEU A 81 1.85 -5.51 13.49
N SER A 82 2.80 -6.44 13.34
CA SER A 82 4.22 -6.18 13.56
C SER A 82 4.68 -4.87 12.88
N PRO A 83 5.65 -4.16 13.49
CA PRO A 83 6.12 -2.84 13.04
C PRO A 83 6.29 -2.75 11.52
N VAL A 84 7.06 -3.67 10.95
CA VAL A 84 7.33 -3.64 9.51
C VAL A 84 6.05 -3.88 8.72
N GLU A 85 5.27 -4.86 9.16
CA GLU A 85 4.01 -5.22 8.48
C GLU A 85 3.12 -3.99 8.31
N ARG A 86 2.83 -3.33 9.43
CA ARG A 86 1.91 -2.20 9.43
C ARG A 86 2.53 -0.98 8.74
N ALA A 87 3.82 -0.78 8.96
CA ALA A 87 4.53 0.36 8.38
C ALA A 87 4.46 0.31 6.87
N VAL A 88 4.72 -0.86 6.30
CA VAL A 88 4.68 -1.05 4.86
C VAL A 88 3.24 -1.02 4.35
N LEU A 89 2.36 -1.78 5.00
CA LEU A 89 0.99 -1.95 4.52
C LEU A 89 0.28 -0.60 4.41
N LEU A 90 0.30 0.16 5.50
CA LEU A 90 -0.47 1.40 5.58
C LEU A 90 0.05 2.45 4.61
N ILE A 91 1.36 2.69 4.65
CA ILE A 91 1.98 3.69 3.79
C ILE A 91 1.88 3.27 2.32
N ALA A 92 2.30 2.04 2.02
CA ALA A 92 2.30 1.54 0.64
C ALA A 92 0.89 1.61 0.04
N THR A 93 -0.12 1.23 0.81
CA THR A 93 -1.50 1.26 0.33
C THR A 93 -1.96 2.71 0.12
N TYR A 94 -1.66 3.57 1.09
CA TYR A 94 -2.07 4.98 1.02
C TYR A 94 -1.48 5.65 -0.20
N GLU A 95 -0.21 5.32 -0.49
CA GLU A 95 0.45 5.81 -1.69
C GLU A 95 -0.15 5.16 -2.93
N LEU A 96 -0.26 3.83 -2.89
CA LEU A 96 -0.77 3.04 -4.00
C LEU A 96 -2.10 3.62 -4.48
N THR A 97 -2.92 4.06 -3.52
CA THR A 97 -4.24 4.64 -3.82
C THR A 97 -4.13 5.73 -4.89
N HIS A 98 -3.06 6.54 -4.82
CA HIS A 98 -2.88 7.65 -5.78
C HIS A 98 -1.67 7.40 -6.67
N GLN A 99 -1.09 6.21 -6.57
CA GLN A 99 0.11 5.86 -7.34
C GLN A 99 -0.07 4.51 -8.04
N ILE A 100 -1.32 4.18 -8.37
CA ILE A 100 -1.64 2.88 -9.01
C ILE A 100 -0.84 2.67 -10.29
N GLU A 101 -0.52 3.76 -10.97
CA GLU A 101 0.17 3.71 -12.26
C GLU A 101 1.60 4.27 -12.14
N THR A 102 2.08 4.39 -10.92
CA THR A 102 3.40 4.95 -10.64
C THR A 102 4.44 3.83 -10.54
N PRO A 103 5.66 4.04 -11.11
CA PRO A 103 6.75 3.06 -11.07
C PRO A 103 7.00 2.49 -9.66
N TYR A 104 6.97 1.16 -9.58
CA TYR A 104 7.30 0.43 -8.37
C TYR A 104 8.65 0.89 -7.82
N ARG A 105 9.51 1.39 -8.71
CA ARG A 105 10.85 1.85 -8.33
C ARG A 105 10.75 2.84 -7.16
N VAL A 106 9.92 3.87 -7.33
CA VAL A 106 9.81 4.93 -6.34
C VAL A 106 9.07 4.44 -5.10
N ILE A 107 7.96 3.71 -5.31
CA ILE A 107 7.16 3.22 -4.18
C ILE A 107 8.00 2.30 -3.29
N ILE A 108 8.71 1.37 -3.91
CA ILE A 108 9.59 0.46 -3.19
C ILE A 108 10.71 1.23 -2.52
N ASN A 109 11.28 2.22 -3.23
CA ASN A 109 12.36 3.04 -2.67
C ASN A 109 11.93 3.66 -1.34
N GLU A 110 10.78 4.33 -1.34
CA GLU A 110 10.23 4.94 -0.12
C GLU A 110 9.98 3.87 0.95
N ALA A 111 9.39 2.75 0.55
CA ALA A 111 9.11 1.65 1.47
C ALA A 111 10.41 1.14 2.13
N VAL A 112 11.45 1.02 1.31
CA VAL A 112 12.77 0.59 1.77
C VAL A 112 13.35 1.61 2.74
N GLU A 113 13.13 2.89 2.45
CA GLU A 113 13.62 3.97 3.30
C GLU A 113 13.01 3.88 4.70
N LEU A 114 11.74 3.51 4.76
CA LEU A 114 11.06 3.34 6.05
C LEU A 114 11.56 2.09 6.75
N ALA A 115 11.75 1.04 5.96
CA ALA A 115 12.22 -0.24 6.46
C ALA A 115 13.52 -0.10 7.25
N LYS A 116 14.31 0.94 6.93
CA LYS A 116 15.57 1.21 7.63
C LYS A 116 15.35 1.22 9.15
N THR A 117 14.43 2.07 9.60
CA THR A 117 14.19 2.27 11.03
C THR A 117 13.46 1.08 11.66
N PHE A 118 12.63 0.39 10.86
CA PHE A 118 11.78 -0.68 11.39
C PHE A 118 12.49 -2.04 11.39
N GLY A 119 13.10 -2.40 10.27
CA GLY A 119 13.73 -3.71 10.15
C GLY A 119 15.23 -3.63 9.89
N GLY A 120 15.70 -2.45 9.52
CA GLY A 120 17.12 -2.23 9.29
C GLY A 120 17.71 -3.15 8.23
N SER A 121 18.79 -3.83 8.59
CA SER A 121 19.53 -4.68 7.67
C SER A 121 18.65 -5.72 7.00
N ASP A 122 17.70 -6.26 7.75
CA ASP A 122 16.79 -7.28 7.24
C ASP A 122 15.61 -6.63 6.53
N GLY A 123 15.10 -5.57 7.16
CA GLY A 123 13.87 -4.95 6.71
C GLY A 123 13.95 -4.36 5.32
N TYR A 124 15.04 -3.69 5.01
CA TYR A 124 15.16 -2.97 3.74
C TYR A 124 15.16 -3.95 2.56
N LYS A 125 15.78 -5.12 2.76
CA LYS A 125 15.79 -6.17 1.75
C LYS A 125 14.45 -6.90 1.75
N TYR A 126 13.91 -7.09 2.95
CA TYR A 126 12.64 -7.79 3.15
C TYR A 126 11.51 -7.13 2.35
N VAL A 127 11.35 -5.82 2.54
CA VAL A 127 10.28 -5.08 1.90
C VAL A 127 10.46 -5.04 0.38
N ASN A 128 11.71 -4.95 -0.07
CA ASN A 128 12.03 -4.97 -1.49
C ASN A 128 11.57 -6.30 -2.08
N GLY A 129 11.95 -7.38 -1.41
CA GLY A 129 11.68 -8.72 -1.91
C GLY A 129 10.20 -9.04 -2.00
N VAL A 130 9.43 -8.55 -1.03
CA VAL A 130 8.00 -8.86 -0.96
C VAL A 130 7.22 -8.11 -2.05
N LEU A 131 7.58 -6.85 -2.27
CA LEU A 131 6.90 -6.01 -3.27
C LEU A 131 7.35 -6.38 -4.69
N ASP A 132 8.60 -6.81 -4.80
CA ASP A 132 9.20 -7.17 -6.09
C ASP A 132 8.38 -8.23 -6.81
N LYS A 133 7.93 -9.22 -6.04
CA LYS A 133 7.21 -10.38 -6.60
C LYS A 133 5.95 -9.95 -7.34
N LEU A 134 5.31 -8.89 -6.87
CA LEU A 134 4.11 -8.37 -7.52
C LEU A 134 4.50 -7.47 -8.69
N ALA A 135 5.58 -6.72 -8.49
CA ALA A 135 6.03 -5.75 -9.48
C ALA A 135 6.44 -6.42 -10.79
N VAL A 136 7.02 -7.62 -10.68
CA VAL A 136 7.48 -8.37 -11.85
C VAL A 136 6.27 -8.81 -12.69
N LYS A 137 5.08 -8.79 -12.10
CA LYS A 137 3.87 -9.20 -12.78
C LYS A 137 3.09 -7.98 -13.27
N LEU A 138 3.11 -6.91 -12.48
CA LEU A 138 2.35 -5.70 -12.77
C LEU A 138 3.17 -4.71 -13.60
N ARG A 139 4.45 -4.99 -13.78
CA ARG A 139 5.33 -4.12 -14.56
C ARG A 139 6.59 -4.90 -14.98
N PRO A 140 6.40 -5.99 -15.76
CA PRO A 140 7.49 -6.94 -16.08
C PRO A 140 8.65 -6.29 -16.84
N ALA A 141 8.32 -5.46 -17.83
CA ALA A 141 9.33 -4.83 -18.69
C ALA A 141 10.36 -4.06 -17.85
N GLU A 142 9.86 -3.33 -16.87
CA GLU A 142 10.72 -2.50 -16.02
C GLU A 142 11.54 -3.36 -15.05
N THR A 143 10.91 -4.41 -14.50
CA THR A 143 11.59 -5.28 -13.53
C THR A 143 12.71 -6.09 -14.19
N GLN A 144 12.56 -6.35 -15.49
CA GLN A 144 13.57 -7.09 -16.25
C GLN A 144 14.78 -6.19 -16.54
N ALA A 145 14.60 -4.88 -16.40
CA ALA A 145 15.67 -3.92 -16.60
C ALA A 145 16.42 -3.68 -15.27
N ARG A 146 17.24 -4.65 -14.88
CA ARG A 146 18.02 -4.56 -13.66
C ARG A 146 19.42 -4.03 -13.97
N ARG A 147 19.65 -2.76 -13.65
CA ARG A 147 20.92 -2.10 -13.95
C ARG A 147 21.75 -1.92 -12.67
N GLY A 148 22.85 -2.67 -12.56
CA GLY A 148 23.71 -2.56 -11.40
C GLY A 148 24.55 -1.29 -11.40
N ALA A 149 24.97 -0.89 -12.60
CA ALA A 149 25.79 0.30 -12.77
C ALA A 149 25.41 1.03 -14.06
N GLY A 1 -9.60 13.96 -13.09
CA GLY A 1 -8.88 13.13 -14.08
C GLY A 1 -9.68 12.96 -15.36
N PRO A 2 -9.47 13.83 -16.36
CA PRO A 2 -10.25 13.83 -17.60
C PRO A 2 -10.18 12.49 -18.34
N GLY A 3 -11.32 11.80 -18.39
CA GLY A 3 -11.41 10.55 -19.13
C GLY A 3 -11.03 9.34 -18.30
N SER A 4 -11.88 8.97 -17.37
CA SER A 4 -11.66 7.81 -16.52
C SER A 4 -12.83 6.83 -16.64
N MET A 5 -13.51 6.89 -17.79
CA MET A 5 -14.65 6.00 -18.06
C MET A 5 -14.15 4.67 -18.61
N LYS A 6 -13.27 4.74 -19.62
CA LYS A 6 -12.68 3.54 -20.21
C LYS A 6 -11.59 2.99 -19.29
N LYS A 7 -10.76 3.89 -18.77
CA LYS A 7 -9.80 3.55 -17.72
C LYS A 7 -10.53 3.60 -16.39
N SER A 8 -11.00 2.45 -15.94
CA SER A 8 -11.93 2.38 -14.83
C SER A 8 -11.31 2.91 -13.54
N ALA A 9 -12.10 3.72 -12.82
CA ALA A 9 -11.71 4.20 -11.51
C ALA A 9 -11.74 3.06 -10.50
N ARG A 10 -12.51 2.02 -10.83
CA ARG A 10 -12.73 0.89 -9.93
C ARG A 10 -11.42 0.13 -9.69
N ARG A 11 -10.50 0.22 -10.64
CA ARG A 11 -9.21 -0.44 -10.51
C ARG A 11 -8.50 0.01 -9.24
N GLN A 12 -8.73 1.26 -8.87
CA GLN A 12 -8.01 1.90 -7.78
C GLN A 12 -8.14 1.10 -6.49
N SER A 13 -9.35 0.66 -6.20
CA SER A 13 -9.64 -0.04 -4.95
C SER A 13 -8.79 -1.32 -4.83
N ARG A 14 -8.51 -1.95 -5.95
CA ARG A 14 -7.76 -3.21 -5.95
C ARG A 14 -6.31 -2.94 -5.58
N GLU A 15 -5.73 -1.92 -6.22
CA GLU A 15 -4.31 -1.60 -6.06
C GLU A 15 -3.98 -1.36 -4.57
N LEU A 16 -4.95 -0.75 -3.87
CA LEU A 16 -4.82 -0.54 -2.43
C LEU A 16 -5.02 -1.85 -1.66
N ALA A 17 -6.14 -2.51 -1.92
CA ALA A 17 -6.55 -3.71 -1.17
C ALA A 17 -5.50 -4.82 -1.25
N THR A 18 -4.93 -4.99 -2.44
CA THR A 18 -4.00 -6.09 -2.70
C THR A 18 -2.82 -6.07 -1.72
N GLN A 19 -2.48 -4.88 -1.24
CA GLN A 19 -1.38 -4.74 -0.29
C GLN A 19 -1.69 -5.50 1.00
N GLY A 20 -2.86 -5.21 1.55
CA GLY A 20 -3.26 -5.80 2.82
C GLY A 20 -3.60 -7.27 2.68
N LEU A 21 -4.23 -7.61 1.57
CA LEU A 21 -4.63 -9.00 1.32
C LEU A 21 -3.41 -9.89 1.16
N TYR A 22 -2.41 -9.41 0.42
CA TYR A 22 -1.19 -10.17 0.20
C TYR A 22 -0.41 -10.27 1.50
N GLN A 23 -0.27 -9.14 2.19
CA GLN A 23 0.40 -9.11 3.49
C GLN A 23 -0.28 -10.10 4.44
N TRP A 24 -1.61 -10.09 4.45
CA TRP A 24 -2.38 -10.98 5.32
C TRP A 24 -2.11 -12.44 4.95
N LEU A 25 -2.06 -12.72 3.66
CA LEU A 25 -1.80 -14.07 3.15
C LEU A 25 -0.47 -14.62 3.68
N LEU A 26 0.55 -13.75 3.73
CA LEU A 26 1.89 -14.16 4.15
C LEU A 26 2.03 -14.13 5.68
N SER A 27 1.47 -13.11 6.32
CA SER A 27 1.61 -12.93 7.76
C SER A 27 0.68 -13.85 8.54
N ASN A 28 -0.42 -14.25 7.90
CA ASN A 28 -1.46 -15.06 8.56
C ASN A 28 -1.99 -14.33 9.80
N ALA A 29 -1.99 -12.99 9.73
CA ALA A 29 -2.47 -12.16 10.83
C ALA A 29 -3.97 -12.30 11.02
N ALA A 30 -4.50 -11.64 12.03
CA ALA A 30 -5.93 -11.64 12.29
C ALA A 30 -6.67 -10.87 11.18
N PRO A 31 -7.85 -11.35 10.78
CA PRO A 31 -8.63 -10.73 9.71
C PRO A 31 -8.95 -9.26 10.01
N GLY A 32 -9.60 -9.01 11.15
CA GLY A 32 -10.06 -7.67 11.48
C GLY A 32 -8.94 -6.64 11.46
N GLU A 33 -7.79 -7.02 12.00
CA GLU A 33 -6.63 -6.12 12.09
C GLU A 33 -6.24 -5.54 10.72
N ILE A 34 -6.05 -6.41 9.73
CA ILE A 34 -5.64 -5.95 8.39
C ILE A 34 -6.85 -5.50 7.56
N ASP A 35 -7.93 -6.28 7.63
CA ASP A 35 -9.17 -5.98 6.90
C ASP A 35 -9.64 -4.55 7.16
N ALA A 36 -9.37 -4.07 8.37
CA ALA A 36 -9.80 -2.74 8.81
C ALA A 36 -9.35 -1.65 7.85
N GLN A 37 -8.20 -1.84 7.19
CA GLN A 37 -7.68 -0.87 6.24
C GLN A 37 -8.72 -0.61 5.13
N LEU A 38 -9.25 -1.68 4.58
CA LEU A 38 -10.25 -1.57 3.53
C LEU A 38 -11.65 -1.41 4.14
N ARG A 39 -11.79 -1.77 5.40
CA ARG A 39 -13.06 -1.66 6.11
C ARG A 39 -13.46 -0.20 6.25
N GLY A 40 -12.46 0.63 6.56
CA GLY A 40 -12.69 2.05 6.73
C GLY A 40 -12.64 2.80 5.40
N ALA A 41 -12.18 2.12 4.36
CA ALA A 41 -12.06 2.72 3.04
C ALA A 41 -12.98 2.00 2.05
N LEU A 42 -14.18 2.53 1.86
CA LEU A 42 -15.11 1.98 0.89
C LEU A 42 -14.53 2.15 -0.51
N GLY A 43 -14.21 1.01 -1.14
CA GLY A 43 -13.56 1.02 -2.44
C GLY A 43 -14.14 2.03 -3.40
N TYR A 44 -15.45 1.96 -3.62
CA TYR A 44 -16.14 2.81 -4.57
C TYR A 44 -15.77 4.29 -4.39
N ASP A 45 -15.95 4.81 -3.19
CA ASP A 45 -15.75 6.24 -2.93
C ASP A 45 -14.27 6.62 -2.97
N LYS A 46 -13.41 5.67 -2.62
CA LYS A 46 -11.98 5.93 -2.51
C LYS A 46 -11.24 5.49 -3.77
N ALA A 47 -11.99 5.08 -4.79
CA ALA A 47 -11.40 4.60 -6.04
C ALA A 47 -11.68 5.56 -7.19
N ASP A 48 -10.66 6.33 -7.58
CA ASP A 48 -10.74 7.23 -8.74
C ASP A 48 -9.38 7.89 -8.95
N LYS A 49 -8.94 7.98 -10.21
CA LYS A 49 -7.65 8.60 -10.52
C LYS A 49 -7.66 10.08 -10.18
N THR A 50 -8.85 10.68 -10.23
CA THR A 50 -9.01 12.09 -9.92
C THR A 50 -8.67 12.37 -8.45
N LEU A 51 -8.84 11.36 -7.61
CA LEU A 51 -8.69 11.52 -6.17
C LEU A 51 -7.25 11.82 -5.76
N LEU A 52 -6.27 11.36 -6.54
CA LEU A 52 -4.86 11.54 -6.17
C LEU A 52 -4.56 12.99 -5.81
N ASP A 53 -5.22 13.91 -6.52
CA ASP A 53 -5.09 15.35 -6.26
C ASP A 53 -5.44 15.68 -4.81
N THR A 54 -6.60 15.23 -4.35
CA THR A 54 -7.03 15.48 -2.97
C THR A 54 -6.25 14.59 -1.99
N ILE A 55 -5.91 13.38 -2.42
CA ILE A 55 -5.27 12.39 -1.55
C ILE A 55 -3.88 12.85 -1.11
N LEU A 56 -3.17 13.58 -1.96
CA LEU A 56 -1.83 14.05 -1.61
C LEU A 56 -1.89 14.91 -0.35
N HIS A 57 -3.04 15.56 -0.13
CA HIS A 57 -3.27 16.31 1.10
C HIS A 57 -3.17 15.35 2.28
N GLY A 58 -3.79 14.19 2.12
CA GLY A 58 -3.74 13.15 3.13
C GLY A 58 -2.35 12.56 3.26
N VAL A 59 -1.64 12.44 2.15
CA VAL A 59 -0.27 11.92 2.15
C VAL A 59 0.63 12.79 3.04
N ILE A 60 0.55 14.09 2.84
CA ILE A 60 1.32 15.04 3.63
C ILE A 60 0.79 15.16 5.07
N ARG A 61 -0.49 15.46 5.18
CA ARG A 61 -1.14 15.73 6.48
C ARG A 61 -1.58 14.45 7.22
N GLU A 62 -2.40 13.64 6.56
CA GLU A 62 -3.20 12.61 7.22
C GLU A 62 -2.49 11.24 7.21
N HIS A 63 -1.28 11.21 6.68
CA HIS A 63 -0.50 9.96 6.59
C HIS A 63 -0.26 9.40 7.99
N ALA A 64 0.33 10.23 8.85
CA ALA A 64 0.57 9.86 10.24
C ALA A 64 -0.75 9.63 10.97
N THR A 65 -1.74 10.46 10.64
CA THR A 65 -3.07 10.35 11.22
C THR A 65 -3.69 8.99 10.92
N LEU A 66 -3.48 8.51 9.70
CA LEU A 66 -3.97 7.21 9.28
C LEU A 66 -3.22 6.12 10.04
N ALA A 67 -1.90 6.26 10.09
CA ALA A 67 -1.04 5.30 10.79
C ALA A 67 -1.47 5.11 12.24
N GLU A 68 -1.88 6.19 12.89
CA GLU A 68 -2.39 6.14 14.25
C GLU A 68 -3.83 5.59 14.29
N ALA A 69 -4.70 6.19 13.48
CA ALA A 69 -6.15 5.94 13.53
C ALA A 69 -6.51 4.49 13.27
N ILE A 70 -5.59 3.72 12.71
CA ILE A 70 -5.85 2.31 12.41
C ILE A 70 -5.93 1.50 13.71
N SER A 71 -5.09 1.82 14.68
CA SER A 71 -4.93 0.99 15.89
C SER A 71 -6.24 0.92 16.72
N PRO A 72 -6.88 2.07 17.03
CA PRO A 72 -8.13 2.06 17.81
C PRO A 72 -9.27 1.32 17.09
N SER A 73 -9.15 1.21 15.77
CA SER A 73 -10.15 0.53 14.96
C SER A 73 -10.01 -0.99 15.09
N LEU A 74 -8.83 -1.43 15.52
CA LEU A 74 -8.55 -2.85 15.70
C LEU A 74 -8.94 -3.26 17.13
N ASP A 75 -9.05 -4.57 17.38
CA ASP A 75 -9.30 -5.05 18.74
C ASP A 75 -7.97 -5.17 19.46
N ARG A 76 -6.98 -5.63 18.71
CA ARG A 76 -5.60 -5.68 19.19
C ARG A 76 -4.93 -4.35 18.87
N PRO A 77 -3.82 -4.00 19.55
CA PRO A 77 -3.04 -2.81 19.20
C PRO A 77 -2.38 -3.00 17.84
N ILE A 78 -2.00 -1.90 17.21
CA ILE A 78 -1.33 -1.95 15.90
C ILE A 78 -0.07 -2.84 15.95
N ASP A 79 0.41 -3.10 17.17
CA ASP A 79 1.53 -4.00 17.42
C ASP A 79 1.27 -5.41 16.89
N GLN A 80 0.00 -5.75 16.69
CA GLN A 80 -0.40 -7.08 16.22
C GLN A 80 0.45 -7.50 15.02
N LEU A 81 0.71 -6.56 14.13
CA LEU A 81 1.59 -6.78 12.99
C LEU A 81 2.91 -6.02 13.23
N SER A 82 4.03 -6.69 12.96
CA SER A 82 5.35 -6.13 13.24
C SER A 82 5.49 -4.71 12.69
N PRO A 83 6.11 -3.79 13.47
CA PRO A 83 6.27 -2.38 13.11
C PRO A 83 6.58 -2.17 11.63
N VAL A 84 7.62 -2.83 11.13
CA VAL A 84 8.03 -2.66 9.74
C VAL A 84 6.93 -3.14 8.78
N GLU A 85 6.33 -4.29 9.09
CA GLU A 85 5.33 -4.90 8.22
C GLU A 85 4.07 -4.05 8.14
N ARG A 86 3.55 -3.63 9.29
CA ARG A 86 2.37 -2.78 9.30
C ARG A 86 2.68 -1.40 8.71
N ALA A 87 3.93 -0.95 8.88
CA ALA A 87 4.37 0.29 8.27
C ALA A 87 4.28 0.18 6.76
N VAL A 88 4.79 -0.93 6.23
CA VAL A 88 4.73 -1.19 4.78
C VAL A 88 3.29 -1.20 4.31
N LEU A 89 2.43 -1.93 5.01
CA LEU A 89 1.02 -2.07 4.61
C LEU A 89 0.37 -0.69 4.53
N LEU A 90 0.52 0.11 5.58
CA LEU A 90 -0.15 1.41 5.68
C LEU A 90 0.42 2.40 4.67
N ILE A 91 1.75 2.53 4.66
CA ILE A 91 2.43 3.43 3.74
C ILE A 91 2.11 3.06 2.28
N ALA A 92 2.28 1.78 1.95
CA ALA A 92 2.00 1.31 0.59
C ALA A 92 0.56 1.61 0.20
N THR A 93 -0.38 1.35 1.10
CA THR A 93 -1.79 1.60 0.83
C THR A 93 -2.03 3.07 0.50
N TYR A 94 -1.54 3.97 1.37
CA TYR A 94 -1.79 5.39 1.22
C TYR A 94 -1.09 5.95 -0.03
N GLU A 95 0.11 5.46 -0.31
CA GLU A 95 0.83 5.87 -1.50
C GLU A 95 0.11 5.37 -2.75
N LEU A 96 -0.28 4.10 -2.75
CA LEU A 96 -1.05 3.53 -3.85
C LEU A 96 -2.30 4.37 -4.10
N THR A 97 -2.94 4.82 -3.02
CA THR A 97 -4.18 5.62 -3.11
C THR A 97 -4.01 6.79 -4.10
N HIS A 98 -2.80 7.34 -4.19
CA HIS A 98 -2.54 8.48 -5.06
C HIS A 98 -1.46 8.16 -6.09
N GLN A 99 -1.10 6.88 -6.21
CA GLN A 99 -0.01 6.46 -7.09
C GLN A 99 -0.36 5.16 -7.83
N ILE A 100 -1.66 4.89 -7.99
CA ILE A 100 -2.14 3.67 -8.67
C ILE A 100 -1.59 3.57 -10.10
N GLU A 101 -1.22 4.71 -10.68
CA GLU A 101 -0.78 4.76 -12.07
C GLU A 101 0.72 5.10 -12.18
N THR A 102 1.44 4.98 -11.07
CA THR A 102 2.87 5.25 -11.05
C THR A 102 3.67 3.94 -11.05
N PRO A 103 4.92 3.94 -11.56
CA PRO A 103 5.79 2.75 -11.57
C PRO A 103 6.05 2.18 -10.17
N TYR A 104 6.21 0.85 -10.09
CA TYR A 104 6.42 0.20 -8.80
C TYR A 104 7.78 0.59 -8.23
N ARG A 105 8.66 1.05 -9.12
CA ARG A 105 9.99 1.50 -8.72
C ARG A 105 9.89 2.53 -7.59
N VAL A 106 9.11 3.58 -7.83
CA VAL A 106 8.96 4.64 -6.85
C VAL A 106 8.15 4.14 -5.64
N ILE A 107 7.18 3.25 -5.89
CA ILE A 107 6.42 2.63 -4.80
C ILE A 107 7.35 1.96 -3.80
N ILE A 108 8.22 1.08 -4.32
CA ILE A 108 9.18 0.36 -3.49
C ILE A 108 10.14 1.33 -2.82
N ASN A 109 10.55 2.37 -3.56
CA ASN A 109 11.42 3.40 -2.99
C ASN A 109 10.79 4.03 -1.74
N GLU A 110 9.54 4.50 -1.90
CA GLU A 110 8.82 5.13 -0.79
C GLU A 110 8.75 4.18 0.40
N ALA A 111 8.26 2.97 0.14
CA ALA A 111 8.04 1.99 1.19
C ALA A 111 9.36 1.59 1.86
N VAL A 112 10.42 1.40 1.07
CA VAL A 112 11.69 0.91 1.60
C VAL A 112 12.39 1.99 2.43
N GLU A 113 12.18 3.26 2.07
CA GLU A 113 12.74 4.38 2.85
C GLU A 113 12.36 4.25 4.32
N LEU A 114 11.08 4.10 4.59
CA LEU A 114 10.60 4.02 5.96
C LEU A 114 10.87 2.64 6.56
N ALA A 115 10.68 1.60 5.76
CA ALA A 115 10.93 0.23 6.21
C ALA A 115 12.37 0.08 6.71
N LYS A 116 13.25 0.90 6.14
CA LYS A 116 14.66 0.92 6.51
C LYS A 116 14.83 1.09 8.02
N THR A 117 14.24 2.16 8.56
CA THR A 117 14.43 2.51 9.95
C THR A 117 13.67 1.58 10.90
N PHE A 118 12.52 1.07 10.43
CA PHE A 118 11.65 0.25 11.28
C PHE A 118 12.16 -1.18 11.39
N GLY A 119 12.55 -1.77 10.26
CA GLY A 119 12.91 -3.18 10.23
C GLY A 119 14.39 -3.44 10.03
N GLY A 120 15.12 -2.42 9.61
CA GLY A 120 16.54 -2.58 9.37
C GLY A 120 16.83 -3.49 8.19
N SER A 121 17.78 -4.41 8.35
CA SER A 121 18.20 -5.31 7.27
C SER A 121 17.04 -6.17 6.81
N ASP A 122 16.41 -6.89 7.74
CA ASP A 122 15.28 -7.76 7.41
C ASP A 122 14.10 -6.92 6.95
N GLY A 123 14.04 -5.68 7.42
CA GLY A 123 12.94 -4.81 7.07
C GLY A 123 12.97 -4.36 5.62
N TYR A 124 14.04 -3.69 5.22
CA TYR A 124 14.14 -3.15 3.86
C TYR A 124 14.15 -4.29 2.85
N LYS A 125 14.66 -5.44 3.27
CA LYS A 125 14.68 -6.63 2.42
C LYS A 125 13.27 -7.19 2.25
N TYR A 126 12.53 -7.25 3.35
CA TYR A 126 11.17 -7.78 3.33
C TYR A 126 10.30 -6.98 2.38
N VAL A 127 10.27 -5.67 2.59
CA VAL A 127 9.41 -4.79 1.79
C VAL A 127 9.75 -4.89 0.30
N ASN A 128 11.05 -4.96 -0.01
CA ASN A 128 11.48 -5.11 -1.40
C ASN A 128 10.99 -6.44 -1.96
N GLY A 129 11.22 -7.51 -1.20
CA GLY A 129 10.89 -8.85 -1.66
C GLY A 129 9.39 -9.07 -1.81
N VAL A 130 8.60 -8.45 -0.94
CA VAL A 130 7.15 -8.63 -0.98
C VAL A 130 6.54 -7.84 -2.13
N LEU A 131 7.05 -6.63 -2.35
CA LEU A 131 6.54 -5.77 -3.40
C LEU A 131 7.07 -6.21 -4.77
N ASP A 132 8.22 -6.88 -4.76
CA ASP A 132 8.80 -7.41 -6.01
C ASP A 132 7.84 -8.43 -6.63
N LYS A 133 7.33 -9.33 -5.80
CA LYS A 133 6.40 -10.36 -6.26
C LYS A 133 5.09 -9.73 -6.73
N LEU A 134 4.67 -8.66 -6.06
CA LEU A 134 3.52 -7.88 -6.51
C LEU A 134 3.85 -7.15 -7.80
N ALA A 135 5.10 -6.71 -7.90
CA ALA A 135 5.56 -5.93 -9.04
C ALA A 135 5.52 -6.74 -10.32
N VAL A 136 5.98 -7.98 -10.25
CA VAL A 136 6.04 -8.83 -11.45
C VAL A 136 4.65 -9.21 -11.95
N LYS A 137 3.66 -9.25 -11.05
CA LYS A 137 2.30 -9.66 -11.42
C LYS A 137 1.40 -8.46 -11.73
N LEU A 138 1.75 -7.29 -11.20
CA LEU A 138 0.96 -6.08 -11.42
C LEU A 138 1.62 -5.16 -12.47
N ARG A 139 2.95 -5.10 -12.44
CA ARG A 139 3.71 -4.24 -13.35
C ARG A 139 4.76 -5.08 -14.11
N PRO A 140 4.30 -5.87 -15.11
CA PRO A 140 5.19 -6.79 -15.84
C PRO A 140 6.28 -6.04 -16.64
N ALA A 141 5.87 -5.02 -17.37
CA ALA A 141 6.77 -4.29 -18.26
C ALA A 141 7.95 -3.67 -17.52
N GLU A 142 7.80 -3.46 -16.22
CA GLU A 142 8.84 -2.84 -15.41
C GLU A 142 9.76 -3.87 -14.75
N THR A 143 9.27 -5.10 -14.64
CA THR A 143 10.06 -6.18 -14.05
C THR A 143 10.86 -6.90 -15.12
N GLN A 144 10.25 -7.04 -16.30
CA GLN A 144 10.92 -7.68 -17.43
C GLN A 144 12.09 -6.82 -17.91
N ALA A 145 12.06 -5.54 -17.55
CA ALA A 145 13.15 -4.62 -17.87
C ALA A 145 14.13 -4.53 -16.71
N ARG A 146 15.16 -5.37 -16.73
CA ARG A 146 16.12 -5.45 -15.63
C ARG A 146 17.49 -4.92 -16.07
N ARG A 147 18.34 -4.67 -15.08
CA ARG A 147 19.74 -4.31 -15.32
C ARG A 147 20.65 -5.38 -14.73
N GLY A 148 20.04 -6.49 -14.32
CA GLY A 148 20.78 -7.58 -13.70
C GLY A 148 20.33 -7.81 -12.27
N ALA A 149 21.26 -8.18 -11.41
CA ALA A 149 20.98 -8.38 -9.99
C ALA A 149 21.95 -7.55 -9.16
N GLY A 1 -21.00 19.31 -8.24
CA GLY A 1 -19.66 19.11 -7.63
C GLY A 1 -18.62 18.68 -8.66
N PRO A 2 -17.37 18.47 -8.24
CA PRO A 2 -16.30 18.04 -9.14
C PRO A 2 -16.56 16.65 -9.72
N GLY A 3 -16.59 16.56 -11.05
CA GLY A 3 -16.83 15.29 -11.72
C GLY A 3 -15.79 15.04 -12.79
N SER A 4 -14.93 14.05 -12.56
CA SER A 4 -13.85 13.74 -13.49
C SER A 4 -13.59 12.23 -13.53
N MET A 5 -14.67 11.46 -13.36
CA MET A 5 -14.58 10.01 -13.36
C MET A 5 -14.21 9.50 -14.75
N LYS A 6 -12.91 9.37 -14.99
CA LYS A 6 -12.41 8.84 -16.26
C LYS A 6 -11.61 7.56 -15.99
N LYS A 7 -10.63 7.66 -15.11
CA LYS A 7 -9.84 6.52 -14.70
C LYS A 7 -10.65 5.74 -13.67
N SER A 8 -11.01 4.50 -14.02
CA SER A 8 -12.01 3.71 -13.30
C SER A 8 -11.83 3.76 -11.78
N ALA A 9 -12.94 3.93 -11.07
CA ALA A 9 -12.96 3.91 -9.61
C ALA A 9 -12.72 2.48 -9.10
N ARG A 10 -13.29 1.52 -9.83
CA ARG A 10 -13.16 0.10 -9.47
C ARG A 10 -11.70 -0.32 -9.43
N ARG A 11 -10.85 0.39 -10.18
CA ARG A 11 -9.41 0.16 -10.12
C ARG A 11 -8.90 0.43 -8.71
N GLN A 12 -9.18 1.64 -8.21
CA GLN A 12 -8.73 2.04 -6.87
C GLN A 12 -9.24 1.04 -5.83
N SER A 13 -10.50 0.64 -5.98
CA SER A 13 -11.12 -0.36 -5.12
C SER A 13 -10.28 -1.65 -5.10
N ARG A 14 -9.95 -2.18 -6.27
CA ARG A 14 -9.22 -3.45 -6.35
C ARG A 14 -7.77 -3.29 -5.89
N GLU A 15 -7.19 -2.10 -6.09
CA GLU A 15 -5.84 -1.81 -5.61
C GLU A 15 -5.80 -2.00 -4.10
N LEU A 16 -6.84 -1.49 -3.44
CA LEU A 16 -6.99 -1.61 -1.99
C LEU A 16 -7.07 -3.09 -1.58
N ALA A 17 -8.00 -3.82 -2.20
CA ALA A 17 -8.27 -5.20 -1.83
C ALA A 17 -7.06 -6.10 -2.08
N THR A 18 -6.45 -5.96 -3.24
CA THR A 18 -5.38 -6.85 -3.67
C THR A 18 -4.19 -6.79 -2.70
N GLN A 19 -3.93 -5.60 -2.15
CA GLN A 19 -2.83 -5.42 -1.20
C GLN A 19 -3.10 -6.16 0.10
N GLY A 20 -4.33 -5.99 0.63
CA GLY A 20 -4.72 -6.66 1.86
C GLY A 20 -4.63 -8.17 1.73
N LEU A 21 -5.25 -8.70 0.68
CA LEU A 21 -5.22 -10.15 0.42
C LEU A 21 -3.78 -10.62 0.22
N TYR A 22 -2.98 -9.79 -0.45
CA TYR A 22 -1.59 -10.12 -0.71
C TYR A 22 -0.84 -10.31 0.62
N GLN A 23 -1.05 -9.37 1.54
CA GLN A 23 -0.42 -9.45 2.86
C GLN A 23 -0.93 -10.67 3.61
N TRP A 24 -2.22 -10.98 3.45
CA TRP A 24 -2.81 -12.14 4.13
C TRP A 24 -2.13 -13.42 3.64
N LEU A 25 -1.85 -13.50 2.34
CA LEU A 25 -1.19 -14.67 1.76
C LEU A 25 0.22 -14.86 2.35
N LEU A 26 0.83 -13.75 2.74
CA LEU A 26 2.20 -13.76 3.25
C LEU A 26 2.21 -14.02 4.76
N SER A 27 1.53 -13.16 5.51
CA SER A 27 1.50 -13.24 6.96
C SER A 27 0.61 -14.38 7.45
N ASN A 28 -0.50 -14.61 6.73
CA ASN A 28 -1.48 -15.63 7.11
C ASN A 28 -2.07 -15.35 8.49
N ALA A 29 -2.05 -14.08 8.88
CA ALA A 29 -2.52 -13.67 10.20
C ALA A 29 -4.04 -13.79 10.30
N ALA A 30 -4.76 -12.76 9.86
CA ALA A 30 -6.22 -12.73 9.91
C ALA A 30 -6.74 -11.57 9.08
N PRO A 31 -7.95 -11.71 8.48
CA PRO A 31 -8.54 -10.69 7.62
C PRO A 31 -8.74 -9.36 8.35
N GLY A 32 -9.40 -9.41 9.51
CA GLY A 32 -9.72 -8.20 10.26
C GLY A 32 -8.47 -7.43 10.68
N GLU A 33 -7.47 -8.14 11.14
CA GLU A 33 -6.21 -7.54 11.60
C GLU A 33 -5.57 -6.71 10.50
N ILE A 34 -5.78 -7.14 9.25
CA ILE A 34 -5.31 -6.42 8.08
C ILE A 34 -6.31 -5.34 7.68
N ASP A 35 -7.59 -5.69 7.77
CA ASP A 35 -8.72 -4.80 7.44
C ASP A 35 -8.57 -3.44 8.10
N ALA A 36 -7.94 -3.42 9.27
CA ALA A 36 -7.74 -2.20 10.05
C ALA A 36 -7.14 -1.06 9.20
N GLN A 37 -6.31 -1.41 8.20
CA GLN A 37 -5.72 -0.39 7.32
C GLN A 37 -6.80 0.39 6.57
N LEU A 38 -7.90 -0.31 6.29
CA LEU A 38 -9.04 0.27 5.58
C LEU A 38 -9.83 1.18 6.52
N ARG A 39 -9.74 0.90 7.81
CA ARG A 39 -10.53 1.60 8.82
C ARG A 39 -10.24 3.10 8.82
N GLY A 40 -9.03 3.45 8.36
CA GLY A 40 -8.65 4.86 8.28
C GLY A 40 -9.34 5.58 7.15
N ALA A 41 -9.23 5.04 5.94
CA ALA A 41 -9.82 5.63 4.74
C ALA A 41 -10.87 4.70 4.14
N LEU A 42 -12.14 5.06 4.30
CA LEU A 42 -13.26 4.25 3.79
C LEU A 42 -13.12 3.99 2.29
N GLY A 43 -12.93 2.73 1.94
CA GLY A 43 -12.59 2.34 0.57
C GLY A 43 -13.46 2.98 -0.49
N TYR A 44 -14.72 2.56 -0.56
CA TYR A 44 -15.61 3.00 -1.64
C TYR A 44 -15.80 4.52 -1.68
N ASP A 45 -15.48 5.18 -0.56
CA ASP A 45 -15.65 6.63 -0.46
C ASP A 45 -14.46 7.37 -1.06
N LYS A 46 -13.29 6.73 -1.06
CA LYS A 46 -12.08 7.33 -1.63
C LYS A 46 -11.71 6.66 -2.97
N ALA A 47 -12.44 5.60 -3.33
CA ALA A 47 -12.16 4.84 -4.54
C ALA A 47 -12.76 5.52 -5.77
N ASP A 48 -12.03 6.49 -6.33
CA ASP A 48 -12.42 7.14 -7.58
C ASP A 48 -11.31 8.07 -8.06
N LYS A 49 -11.35 8.41 -9.35
CA LYS A 49 -10.36 9.32 -9.94
C LYS A 49 -10.41 10.67 -9.22
N THR A 50 -11.59 11.25 -9.17
CA THR A 50 -11.77 12.59 -8.62
C THR A 50 -11.29 12.65 -7.16
N LEU A 51 -11.44 11.53 -6.47
CA LEU A 51 -11.04 11.43 -5.07
C LEU A 51 -9.51 11.38 -4.92
N LEU A 52 -8.82 10.70 -5.83
CA LEU A 52 -7.36 10.55 -5.72
C LEU A 52 -6.70 11.92 -5.66
N ASP A 53 -7.25 12.87 -6.40
CA ASP A 53 -6.76 14.25 -6.43
C ASP A 53 -6.63 14.82 -5.01
N THR A 54 -7.69 14.68 -4.21
CA THR A 54 -7.66 15.19 -2.84
C THR A 54 -6.78 14.30 -1.96
N ILE A 55 -6.77 13.00 -2.25
CA ILE A 55 -6.01 12.02 -1.48
C ILE A 55 -4.52 12.36 -1.46
N LEU A 56 -4.01 13.00 -2.52
CA LEU A 56 -2.61 13.40 -2.54
C LEU A 56 -2.35 14.42 -1.43
N HIS A 57 -3.28 15.38 -1.29
CA HIS A 57 -3.19 16.37 -0.24
C HIS A 57 -3.32 15.70 1.13
N GLY A 58 -4.14 14.65 1.17
CA GLY A 58 -4.29 13.86 2.38
C GLY A 58 -3.01 13.11 2.72
N VAL A 59 -2.30 12.68 1.68
CA VAL A 59 -1.01 12.03 1.85
C VAL A 59 0.01 13.01 2.42
N ILE A 60 -0.02 14.23 1.91
CA ILE A 60 0.88 15.28 2.36
C ILE A 60 0.54 15.76 3.78
N ARG A 61 -0.75 15.94 4.02
CA ARG A 61 -1.24 16.48 5.29
C ARG A 61 -1.37 15.39 6.37
N GLU A 62 -2.19 14.39 6.08
CA GLU A 62 -2.62 13.40 7.08
C GLU A 62 -1.80 12.10 7.00
N HIS A 63 -0.57 12.19 6.51
CA HIS A 63 0.29 11.00 6.35
C HIS A 63 0.48 10.30 7.71
N ALA A 64 1.11 11.01 8.64
CA ALA A 64 1.36 10.48 9.98
C ALA A 64 0.05 10.13 10.68
N THR A 65 -0.94 11.01 10.54
CA THR A 65 -2.24 10.83 11.16
C THR A 65 -2.88 9.51 10.70
N LEU A 66 -2.76 9.21 9.41
CA LEU A 66 -3.29 7.99 8.83
C LEU A 66 -2.52 6.80 9.42
N ALA A 67 -1.19 6.94 9.48
CA ALA A 67 -0.33 5.91 10.05
C ALA A 67 -0.71 5.59 11.50
N GLU A 68 -1.07 6.63 12.26
CA GLU A 68 -1.46 6.47 13.66
C GLU A 68 -2.87 5.88 13.76
N ALA A 69 -3.73 6.25 12.82
CA ALA A 69 -5.15 5.88 12.88
C ALA A 69 -5.37 4.37 12.87
N ILE A 70 -4.38 3.61 12.42
CA ILE A 70 -4.50 2.16 12.31
C ILE A 70 -4.36 1.49 13.69
N SER A 71 -3.78 2.21 14.65
CA SER A 71 -3.52 1.65 15.98
C SER A 71 -4.81 1.57 16.84
N PRO A 72 -5.60 2.66 16.93
CA PRO A 72 -6.88 2.64 17.68
C PRO A 72 -8.01 2.01 16.86
N SER A 73 -7.67 1.56 15.65
CA SER A 73 -8.64 0.97 14.73
C SER A 73 -9.39 -0.20 15.36
N LEU A 74 -8.66 -1.20 15.83
CA LEU A 74 -9.26 -2.42 16.35
C LEU A 74 -8.75 -2.72 17.77
N ASP A 75 -9.19 -3.85 18.31
CA ASP A 75 -8.85 -4.25 19.67
C ASP A 75 -7.35 -4.57 19.78
N ARG A 76 -6.74 -4.90 18.64
CA ARG A 76 -5.30 -5.12 18.57
C ARG A 76 -4.64 -3.90 17.90
N PRO A 77 -3.78 -3.19 18.64
CA PRO A 77 -3.14 -1.95 18.15
C PRO A 77 -2.09 -2.20 17.06
N ILE A 78 -1.37 -1.14 16.70
CA ILE A 78 -0.36 -1.19 15.65
C ILE A 78 0.79 -2.13 16.04
N ASP A 79 0.80 -2.54 17.31
CA ASP A 79 1.87 -3.37 17.86
C ASP A 79 1.76 -4.82 17.41
N GLN A 80 0.54 -5.28 17.09
CA GLN A 80 0.32 -6.68 16.74
C GLN A 80 1.12 -7.03 15.48
N LEU A 81 0.62 -6.58 14.33
CA LEU A 81 1.38 -6.69 13.09
C LEU A 81 2.58 -5.75 13.21
N SER A 82 3.78 -6.29 13.00
CA SER A 82 5.02 -5.54 13.19
C SER A 82 4.93 -4.13 12.57
N PRO A 83 5.50 -3.12 13.26
CA PRO A 83 5.46 -1.72 12.79
C PRO A 83 5.82 -1.58 11.32
N VAL A 84 6.75 -2.43 10.87
CA VAL A 84 7.15 -2.44 9.47
C VAL A 84 5.98 -2.87 8.58
N GLU A 85 5.30 -3.95 8.95
CA GLU A 85 4.17 -4.46 8.18
C GLU A 85 3.06 -3.40 8.10
N ARG A 86 2.73 -2.85 9.26
CA ARG A 86 1.70 -1.82 9.36
C ARG A 86 2.05 -0.63 8.47
N ALA A 87 3.28 -0.13 8.62
CA ALA A 87 3.73 1.05 7.89
C ALA A 87 3.74 0.80 6.38
N VAL A 88 4.38 -0.28 5.97
CA VAL A 88 4.51 -0.62 4.56
C VAL A 88 3.14 -0.75 3.90
N LEU A 89 2.26 -1.56 4.48
CA LEU A 89 0.94 -1.80 3.92
C LEU A 89 0.11 -0.51 3.89
N LEU A 90 0.15 0.23 5.00
CA LEU A 90 -0.65 1.45 5.15
C LEU A 90 -0.19 2.53 4.15
N ILE A 91 1.11 2.82 4.16
CA ILE A 91 1.67 3.81 3.23
C ILE A 91 1.44 3.37 1.79
N ALA A 92 1.63 2.07 1.54
CA ALA A 92 1.40 1.50 0.22
C ALA A 92 0.01 1.86 -0.29
N THR A 93 -1.02 1.49 0.46
CA THR A 93 -2.39 1.73 0.04
C THR A 93 -2.68 3.23 -0.10
N TYR A 94 -2.36 3.99 0.94
CA TYR A 94 -2.69 5.42 0.99
C TYR A 94 -2.12 6.15 -0.21
N GLU A 95 -0.82 5.98 -0.44
CA GLU A 95 -0.13 6.62 -1.54
C GLU A 95 -0.53 6.04 -2.89
N LEU A 96 -0.48 4.72 -3.04
CA LEU A 96 -0.79 4.07 -4.32
C LEU A 96 -2.17 4.49 -4.84
N THR A 97 -3.13 4.67 -3.93
CA THR A 97 -4.49 5.08 -4.33
C THR A 97 -4.47 6.33 -5.22
N HIS A 98 -3.45 7.18 -5.05
CA HIS A 98 -3.32 8.39 -5.89
C HIS A 98 -2.00 8.36 -6.67
N GLN A 99 -1.29 7.24 -6.58
CA GLN A 99 0.03 7.10 -7.20
C GLN A 99 0.09 5.82 -8.04
N ILE A 100 -1.06 5.37 -8.51
CA ILE A 100 -1.17 4.17 -9.36
C ILE A 100 -0.28 4.29 -10.60
N GLU A 101 -0.02 5.52 -11.04
CA GLU A 101 0.76 5.78 -12.25
C GLU A 101 2.19 6.18 -11.91
N THR A 102 2.56 6.00 -10.65
CA THR A 102 3.92 6.27 -10.18
C THR A 102 4.70 4.95 -10.09
N PRO A 103 5.94 4.89 -10.63
CA PRO A 103 6.73 3.66 -10.69
C PRO A 103 6.85 2.98 -9.33
N TYR A 104 6.39 1.72 -9.27
CA TYR A 104 6.40 0.97 -8.02
C TYR A 104 7.78 0.96 -7.38
N ARG A 105 8.84 1.14 -8.19
CA ARG A 105 10.21 1.12 -7.68
C ARG A 105 10.40 2.20 -6.62
N VAL A 106 9.89 3.40 -6.86
CA VAL A 106 10.02 4.50 -5.90
C VAL A 106 9.09 4.26 -4.71
N ILE A 107 7.97 3.57 -4.96
CA ILE A 107 7.06 3.17 -3.90
C ILE A 107 7.75 2.17 -2.96
N ILE A 108 8.45 1.21 -3.56
CA ILE A 108 9.20 0.21 -2.80
C ILE A 108 10.37 0.87 -2.10
N ASN A 109 10.94 1.90 -2.74
CA ASN A 109 12.02 2.68 -2.14
C ASN A 109 11.53 3.34 -0.84
N GLU A 110 10.38 4.00 -0.94
CA GLU A 110 9.75 4.61 0.22
C GLU A 110 9.54 3.55 1.31
N ALA A 111 8.92 2.44 0.92
CA ALA A 111 8.60 1.35 1.83
C ALA A 111 9.86 0.74 2.45
N VAL A 112 10.94 0.62 1.66
CA VAL A 112 12.16 -0.02 2.14
C VAL A 112 12.87 0.87 3.15
N GLU A 113 12.86 2.18 2.90
CA GLU A 113 13.44 3.13 3.83
C GLU A 113 12.68 3.11 5.16
N LEU A 114 11.35 3.07 5.07
CA LEU A 114 10.51 3.00 6.24
C LEU A 114 10.74 1.67 6.97
N ALA A 115 10.85 0.60 6.19
CA ALA A 115 11.10 -0.73 6.74
C ALA A 115 12.47 -0.78 7.41
N LYS A 116 13.38 0.07 6.94
CA LYS A 116 14.71 0.16 7.50
C LYS A 116 14.69 0.82 8.89
N THR A 117 13.94 1.91 9.01
CA THR A 117 13.82 2.62 10.28
C THR A 117 12.95 1.86 11.28
N PHE A 118 11.89 1.20 10.79
CA PHE A 118 10.95 0.49 11.66
C PHE A 118 11.42 -0.94 11.94
N GLY A 119 11.78 -1.66 10.90
CA GLY A 119 12.20 -3.05 11.04
C GLY A 119 13.70 -3.18 11.24
N GLY A 120 14.46 -2.75 10.24
CA GLY A 120 15.90 -2.80 10.32
C GLY A 120 16.49 -3.77 9.32
N SER A 121 17.39 -4.64 9.79
CA SER A 121 18.15 -5.54 8.94
C SER A 121 17.25 -6.42 8.07
N ASP A 122 16.34 -7.15 8.71
CA ASP A 122 15.42 -8.03 7.99
C ASP A 122 14.32 -7.23 7.32
N GLY A 123 13.86 -6.19 8.02
CA GLY A 123 12.74 -5.38 7.56
C GLY A 123 12.89 -4.88 6.13
N TYR A 124 13.98 -4.15 5.88
CA TYR A 124 14.15 -3.48 4.58
C TYR A 124 14.34 -4.50 3.45
N LYS A 125 14.93 -5.64 3.77
CA LYS A 125 15.16 -6.68 2.77
C LYS A 125 13.84 -7.36 2.41
N TYR A 126 13.08 -7.73 3.44
CA TYR A 126 11.81 -8.42 3.28
C TYR A 126 10.87 -7.65 2.38
N VAL A 127 10.60 -6.39 2.75
CA VAL A 127 9.66 -5.56 2.02
C VAL A 127 10.08 -5.37 0.56
N ASN A 128 11.36 -5.11 0.36
CA ASN A 128 11.88 -4.86 -0.99
C ASN A 128 11.70 -6.09 -1.87
N GLY A 129 12.03 -7.25 -1.30
CA GLY A 129 11.96 -8.49 -2.04
C GLY A 129 10.53 -8.92 -2.35
N VAL A 130 9.63 -8.67 -1.41
CA VAL A 130 8.26 -9.17 -1.52
C VAL A 130 7.44 -8.36 -2.53
N LEU A 131 7.53 -7.04 -2.47
CA LEU A 131 6.73 -6.17 -3.32
C LEU A 131 7.12 -6.35 -4.79
N ASP A 132 8.41 -6.56 -5.02
CA ASP A 132 8.95 -6.76 -6.35
C ASP A 132 8.27 -7.94 -7.06
N LYS A 133 7.98 -8.99 -6.31
CA LYS A 133 7.44 -10.22 -6.88
C LYS A 133 6.06 -9.99 -7.49
N LEU A 134 5.24 -9.17 -6.82
CA LEU A 134 3.94 -8.78 -7.37
C LEU A 134 4.17 -7.88 -8.59
N ALA A 135 5.22 -7.07 -8.51
CA ALA A 135 5.58 -6.15 -9.58
C ALA A 135 6.01 -6.90 -10.83
N VAL A 136 6.55 -8.10 -10.64
CA VAL A 136 6.95 -8.95 -11.76
C VAL A 136 5.71 -9.44 -12.49
N LYS A 137 4.60 -9.54 -11.76
CA LYS A 137 3.35 -10.03 -12.32
C LYS A 137 2.62 -8.92 -13.06
N LEU A 138 2.46 -7.78 -12.39
CA LEU A 138 1.67 -6.67 -12.94
C LEU A 138 2.34 -6.04 -14.17
N ARG A 139 3.68 -6.06 -14.23
CA ARG A 139 4.40 -5.53 -15.39
C ARG A 139 5.84 -6.05 -15.42
N PRO A 140 6.12 -7.05 -16.29
CA PRO A 140 7.43 -7.70 -16.36
C PRO A 140 8.55 -6.75 -16.84
N ALA A 141 8.22 -5.86 -17.77
CA ALA A 141 9.20 -4.97 -18.40
C ALA A 141 9.98 -4.14 -17.36
N GLU A 142 9.35 -3.89 -16.22
CA GLU A 142 9.95 -3.05 -15.18
C GLU A 142 10.91 -3.85 -14.30
N THR A 143 10.62 -5.13 -14.12
CA THR A 143 11.41 -5.98 -13.23
C THR A 143 12.56 -6.65 -13.99
N GLN A 144 12.23 -7.26 -15.13
CA GLN A 144 13.25 -7.86 -15.99
C GLN A 144 14.15 -6.78 -16.60
N ALA A 145 13.55 -5.92 -17.43
CA ALA A 145 14.28 -4.85 -18.11
C ALA A 145 15.47 -5.40 -18.92
N ARG A 146 15.45 -6.71 -19.17
CA ARG A 146 16.56 -7.38 -19.84
C ARG A 146 16.51 -7.12 -21.35
N ARG A 147 15.50 -6.38 -21.77
CA ARG A 147 15.31 -6.02 -23.17
C ARG A 147 16.29 -4.93 -23.59
N GLY A 148 16.97 -4.34 -22.61
CA GLY A 148 17.94 -3.30 -22.89
C GLY A 148 17.82 -2.14 -21.93
N ALA A 149 18.38 -2.29 -20.74
CA ALA A 149 18.39 -1.23 -19.74
C ALA A 149 19.71 -0.44 -19.82
N GLY A 1 -3.21 8.87 -16.15
CA GLY A 1 -4.64 9.12 -15.91
C GLY A 1 -5.52 8.05 -16.55
N PRO A 2 -6.02 7.06 -15.77
CA PRO A 2 -6.90 6.01 -16.31
C PRO A 2 -8.24 6.58 -16.81
N GLY A 3 -8.24 7.02 -18.06
CA GLY A 3 -9.43 7.58 -18.67
C GLY A 3 -9.63 7.08 -20.08
N SER A 4 -9.46 5.77 -20.26
CA SER A 4 -9.56 5.15 -21.58
C SER A 4 -10.26 3.79 -21.50
N MET A 5 -10.97 3.44 -22.57
CA MET A 5 -11.60 2.12 -22.72
C MET A 5 -12.59 1.81 -21.58
N LYS A 6 -13.72 2.54 -21.58
CA LYS A 6 -14.81 2.28 -20.63
C LYS A 6 -14.33 2.43 -19.19
N LYS A 7 -13.38 3.34 -19.00
CA LYS A 7 -12.81 3.66 -17.70
C LYS A 7 -13.91 3.88 -16.65
N SER A 8 -13.68 3.38 -15.44
CA SER A 8 -14.62 3.53 -14.34
C SER A 8 -13.88 3.88 -13.05
N ALA A 9 -14.47 4.77 -12.26
CA ALA A 9 -13.88 5.23 -11.00
C ALA A 9 -13.72 4.07 -10.00
N ARG A 10 -14.45 2.97 -10.27
CA ARG A 10 -14.47 1.79 -9.40
C ARG A 10 -13.07 1.22 -9.14
N ARG A 11 -12.13 1.49 -10.05
CA ARG A 11 -10.78 0.94 -9.96
C ARG A 11 -10.14 1.21 -8.60
N GLN A 12 -10.27 2.44 -8.11
CA GLN A 12 -9.61 2.83 -6.86
C GLN A 12 -10.15 2.02 -5.68
N SER A 13 -11.44 1.67 -5.73
CA SER A 13 -12.05 0.85 -4.69
C SER A 13 -11.35 -0.51 -4.59
N ARG A 14 -11.00 -1.08 -5.74
CA ARG A 14 -10.34 -2.37 -5.80
C ARG A 14 -8.90 -2.28 -5.29
N GLU A 15 -8.29 -1.11 -5.48
CA GLU A 15 -6.87 -0.91 -5.16
C GLU A 15 -6.56 -1.38 -3.74
N LEU A 16 -7.32 -0.89 -2.77
CA LEU A 16 -7.10 -1.21 -1.36
C LEU A 16 -7.41 -2.68 -1.07
N ALA A 17 -8.28 -3.26 -1.88
CA ALA A 17 -8.70 -4.64 -1.68
C ALA A 17 -7.57 -5.58 -2.09
N THR A 18 -6.88 -5.20 -3.16
CA THR A 18 -5.71 -5.92 -3.64
C THR A 18 -4.67 -6.02 -2.54
N GLN A 19 -4.43 -4.90 -1.86
CA GLN A 19 -3.44 -4.83 -0.78
C GLN A 19 -3.81 -5.77 0.37
N GLY A 20 -5.06 -5.69 0.81
CA GLY A 20 -5.53 -6.53 1.90
C GLY A 20 -5.42 -8.01 1.58
N LEU A 21 -5.96 -8.41 0.44
CA LEU A 21 -5.97 -9.82 0.03
C LEU A 21 -4.54 -10.35 -0.12
N TYR A 22 -3.64 -9.55 -0.70
CA TYR A 22 -2.26 -9.97 -0.85
C TYR A 22 -1.61 -10.18 0.51
N GLN A 23 -1.78 -9.20 1.40
CA GLN A 23 -1.22 -9.28 2.75
C GLN A 23 -1.73 -10.53 3.46
N TRP A 24 -3.01 -10.87 3.21
CA TRP A 24 -3.60 -12.06 3.80
C TRP A 24 -2.91 -13.32 3.27
N LEU A 25 -2.78 -13.43 1.95
CA LEU A 25 -2.17 -14.59 1.33
C LEU A 25 -0.68 -14.71 1.70
N LEU A 26 -0.04 -13.56 1.90
CA LEU A 26 1.38 -13.52 2.19
C LEU A 26 1.65 -13.83 3.67
N SER A 27 1.06 -13.04 4.55
CA SER A 27 1.33 -13.15 5.98
C SER A 27 0.54 -14.31 6.61
N ASN A 28 -0.59 -14.65 5.98
CA ASN A 28 -1.47 -15.73 6.48
C ASN A 28 -2.11 -15.31 7.81
N ALA A 29 -2.03 -14.01 8.11
CA ALA A 29 -2.61 -13.45 9.33
C ALA A 29 -4.14 -13.47 9.24
N ALA A 30 -4.79 -13.23 10.37
CA ALA A 30 -6.25 -13.19 10.40
C ALA A 30 -6.78 -12.03 9.55
N PRO A 31 -7.73 -12.31 8.64
CA PRO A 31 -8.31 -11.28 7.75
C PRO A 31 -8.79 -10.05 8.52
N GLY A 32 -9.39 -10.29 9.69
CA GLY A 32 -9.91 -9.19 10.50
C GLY A 32 -8.82 -8.26 11.01
N GLU A 33 -7.61 -8.80 11.17
CA GLU A 33 -6.46 -8.01 11.62
C GLU A 33 -5.97 -7.09 10.50
N ILE A 34 -5.83 -7.67 9.31
CA ILE A 34 -5.36 -6.93 8.13
C ILE A 34 -6.43 -5.93 7.65
N ASP A 35 -7.68 -6.32 7.83
CA ASP A 35 -8.84 -5.48 7.49
C ASP A 35 -8.70 -4.07 8.05
N ALA A 36 -8.04 -3.98 9.21
CA ALA A 36 -7.90 -2.73 9.94
C ALA A 36 -7.40 -1.58 9.06
N GLN A 37 -6.59 -1.91 8.05
CA GLN A 37 -6.06 -0.90 7.14
C GLN A 37 -7.20 -0.13 6.47
N LEU A 38 -8.23 -0.85 6.06
CA LEU A 38 -9.36 -0.27 5.35
C LEU A 38 -10.26 0.47 6.33
N ARG A 39 -10.40 -0.07 7.53
CA ARG A 39 -11.20 0.57 8.57
C ARG A 39 -10.72 2.01 8.79
N GLY A 40 -9.42 2.19 8.66
CA GLY A 40 -8.84 3.52 8.77
C GLY A 40 -8.87 4.25 7.43
N ALA A 41 -8.60 3.53 6.34
CA ALA A 41 -8.49 4.13 5.03
C ALA A 41 -9.56 3.58 4.09
N LEU A 42 -10.63 4.34 3.89
CA LEU A 42 -11.68 3.92 2.96
C LEU A 42 -11.58 4.70 1.66
N GLY A 43 -11.26 3.99 0.58
CA GLY A 43 -11.10 4.63 -0.72
C GLY A 43 -12.39 4.63 -1.51
N TYR A 44 -13.37 3.86 -1.05
CA TYR A 44 -14.66 3.72 -1.71
C TYR A 44 -15.28 5.08 -2.05
N ASP A 45 -15.15 6.03 -1.13
CA ASP A 45 -15.73 7.37 -1.32
C ASP A 45 -14.84 8.23 -2.23
N LYS A 46 -13.53 7.97 -2.17
CA LYS A 46 -12.56 8.73 -2.96
C LYS A 46 -12.18 7.96 -4.23
N ALA A 47 -13.03 7.03 -4.62
CA ALA A 47 -12.79 6.23 -5.82
C ALA A 47 -13.07 7.05 -7.07
N ASP A 48 -12.03 7.68 -7.61
CA ASP A 48 -12.10 8.40 -8.89
C ASP A 48 -10.75 9.01 -9.26
N LYS A 49 -10.56 9.26 -10.55
CA LYS A 49 -9.31 9.80 -11.07
C LYS A 49 -9.03 11.20 -10.54
N THR A 50 -10.08 11.95 -10.27
CA THR A 50 -9.93 13.29 -9.73
C THR A 50 -9.66 13.21 -8.22
N LEU A 51 -10.32 12.25 -7.58
CA LEU A 51 -10.26 12.08 -6.13
C LEU A 51 -8.90 11.53 -5.67
N LEU A 52 -8.19 10.84 -6.55
CA LEU A 52 -6.84 10.35 -6.23
C LEU A 52 -5.96 11.52 -5.75
N ASP A 53 -6.19 12.70 -6.34
CA ASP A 53 -5.44 13.90 -5.97
C ASP A 53 -5.79 14.28 -4.54
N THR A 54 -7.07 14.22 -4.25
CA THR A 54 -7.56 14.36 -2.88
C THR A 54 -6.86 13.37 -1.96
N ILE A 55 -6.59 12.16 -2.47
CA ILE A 55 -5.88 11.12 -1.72
C ILE A 55 -4.44 11.52 -1.43
N LEU A 56 -3.75 12.14 -2.40
CA LEU A 56 -2.36 12.53 -2.18
C LEU A 56 -2.31 13.67 -1.16
N HIS A 57 -3.31 14.54 -1.21
CA HIS A 57 -3.47 15.57 -0.18
C HIS A 57 -3.60 14.92 1.19
N GLY A 58 -4.35 13.83 1.22
CA GLY A 58 -4.55 13.08 2.45
C GLY A 58 -3.28 12.44 2.96
N VAL A 59 -2.57 11.74 2.09
CA VAL A 59 -1.37 11.01 2.48
C VAL A 59 -0.26 11.97 2.92
N ILE A 60 -0.21 13.15 2.31
CA ILE A 60 0.74 14.18 2.69
C ILE A 60 0.36 14.82 4.04
N ARG A 61 -0.88 15.30 4.13
CA ARG A 61 -1.32 16.08 5.29
C ARG A 61 -1.76 15.18 6.45
N GLU A 62 -2.73 14.33 6.19
CA GLU A 62 -3.35 13.49 7.22
C GLU A 62 -2.55 12.21 7.43
N HIS A 63 -1.26 12.26 7.11
CA HIS A 63 -0.37 11.10 7.19
C HIS A 63 -0.39 10.47 8.59
N ALA A 64 -0.12 11.29 9.60
CA ALA A 64 -0.06 10.83 11.00
C ALA A 64 -1.44 10.37 11.45
N THR A 65 -2.47 11.15 11.11
CA THR A 65 -3.83 10.83 11.49
C THR A 65 -4.28 9.50 10.88
N LEU A 66 -3.82 9.21 9.66
CA LEU A 66 -4.09 7.93 9.01
C LEU A 66 -3.39 6.83 9.80
N ALA A 67 -2.14 7.09 10.15
CA ALA A 67 -1.35 6.16 10.97
C ALA A 67 -2.03 5.90 12.31
N GLU A 68 -2.76 6.89 12.82
CA GLU A 68 -3.51 6.74 14.06
C GLU A 68 -4.76 5.89 13.85
N ALA A 69 -5.51 6.21 12.79
CA ALA A 69 -6.83 5.62 12.54
C ALA A 69 -6.81 4.08 12.49
N ILE A 70 -5.66 3.51 12.17
CA ILE A 70 -5.53 2.07 12.04
C ILE A 70 -5.53 1.38 13.42
N SER A 71 -5.10 2.11 14.45
CA SER A 71 -4.92 1.52 15.78
C SER A 71 -6.25 1.21 16.49
N PRO A 72 -7.21 2.16 16.56
CA PRO A 72 -8.47 1.96 17.30
C PRO A 72 -9.49 1.12 16.53
N SER A 73 -9.17 0.80 15.28
CA SER A 73 -10.11 0.09 14.40
C SER A 73 -10.43 -1.30 14.95
N LEU A 74 -9.48 -1.87 15.69
CA LEU A 74 -9.64 -3.19 16.29
C LEU A 74 -9.57 -3.10 17.81
N ASP A 75 -9.86 -4.21 18.49
CA ASP A 75 -9.69 -4.31 19.94
C ASP A 75 -8.24 -4.71 20.25
N ARG A 76 -7.49 -5.04 19.21
CA ARG A 76 -6.07 -5.34 19.34
C ARG A 76 -5.26 -4.09 19.07
N PRO A 77 -4.09 -3.92 19.72
CA PRO A 77 -3.26 -2.73 19.56
C PRO A 77 -2.55 -2.70 18.21
N ILE A 78 -2.21 -1.51 17.74
CA ILE A 78 -1.53 -1.31 16.47
C ILE A 78 -0.24 -2.16 16.43
N ASP A 79 0.30 -2.44 17.60
CA ASP A 79 1.57 -3.15 17.74
C ASP A 79 1.45 -4.63 17.34
N GLN A 80 0.23 -5.09 17.07
CA GLN A 80 0.00 -6.49 16.72
C GLN A 80 0.75 -6.84 15.43
N LEU A 81 0.48 -6.07 14.38
CA LEU A 81 1.16 -6.25 13.09
C LEU A 81 2.62 -5.80 13.21
N SER A 82 3.53 -6.60 12.64
CA SER A 82 4.97 -6.29 12.68
C SER A 82 5.22 -4.82 12.29
N PRO A 83 5.90 -4.05 13.18
CA PRO A 83 6.03 -2.59 13.04
C PRO A 83 6.43 -2.14 11.63
N VAL A 84 7.57 -2.62 11.14
CA VAL A 84 8.10 -2.18 9.84
C VAL A 84 7.12 -2.47 8.69
N GLU A 85 6.63 -3.71 8.64
CA GLU A 85 5.72 -4.13 7.56
C GLU A 85 4.36 -3.47 7.72
N ARG A 86 4.00 -3.18 8.96
CA ARG A 86 2.76 -2.47 9.26
C ARG A 86 2.79 -1.08 8.64
N ALA A 87 3.86 -0.35 8.94
CA ALA A 87 4.08 0.98 8.39
C ALA A 87 4.10 0.94 6.87
N VAL A 88 4.80 -0.06 6.33
CA VAL A 88 4.87 -0.26 4.89
C VAL A 88 3.47 -0.49 4.31
N LEU A 89 2.77 -1.49 4.83
CA LEU A 89 1.45 -1.85 4.32
C LEU A 89 0.53 -0.62 4.28
N LEU A 90 0.47 0.08 5.40
CA LEU A 90 -0.45 1.20 5.56
C LEU A 90 -0.10 2.35 4.61
N ILE A 91 1.14 2.84 4.72
CA ILE A 91 1.61 3.96 3.92
C ILE A 91 1.61 3.61 2.43
N ALA A 92 2.16 2.44 2.10
CA ALA A 92 2.25 1.97 0.73
C ALA A 92 0.87 1.92 0.09
N THR A 93 -0.12 1.38 0.82
CA THR A 93 -1.48 1.34 0.30
C THR A 93 -2.03 2.74 0.05
N TYR A 94 -1.91 3.62 1.07
CA TYR A 94 -2.45 4.97 0.96
C TYR A 94 -1.84 5.71 -0.24
N GLU A 95 -0.52 5.61 -0.41
CA GLU A 95 0.15 6.27 -1.55
C GLU A 95 -0.20 5.58 -2.87
N LEU A 96 -0.18 4.25 -2.87
CA LEU A 96 -0.40 3.48 -4.09
C LEU A 96 -1.75 3.79 -4.71
N THR A 97 -2.76 3.99 -3.86
CA THR A 97 -4.10 4.36 -4.32
C THR A 97 -4.06 5.57 -5.27
N HIS A 98 -3.06 6.45 -5.09
CA HIS A 98 -2.91 7.63 -5.95
C HIS A 98 -1.60 7.55 -6.75
N GLN A 99 -0.94 6.40 -6.69
CA GLN A 99 0.32 6.18 -7.41
C GLN A 99 0.21 4.95 -8.30
N ILE A 100 -1.03 4.57 -8.62
CA ILE A 100 -1.32 3.34 -9.35
C ILE A 100 -0.55 3.23 -10.68
N GLU A 101 -0.22 4.37 -11.28
CA GLU A 101 0.40 4.38 -12.61
C GLU A 101 1.86 4.86 -12.55
N THR A 102 2.41 4.96 -11.34
CA THR A 102 3.79 5.41 -11.17
C THR A 102 4.71 4.19 -11.05
N PRO A 103 6.00 4.34 -11.46
CA PRO A 103 6.97 3.23 -11.38
C PRO A 103 7.10 2.66 -9.96
N TYR A 104 6.98 1.34 -9.85
CA TYR A 104 7.06 0.70 -8.54
C TYR A 104 8.43 0.94 -7.93
N ARG A 105 9.42 1.24 -8.78
CA ARG A 105 10.77 1.54 -8.32
C ARG A 105 10.75 2.65 -7.27
N VAL A 106 10.02 3.73 -7.56
CA VAL A 106 9.95 4.85 -6.62
C VAL A 106 9.15 4.47 -5.39
N ILE A 107 8.07 3.70 -5.59
CA ILE A 107 7.24 3.23 -4.47
C ILE A 107 8.08 2.39 -3.50
N ILE A 108 8.74 1.37 -4.02
CA ILE A 108 9.58 0.50 -3.21
C ILE A 108 10.71 1.30 -2.57
N ASN A 109 11.28 2.24 -3.32
CA ASN A 109 12.35 3.09 -2.81
C ASN A 109 11.91 3.80 -1.53
N GLU A 110 10.76 4.48 -1.59
CA GLU A 110 10.27 5.22 -0.43
C GLU A 110 9.85 4.27 0.69
N ALA A 111 9.38 3.08 0.32
CA ALA A 111 9.10 2.02 1.28
C ALA A 111 10.39 1.59 1.97
N VAL A 112 11.48 1.55 1.20
CA VAL A 112 12.80 1.19 1.72
C VAL A 112 13.26 2.22 2.74
N GLU A 113 13.07 3.50 2.41
CA GLU A 113 13.44 4.60 3.31
C GLU A 113 12.84 4.36 4.70
N LEU A 114 11.60 3.89 4.72
CA LEU A 114 10.90 3.60 5.96
C LEU A 114 11.38 2.28 6.57
N ALA A 115 11.47 1.27 5.72
CA ALA A 115 11.78 -0.09 6.17
C ALA A 115 13.15 -0.18 6.83
N LYS A 116 14.07 0.67 6.39
CA LYS A 116 15.43 0.65 6.93
C LYS A 116 15.44 1.25 8.34
N THR A 117 14.78 2.40 8.50
CA THR A 117 14.77 3.10 9.78
C THR A 117 13.89 2.39 10.81
N PHE A 118 12.80 1.76 10.36
CA PHE A 118 11.89 1.06 11.26
C PHE A 118 12.38 -0.36 11.53
N GLY A 119 12.80 -1.06 10.49
CA GLY A 119 13.28 -2.42 10.64
C GLY A 119 14.78 -2.52 10.64
N GLY A 120 15.38 -2.27 9.49
CA GLY A 120 16.83 -2.35 9.36
C GLY A 120 17.25 -2.89 8.00
N SER A 121 18.39 -3.58 7.97
CA SER A 121 18.93 -4.13 6.73
C SER A 121 17.98 -5.21 6.18
N ASP A 122 17.66 -6.20 7.01
CA ASP A 122 16.72 -7.24 6.62
C ASP A 122 15.32 -6.68 6.45
N GLY A 123 15.11 -5.48 7.02
CA GLY A 123 13.83 -4.80 6.87
C GLY A 123 13.57 -4.43 5.44
N TYR A 124 14.43 -3.57 4.87
CA TYR A 124 14.25 -3.12 3.49
C TYR A 124 14.47 -4.29 2.53
N LYS A 125 15.28 -5.24 2.96
CA LYS A 125 15.53 -6.48 2.21
C LYS A 125 14.21 -7.23 2.00
N TYR A 126 13.50 -7.47 3.11
CA TYR A 126 12.27 -8.25 3.09
C TYR A 126 11.18 -7.55 2.28
N VAL A 127 10.88 -6.30 2.65
CA VAL A 127 9.84 -5.54 1.96
C VAL A 127 10.12 -5.45 0.47
N ASN A 128 11.39 -5.24 0.11
CA ASN A 128 11.80 -5.22 -1.28
C ASN A 128 11.47 -6.56 -1.94
N GLY A 129 11.80 -7.63 -1.24
CA GLY A 129 11.54 -8.97 -1.75
C GLY A 129 10.07 -9.23 -2.02
N VAL A 130 9.20 -8.80 -1.11
CA VAL A 130 7.76 -9.08 -1.22
C VAL A 130 7.07 -8.17 -2.24
N LEU A 131 7.51 -6.91 -2.31
CA LEU A 131 6.90 -5.95 -3.24
C LEU A 131 7.20 -6.34 -4.69
N ASP A 132 8.41 -6.86 -4.91
CA ASP A 132 8.85 -7.27 -6.25
C ASP A 132 8.01 -8.45 -6.76
N LYS A 133 7.54 -9.28 -5.83
CA LYS A 133 6.78 -10.48 -6.17
C LYS A 133 5.57 -10.13 -7.04
N LEU A 134 4.87 -9.07 -6.67
CA LEU A 134 3.71 -8.60 -7.44
C LEU A 134 4.19 -7.86 -8.68
N ALA A 135 5.27 -7.09 -8.52
CA ALA A 135 5.82 -6.28 -9.59
C ALA A 135 6.13 -7.12 -10.83
N VAL A 136 6.62 -8.33 -10.61
CA VAL A 136 7.05 -9.21 -11.69
C VAL A 136 5.86 -9.70 -12.54
N LYS A 137 4.67 -9.70 -11.96
CA LYS A 137 3.47 -10.18 -12.66
C LYS A 137 2.54 -9.03 -13.04
N LEU A 138 2.72 -7.87 -12.41
CA LEU A 138 1.86 -6.71 -12.67
C LEU A 138 2.54 -5.74 -13.63
N ARG A 139 3.81 -5.43 -13.36
CA ARG A 139 4.57 -4.49 -14.18
C ARG A 139 5.97 -5.05 -14.46
N PRO A 140 6.05 -6.09 -15.32
CA PRO A 140 7.31 -6.81 -15.58
C PRO A 140 8.35 -5.95 -16.28
N ALA A 141 7.90 -4.87 -16.92
CA ALA A 141 8.79 -3.98 -17.68
C ALA A 141 9.93 -3.47 -16.81
N GLU A 142 9.60 -3.05 -15.59
CA GLU A 142 10.60 -2.50 -14.67
C GLU A 142 11.46 -3.62 -14.07
N THR A 143 10.82 -4.76 -13.74
CA THR A 143 11.53 -5.88 -13.12
C THR A 143 12.59 -6.43 -14.07
N GLN A 144 12.30 -6.39 -15.36
CA GLN A 144 13.19 -6.91 -16.37
C GLN A 144 14.20 -5.85 -16.80
N ALA A 145 13.68 -4.76 -17.38
CA ALA A 145 14.53 -3.69 -17.92
C ALA A 145 15.53 -4.25 -18.95
N ARG A 146 15.25 -5.45 -19.42
CA ARG A 146 16.12 -6.16 -20.34
C ARG A 146 16.08 -5.52 -21.72
N ARG A 147 17.26 -5.18 -22.24
CA ARG A 147 17.37 -4.51 -23.53
C ARG A 147 17.64 -5.57 -24.64
N GLY A 148 17.79 -6.81 -24.21
CA GLY A 148 18.09 -7.88 -25.14
C GLY A 148 19.56 -8.19 -25.16
N ALA A 149 20.35 -7.13 -25.26
CA ALA A 149 21.80 -7.21 -25.19
C ALA A 149 22.33 -6.05 -24.34
N GLY A 1 -13.08 21.41 -15.38
CA GLY A 1 -11.88 20.82 -14.73
C GLY A 1 -11.08 19.96 -15.68
N PRO A 2 -9.77 19.75 -15.41
CA PRO A 2 -8.90 18.91 -16.27
C PRO A 2 -9.52 17.54 -16.53
N GLY A 3 -10.19 17.00 -15.52
CA GLY A 3 -10.87 15.73 -15.65
C GLY A 3 -9.92 14.56 -15.66
N SER A 4 -9.43 14.21 -16.84
CA SER A 4 -8.59 13.03 -17.03
C SER A 4 -9.38 11.79 -16.61
N MET A 5 -10.69 11.87 -16.77
CA MET A 5 -11.59 10.79 -16.36
C MET A 5 -11.63 9.67 -17.39
N LYS A 6 -10.72 8.73 -17.22
CA LYS A 6 -10.71 7.48 -17.94
C LYS A 6 -10.03 6.53 -17.00
N LYS A 7 -9.99 5.26 -17.32
CA LYS A 7 -9.57 4.26 -16.37
C LYS A 7 -10.56 4.23 -15.20
N SER A 8 -11.43 3.22 -15.19
CA SER A 8 -12.57 3.13 -14.26
C SER A 8 -12.21 3.52 -12.83
N ALA A 9 -13.14 4.22 -12.17
CA ALA A 9 -12.96 4.64 -10.78
C ALA A 9 -12.86 3.42 -9.88
N ARG A 10 -13.58 2.36 -10.27
CA ARG A 10 -13.61 1.10 -9.53
C ARG A 10 -12.22 0.54 -9.31
N ARG A 11 -11.28 0.86 -10.19
CA ARG A 11 -9.90 0.38 -10.06
C ARG A 11 -9.35 0.74 -8.68
N GLN A 12 -9.67 1.94 -8.22
CA GLN A 12 -9.20 2.42 -6.94
C GLN A 12 -9.99 1.80 -5.78
N SER A 13 -11.29 1.58 -5.97
CA SER A 13 -12.12 0.95 -4.93
C SER A 13 -11.70 -0.52 -4.76
N ARG A 14 -11.23 -1.11 -5.85
CA ARG A 14 -10.71 -2.48 -5.84
C ARG A 14 -9.40 -2.55 -5.09
N GLU A 15 -8.65 -1.45 -5.11
CA GLU A 15 -7.33 -1.39 -4.46
C GLU A 15 -7.42 -1.90 -3.02
N LEU A 16 -8.40 -1.40 -2.27
CA LEU A 16 -8.56 -1.78 -0.87
C LEU A 16 -8.73 -3.30 -0.75
N ALA A 17 -9.37 -3.89 -1.74
CA ALA A 17 -9.59 -5.33 -1.76
C ALA A 17 -8.29 -6.07 -2.05
N THR A 18 -7.64 -5.73 -3.17
CA THR A 18 -6.44 -6.42 -3.60
C THR A 18 -5.30 -6.25 -2.59
N GLN A 19 -5.30 -5.11 -1.88
CA GLN A 19 -4.33 -4.86 -0.82
C GLN A 19 -4.58 -5.81 0.34
N GLY A 20 -5.87 -6.03 0.64
CA GLY A 20 -6.24 -6.97 1.69
C GLY A 20 -5.87 -8.39 1.32
N LEU A 21 -6.08 -8.72 0.05
CA LEU A 21 -5.76 -10.06 -0.46
C LEU A 21 -4.25 -10.27 -0.42
N TYR A 22 -3.51 -9.24 -0.81
CA TYR A 22 -2.05 -9.29 -0.79
C TYR A 22 -1.55 -9.50 0.64
N GLN A 23 -2.03 -8.66 1.56
CA GLN A 23 -1.63 -8.73 2.95
C GLN A 23 -2.03 -10.08 3.55
N TRP A 24 -3.16 -10.61 3.09
CA TRP A 24 -3.64 -11.92 3.55
C TRP A 24 -2.71 -13.03 3.05
N LEU A 25 -2.38 -12.99 1.77
CA LEU A 25 -1.52 -14.00 1.16
C LEU A 25 -0.09 -13.90 1.71
N LEU A 26 0.31 -12.69 2.08
CA LEU A 26 1.66 -12.43 2.57
C LEU A 26 1.78 -12.74 4.06
N SER A 27 0.97 -12.07 4.86
CA SER A 27 1.02 -12.16 6.32
C SER A 27 0.24 -13.37 6.84
N ASN A 28 -0.78 -13.80 6.08
CA ASN A 28 -1.68 -14.86 6.53
C ASN A 28 -2.43 -14.37 7.77
N ALA A 29 -2.70 -13.07 7.79
CA ALA A 29 -3.41 -12.43 8.90
C ALA A 29 -4.91 -12.69 8.80
N ALA A 30 -5.61 -12.45 9.90
CA ALA A 30 -7.05 -12.66 9.96
C ALA A 30 -7.79 -11.55 9.19
N PRO A 31 -8.93 -11.89 8.55
CA PRO A 31 -9.70 -10.94 7.74
C PRO A 31 -10.05 -9.65 8.49
N GLY A 32 -10.48 -9.79 9.75
CA GLY A 32 -10.86 -8.63 10.55
C GLY A 32 -9.68 -7.73 10.85
N GLU A 33 -8.51 -8.33 10.99
CA GLU A 33 -7.28 -7.60 11.30
C GLU A 33 -6.91 -6.68 10.13
N ILE A 34 -7.19 -7.14 8.91
CA ILE A 34 -6.94 -6.35 7.70
C ILE A 34 -8.13 -5.43 7.43
N ASP A 35 -9.31 -5.91 7.79
CA ASP A 35 -10.57 -5.17 7.67
C ASP A 35 -10.45 -3.78 8.28
N ALA A 36 -9.61 -3.66 9.31
CA ALA A 36 -9.40 -2.40 10.02
C ALA A 36 -9.11 -1.25 9.04
N GLN A 37 -8.47 -1.58 7.91
CA GLN A 37 -8.21 -0.60 6.86
C GLN A 37 -9.52 0.00 6.35
N LEU A 38 -10.52 -0.86 6.17
CA LEU A 38 -11.82 -0.45 5.66
C LEU A 38 -12.62 0.29 6.73
N ARG A 39 -12.32 0.01 8.01
CA ARG A 39 -12.98 0.68 9.12
C ARG A 39 -12.69 2.19 9.09
N GLY A 40 -11.52 2.53 8.54
CA GLY A 40 -11.12 3.91 8.44
C GLY A 40 -11.39 4.49 7.04
N ALA A 41 -10.95 3.76 6.02
CA ALA A 41 -11.10 4.21 4.64
C ALA A 41 -11.97 3.24 3.86
N LEU A 42 -13.26 3.57 3.74
CA LEU A 42 -14.21 2.76 2.99
C LEU A 42 -13.89 2.81 1.50
N GLY A 43 -13.62 1.64 0.92
CA GLY A 43 -13.22 1.58 -0.49
C GLY A 43 -14.23 2.22 -1.41
N TYR A 44 -15.50 2.09 -1.06
CA TYR A 44 -16.60 2.67 -1.82
C TYR A 44 -16.36 4.15 -2.13
N ASP A 45 -16.05 4.93 -1.10
CA ASP A 45 -15.88 6.38 -1.24
C ASP A 45 -14.45 6.73 -1.68
N LYS A 46 -13.60 5.72 -1.70
CA LYS A 46 -12.19 5.90 -2.05
C LYS A 46 -11.98 5.90 -3.56
N ALA A 47 -13.03 5.59 -4.30
CA ALA A 47 -12.94 5.35 -5.75
C ALA A 47 -12.47 6.56 -6.56
N ASP A 48 -11.76 6.25 -7.65
CA ASP A 48 -11.31 7.21 -8.68
C ASP A 48 -10.02 7.93 -8.32
N LYS A 49 -9.24 8.15 -9.37
CA LYS A 49 -7.91 8.75 -9.30
C LYS A 49 -7.93 10.21 -8.84
N THR A 50 -9.02 10.93 -9.13
CA THR A 50 -9.09 12.37 -8.90
C THR A 50 -8.81 12.73 -7.44
N LEU A 51 -9.10 11.79 -6.53
CA LEU A 51 -8.83 11.98 -5.11
C LEU A 51 -7.35 12.23 -4.84
N LEU A 52 -6.49 11.78 -5.75
CA LEU A 52 -5.03 11.78 -5.54
C LEU A 52 -4.53 13.13 -5.01
N ASP A 53 -5.14 14.23 -5.47
CA ASP A 53 -4.73 15.56 -5.00
C ASP A 53 -4.98 15.70 -3.50
N THR A 54 -6.21 15.43 -3.07
CA THR A 54 -6.55 15.50 -1.65
C THR A 54 -5.78 14.42 -0.88
N ILE A 55 -5.56 13.29 -1.54
CA ILE A 55 -4.84 12.16 -0.94
C ILE A 55 -3.37 12.50 -0.68
N LEU A 56 -2.76 13.30 -1.55
CA LEU A 56 -1.37 13.71 -1.33
C LEU A 56 -1.35 14.76 -0.21
N HIS A 57 -2.37 15.62 -0.19
CA HIS A 57 -2.56 16.53 0.93
C HIS A 57 -2.73 15.70 2.20
N GLY A 58 -3.34 14.54 2.04
CA GLY A 58 -3.59 13.64 3.13
C GLY A 58 -2.37 12.85 3.55
N VAL A 59 -1.48 12.53 2.61
CA VAL A 59 -0.24 11.85 2.95
C VAL A 59 0.69 12.82 3.68
N ILE A 60 0.58 14.10 3.34
CA ILE A 60 1.31 15.14 4.05
C ILE A 60 0.73 15.38 5.46
N ARG A 61 -0.57 15.66 5.53
CA ARG A 61 -1.23 16.01 6.80
C ARG A 61 -1.65 14.79 7.60
N GLU A 62 -2.44 13.93 6.99
CA GLU A 62 -3.14 12.84 7.70
C GLU A 62 -2.26 11.58 7.83
N HIS A 63 -0.97 11.72 7.58
CA HIS A 63 -0.05 10.57 7.62
C HIS A 63 -0.07 9.92 9.01
N ALA A 64 0.31 10.69 10.01
CA ALA A 64 0.37 10.22 11.39
C ALA A 64 -1.01 9.72 11.84
N THR A 65 -2.04 10.49 11.49
CA THR A 65 -3.42 10.14 11.82
C THR A 65 -3.77 8.76 11.26
N LEU A 66 -3.45 8.53 9.99
CA LEU A 66 -3.77 7.27 9.32
C LEU A 66 -3.06 6.12 10.01
N ALA A 67 -1.75 6.29 10.25
CA ALA A 67 -0.96 5.25 10.89
C ALA A 67 -1.53 4.87 12.24
N GLU A 68 -1.90 5.88 13.03
CA GLU A 68 -2.45 5.64 14.36
C GLU A 68 -3.91 5.16 14.29
N ALA A 69 -4.62 5.59 13.25
CA ALA A 69 -6.06 5.33 13.12
C ALA A 69 -6.38 3.84 13.05
N ILE A 70 -5.39 3.03 12.69
CA ILE A 70 -5.60 1.59 12.55
C ILE A 70 -5.90 0.94 13.91
N SER A 71 -5.37 1.52 14.99
CA SER A 71 -5.49 0.93 16.32
C SER A 71 -6.94 1.07 16.87
N PRO A 72 -7.54 2.29 16.84
CA PRO A 72 -8.94 2.48 17.26
C PRO A 72 -9.91 1.78 16.32
N SER A 73 -9.48 1.53 15.09
CA SER A 73 -10.28 0.79 14.12
C SER A 73 -10.31 -0.68 14.47
N LEU A 74 -9.37 -1.10 15.33
CA LEU A 74 -9.34 -2.45 15.85
C LEU A 74 -9.89 -2.49 17.28
N ASP A 75 -10.29 -3.67 17.72
CA ASP A 75 -10.70 -3.88 19.11
C ASP A 75 -9.48 -4.32 19.93
N ARG A 76 -8.30 -4.00 19.42
CA ARG A 76 -7.05 -4.50 19.96
C ARG A 76 -5.89 -3.60 19.53
N PRO A 77 -4.74 -3.65 20.24
CA PRO A 77 -3.60 -2.77 19.96
C PRO A 77 -3.03 -2.95 18.55
N ILE A 78 -2.40 -1.88 18.05
CA ILE A 78 -1.78 -1.87 16.71
C ILE A 78 -0.65 -2.92 16.61
N ASP A 79 -0.26 -3.46 17.77
CA ASP A 79 0.82 -4.44 17.86
C ASP A 79 0.52 -5.73 17.07
N GLN A 80 -0.76 -5.95 16.76
CA GLN A 80 -1.19 -7.16 16.05
C GLN A 80 -0.32 -7.44 14.81
N LEU A 81 -0.32 -6.51 13.86
CA LEU A 81 0.52 -6.62 12.69
C LEU A 81 1.91 -6.07 13.00
N SER A 82 2.94 -6.82 12.67
CA SER A 82 4.32 -6.44 12.96
C SER A 82 4.63 -5.04 12.44
N PRO A 83 5.48 -4.27 13.16
CA PRO A 83 5.83 -2.89 12.81
C PRO A 83 6.02 -2.66 11.30
N VAL A 84 6.93 -3.42 10.70
CA VAL A 84 7.24 -3.26 9.28
C VAL A 84 6.05 -3.69 8.42
N GLU A 85 5.41 -4.80 8.78
CA GLU A 85 4.24 -5.30 8.06
C GLU A 85 3.16 -4.21 7.94
N ARG A 86 2.73 -3.69 9.09
CA ARG A 86 1.69 -2.68 9.12
C ARG A 86 2.18 -1.40 8.44
N ALA A 87 3.46 -1.09 8.61
CA ALA A 87 4.06 0.07 7.96
C ALA A 87 3.94 -0.04 6.44
N VAL A 88 4.25 -1.24 5.92
CA VAL A 88 4.17 -1.48 4.49
C VAL A 88 2.74 -1.35 3.99
N LEU A 89 1.80 -2.04 4.64
CA LEU A 89 0.41 -2.02 4.21
C LEU A 89 -0.14 -0.58 4.16
N LEU A 90 0.06 0.15 5.25
CA LEU A 90 -0.47 1.51 5.38
C LEU A 90 0.10 2.44 4.31
N ILE A 91 1.43 2.52 4.27
CA ILE A 91 2.10 3.43 3.33
C ILE A 91 1.84 3.02 1.89
N ALA A 92 2.03 1.74 1.58
CA ALA A 92 1.85 1.24 0.22
C ALA A 92 0.45 1.57 -0.29
N THR A 93 -0.56 1.27 0.51
CA THR A 93 -1.94 1.58 0.11
C THR A 93 -2.13 3.08 -0.10
N TYR A 94 -1.69 3.87 0.89
CA TYR A 94 -1.84 5.32 0.84
C TYR A 94 -1.21 5.91 -0.43
N GLU A 95 0.01 5.48 -0.75
CA GLU A 95 0.72 5.99 -1.92
C GLU A 95 0.08 5.50 -3.21
N LEU A 96 -0.28 4.22 -3.26
CA LEU A 96 -0.92 3.64 -4.44
C LEU A 96 -2.21 4.38 -4.77
N THR A 97 -2.91 4.84 -3.74
CA THR A 97 -4.13 5.62 -3.92
C THR A 97 -3.86 6.87 -4.79
N HIS A 98 -2.65 7.42 -4.68
CA HIS A 98 -2.27 8.59 -5.49
C HIS A 98 -1.17 8.23 -6.48
N GLN A 99 -0.95 6.93 -6.64
CA GLN A 99 0.03 6.41 -7.61
C GLN A 99 -0.54 5.15 -8.26
N ILE A 100 -1.71 5.27 -8.88
CA ILE A 100 -2.45 4.10 -9.35
C ILE A 100 -1.76 3.44 -10.54
N GLU A 101 -1.30 4.24 -11.48
CA GLU A 101 -0.64 3.74 -12.69
C GLU A 101 0.85 4.09 -12.67
N THR A 102 1.32 4.50 -11.51
CA THR A 102 2.71 4.92 -11.33
C THR A 102 3.65 3.71 -11.27
N PRO A 103 4.84 3.79 -11.92
CA PRO A 103 5.81 2.68 -11.96
C PRO A 103 6.11 2.09 -10.58
N TYR A 104 6.01 0.76 -10.50
CA TYR A 104 6.28 0.03 -9.27
C TYR A 104 7.66 0.38 -8.70
N ARG A 105 8.57 0.78 -9.59
CA ARG A 105 9.94 1.14 -9.19
C ARG A 105 9.92 2.17 -8.07
N VAL A 106 9.18 3.26 -8.28
CA VAL A 106 9.12 4.34 -7.30
C VAL A 106 8.36 3.89 -6.05
N ILE A 107 7.31 3.08 -6.27
CA ILE A 107 6.54 2.52 -5.14
C ILE A 107 7.47 1.78 -4.19
N ILE A 108 8.28 0.88 -4.76
CA ILE A 108 9.25 0.12 -3.98
C ILE A 108 10.26 1.07 -3.35
N ASN A 109 10.72 2.07 -4.10
CA ASN A 109 11.70 3.03 -3.60
C ASN A 109 11.19 3.73 -2.33
N GLU A 110 9.99 4.29 -2.42
CA GLU A 110 9.37 4.99 -1.30
C GLU A 110 9.19 4.05 -0.10
N ALA A 111 8.56 2.91 -0.35
CA ALA A 111 8.34 1.90 0.70
C ALA A 111 9.66 1.49 1.35
N VAL A 112 10.70 1.36 0.53
CA VAL A 112 12.02 0.94 1.01
C VAL A 112 12.63 1.98 1.94
N GLU A 113 12.58 3.26 1.54
CA GLU A 113 13.17 4.32 2.35
C GLU A 113 12.54 4.37 3.75
N LEU A 114 11.24 4.13 3.82
CA LEU A 114 10.53 4.15 5.10
C LEU A 114 10.86 2.88 5.90
N ALA A 115 10.78 1.73 5.25
CA ALA A 115 11.15 0.47 5.90
C ALA A 115 12.61 0.52 6.35
N LYS A 116 13.40 1.33 5.65
CA LYS A 116 14.79 1.58 5.99
C LYS A 116 14.91 2.31 7.32
N THR A 117 14.13 3.37 7.51
CA THR A 117 14.18 4.12 8.76
C THR A 117 13.50 3.35 9.90
N PHE A 118 12.52 2.51 9.56
CA PHE A 118 11.78 1.74 10.57
C PHE A 118 12.53 0.48 10.99
N GLY A 119 13.01 -0.29 10.01
CA GLY A 119 13.61 -1.59 10.29
C GLY A 119 15.09 -1.64 9.98
N GLY A 120 15.67 -0.51 9.63
CA GLY A 120 17.10 -0.44 9.33
C GLY A 120 17.48 -1.32 8.15
N SER A 121 18.56 -2.08 8.32
CA SER A 121 19.06 -2.97 7.29
C SER A 121 18.02 -4.05 6.95
N ASP A 122 17.40 -4.60 7.99
CA ASP A 122 16.38 -5.63 7.83
C ASP A 122 15.20 -5.08 7.05
N GLY A 123 14.74 -3.90 7.46
CA GLY A 123 13.52 -3.32 6.89
C GLY A 123 13.59 -3.09 5.40
N TYR A 124 14.59 -2.33 4.96
CA TYR A 124 14.67 -1.93 3.55
C TYR A 124 14.84 -3.15 2.65
N LYS A 125 15.60 -4.14 3.13
CA LYS A 125 15.82 -5.38 2.40
C LYS A 125 14.52 -6.18 2.33
N TYR A 126 13.88 -6.29 3.48
CA TYR A 126 12.65 -7.07 3.65
C TYR A 126 11.58 -6.65 2.64
N VAL A 127 11.32 -5.35 2.58
CA VAL A 127 10.26 -4.81 1.73
C VAL A 127 10.67 -4.78 0.26
N ASN A 128 11.94 -4.45 0.00
CA ASN A 128 12.44 -4.36 -1.38
C ASN A 128 12.32 -5.72 -2.07
N GLY A 129 12.72 -6.76 -1.35
CA GLY A 129 12.71 -8.11 -1.92
C GLY A 129 11.31 -8.62 -2.20
N VAL A 130 10.39 -8.42 -1.25
CA VAL A 130 9.04 -8.96 -1.36
C VAL A 130 8.29 -8.34 -2.56
N LEU A 131 8.38 -7.02 -2.67
CA LEU A 131 7.64 -6.28 -3.69
C LEU A 131 8.14 -6.63 -5.09
N ASP A 132 9.45 -6.84 -5.21
CA ASP A 132 10.06 -7.16 -6.51
C ASP A 132 9.53 -8.49 -7.04
N LYS A 133 9.41 -9.47 -6.16
CA LYS A 133 8.95 -10.81 -6.53
C LYS A 133 7.58 -10.73 -7.22
N LEU A 134 6.71 -9.86 -6.71
CA LEU A 134 5.41 -9.64 -7.32
C LEU A 134 5.58 -8.83 -8.61
N ALA A 135 6.45 -7.83 -8.54
CA ALA A 135 6.71 -6.95 -9.69
C ALA A 135 7.16 -7.75 -10.91
N VAL A 136 7.81 -8.89 -10.67
CA VAL A 136 8.29 -9.74 -11.75
C VAL A 136 7.13 -10.38 -12.53
N LYS A 137 6.01 -10.60 -11.85
CA LYS A 137 4.87 -11.27 -12.46
C LYS A 137 3.79 -10.28 -12.89
N LEU A 138 3.75 -9.09 -12.28
CA LEU A 138 2.76 -8.08 -12.66
C LEU A 138 3.34 -7.02 -13.61
N ARG A 139 4.67 -6.98 -13.72
CA ARG A 139 5.36 -6.10 -14.69
C ARG A 139 6.63 -6.77 -15.21
N PRO A 140 6.48 -7.90 -15.95
CA PRO A 140 7.63 -8.68 -16.44
C PRO A 140 8.48 -7.90 -17.45
N ALA A 141 7.85 -6.96 -18.14
CA ALA A 141 8.55 -6.14 -19.13
C ALA A 141 9.63 -5.28 -18.47
N GLU A 142 9.32 -4.73 -17.30
CA GLU A 142 10.22 -3.83 -16.60
C GLU A 142 11.24 -4.58 -15.74
N THR A 143 10.80 -5.70 -15.15
CA THR A 143 11.66 -6.48 -14.26
C THR A 143 12.65 -7.34 -15.05
N GLN A 144 12.16 -8.07 -16.03
CA GLN A 144 12.98 -9.00 -16.81
C GLN A 144 13.49 -8.35 -18.09
N ALA A 145 12.57 -7.82 -18.90
CA ALA A 145 12.92 -7.17 -20.17
C ALA A 145 13.67 -8.12 -21.11
N ARG A 146 13.58 -9.42 -20.86
CA ARG A 146 14.28 -10.43 -21.67
C ARG A 146 13.53 -10.71 -22.98
N ARG A 147 12.37 -10.10 -23.10
CA ARG A 147 11.54 -10.24 -24.30
C ARG A 147 12.14 -9.44 -25.45
N GLY A 148 12.34 -10.11 -26.59
CA GLY A 148 12.90 -9.46 -27.76
C GLY A 148 13.12 -10.46 -28.88
N ALA A 149 12.31 -10.37 -29.93
CA ALA A 149 12.38 -11.33 -31.05
C ALA A 149 13.00 -10.66 -32.27
N GLY A 1 -21.07 15.26 -8.94
CA GLY A 1 -19.73 15.74 -9.36
C GLY A 1 -18.86 14.62 -9.91
N PRO A 2 -18.72 14.53 -11.25
CA PRO A 2 -17.88 13.51 -11.89
C PRO A 2 -16.43 13.96 -12.03
N GLY A 3 -15.67 13.32 -12.92
CA GLY A 3 -14.29 13.68 -13.15
C GLY A 3 -13.83 13.26 -14.53
N SER A 4 -12.53 13.00 -14.68
CA SER A 4 -11.99 12.55 -15.96
C SER A 4 -11.61 11.07 -15.85
N MET A 5 -12.59 10.20 -16.09
CA MET A 5 -12.37 8.76 -16.00
C MET A 5 -11.47 8.26 -17.13
N LYS A 6 -10.17 8.40 -16.93
CA LYS A 6 -9.18 7.78 -17.80
C LYS A 6 -8.91 6.36 -17.29
N LYS A 7 -9.00 6.22 -15.98
CA LYS A 7 -8.87 4.94 -15.31
C LYS A 7 -10.03 4.79 -14.33
N SER A 8 -11.12 4.19 -14.84
CA SER A 8 -12.42 4.16 -14.18
C SER A 8 -12.35 3.68 -12.73
N ALA A 9 -13.31 4.16 -11.93
CA ALA A 9 -13.39 3.89 -10.50
C ALA A 9 -13.29 2.40 -10.16
N ARG A 10 -13.98 1.57 -10.95
CA ARG A 10 -14.05 0.14 -10.67
C ARG A 10 -12.67 -0.50 -10.73
N ARG A 11 -11.76 0.11 -11.49
CA ARG A 11 -10.39 -0.36 -11.55
C ARG A 11 -9.67 -0.04 -10.24
N GLN A 12 -9.79 1.22 -9.79
CA GLN A 12 -9.07 1.70 -8.64
C GLN A 12 -9.44 0.92 -7.38
N SER A 13 -10.73 0.71 -7.17
CA SER A 13 -11.22 0.01 -5.99
C SER A 13 -10.58 -1.39 -5.88
N ARG A 14 -10.38 -2.03 -7.04
CA ARG A 14 -9.76 -3.34 -7.09
C ARG A 14 -8.31 -3.28 -6.63
N GLU A 15 -7.63 -2.20 -7.00
CA GLU A 15 -6.21 -2.05 -6.71
C GLU A 15 -5.96 -1.87 -5.21
N LEU A 16 -6.92 -1.24 -4.52
CA LEU A 16 -6.85 -1.13 -3.06
C LEU A 16 -7.09 -2.51 -2.43
N ALA A 17 -8.09 -3.22 -2.94
CA ALA A 17 -8.48 -4.53 -2.40
C ALA A 17 -7.33 -5.53 -2.52
N THR A 18 -6.65 -5.53 -3.66
CA THR A 18 -5.57 -6.46 -3.93
C THR A 18 -4.46 -6.33 -2.89
N GLN A 19 -4.26 -5.11 -2.37
CA GLN A 19 -3.25 -4.87 -1.34
C GLN A 19 -3.62 -5.65 -0.07
N GLY A 20 -4.90 -5.61 0.26
CA GLY A 20 -5.40 -6.32 1.43
C GLY A 20 -5.26 -7.82 1.28
N LEU A 21 -5.75 -8.34 0.17
CA LEU A 21 -5.67 -9.77 -0.11
C LEU A 21 -4.21 -10.23 -0.13
N TYR A 22 -3.34 -9.41 -0.72
CA TYR A 22 -1.91 -9.69 -0.77
C TYR A 22 -1.33 -9.77 0.65
N GLN A 23 -1.59 -8.76 1.45
CA GLN A 23 -1.03 -8.69 2.80
C GLN A 23 -1.53 -9.85 3.65
N TRP A 24 -2.77 -10.27 3.42
CA TRP A 24 -3.35 -11.37 4.18
C TRP A 24 -2.64 -12.68 3.80
N LEU A 25 -2.55 -12.95 2.50
CA LEU A 25 -1.93 -14.18 2.01
C LEU A 25 -0.42 -14.19 2.28
N LEU A 26 0.17 -13.00 2.30
CA LEU A 26 1.61 -12.84 2.48
C LEU A 26 1.98 -12.90 3.97
N SER A 27 1.38 -12.02 4.77
CA SER A 27 1.75 -11.89 6.18
C SER A 27 0.95 -12.83 7.06
N ASN A 28 -0.23 -13.25 6.58
CA ASN A 28 -1.16 -14.07 7.36
C ASN A 28 -1.55 -13.34 8.64
N ALA A 29 -1.86 -12.06 8.48
CA ALA A 29 -2.35 -11.23 9.58
C ALA A 29 -3.86 -11.40 9.74
N ALA A 30 -4.41 -10.77 10.77
CA ALA A 30 -5.85 -10.81 11.01
C ALA A 30 -6.59 -9.90 10.03
N PRO A 31 -7.79 -10.33 9.57
CA PRO A 31 -8.61 -9.51 8.68
C PRO A 31 -8.78 -8.08 9.20
N GLY A 32 -9.02 -7.95 10.51
CA GLY A 32 -9.20 -6.64 11.12
C GLY A 32 -7.95 -5.78 11.04
N GLU A 33 -6.79 -6.40 11.25
CA GLU A 33 -5.50 -5.72 11.20
C GLU A 33 -5.32 -4.99 9.88
N ILE A 34 -5.68 -5.67 8.80
CA ILE A 34 -5.51 -5.13 7.45
C ILE A 34 -6.69 -4.25 7.05
N ASP A 35 -7.88 -4.65 7.49
CA ASP A 35 -9.13 -3.95 7.13
C ASP A 35 -9.08 -2.49 7.53
N ALA A 36 -8.39 -2.20 8.63
CA ALA A 36 -8.27 -0.84 9.15
C ALA A 36 -7.82 0.14 8.07
N GLN A 37 -6.86 -0.27 7.25
CA GLN A 37 -6.35 0.55 6.16
C GLN A 37 -7.46 0.89 5.17
N LEU A 38 -8.32 -0.11 4.91
CA LEU A 38 -9.41 0.05 3.95
C LEU A 38 -10.56 0.86 4.55
N ARG A 39 -10.49 1.07 5.87
CA ARG A 39 -11.49 1.90 6.55
C ARG A 39 -11.08 3.36 6.48
N GLY A 40 -9.77 3.59 6.43
CA GLY A 40 -9.25 4.95 6.26
C GLY A 40 -9.51 5.45 4.86
N ALA A 41 -9.26 4.60 3.87
CA ALA A 41 -9.53 4.91 2.48
C ALA A 41 -10.59 3.96 1.93
N LEU A 42 -11.86 4.37 1.99
CA LEU A 42 -12.96 3.55 1.48
C LEU A 42 -12.81 3.39 -0.03
N GLY A 43 -12.57 2.14 -0.46
CA GLY A 43 -12.22 1.85 -1.85
C GLY A 43 -13.14 2.49 -2.87
N TYR A 44 -14.33 1.94 -3.04
CA TYR A 44 -15.26 2.36 -4.08
C TYR A 44 -15.59 3.85 -3.99
N ASP A 45 -15.69 4.34 -2.76
CA ASP A 45 -16.06 5.74 -2.52
C ASP A 45 -14.96 6.70 -2.98
N LYS A 46 -13.70 6.27 -2.85
CA LYS A 46 -12.56 7.09 -3.26
C LYS A 46 -11.96 6.58 -4.57
N ALA A 47 -12.70 5.69 -5.23
CA ALA A 47 -12.23 5.03 -6.44
C ALA A 47 -12.34 5.95 -7.65
N ASP A 48 -11.20 6.48 -8.09
CA ASP A 48 -11.02 7.17 -9.37
C ASP A 48 -9.79 8.06 -9.28
N LYS A 49 -9.06 8.22 -10.38
CA LYS A 49 -7.80 8.97 -10.35
C LYS A 49 -8.03 10.44 -10.01
N THR A 50 -9.21 10.95 -10.38
CA THR A 50 -9.54 12.36 -10.13
C THR A 50 -9.50 12.67 -8.63
N LEU A 51 -9.74 11.65 -7.81
CA LEU A 51 -9.78 11.79 -6.35
C LEU A 51 -8.39 12.09 -5.78
N LEU A 52 -7.33 11.69 -6.50
CA LEU A 52 -5.95 11.81 -6.00
C LEU A 52 -5.69 13.21 -5.45
N ASP A 53 -6.27 14.23 -6.09
CA ASP A 53 -6.13 15.62 -5.66
C ASP A 53 -6.57 15.79 -4.20
N THR A 54 -7.73 15.25 -3.88
CA THR A 54 -8.27 15.32 -2.52
C THR A 54 -7.48 14.37 -1.60
N ILE A 55 -7.04 13.25 -2.16
CA ILE A 55 -6.35 12.21 -1.40
C ILE A 55 -4.97 12.67 -0.93
N LEU A 56 -4.29 13.51 -1.72
CA LEU A 56 -2.95 13.96 -1.35
C LEU A 56 -3.01 14.77 -0.05
N HIS A 57 -4.07 15.55 0.10
CA HIS A 57 -4.31 16.28 1.35
C HIS A 57 -4.37 15.29 2.51
N GLY A 58 -5.06 14.17 2.26
CA GLY A 58 -5.21 13.15 3.26
C GLY A 58 -3.92 12.44 3.59
N VAL A 59 -3.12 12.12 2.57
CA VAL A 59 -1.87 11.39 2.78
C VAL A 59 -0.85 12.27 3.52
N ILE A 60 -0.92 13.58 3.27
CA ILE A 60 -0.05 14.53 3.97
C ILE A 60 -0.47 14.70 5.44
N ARG A 61 -1.74 15.05 5.68
CA ARG A 61 -2.22 15.35 7.02
C ARG A 61 -2.60 14.09 7.80
N GLU A 62 -3.44 13.26 7.21
CA GLU A 62 -3.94 12.06 7.89
C GLU A 62 -2.94 10.91 7.78
N HIS A 63 -1.69 11.24 7.46
CA HIS A 63 -0.62 10.24 7.40
C HIS A 63 -0.46 9.57 8.77
N ALA A 64 -0.09 10.37 9.76
CA ALA A 64 0.10 9.89 11.12
C ALA A 64 -1.21 9.31 11.67
N THR A 65 -2.30 9.99 11.36
CA THR A 65 -3.63 9.58 11.79
C THR A 65 -3.95 8.16 11.30
N LEU A 66 -3.67 7.91 10.02
CA LEU A 66 -3.93 6.61 9.40
C LEU A 66 -3.02 5.56 10.03
N ALA A 67 -1.76 5.94 10.24
CA ALA A 67 -0.79 5.05 10.87
C ALA A 67 -1.24 4.68 12.29
N GLU A 68 -1.88 5.62 12.97
CA GLU A 68 -2.45 5.36 14.29
C GLU A 68 -3.74 4.55 14.18
N ALA A 69 -4.45 4.71 13.06
CA ALA A 69 -5.78 4.12 12.88
C ALA A 69 -5.74 2.59 12.85
N ILE A 70 -4.57 2.03 12.56
CA ILE A 70 -4.42 0.57 12.53
C ILE A 70 -4.27 0.00 13.93
N SER A 71 -4.00 0.85 14.91
CA SER A 71 -3.81 0.40 16.29
C SER A 71 -5.14 -0.02 16.93
N PRO A 72 -6.21 0.82 16.86
CA PRO A 72 -7.52 0.46 17.43
C PRO A 72 -8.33 -0.47 16.52
N SER A 73 -7.66 -1.12 15.57
CA SER A 73 -8.31 -2.13 14.74
C SER A 73 -8.69 -3.32 15.62
N LEU A 74 -7.78 -3.64 16.54
CA LEU A 74 -8.01 -4.66 17.56
C LEU A 74 -7.85 -4.03 18.94
N ASP A 75 -7.98 -4.84 19.99
CA ASP A 75 -7.81 -4.35 21.37
C ASP A 75 -6.35 -4.49 21.81
N ARG A 76 -5.50 -4.92 20.87
CA ARG A 76 -4.08 -5.11 21.13
C ARG A 76 -3.27 -4.02 20.45
N PRO A 77 -2.02 -3.78 20.90
CA PRO A 77 -1.17 -2.68 20.39
C PRO A 77 -0.92 -2.76 18.89
N ILE A 78 -0.55 -1.62 18.31
CA ILE A 78 -0.30 -1.48 16.87
C ILE A 78 0.72 -2.51 16.37
N ASP A 79 1.52 -3.04 17.29
CA ASP A 79 2.59 -3.99 16.96
C ASP A 79 2.06 -5.38 16.63
N GLN A 80 0.76 -5.49 16.37
CA GLN A 80 0.18 -6.71 15.81
C GLN A 80 0.98 -7.17 14.59
N LEU A 81 1.09 -6.26 13.62
CA LEU A 81 2.01 -6.43 12.50
C LEU A 81 3.35 -5.81 12.86
N SER A 82 4.43 -6.47 12.49
CA SER A 82 5.78 -5.94 12.69
C SER A 82 5.86 -4.52 12.13
N PRO A 83 6.64 -3.64 12.78
CA PRO A 83 6.76 -2.23 12.38
C PRO A 83 6.90 -2.06 10.87
N VAL A 84 7.81 -2.81 10.28
CA VAL A 84 8.06 -2.74 8.84
C VAL A 84 6.82 -3.20 8.06
N GLU A 85 6.19 -4.30 8.49
CA GLU A 85 5.01 -4.85 7.83
C GLU A 85 3.90 -3.80 7.75
N ARG A 86 3.44 -3.34 8.90
CA ARG A 86 2.31 -2.42 8.98
C ARG A 86 2.65 -1.06 8.36
N ALA A 87 3.84 -0.55 8.66
CA ALA A 87 4.26 0.76 8.15
C ALA A 87 4.26 0.75 6.63
N VAL A 88 4.92 -0.24 6.05
CA VAL A 88 5.00 -0.35 4.60
C VAL A 88 3.61 -0.55 3.99
N LEU A 89 2.79 -1.38 4.63
CA LEU A 89 1.45 -1.63 4.13
C LEU A 89 0.64 -0.33 4.01
N LEU A 90 0.60 0.45 5.08
CA LEU A 90 -0.23 1.64 5.11
C LEU A 90 0.39 2.74 4.23
N ILE A 91 1.71 2.86 4.25
CA ILE A 91 2.42 3.82 3.38
C ILE A 91 2.13 3.48 1.90
N ALA A 92 2.40 2.24 1.54
CA ALA A 92 2.25 1.80 0.15
C ALA A 92 0.81 1.99 -0.34
N THR A 93 -0.15 1.53 0.46
CA THR A 93 -1.55 1.60 0.07
C THR A 93 -2.00 3.05 -0.08
N TYR A 94 -1.72 3.88 0.93
CA TYR A 94 -2.16 5.28 0.93
C TYR A 94 -1.50 6.04 -0.22
N GLU A 95 -0.23 5.74 -0.46
CA GLU A 95 0.52 6.35 -1.52
C GLU A 95 -0.06 5.97 -2.88
N LEU A 96 -0.15 4.66 -3.13
CA LEU A 96 -0.67 4.14 -4.39
C LEU A 96 -2.04 4.74 -4.69
N THR A 97 -2.88 4.88 -3.66
CA THR A 97 -4.22 5.43 -3.82
C THR A 97 -4.20 6.74 -4.64
N HIS A 98 -3.10 7.50 -4.53
CA HIS A 98 -2.96 8.75 -5.28
C HIS A 98 -1.72 8.74 -6.18
N GLN A 99 -1.09 7.58 -6.34
CA GLN A 99 0.14 7.46 -7.13
C GLN A 99 0.11 6.25 -8.07
N ILE A 100 -1.08 5.76 -8.42
CA ILE A 100 -1.20 4.68 -9.41
C ILE A 100 -0.70 5.13 -10.79
N GLU A 101 -0.34 6.41 -10.90
CA GLU A 101 0.22 6.97 -12.13
C GLU A 101 1.75 6.98 -12.05
N THR A 102 2.30 6.35 -11.01
CA THR A 102 3.72 6.40 -10.72
C THR A 102 4.32 4.99 -10.65
N PRO A 103 5.52 4.78 -11.26
CA PRO A 103 6.19 3.46 -11.29
C PRO A 103 6.35 2.82 -9.92
N TYR A 104 5.98 1.54 -9.83
CA TYR A 104 6.05 0.78 -8.58
C TYR A 104 7.44 0.86 -7.94
N ARG A 105 8.48 0.97 -8.78
CA ARG A 105 9.86 0.98 -8.29
C ARG A 105 10.06 2.08 -7.25
N VAL A 106 9.69 3.31 -7.61
CA VAL A 106 9.87 4.44 -6.71
C VAL A 106 9.00 4.27 -5.47
N ILE A 107 7.82 3.67 -5.65
CA ILE A 107 6.92 3.40 -4.53
C ILE A 107 7.59 2.44 -3.53
N ILE A 108 8.18 1.37 -4.06
CA ILE A 108 8.90 0.39 -3.26
C ILE A 108 10.08 1.07 -2.56
N ASN A 109 10.71 2.02 -3.25
CA ASN A 109 11.84 2.76 -2.71
C ASN A 109 11.40 3.67 -1.55
N GLU A 110 10.24 4.31 -1.69
CA GLU A 110 9.69 5.13 -0.62
C GLU A 110 9.35 4.25 0.58
N ALA A 111 8.86 3.05 0.29
CA ALA A 111 8.54 2.08 1.32
C ALA A 111 9.81 1.58 2.02
N VAL A 112 10.83 1.27 1.23
CA VAL A 112 12.08 0.72 1.75
C VAL A 112 12.81 1.78 2.59
N GLU A 113 12.61 3.05 2.22
CA GLU A 113 13.17 4.17 2.99
C GLU A 113 12.82 4.03 4.47
N LEU A 114 11.51 4.00 4.76
CA LEU A 114 11.04 3.89 6.14
C LEU A 114 11.33 2.50 6.68
N ALA A 115 11.18 1.49 5.82
CA ALA A 115 11.42 0.10 6.21
C ALA A 115 12.80 -0.09 6.82
N LYS A 116 13.77 0.62 6.28
CA LYS A 116 15.15 0.53 6.78
C LYS A 116 15.24 1.03 8.22
N THR A 117 14.38 1.99 8.57
CA THR A 117 14.34 2.54 9.91
C THR A 117 13.69 1.54 10.89
N PHE A 118 12.60 0.92 10.43
CA PHE A 118 11.82 0.00 11.27
C PHE A 118 12.50 -1.36 11.38
N GLY A 119 13.17 -1.77 10.31
CA GLY A 119 13.91 -3.02 10.29
C GLY A 119 15.21 -2.87 9.54
N GLY A 120 16.32 -3.16 10.21
CA GLY A 120 17.64 -2.95 9.64
C GLY A 120 17.96 -3.92 8.51
N SER A 121 19.07 -4.65 8.67
CA SER A 121 19.59 -5.53 7.62
C SER A 121 18.52 -6.51 7.12
N ASP A 122 17.59 -6.85 7.99
CA ASP A 122 16.53 -7.81 7.68
C ASP A 122 15.31 -7.11 7.07
N GLY A 123 14.94 -5.96 7.64
CA GLY A 123 13.69 -5.33 7.31
C GLY A 123 13.61 -4.83 5.89
N TYR A 124 14.43 -3.85 5.56
CA TYR A 124 14.36 -3.17 4.26
C TYR A 124 14.55 -4.15 3.11
N LYS A 125 15.41 -5.15 3.32
CA LYS A 125 15.73 -6.12 2.29
C LYS A 125 14.55 -7.08 2.09
N TYR A 126 14.02 -7.59 3.21
CA TYR A 126 12.88 -8.50 3.18
C TYR A 126 11.68 -7.86 2.49
N VAL A 127 11.31 -6.66 2.93
CA VAL A 127 10.12 -5.98 2.40
C VAL A 127 10.33 -5.59 0.94
N ASN A 128 11.54 -5.18 0.59
CA ASN A 128 11.88 -4.86 -0.80
C ASN A 128 11.72 -6.11 -1.65
N GLY A 129 12.09 -7.25 -1.08
CA GLY A 129 11.95 -8.52 -1.76
C GLY A 129 10.50 -8.88 -2.06
N VAL A 130 9.63 -8.77 -1.06
CA VAL A 130 8.23 -9.13 -1.22
C VAL A 130 7.52 -8.17 -2.18
N LEU A 131 7.80 -6.87 -2.05
CA LEU A 131 7.20 -5.87 -2.93
C LEU A 131 7.65 -6.10 -4.38
N ASP A 132 8.89 -6.56 -4.53
CA ASP A 132 9.42 -6.91 -5.85
C ASP A 132 8.66 -8.09 -6.42
N LYS A 133 8.43 -9.11 -5.60
CA LYS A 133 7.65 -10.29 -6.01
C LYS A 133 6.25 -9.85 -6.46
N LEU A 134 5.68 -8.91 -5.71
CA LEU A 134 4.38 -8.35 -6.04
C LEU A 134 4.44 -7.64 -7.40
N ALA A 135 5.52 -6.90 -7.61
CA ALA A 135 5.72 -6.17 -8.86
C ALA A 135 5.80 -7.14 -10.04
N VAL A 136 6.42 -8.30 -9.81
CA VAL A 136 6.60 -9.31 -10.84
C VAL A 136 5.26 -9.90 -11.27
N LYS A 137 4.27 -9.89 -10.38
CA LYS A 137 2.97 -10.48 -10.69
C LYS A 137 1.99 -9.43 -11.20
N LEU A 138 2.12 -8.17 -10.74
CA LEU A 138 1.19 -7.11 -11.17
C LEU A 138 1.60 -6.52 -12.52
N ARG A 139 2.89 -6.60 -12.85
CA ARG A 139 3.38 -6.11 -14.14
C ARG A 139 4.76 -6.72 -14.44
N PRO A 140 4.81 -8.00 -14.86
CA PRO A 140 6.07 -8.71 -15.08
C PRO A 140 6.96 -8.04 -16.12
N ALA A 141 6.32 -7.42 -17.12
CA ALA A 141 7.04 -6.83 -18.25
C ALA A 141 8.08 -5.81 -17.78
N GLU A 142 7.81 -5.16 -16.65
CA GLU A 142 8.73 -4.18 -16.09
C GLU A 142 9.87 -4.87 -15.36
N THR A 143 9.50 -5.75 -14.43
CA THR A 143 10.47 -6.45 -13.59
C THR A 143 11.41 -7.32 -14.42
N GLN A 144 10.93 -7.79 -15.57
CA GLN A 144 11.72 -8.68 -16.41
C GLN A 144 12.85 -7.92 -17.12
N ALA A 145 12.93 -6.62 -16.87
CA ALA A 145 14.03 -5.81 -17.39
C ALA A 145 15.29 -6.02 -16.54
N ARG A 146 15.18 -6.95 -15.61
CA ARG A 146 16.29 -7.38 -14.78
C ARG A 146 17.23 -8.24 -15.62
N ARG A 147 18.36 -7.66 -16.01
CA ARG A 147 19.34 -8.37 -16.82
C ARG A 147 20.40 -8.98 -15.92
N GLY A 148 20.79 -10.20 -16.22
CA GLY A 148 21.72 -10.93 -15.37
C GLY A 148 20.99 -11.73 -14.32
N ALA A 149 20.43 -11.03 -13.33
CA ALA A 149 19.65 -11.65 -12.26
C ALA A 149 19.12 -10.57 -11.32
N GLY A 1 -22.74 -9.49 -21.57
CA GLY A 1 -21.66 -8.88 -20.75
C GLY A 1 -22.19 -8.26 -19.47
N PRO A 2 -21.30 -7.85 -18.55
CA PRO A 2 -21.69 -7.23 -17.28
C PRO A 2 -22.23 -5.82 -17.48
N GLY A 3 -23.45 -5.73 -18.00
CA GLY A 3 -24.06 -4.44 -18.29
C GLY A 3 -23.34 -3.72 -19.41
N SER A 4 -22.34 -2.92 -19.04
CA SER A 4 -21.55 -2.15 -19.99
C SER A 4 -20.60 -1.22 -19.23
N MET A 5 -21.07 -0.67 -18.13
CA MET A 5 -20.31 0.30 -17.34
C MET A 5 -19.09 -0.35 -16.69
N LYS A 6 -17.95 -0.27 -17.37
CA LYS A 6 -16.68 -0.80 -16.85
C LYS A 6 -15.90 0.31 -16.14
N LYS A 7 -16.03 1.53 -16.64
CA LYS A 7 -15.30 2.66 -16.09
C LYS A 7 -16.04 3.19 -14.86
N SER A 8 -15.75 2.58 -13.71
CA SER A 8 -16.41 2.96 -12.46
C SER A 8 -15.41 3.05 -11.32
N ALA A 9 -15.82 3.73 -10.25
CA ALA A 9 -15.02 3.85 -9.02
C ALA A 9 -14.66 2.47 -8.47
N ARG A 10 -15.45 1.47 -8.85
CA ARG A 10 -15.23 0.09 -8.41
C ARG A 10 -13.81 -0.38 -8.75
N ARG A 11 -13.25 0.16 -9.83
CA ARG A 11 -11.90 -0.18 -10.26
C ARG A 11 -10.87 0.22 -9.20
N GLN A 12 -10.95 1.49 -8.79
CA GLN A 12 -9.98 2.07 -7.88
C GLN A 12 -9.96 1.32 -6.54
N SER A 13 -11.13 0.86 -6.11
CA SER A 13 -11.27 0.17 -4.83
C SER A 13 -10.49 -1.15 -4.85
N ARG A 14 -10.39 -1.76 -6.03
CA ARG A 14 -9.70 -3.04 -6.18
C ARG A 14 -8.22 -2.92 -5.83
N GLU A 15 -7.61 -1.82 -6.25
CA GLU A 15 -6.17 -1.61 -6.09
C GLU A 15 -5.75 -1.77 -4.64
N LEU A 16 -6.47 -1.10 -3.74
CA LEU A 16 -6.13 -1.14 -2.32
C LEU A 16 -6.52 -2.48 -1.71
N ALA A 17 -7.56 -3.09 -2.26
CA ALA A 17 -8.04 -4.39 -1.78
C ALA A 17 -6.99 -5.48 -2.02
N THR A 18 -6.36 -5.46 -3.19
CA THR A 18 -5.38 -6.48 -3.56
C THR A 18 -4.24 -6.53 -2.55
N GLN A 19 -3.84 -5.36 -2.04
CA GLN A 19 -2.78 -5.27 -1.04
C GLN A 19 -3.18 -6.03 0.21
N GLY A 20 -4.43 -5.84 0.65
CA GLY A 20 -4.94 -6.53 1.82
C GLY A 20 -4.95 -8.03 1.62
N LEU A 21 -5.48 -8.45 0.48
CA LEU A 21 -5.56 -9.87 0.15
C LEU A 21 -4.17 -10.46 -0.07
N TYR A 22 -3.22 -9.63 -0.49
CA TYR A 22 -1.84 -10.08 -0.69
C TYR A 22 -1.18 -10.36 0.65
N GLN A 23 -1.25 -9.38 1.56
CA GLN A 23 -0.71 -9.55 2.91
C GLN A 23 -1.40 -10.72 3.60
N TRP A 24 -2.67 -10.89 3.29
CA TRP A 24 -3.45 -12.02 3.81
C TRP A 24 -2.92 -13.33 3.24
N LEU A 25 -2.73 -13.37 1.92
CA LEU A 25 -2.27 -14.58 1.23
C LEU A 25 -0.85 -14.93 1.64
N LEU A 26 -0.06 -13.91 1.97
CA LEU A 26 1.35 -14.08 2.31
C LEU A 26 1.52 -14.39 3.79
N SER A 27 1.04 -13.49 4.64
CA SER A 27 1.20 -13.62 6.09
C SER A 27 0.24 -14.68 6.64
N ASN A 28 -0.90 -14.86 5.97
CA ASN A 28 -1.92 -15.83 6.40
C ASN A 28 -2.49 -15.46 7.77
N ALA A 29 -2.61 -14.15 8.02
CA ALA A 29 -3.26 -13.64 9.22
C ALA A 29 -4.78 -13.64 9.02
N ALA A 30 -5.50 -12.97 9.92
CA ALA A 30 -6.94 -12.86 9.78
C ALA A 30 -7.30 -11.67 8.89
N PRO A 31 -8.25 -11.87 7.94
CA PRO A 31 -8.63 -10.82 6.98
C PRO A 31 -9.08 -9.54 7.67
N GLY A 32 -9.75 -9.69 8.82
CA GLY A 32 -10.23 -8.53 9.57
C GLY A 32 -9.11 -7.72 10.19
N GLU A 33 -7.99 -8.38 10.46
CA GLU A 33 -6.82 -7.72 11.07
C GLU A 33 -6.12 -6.85 10.04
N ILE A 34 -6.04 -7.34 8.81
CA ILE A 34 -5.39 -6.61 7.73
C ILE A 34 -6.33 -5.58 7.13
N ASP A 35 -7.61 -5.94 7.03
CA ASP A 35 -8.67 -5.05 6.55
C ASP A 35 -8.62 -3.69 7.24
N ALA A 36 -8.18 -3.71 8.49
CA ALA A 36 -8.12 -2.50 9.32
C ALA A 36 -7.42 -1.34 8.61
N GLN A 37 -6.46 -1.65 7.75
CA GLN A 37 -5.72 -0.62 7.01
C GLN A 37 -6.69 0.23 6.18
N LEU A 38 -7.70 -0.43 5.61
CA LEU A 38 -8.64 0.23 4.73
C LEU A 38 -9.69 1.02 5.54
N ARG A 39 -9.69 0.83 6.86
CA ARG A 39 -10.53 1.64 7.74
C ARG A 39 -9.96 3.04 7.83
N GLY A 40 -8.64 3.13 7.64
CA GLY A 40 -7.97 4.42 7.60
C GLY A 40 -8.36 5.21 6.37
N ALA A 41 -8.35 4.54 5.22
CA ALA A 41 -8.76 5.17 3.96
C ALA A 41 -9.98 4.44 3.42
N LEU A 42 -11.17 4.94 3.77
CA LEU A 42 -12.43 4.32 3.37
C LEU A 42 -12.47 4.13 1.85
N GLY A 43 -12.66 2.88 1.42
CA GLY A 43 -12.69 2.56 0.01
C GLY A 43 -13.59 3.50 -0.78
N TYR A 44 -14.87 3.51 -0.43
CA TYR A 44 -15.87 4.36 -1.08
C TYR A 44 -15.39 5.81 -1.19
N ASP A 45 -14.74 6.28 -0.13
CA ASP A 45 -14.33 7.68 -0.03
C ASP A 45 -13.13 7.98 -0.92
N LYS A 46 -12.27 6.99 -1.12
CA LYS A 46 -11.06 7.15 -1.93
C LYS A 46 -11.18 6.44 -3.29
N ALA A 47 -12.34 5.81 -3.53
CA ALA A 47 -12.53 5.05 -4.75
C ALA A 47 -12.97 5.94 -5.92
N ASP A 48 -11.96 6.48 -6.62
CA ASP A 48 -12.15 7.09 -7.95
C ASP A 48 -10.92 7.93 -8.31
N LYS A 49 -10.69 8.10 -9.60
CA LYS A 49 -9.53 8.83 -10.10
C LYS A 49 -9.53 10.29 -9.65
N THR A 50 -10.71 10.85 -9.45
CA THR A 50 -10.83 12.26 -9.05
C THR A 50 -10.25 12.49 -7.66
N LEU A 51 -10.26 11.44 -6.83
CA LEU A 51 -9.79 11.55 -5.46
C LEU A 51 -8.26 11.65 -5.39
N LEU A 52 -7.57 11.06 -6.37
CA LEU A 52 -6.10 10.94 -6.30
C LEU A 52 -5.45 12.30 -6.00
N ASP A 53 -6.03 13.38 -6.53
CA ASP A 53 -5.54 14.73 -6.29
C ASP A 53 -5.46 15.03 -4.78
N THR A 54 -6.57 14.86 -4.09
CA THR A 54 -6.60 15.09 -2.65
C THR A 54 -5.81 13.99 -1.92
N ILE A 55 -5.85 12.78 -2.47
CA ILE A 55 -5.19 11.62 -1.88
C ILE A 55 -3.69 11.87 -1.66
N LEU A 56 -3.02 12.49 -2.63
CA LEU A 56 -1.60 12.79 -2.48
C LEU A 56 -1.40 13.75 -1.31
N HIS A 57 -2.31 14.72 -1.22
CA HIS A 57 -2.32 15.68 -0.14
C HIS A 57 -2.59 14.96 1.18
N GLY A 58 -3.39 13.89 1.10
CA GLY A 58 -3.67 13.07 2.27
C GLY A 58 -2.46 12.27 2.68
N VAL A 59 -1.67 11.83 1.70
CA VAL A 59 -0.40 11.17 1.95
C VAL A 59 0.52 12.09 2.73
N ILE A 60 0.62 13.32 2.24
CA ILE A 60 1.51 14.31 2.83
C ILE A 60 1.04 14.76 4.21
N ARG A 61 -0.27 14.87 4.41
CA ARG A 61 -0.83 15.29 5.70
C ARG A 61 -0.93 14.12 6.68
N GLU A 62 -1.71 13.12 6.28
CA GLU A 62 -2.21 12.09 7.19
C GLU A 62 -1.26 10.92 7.33
N HIS A 63 0.01 11.11 7.02
CA HIS A 63 1.03 10.07 7.19
C HIS A 63 0.96 9.53 8.63
N ALA A 64 1.19 10.43 9.60
CA ALA A 64 1.22 10.07 11.01
C ALA A 64 -0.13 9.55 11.49
N THR A 65 -1.19 10.29 11.20
CA THR A 65 -2.52 9.98 11.67
C THR A 65 -3.00 8.64 11.11
N LEU A 66 -2.67 8.37 9.85
CA LEU A 66 -3.02 7.10 9.22
C LEU A 66 -2.24 5.98 9.91
N ALA A 67 -0.95 6.20 10.14
CA ALA A 67 -0.12 5.25 10.86
C ALA A 67 -0.74 4.89 12.21
N GLU A 68 -1.25 5.90 12.90
CA GLU A 68 -1.90 5.71 14.20
C GLU A 68 -3.31 5.12 14.04
N ALA A 69 -3.98 5.48 12.95
CA ALA A 69 -5.39 5.15 12.73
C ALA A 69 -5.63 3.64 12.66
N ILE A 70 -4.55 2.87 12.44
CA ILE A 70 -4.65 1.42 12.34
C ILE A 70 -5.07 0.80 13.68
N SER A 71 -4.69 1.46 14.79
CA SER A 71 -4.89 0.88 16.13
C SER A 71 -6.38 0.83 16.52
N PRO A 72 -7.15 1.94 16.38
CA PRO A 72 -8.58 1.96 16.72
C PRO A 72 -9.45 1.24 15.70
N SER A 73 -8.82 0.73 14.64
CA SER A 73 -9.53 -0.01 13.61
C SER A 73 -9.68 -1.49 14.01
N LEU A 74 -9.02 -1.87 15.10
CA LEU A 74 -9.08 -3.23 15.63
C LEU A 74 -9.36 -3.21 17.13
N ASP A 75 -9.72 -4.37 17.66
CA ASP A 75 -9.90 -4.57 19.10
C ASP A 75 -8.56 -4.98 19.71
N ARG A 76 -7.48 -4.51 19.10
CA ARG A 76 -6.12 -4.91 19.43
C ARG A 76 -5.18 -3.72 19.26
N PRO A 77 -3.98 -3.75 19.86
CA PRO A 77 -3.03 -2.63 19.80
C PRO A 77 -2.47 -2.40 18.40
N ILE A 78 -1.93 -1.20 18.19
CA ILE A 78 -1.29 -0.81 16.93
C ILE A 78 -0.14 -1.76 16.56
N ASP A 79 0.34 -2.51 17.55
CA ASP A 79 1.47 -3.42 17.37
C ASP A 79 1.05 -4.75 16.74
N GLN A 80 -0.19 -4.83 16.25
CA GLN A 80 -0.70 -6.01 15.56
C GLN A 80 0.34 -6.55 14.57
N LEU A 81 0.59 -5.78 13.51
CA LEU A 81 1.63 -6.13 12.55
C LEU A 81 2.94 -5.44 12.94
N SER A 82 4.05 -6.06 12.58
CA SER A 82 5.37 -5.52 12.87
C SER A 82 5.47 -4.07 12.37
N PRO A 83 6.12 -3.17 13.13
CA PRO A 83 6.21 -1.74 12.81
C PRO A 83 6.56 -1.49 11.34
N VAL A 84 7.44 -2.33 10.79
CA VAL A 84 7.85 -2.21 9.39
C VAL A 84 6.68 -2.52 8.47
N GLU A 85 6.00 -3.64 8.71
CA GLU A 85 4.89 -4.08 7.88
C GLU A 85 3.75 -3.09 7.96
N ARG A 86 3.53 -2.56 9.16
CA ARG A 86 2.46 -1.60 9.41
C ARG A 86 2.71 -0.31 8.64
N ALA A 87 3.87 0.30 8.91
CA ALA A 87 4.23 1.57 8.29
C ALA A 87 4.20 1.47 6.77
N VAL A 88 4.77 0.39 6.24
CA VAL A 88 4.80 0.18 4.80
C VAL A 88 3.39 -0.02 4.25
N LEU A 89 2.64 -0.97 4.81
CA LEU A 89 1.30 -1.29 4.30
C LEU A 89 0.46 -0.01 4.20
N LEU A 90 0.43 0.74 5.29
CA LEU A 90 -0.42 1.93 5.37
C LEU A 90 -0.01 3.00 4.36
N ILE A 91 1.26 3.43 4.43
CA ILE A 91 1.75 4.50 3.57
C ILE A 91 1.72 4.07 2.10
N ALA A 92 2.18 2.85 1.85
CA ALA A 92 2.22 2.30 0.49
C ALA A 92 0.82 2.26 -0.12
N THR A 93 -0.17 1.84 0.68
CA THR A 93 -1.54 1.79 0.20
C THR A 93 -2.07 3.19 -0.13
N TYR A 94 -1.90 4.12 0.81
CA TYR A 94 -2.40 5.48 0.63
C TYR A 94 -1.81 6.09 -0.65
N GLU A 95 -0.50 6.01 -0.81
CA GLU A 95 0.13 6.60 -1.98
C GLU A 95 -0.21 5.80 -3.23
N LEU A 96 -0.20 4.47 -3.14
CA LEU A 96 -0.50 3.62 -4.29
C LEU A 96 -1.86 3.97 -4.87
N THR A 97 -2.79 4.38 -4.01
CA THR A 97 -4.11 4.80 -4.47
C THR A 97 -3.98 5.86 -5.58
N HIS A 98 -2.97 6.72 -5.48
CA HIS A 98 -2.74 7.78 -6.48
C HIS A 98 -1.46 7.50 -7.28
N GLN A 99 -0.87 6.33 -7.06
CA GLN A 99 0.39 5.95 -7.69
C GLN A 99 0.24 4.63 -8.46
N ILE A 100 -1.00 4.28 -8.79
CA ILE A 100 -1.31 3.01 -9.45
C ILE A 100 -0.47 2.78 -10.72
N GLU A 101 -0.13 3.87 -11.42
CA GLU A 101 0.67 3.77 -12.65
C GLU A 101 2.14 4.09 -12.35
N THR A 102 2.37 4.83 -11.28
CA THR A 102 3.71 5.27 -10.88
C THR A 102 4.64 4.06 -10.66
N PRO A 103 5.93 4.18 -11.04
CA PRO A 103 6.91 3.10 -10.85
C PRO A 103 6.99 2.62 -9.40
N TYR A 104 6.67 1.34 -9.20
CA TYR A 104 6.76 0.72 -7.89
C TYR A 104 8.17 0.87 -7.32
N ARG A 105 9.15 1.16 -8.19
CA ARG A 105 10.52 1.43 -7.75
C ARG A 105 10.54 2.55 -6.71
N VAL A 106 9.87 3.66 -7.02
CA VAL A 106 9.86 4.80 -6.13
C VAL A 106 9.06 4.48 -4.87
N ILE A 107 7.94 3.78 -5.04
CA ILE A 107 7.10 3.41 -3.90
C ILE A 107 7.86 2.48 -2.94
N ILE A 108 8.59 1.51 -3.51
CA ILE A 108 9.40 0.60 -2.72
C ILE A 108 10.51 1.36 -2.02
N ASN A 109 11.10 2.32 -2.73
CA ASN A 109 12.16 3.18 -2.17
C ASN A 109 11.66 3.85 -0.89
N GLU A 110 10.50 4.50 -0.99
CA GLU A 110 9.85 5.09 0.18
C GLU A 110 9.66 4.05 1.28
N ALA A 111 9.08 2.92 0.91
CA ALA A 111 8.83 1.84 1.85
C ALA A 111 10.12 1.39 2.54
N VAL A 112 11.21 1.39 1.79
CA VAL A 112 12.52 1.00 2.31
C VAL A 112 13.02 2.03 3.31
N GLU A 113 12.79 3.32 3.02
CA GLU A 113 13.21 4.39 3.92
C GLU A 113 12.63 4.17 5.32
N LEU A 114 11.31 3.96 5.37
CA LEU A 114 10.62 3.75 6.65
C LEU A 114 11.03 2.40 7.25
N ALA A 115 11.16 1.39 6.39
CA ALA A 115 11.60 0.07 6.84
C ALA A 115 12.99 0.14 7.45
N LYS A 116 13.79 1.07 6.96
CA LYS A 116 15.15 1.28 7.45
C LYS A 116 15.13 1.79 8.89
N THR A 117 14.35 2.84 9.12
CA THR A 117 14.27 3.45 10.44
C THR A 117 13.46 2.59 11.42
N PHE A 118 12.46 1.86 10.91
CA PHE A 118 11.58 1.06 11.77
C PHE A 118 12.08 -0.38 11.89
N GLY A 119 13.12 -0.73 11.14
CA GLY A 119 13.65 -2.08 11.17
C GLY A 119 15.16 -2.12 11.19
N GLY A 120 15.72 -3.27 10.84
CA GLY A 120 17.16 -3.42 10.77
C GLY A 120 17.62 -3.92 9.41
N SER A 121 18.70 -4.69 9.39
CA SER A 121 19.25 -5.23 8.15
C SER A 121 18.25 -6.21 7.52
N ASP A 122 17.43 -6.82 8.37
CA ASP A 122 16.40 -7.74 7.93
C ASP A 122 15.18 -6.98 7.42
N GLY A 123 14.83 -5.91 8.13
CA GLY A 123 13.61 -5.17 7.88
C GLY A 123 13.50 -4.64 6.46
N TYR A 124 14.48 -3.84 6.04
CA TYR A 124 14.41 -3.15 4.74
C TYR A 124 14.37 -4.16 3.59
N LYS A 125 15.10 -5.25 3.73
CA LYS A 125 15.17 -6.26 2.67
C LYS A 125 13.91 -7.13 2.69
N TYR A 126 13.37 -7.34 3.88
CA TYR A 126 12.14 -8.11 4.06
C TYR A 126 11.01 -7.51 3.24
N VAL A 127 10.77 -6.22 3.44
CA VAL A 127 9.71 -5.53 2.73
C VAL A 127 10.05 -5.36 1.25
N ASN A 128 11.32 -5.08 0.96
CA ASN A 128 11.79 -4.91 -0.40
C ASN A 128 11.48 -6.15 -1.23
N GLY A 129 11.72 -7.31 -0.64
CA GLY A 129 11.50 -8.58 -1.31
C GLY A 129 10.03 -8.81 -1.63
N VAL A 130 9.17 -8.62 -0.65
CA VAL A 130 7.74 -8.91 -0.82
C VAL A 130 7.09 -7.97 -1.83
N LEU A 131 7.46 -6.69 -1.78
CA LEU A 131 6.92 -5.70 -2.72
C LEU A 131 7.40 -6.00 -4.14
N ASP A 132 8.67 -6.41 -4.23
CA ASP A 132 9.28 -6.73 -5.52
C ASP A 132 8.56 -7.90 -6.18
N LYS A 133 8.41 -8.99 -5.43
CA LYS A 133 7.78 -10.20 -5.96
C LYS A 133 6.33 -9.92 -6.38
N LEU A 134 5.64 -9.08 -5.60
CA LEU A 134 4.30 -8.65 -5.95
C LEU A 134 4.34 -7.91 -7.30
N ALA A 135 5.32 -7.03 -7.44
CA ALA A 135 5.50 -6.27 -8.67
C ALA A 135 5.84 -7.19 -9.84
N VAL A 136 6.49 -8.32 -9.55
CA VAL A 136 6.88 -9.27 -10.59
C VAL A 136 5.65 -9.95 -11.21
N LYS A 137 4.59 -10.11 -10.42
CA LYS A 137 3.38 -10.76 -10.93
C LYS A 137 2.38 -9.72 -11.45
N LEU A 138 2.38 -8.52 -10.86
CA LEU A 138 1.46 -7.47 -11.27
C LEU A 138 1.97 -6.69 -12.49
N ARG A 139 3.24 -6.26 -12.44
CA ARG A 139 3.81 -5.42 -13.49
C ARG A 139 5.11 -6.05 -14.03
N PRO A 140 4.98 -7.09 -14.89
CA PRO A 140 6.14 -7.85 -15.40
C PRO A 140 7.03 -7.01 -16.33
N ALA A 141 6.39 -6.17 -17.14
CA ALA A 141 7.12 -5.37 -18.13
C ALA A 141 8.09 -4.41 -17.47
N GLU A 142 7.74 -3.92 -16.28
CA GLU A 142 8.56 -2.95 -15.56
C GLU A 142 9.69 -3.65 -14.80
N THR A 143 9.41 -4.83 -14.26
CA THR A 143 10.42 -5.57 -13.51
C THR A 143 11.64 -5.86 -14.37
N GLN A 144 11.38 -6.31 -15.60
CA GLN A 144 12.45 -6.59 -16.55
C GLN A 144 13.11 -5.29 -17.01
N ALA A 145 12.33 -4.21 -16.96
CA ALA A 145 12.80 -2.91 -17.40
C ALA A 145 13.66 -2.22 -16.34
N ARG A 146 14.93 -2.62 -16.29
CA ARG A 146 15.93 -1.90 -15.50
C ARG A 146 16.93 -1.29 -16.48
N ARG A 147 17.15 0.00 -16.39
CA ARG A 147 17.96 0.71 -17.38
C ARG A 147 18.32 2.11 -16.92
N GLY A 148 19.51 2.55 -17.30
CA GLY A 148 19.87 3.94 -17.16
C GLY A 148 19.70 4.66 -18.48
N ALA A 149 19.57 3.86 -19.54
CA ALA A 149 19.41 4.35 -20.90
C ALA A 149 18.51 3.39 -21.67
N GLY A 1 -22.35 16.47 -5.55
CA GLY A 1 -22.35 15.19 -4.81
C GLY A 1 -21.45 14.16 -5.49
N PRO A 2 -21.69 12.85 -5.24
CA PRO A 2 -20.90 11.77 -5.85
C PRO A 2 -21.09 11.71 -7.37
N GLY A 3 -20.20 12.38 -8.09
CA GLY A 3 -20.26 12.39 -9.55
C GLY A 3 -19.79 11.09 -10.16
N SER A 4 -20.37 10.73 -11.29
CA SER A 4 -20.00 9.52 -12.01
C SER A 4 -18.92 9.83 -13.05
N MET A 5 -17.69 9.41 -12.77
CA MET A 5 -16.57 9.65 -13.66
C MET A 5 -16.59 8.66 -14.83
N LYS A 6 -16.01 9.06 -15.95
CA LYS A 6 -15.92 8.21 -17.14
C LYS A 6 -14.96 7.06 -16.87
N LYS A 7 -13.98 7.30 -16.02
CA LYS A 7 -13.08 6.27 -15.55
C LYS A 7 -13.68 5.62 -14.31
N SER A 8 -13.62 4.30 -14.20
CA SER A 8 -14.28 3.62 -13.10
C SER A 8 -13.51 3.81 -11.79
N ALA A 9 -14.23 4.12 -10.73
CA ALA A 9 -13.65 4.30 -9.40
C ALA A 9 -13.20 2.96 -8.83
N ARG A 10 -14.04 1.94 -9.06
CA ARG A 10 -13.84 0.59 -8.53
C ARG A 10 -12.46 0.06 -8.91
N ARG A 11 -11.92 0.56 -10.02
CA ARG A 11 -10.60 0.17 -10.49
C ARG A 11 -9.53 0.47 -9.44
N GLN A 12 -9.54 1.70 -8.93
CA GLN A 12 -8.52 2.17 -7.99
C GLN A 12 -8.61 1.39 -6.68
N SER A 13 -9.83 1.01 -6.32
CA SER A 13 -10.09 0.25 -5.10
C SER A 13 -9.39 -1.11 -5.17
N ARG A 14 -9.25 -1.66 -6.38
CA ARG A 14 -8.65 -2.98 -6.57
C ARG A 14 -7.23 -3.03 -6.01
N GLU A 15 -6.43 -2.01 -6.32
CA GLU A 15 -5.05 -1.92 -5.82
C GLU A 15 -5.04 -1.96 -4.29
N LEU A 16 -5.91 -1.15 -3.68
CA LEU A 16 -5.98 -1.05 -2.22
C LEU A 16 -6.38 -2.39 -1.60
N ALA A 17 -7.29 -3.09 -2.27
CA ALA A 17 -7.80 -4.36 -1.78
C ALA A 17 -6.76 -5.47 -1.92
N THR A 18 -6.13 -5.55 -3.09
CA THR A 18 -5.17 -6.62 -3.38
C THR A 18 -4.00 -6.57 -2.41
N GLN A 19 -3.68 -5.37 -1.91
CA GLN A 19 -2.63 -5.21 -0.92
C GLN A 19 -2.99 -5.96 0.37
N GLY A 20 -4.21 -5.72 0.85
CA GLY A 20 -4.67 -6.38 2.06
C GLY A 20 -4.73 -7.89 1.90
N LEU A 21 -5.34 -8.34 0.80
CA LEU A 21 -5.48 -9.77 0.52
C LEU A 21 -4.10 -10.43 0.37
N TYR A 22 -3.17 -9.73 -0.27
CA TYR A 22 -1.81 -10.25 -0.48
C TYR A 22 -1.09 -10.35 0.87
N GLN A 23 -1.26 -9.33 1.71
CA GLN A 23 -0.68 -9.32 3.04
C GLN A 23 -1.24 -10.49 3.86
N TRP A 24 -2.52 -10.79 3.67
CA TRP A 24 -3.13 -11.92 4.34
C TRP A 24 -2.54 -13.23 3.82
N LEU A 25 -2.33 -13.28 2.51
CA LEU A 25 -1.79 -14.47 1.85
C LEU A 25 -0.42 -14.84 2.42
N LEU A 26 0.37 -13.83 2.78
CA LEU A 26 1.71 -14.04 3.31
C LEU A 26 1.68 -14.16 4.84
N SER A 27 1.19 -13.11 5.49
CA SER A 27 1.21 -13.01 6.94
C SER A 27 0.25 -14.00 7.59
N ASN A 28 -0.94 -14.14 7.00
CA ASN A 28 -1.99 -15.04 7.51
C ASN A 28 -2.45 -14.61 8.91
N ALA A 29 -2.12 -13.37 9.29
CA ALA A 29 -2.48 -12.83 10.61
C ALA A 29 -3.97 -13.00 10.87
N ALA A 30 -4.78 -12.12 10.26
CA ALA A 30 -6.23 -12.25 10.27
C ALA A 30 -6.86 -11.17 9.40
N PRO A 31 -7.98 -11.48 8.72
CA PRO A 31 -8.69 -10.51 7.88
C PRO A 31 -9.10 -9.28 8.68
N GLY A 32 -9.47 -9.49 9.93
CA GLY A 32 -9.87 -8.40 10.81
C GLY A 32 -8.72 -7.47 11.13
N GLU A 33 -7.57 -8.05 11.46
CA GLU A 33 -6.36 -7.26 11.75
C GLU A 33 -5.97 -6.39 10.57
N ILE A 34 -6.05 -6.96 9.37
CA ILE A 34 -5.67 -6.25 8.15
C ILE A 34 -6.77 -5.23 7.78
N ASP A 35 -8.01 -5.62 8.01
CA ASP A 35 -9.16 -4.73 7.82
C ASP A 35 -8.98 -3.46 8.66
N ALA A 36 -8.34 -3.62 9.81
CA ALA A 36 -8.16 -2.53 10.76
C ALA A 36 -7.32 -1.42 10.15
N GLN A 37 -6.38 -1.80 9.28
CA GLN A 37 -5.52 -0.85 8.59
C GLN A 37 -6.36 0.09 7.73
N LEU A 38 -7.32 -0.49 7.01
CA LEU A 38 -8.19 0.28 6.11
C LEU A 38 -9.36 0.89 6.88
N ARG A 39 -9.51 0.49 8.14
CA ARG A 39 -10.61 0.97 8.98
C ARG A 39 -10.57 2.50 9.10
N GLY A 40 -9.35 3.04 9.04
CA GLY A 40 -9.16 4.47 9.12
C GLY A 40 -9.21 5.16 7.77
N ALA A 41 -9.01 4.38 6.70
CA ALA A 41 -8.99 4.92 5.35
C ALA A 41 -10.13 4.36 4.50
N LEU A 42 -11.25 5.07 4.49
CA LEU A 42 -12.41 4.65 3.71
C LEU A 42 -12.09 4.73 2.22
N GLY A 43 -12.06 3.57 1.56
CA GLY A 43 -11.67 3.49 0.16
C GLY A 43 -12.64 4.21 -0.76
N TYR A 44 -13.91 4.24 -0.37
CA TYR A 44 -14.98 4.85 -1.19
C TYR A 44 -14.59 6.24 -1.68
N ASP A 45 -14.29 7.12 -0.73
CA ASP A 45 -13.97 8.53 -1.03
C ASP A 45 -12.56 8.67 -1.59
N LYS A 46 -11.80 7.58 -1.60
CA LYS A 46 -10.42 7.61 -2.07
C LYS A 46 -10.23 6.68 -3.27
N ALA A 47 -11.31 6.44 -4.00
CA ALA A 47 -11.27 5.55 -5.16
C ALA A 47 -11.67 6.29 -6.44
N ASP A 48 -10.64 6.85 -7.12
CA ASP A 48 -10.77 7.39 -8.48
C ASP A 48 -9.54 8.24 -8.83
N LYS A 49 -9.17 8.20 -10.11
CA LYS A 49 -7.98 8.93 -10.59
C LYS A 49 -8.19 10.44 -10.46
N THR A 50 -9.40 10.91 -10.74
CA THR A 50 -9.70 12.33 -10.65
C THR A 50 -9.69 12.79 -9.18
N LEU A 51 -9.99 11.83 -8.30
CA LEU A 51 -9.99 12.08 -6.86
C LEU A 51 -8.56 12.20 -6.31
N LEU A 52 -7.58 11.61 -6.99
CA LEU A 52 -6.19 11.60 -6.48
C LEU A 52 -5.77 12.99 -6.01
N ASP A 53 -6.24 14.03 -6.72
CA ASP A 53 -5.96 15.42 -6.35
C ASP A 53 -6.21 15.69 -4.87
N THR A 54 -7.38 15.33 -4.38
CA THR A 54 -7.71 15.54 -2.98
C THR A 54 -6.96 14.52 -2.11
N ILE A 55 -6.77 13.33 -2.65
CA ILE A 55 -6.09 12.24 -1.94
C ILE A 55 -4.63 12.58 -1.66
N LEU A 56 -3.98 13.31 -2.57
CA LEU A 56 -2.57 13.65 -2.40
C LEU A 56 -2.42 14.66 -1.26
N HIS A 57 -3.37 15.59 -1.16
CA HIS A 57 -3.41 16.49 -0.01
C HIS A 57 -3.65 15.68 1.24
N GLY A 58 -4.49 14.66 1.10
CA GLY A 58 -4.80 13.76 2.20
C GLY A 58 -3.59 12.98 2.67
N VAL A 59 -2.75 12.52 1.73
CA VAL A 59 -1.57 11.73 2.09
C VAL A 59 -0.50 12.64 2.69
N ILE A 60 -0.39 13.86 2.18
CA ILE A 60 0.58 14.82 2.70
C ILE A 60 0.21 15.23 4.14
N ARG A 61 -1.09 15.44 4.37
CA ARG A 61 -1.58 15.88 5.67
C ARG A 61 -1.78 14.71 6.64
N GLU A 62 -2.63 13.76 6.26
CA GLU A 62 -3.10 12.72 7.17
C GLU A 62 -2.03 11.67 7.49
N HIS A 63 -0.98 11.57 6.68
CA HIS A 63 -0.07 10.39 6.68
C HIS A 63 0.23 9.86 8.10
N ALA A 64 0.83 10.69 8.92
CA ALA A 64 1.19 10.32 10.29
C ALA A 64 -0.04 9.91 11.10
N THR A 65 -1.05 10.78 11.10
CA THR A 65 -2.29 10.54 11.83
C THR A 65 -2.96 9.26 11.35
N LEU A 66 -2.77 8.94 10.07
CA LEU A 66 -3.34 7.76 9.45
C LEU A 66 -2.68 6.52 10.04
N ALA A 67 -1.34 6.54 10.09
CA ALA A 67 -0.61 5.44 10.72
C ALA A 67 -1.02 5.28 12.18
N GLU A 68 -1.26 6.39 12.84
CA GLU A 68 -1.69 6.41 14.25
C GLU A 68 -3.17 6.03 14.39
N ALA A 69 -3.96 6.30 13.35
CA ALA A 69 -5.42 6.11 13.40
C ALA A 69 -5.82 4.63 13.49
N ILE A 70 -4.88 3.74 13.18
CA ILE A 70 -5.14 2.30 13.24
C ILE A 70 -4.99 1.78 14.68
N SER A 71 -4.33 2.57 15.52
CA SER A 71 -4.06 2.17 16.91
C SER A 71 -5.36 1.90 17.69
N PRO A 72 -6.35 2.84 17.66
CA PRO A 72 -7.62 2.65 18.38
C PRO A 72 -8.59 1.73 17.64
N SER A 73 -8.20 1.25 16.46
CA SER A 73 -9.04 0.34 15.69
C SER A 73 -9.20 -0.99 16.42
N LEU A 74 -8.19 -1.35 17.21
CA LEU A 74 -8.20 -2.60 17.95
C LEU A 74 -8.32 -2.33 19.45
N ASP A 75 -8.85 -3.30 20.17
CA ASP A 75 -8.87 -3.23 21.64
C ASP A 75 -7.46 -3.49 22.17
N ARG A 76 -6.66 -4.14 21.35
CA ARG A 76 -5.26 -4.41 21.68
C ARG A 76 -4.38 -3.31 21.08
N PRO A 77 -3.09 -3.23 21.47
CA PRO A 77 -2.16 -2.22 20.93
C PRO A 77 -1.95 -2.33 19.41
N ILE A 78 -1.33 -1.31 18.83
CA ILE A 78 -1.09 -1.23 17.39
C ILE A 78 -0.13 -2.33 16.92
N ASP A 79 0.47 -3.03 17.89
CA ASP A 79 1.44 -4.10 17.61
C ASP A 79 0.74 -5.40 17.16
N GLN A 80 -0.59 -5.35 16.97
CA GLN A 80 -1.34 -6.50 16.46
C GLN A 80 -0.68 -7.06 15.20
N LEU A 81 -0.42 -6.18 14.25
CA LEU A 81 0.36 -6.51 13.07
C LEU A 81 1.77 -5.95 13.25
N SER A 82 2.78 -6.77 12.97
CA SER A 82 4.18 -6.40 13.21
C SER A 82 4.48 -4.99 12.68
N PRO A 83 5.14 -4.14 13.49
CA PRO A 83 5.43 -2.74 13.15
C PRO A 83 5.84 -2.56 11.69
N VAL A 84 6.79 -3.39 11.24
CA VAL A 84 7.28 -3.33 9.86
C VAL A 84 6.14 -3.64 8.88
N GLU A 85 5.40 -4.72 9.14
CA GLU A 85 4.34 -5.18 8.25
C GLU A 85 3.22 -4.15 8.13
N ARG A 86 2.76 -3.62 9.26
CA ARG A 86 1.69 -2.62 9.26
C ARG A 86 2.17 -1.29 8.67
N ALA A 87 3.43 -0.96 8.91
CA ALA A 87 4.03 0.26 8.35
C ALA A 87 4.02 0.19 6.82
N VAL A 88 4.56 -0.91 6.30
CA VAL A 88 4.60 -1.13 4.87
C VAL A 88 3.19 -1.12 4.28
N LEU A 89 2.33 -2.00 4.78
CA LEU A 89 0.99 -2.17 4.24
C LEU A 89 0.22 -0.85 4.21
N LEU A 90 0.20 -0.15 5.34
CA LEU A 90 -0.65 1.03 5.50
C LEU A 90 -0.12 2.19 4.66
N ILE A 91 1.14 2.54 4.87
CA ILE A 91 1.76 3.63 4.14
C ILE A 91 1.69 3.37 2.63
N ALA A 92 2.10 2.16 2.23
CA ALA A 92 2.08 1.78 0.82
C ALA A 92 0.66 1.85 0.25
N THR A 93 -0.34 1.51 1.07
CA THR A 93 -1.72 1.59 0.62
C THR A 93 -2.10 3.03 0.32
N TYR A 94 -1.84 3.95 1.27
CA TYR A 94 -2.18 5.36 1.04
C TYR A 94 -1.36 5.94 -0.12
N GLU A 95 -0.12 5.46 -0.30
CA GLU A 95 0.69 5.90 -1.42
C GLU A 95 0.02 5.52 -2.73
N LEU A 96 -0.29 4.24 -2.90
CA LEU A 96 -0.96 3.77 -4.10
C LEU A 96 -2.28 4.49 -4.31
N THR A 97 -2.97 4.83 -3.23
CA THR A 97 -4.24 5.55 -3.30
C THR A 97 -4.11 6.83 -4.14
N HIS A 98 -2.92 7.45 -4.12
CA HIS A 98 -2.68 8.67 -4.88
C HIS A 98 -1.55 8.48 -5.89
N GLN A 99 -1.12 7.23 -6.08
CA GLN A 99 0.01 6.91 -6.96
C GLN A 99 -0.25 5.60 -7.72
N ILE A 100 -1.50 5.37 -8.13
CA ILE A 100 -1.89 4.12 -8.77
C ILE A 100 -1.07 3.87 -10.05
N GLU A 101 -0.79 4.94 -10.77
CA GLU A 101 -0.06 4.85 -12.04
C GLU A 101 1.34 5.44 -11.93
N THR A 102 1.76 5.67 -10.68
CA THR A 102 3.07 6.23 -10.39
C THR A 102 4.13 5.12 -10.39
N PRO A 103 5.35 5.39 -10.90
CA PRO A 103 6.43 4.41 -10.97
C PRO A 103 6.63 3.64 -9.66
N TYR A 104 6.47 2.33 -9.76
CA TYR A 104 6.69 1.41 -8.63
C TYR A 104 8.05 1.68 -7.98
N ARG A 105 8.97 2.26 -8.75
CA ARG A 105 10.32 2.57 -8.26
C ARG A 105 10.24 3.41 -6.98
N VAL A 106 9.49 4.51 -7.06
CA VAL A 106 9.40 5.46 -5.96
C VAL A 106 8.53 4.91 -4.83
N ILE A 107 7.51 4.15 -5.18
CA ILE A 107 6.60 3.59 -4.18
C ILE A 107 7.29 2.48 -3.38
N ILE A 108 7.95 1.57 -4.09
CA ILE A 108 8.72 0.51 -3.45
C ILE A 108 9.83 1.13 -2.60
N ASN A 109 10.56 2.08 -3.18
CA ASN A 109 11.60 2.80 -2.45
C ASN A 109 11.05 3.39 -1.16
N GLU A 110 9.87 4.01 -1.28
CA GLU A 110 9.18 4.63 -0.14
C GLU A 110 8.97 3.60 0.97
N ALA A 111 8.32 2.49 0.62
CA ALA A 111 8.00 1.44 1.59
C ALA A 111 9.26 0.88 2.23
N VAL A 112 10.28 0.66 1.40
CA VAL A 112 11.54 0.08 1.84
C VAL A 112 12.25 1.01 2.84
N GLU A 113 12.15 2.32 2.61
CA GLU A 113 12.76 3.28 3.53
C GLU A 113 12.21 3.12 4.94
N LEU A 114 10.89 3.26 5.08
CA LEU A 114 10.27 3.20 6.40
C LEU A 114 10.42 1.80 7.00
N ALA A 115 10.34 0.77 6.15
CA ALA A 115 10.57 -0.60 6.60
C ALA A 115 11.97 -0.74 7.19
N LYS A 116 12.93 -0.13 6.49
CA LYS A 116 14.33 -0.13 6.93
C LYS A 116 14.49 0.65 8.23
N THR A 117 13.64 1.65 8.44
CA THR A 117 13.65 2.43 9.66
C THR A 117 13.08 1.64 10.84
N PHE A 118 12.14 0.75 10.56
CA PHE A 118 11.50 -0.05 11.61
C PHE A 118 12.11 -1.46 11.71
N GLY A 119 12.90 -1.82 10.71
CA GLY A 119 13.53 -3.13 10.68
C GLY A 119 14.79 -3.13 9.82
N GLY A 120 15.83 -3.79 10.28
CA GLY A 120 17.12 -3.73 9.61
C GLY A 120 17.20 -4.62 8.39
N SER A 121 18.22 -5.48 8.33
CA SER A 121 18.49 -6.30 7.16
C SER A 121 17.26 -7.11 6.73
N ASP A 122 16.50 -7.57 7.72
CA ASP A 122 15.30 -8.36 7.46
C ASP A 122 14.20 -7.47 6.88
N GLY A 123 14.03 -6.29 7.47
CA GLY A 123 12.92 -5.43 7.14
C GLY A 123 12.92 -4.97 5.69
N TYR A 124 13.95 -4.20 5.31
CA TYR A 124 13.98 -3.59 3.99
C TYR A 124 14.05 -4.65 2.88
N LYS A 125 14.76 -5.75 3.17
CA LYS A 125 14.95 -6.81 2.20
C LYS A 125 13.65 -7.58 1.97
N TYR A 126 12.95 -7.85 3.07
CA TYR A 126 11.68 -8.56 3.03
C TYR A 126 10.67 -7.82 2.17
N VAL A 127 10.51 -6.53 2.45
CA VAL A 127 9.56 -5.70 1.72
C VAL A 127 9.98 -5.55 0.26
N ASN A 128 11.29 -5.42 0.03
CA ASN A 128 11.83 -5.38 -1.34
C ASN A 128 11.37 -6.60 -2.12
N GLY A 129 11.50 -7.76 -1.49
CA GLY A 129 11.13 -9.01 -2.12
C GLY A 129 9.65 -9.08 -2.47
N VAL A 130 8.79 -8.87 -1.47
CA VAL A 130 7.35 -9.03 -1.65
C VAL A 130 6.77 -8.05 -2.68
N LEU A 131 7.25 -6.80 -2.65
CA LEU A 131 6.77 -5.78 -3.60
C LEU A 131 7.23 -6.10 -5.01
N ASP A 132 8.49 -6.54 -5.12
CA ASP A 132 9.07 -6.90 -6.41
C ASP A 132 8.27 -8.01 -7.07
N LYS A 133 7.94 -9.04 -6.30
CA LYS A 133 7.18 -10.18 -6.82
C LYS A 133 5.87 -9.74 -7.45
N LEU A 134 5.27 -8.68 -6.91
CA LEU A 134 4.04 -8.13 -7.46
C LEU A 134 4.31 -7.42 -8.78
N ALA A 135 5.28 -6.51 -8.74
CA ALA A 135 5.63 -5.72 -9.91
C ALA A 135 6.09 -6.61 -11.07
N VAL A 136 6.74 -7.72 -10.73
CA VAL A 136 7.26 -8.66 -11.73
C VAL A 136 6.13 -9.47 -12.37
N LYS A 137 5.07 -9.73 -11.61
CA LYS A 137 3.95 -10.52 -12.16
C LYS A 137 3.03 -9.62 -12.98
N LEU A 138 2.88 -8.36 -12.58
CA LEU A 138 2.04 -7.44 -13.37
C LEU A 138 2.76 -7.01 -14.65
N ARG A 139 4.02 -6.58 -14.55
CA ARG A 139 4.81 -6.18 -15.74
C ARG A 139 6.30 -6.40 -15.48
N PRO A 140 6.82 -7.60 -15.78
CA PRO A 140 8.23 -7.95 -15.54
C PRO A 140 9.19 -7.13 -16.39
N ALA A 141 8.71 -6.66 -17.54
CA ALA A 141 9.52 -5.84 -18.44
C ALA A 141 9.97 -4.57 -17.75
N GLU A 142 9.17 -4.10 -16.80
CA GLU A 142 9.48 -2.88 -16.07
C GLU A 142 10.53 -3.15 -15.01
N THR A 143 10.28 -4.14 -14.15
CA THR A 143 11.15 -4.45 -13.04
C THR A 143 12.55 -4.80 -13.52
N GLN A 144 12.62 -5.69 -14.50
CA GLN A 144 13.88 -6.14 -15.06
C GLN A 144 14.56 -4.99 -15.81
N ALA A 145 13.92 -4.52 -16.88
CA ALA A 145 14.45 -3.42 -17.69
C ALA A 145 15.91 -3.67 -18.07
N ARG A 146 16.26 -4.95 -18.21
CA ARG A 146 17.64 -5.36 -18.51
C ARG A 146 17.94 -5.10 -19.98
N ARG A 147 19.21 -5.26 -20.36
CA ARG A 147 19.62 -5.05 -21.75
C ARG A 147 18.96 -6.10 -22.65
N GLY A 148 17.89 -5.71 -23.33
CA GLY A 148 17.17 -6.61 -24.21
C GLY A 148 16.47 -7.72 -23.46
N ALA A 149 17.22 -8.74 -23.09
CA ALA A 149 16.68 -9.89 -22.39
C ALA A 149 17.40 -10.08 -21.06
N GLY A 1 -14.08 19.43 -10.52
CA GLY A 1 -14.30 18.51 -11.66
C GLY A 1 -14.91 17.19 -11.22
N PRO A 2 -16.25 17.10 -11.14
CA PRO A 2 -16.93 15.88 -10.69
C PRO A 2 -16.92 14.77 -11.75
N GLY A 3 -15.87 13.96 -11.74
CA GLY A 3 -15.82 12.78 -12.59
C GLY A 3 -15.04 12.99 -13.87
N SER A 4 -14.44 11.90 -14.35
CA SER A 4 -13.66 11.90 -15.59
C SER A 4 -13.50 10.46 -16.07
N MET A 5 -13.55 10.22 -17.37
CA MET A 5 -13.45 8.87 -17.90
C MET A 5 -12.22 8.70 -18.80
N LYS A 6 -11.26 7.92 -18.30
CA LYS A 6 -10.07 7.53 -19.05
C LYS A 6 -9.73 6.10 -18.65
N LYS A 7 -9.57 5.89 -17.35
CA LYS A 7 -9.43 4.58 -16.77
C LYS A 7 -10.56 4.36 -15.77
N SER A 8 -11.11 3.15 -15.73
CA SER A 8 -12.25 2.84 -14.86
C SER A 8 -11.87 2.89 -13.38
N ALA A 9 -12.75 3.50 -12.59
CA ALA A 9 -12.51 3.75 -11.17
C ALA A 9 -12.30 2.45 -10.39
N ARG A 10 -12.96 1.39 -10.84
CA ARG A 10 -12.93 0.10 -10.15
C ARG A 10 -11.50 -0.40 -9.95
N ARG A 11 -10.57 0.03 -10.81
CA ARG A 11 -9.17 -0.36 -10.69
C ARG A 11 -8.63 -0.05 -9.29
N GLN A 12 -8.88 1.18 -8.82
CA GLN A 12 -8.34 1.65 -7.55
C GLN A 12 -8.78 0.73 -6.40
N SER A 13 -10.07 0.41 -6.38
CA SER A 13 -10.61 -0.53 -5.40
C SER A 13 -9.83 -1.84 -5.39
N ARG A 14 -9.53 -2.35 -6.58
CA ARG A 14 -8.88 -3.66 -6.72
C ARG A 14 -7.41 -3.61 -6.28
N GLU A 15 -6.69 -2.58 -6.72
CA GLU A 15 -5.25 -2.46 -6.42
C GLU A 15 -5.02 -2.27 -4.92
N LEU A 16 -5.97 -1.61 -4.25
CA LEU A 16 -5.92 -1.46 -2.79
C LEU A 16 -6.20 -2.79 -2.09
N ALA A 17 -7.24 -3.48 -2.54
CA ALA A 17 -7.68 -4.72 -1.91
C ALA A 17 -6.63 -5.83 -2.03
N THR A 18 -6.05 -5.97 -3.21
CA THR A 18 -5.09 -7.03 -3.50
C THR A 18 -3.92 -7.00 -2.51
N GLN A 19 -3.59 -5.81 -2.01
CA GLN A 19 -2.53 -5.64 -1.02
C GLN A 19 -2.88 -6.42 0.24
N GLY A 20 -4.09 -6.18 0.74
CA GLY A 20 -4.55 -6.88 1.93
C GLY A 20 -4.65 -8.38 1.71
N LEU A 21 -5.20 -8.77 0.56
CA LEU A 21 -5.32 -10.18 0.20
C LEU A 21 -3.95 -10.85 0.17
N TYR A 22 -2.94 -10.13 -0.34
CA TYR A 22 -1.58 -10.66 -0.42
C TYR A 22 -0.99 -10.83 0.98
N GLN A 23 -1.15 -9.81 1.82
CA GLN A 23 -0.64 -9.85 3.18
C GLN A 23 -1.27 -11.00 3.96
N TRP A 24 -2.53 -11.28 3.64
CA TRP A 24 -3.25 -12.39 4.26
C TRP A 24 -2.64 -13.72 3.82
N LEU A 25 -2.49 -13.87 2.50
CA LEU A 25 -1.92 -15.08 1.92
C LEU A 25 -0.48 -15.29 2.37
N LEU A 26 0.24 -14.18 2.56
CA LEU A 26 1.66 -14.22 2.89
C LEU A 26 1.88 -14.49 4.38
N SER A 27 1.34 -13.60 5.22
CA SER A 27 1.59 -13.64 6.66
C SER A 27 0.58 -14.52 7.41
N ASN A 28 -0.54 -14.84 6.75
CA ASN A 28 -1.55 -15.73 7.34
C ASN A 28 -2.15 -15.11 8.61
N ALA A 29 -2.17 -13.78 8.66
CA ALA A 29 -2.71 -13.06 9.79
C ALA A 29 -4.24 -13.11 9.78
N ALA A 30 -4.86 -12.66 10.86
CA ALA A 30 -6.32 -12.61 10.94
C ALA A 30 -6.86 -11.48 10.08
N PRO A 31 -7.92 -11.74 9.28
CA PRO A 31 -8.51 -10.75 8.38
C PRO A 31 -8.84 -9.42 9.09
N GLY A 32 -9.28 -9.52 10.34
CA GLY A 32 -9.62 -8.33 11.10
C GLY A 32 -8.39 -7.50 11.46
N GLU A 33 -7.27 -8.18 11.65
CA GLU A 33 -6.02 -7.52 11.99
C GLU A 33 -5.44 -6.81 10.77
N ILE A 34 -5.68 -7.38 9.60
CA ILE A 34 -5.28 -6.76 8.34
C ILE A 34 -6.30 -5.70 7.93
N ASP A 35 -7.54 -5.91 8.38
CA ASP A 35 -8.65 -4.99 8.12
C ASP A 35 -8.31 -3.59 8.61
N ALA A 36 -7.65 -3.52 9.77
CA ALA A 36 -7.38 -2.26 10.46
C ALA A 36 -6.67 -1.25 9.54
N GLN A 37 -5.77 -1.75 8.70
CA GLN A 37 -4.97 -0.90 7.82
C GLN A 37 -5.86 -0.19 6.79
N LEU A 38 -6.72 -0.96 6.13
CA LEU A 38 -7.62 -0.42 5.11
C LEU A 38 -8.85 0.21 5.75
N ARG A 39 -9.11 -0.20 6.99
CA ARG A 39 -10.26 0.28 7.76
C ARG A 39 -10.19 1.78 7.97
N GLY A 40 -8.97 2.31 7.97
CA GLY A 40 -8.77 3.74 8.09
C GLY A 40 -9.28 4.48 6.88
N ALA A 41 -9.08 3.90 5.69
CA ALA A 41 -9.49 4.52 4.44
C ALA A 41 -10.54 3.67 3.72
N LEU A 42 -11.81 3.95 4.00
CA LEU A 42 -12.91 3.33 3.26
C LEU A 42 -13.37 4.29 2.17
N GLY A 43 -13.36 3.85 0.93
CA GLY A 43 -13.77 4.71 -0.14
C GLY A 43 -13.89 4.04 -1.50
N TYR A 44 -14.91 3.19 -1.66
CA TYR A 44 -15.31 2.75 -2.97
C TYR A 44 -15.65 3.96 -3.83
N ASP A 45 -16.10 5.02 -3.16
CA ASP A 45 -16.43 6.29 -3.81
C ASP A 45 -15.19 7.16 -3.99
N LYS A 46 -14.09 6.74 -3.37
CA LYS A 46 -12.82 7.47 -3.46
C LYS A 46 -11.87 6.74 -4.41
N ALA A 47 -12.24 5.50 -4.76
CA ALA A 47 -11.49 4.71 -5.70
C ALA A 47 -11.65 5.26 -7.11
N ASP A 48 -10.83 6.26 -7.44
CA ASP A 48 -10.86 6.90 -8.76
C ASP A 48 -9.74 7.93 -8.87
N LYS A 49 -9.13 8.01 -10.05
CA LYS A 49 -7.98 8.90 -10.30
C LYS A 49 -8.28 10.36 -9.93
N THR A 50 -9.52 10.80 -10.10
CA THR A 50 -9.89 12.19 -9.85
C THR A 50 -9.73 12.55 -8.37
N LEU A 51 -9.91 11.55 -7.51
CA LEU A 51 -9.87 11.75 -6.07
C LEU A 51 -8.45 12.00 -5.57
N LEU A 52 -7.44 11.53 -6.30
CA LEU A 52 -6.04 11.67 -5.87
C LEU A 52 -5.77 13.10 -5.41
N ASP A 53 -6.39 14.07 -6.09
CA ASP A 53 -6.27 15.49 -5.73
C ASP A 53 -6.52 15.74 -4.25
N THR A 54 -7.67 15.30 -3.74
CA THR A 54 -7.99 15.50 -2.33
C THR A 54 -7.11 14.61 -1.45
N ILE A 55 -6.79 13.43 -1.96
CA ILE A 55 -5.99 12.45 -1.21
C ILE A 55 -4.55 12.92 -1.05
N LEU A 56 -4.05 13.73 -1.99
CA LEU A 56 -2.69 14.26 -1.89
C LEU A 56 -2.64 15.38 -0.87
N HIS A 57 -3.68 16.23 -0.86
CA HIS A 57 -3.83 17.23 0.20
C HIS A 57 -3.92 16.51 1.54
N GLY A 58 -4.60 15.37 1.52
CA GLY A 58 -4.74 14.54 2.70
C GLY A 58 -3.41 13.95 3.15
N VAL A 59 -2.60 13.49 2.20
CA VAL A 59 -1.31 12.88 2.55
C VAL A 59 -0.34 13.95 3.06
N ILE A 60 -0.49 15.17 2.56
CA ILE A 60 0.32 16.29 3.04
C ILE A 60 -0.07 16.64 4.48
N ARG A 61 -1.37 16.83 4.72
CA ARG A 61 -1.86 17.28 6.03
C ARG A 61 -1.94 16.13 7.04
N GLU A 62 -2.74 15.13 6.71
CA GLU A 62 -3.22 14.13 7.68
C GLU A 62 -2.52 12.77 7.53
N HIS A 63 -1.29 12.76 7.06
CA HIS A 63 -0.53 11.50 6.91
C HIS A 63 -0.27 10.88 8.28
N ALA A 64 0.19 11.72 9.22
CA ALA A 64 0.48 11.27 10.58
C ALA A 64 -0.80 10.78 11.27
N THR A 65 -1.88 11.56 11.13
CA THR A 65 -3.14 11.22 11.75
C THR A 65 -3.71 9.94 11.14
N LEU A 66 -3.42 9.71 9.85
CA LEU A 66 -3.76 8.45 9.21
C LEU A 66 -3.04 7.32 9.93
N ALA A 67 -1.73 7.49 10.11
CA ALA A 67 -0.91 6.50 10.81
C ALA A 67 -1.43 6.26 12.24
N GLU A 68 -1.99 7.31 12.86
CA GLU A 68 -2.58 7.20 14.18
C GLU A 68 -3.95 6.50 14.12
N ALA A 69 -4.72 6.80 13.07
CA ALA A 69 -6.11 6.39 12.95
C ALA A 69 -6.28 4.86 12.93
N ILE A 70 -5.20 4.16 12.61
CA ILE A 70 -5.23 2.70 12.55
C ILE A 70 -5.43 2.08 13.94
N SER A 71 -4.85 2.70 14.96
CA SER A 71 -4.84 2.12 16.30
C SER A 71 -6.25 2.04 16.93
N PRO A 72 -7.04 3.15 16.92
CA PRO A 72 -8.39 3.15 17.50
C PRO A 72 -9.43 2.45 16.61
N SER A 73 -8.97 1.79 15.56
CA SER A 73 -9.86 1.06 14.66
C SER A 73 -10.35 -0.22 15.33
N LEU A 74 -9.48 -0.81 16.14
CA LEU A 74 -9.81 -2.04 16.86
C LEU A 74 -9.69 -1.82 18.36
N ASP A 75 -9.91 -2.88 19.14
CA ASP A 75 -9.70 -2.83 20.59
C ASP A 75 -8.21 -2.97 20.88
N ARG A 76 -7.53 -3.73 20.03
CA ARG A 76 -6.09 -3.90 20.12
C ARG A 76 -5.37 -2.79 19.33
N PRO A 77 -4.34 -2.18 19.92
CA PRO A 77 -3.60 -1.07 19.29
C PRO A 77 -2.84 -1.48 18.03
N ILE A 78 -2.21 -0.50 17.40
CA ILE A 78 -1.45 -0.69 16.15
C ILE A 78 -0.36 -1.77 16.27
N ASP A 79 -0.04 -2.15 17.51
CA ASP A 79 1.08 -3.05 17.78
C ASP A 79 0.83 -4.49 17.28
N GLN A 80 -0.39 -4.77 16.81
CA GLN A 80 -0.75 -6.11 16.33
C GLN A 80 0.26 -6.65 15.30
N LEU A 81 0.31 -6.03 14.13
CA LEU A 81 1.21 -6.45 13.06
C LEU A 81 2.63 -5.98 13.36
N SER A 82 3.62 -6.74 12.91
CA SER A 82 5.02 -6.35 13.07
C SER A 82 5.26 -4.95 12.47
N PRO A 83 6.11 -4.14 13.12
CA PRO A 83 6.34 -2.73 12.75
C PRO A 83 6.47 -2.53 11.24
N VAL A 84 7.41 -3.23 10.61
CA VAL A 84 7.67 -3.05 9.19
C VAL A 84 6.48 -3.50 8.35
N GLU A 85 5.78 -4.55 8.77
CA GLU A 85 4.64 -5.07 8.02
C GLU A 85 3.51 -4.04 7.97
N ARG A 86 3.08 -3.58 9.15
CA ARG A 86 2.00 -2.60 9.24
C ARG A 86 2.40 -1.28 8.57
N ALA A 87 3.66 -0.89 8.75
CA ALA A 87 4.17 0.34 8.16
C ALA A 87 4.06 0.30 6.64
N VAL A 88 4.59 -0.77 6.05
CA VAL A 88 4.58 -0.94 4.60
C VAL A 88 3.15 -0.99 4.07
N LEU A 89 2.34 -1.89 4.63
CA LEU A 89 0.96 -2.11 4.15
C LEU A 89 0.15 -0.81 4.20
N LEU A 90 0.16 -0.14 5.35
CA LEU A 90 -0.64 1.07 5.56
C LEU A 90 -0.21 2.19 4.62
N ILE A 91 1.08 2.52 4.65
CA ILE A 91 1.61 3.61 3.82
C ILE A 91 1.47 3.28 2.34
N ALA A 92 1.72 2.02 1.98
CA ALA A 92 1.60 1.59 0.59
C ALA A 92 0.19 1.82 0.08
N THR A 93 -0.81 1.42 0.88
CA THR A 93 -2.20 1.62 0.51
C THR A 93 -2.49 3.11 0.32
N TYR A 94 -2.12 3.91 1.33
CA TYR A 94 -2.36 5.36 1.29
C TYR A 94 -1.76 5.97 0.02
N GLU A 95 -0.48 5.68 -0.24
CA GLU A 95 0.22 6.26 -1.36
C GLU A 95 -0.36 5.79 -2.69
N LEU A 96 -0.51 4.48 -2.84
CA LEU A 96 -1.06 3.91 -4.08
C LEU A 96 -2.42 4.53 -4.41
N THR A 97 -3.23 4.76 -3.39
CA THR A 97 -4.56 5.36 -3.59
C THR A 97 -4.46 6.68 -4.35
N HIS A 98 -3.33 7.38 -4.18
CA HIS A 98 -3.13 8.68 -4.86
C HIS A 98 -1.89 8.63 -5.77
N GLN A 99 -1.40 7.42 -6.06
CA GLN A 99 -0.21 7.24 -6.91
C GLN A 99 -0.40 6.03 -7.83
N ILE A 100 -1.64 5.83 -8.26
CA ILE A 100 -2.02 4.66 -9.07
C ILE A 100 -1.12 4.48 -10.31
N GLU A 101 -0.68 5.58 -10.91
CA GLU A 101 0.16 5.51 -12.12
C GLU A 101 1.58 5.99 -11.83
N THR A 102 1.94 6.07 -10.56
CA THR A 102 3.29 6.45 -10.15
C THR A 102 4.15 5.19 -10.01
N PRO A 103 5.34 5.16 -10.65
CA PRO A 103 6.20 3.97 -10.70
C PRO A 103 6.40 3.33 -9.32
N TYR A 104 5.98 2.06 -9.20
CA TYR A 104 6.16 1.29 -7.97
C TYR A 104 7.61 1.36 -7.51
N ARG A 105 8.53 1.64 -8.44
CA ARG A 105 9.95 1.77 -8.13
C ARG A 105 10.17 2.77 -7.01
N VAL A 106 9.62 3.98 -7.19
CA VAL A 106 9.81 5.05 -6.22
C VAL A 106 9.04 4.76 -4.94
N ILE A 107 7.90 4.09 -5.08
CA ILE A 107 7.07 3.75 -3.92
C ILE A 107 7.75 2.69 -3.05
N ILE A 108 8.31 1.67 -3.70
CA ILE A 108 9.04 0.60 -2.99
C ILE A 108 10.32 1.16 -2.39
N ASN A 109 10.98 2.05 -3.14
CA ASN A 109 12.19 2.71 -2.65
C ASN A 109 11.88 3.49 -1.37
N GLU A 110 10.78 4.22 -1.39
CA GLU A 110 10.31 4.95 -0.22
C GLU A 110 10.09 3.98 0.93
N ALA A 111 9.33 2.92 0.66
CA ALA A 111 8.99 1.91 1.66
C ALA A 111 10.24 1.26 2.25
N VAL A 112 11.19 0.91 1.40
CA VAL A 112 12.39 0.20 1.84
C VAL A 112 13.32 1.13 2.62
N GLU A 113 13.33 2.40 2.26
CA GLU A 113 14.13 3.38 2.97
C GLU A 113 13.63 3.56 4.40
N LEU A 114 12.31 3.57 4.56
CA LEU A 114 11.69 3.68 5.88
C LEU A 114 11.81 2.36 6.62
N ALA A 115 11.65 1.27 5.89
CA ALA A 115 11.62 -0.08 6.47
C ALA A 115 12.82 -0.35 7.36
N LYS A 116 13.94 0.32 7.07
CA LYS A 116 15.17 0.14 7.83
C LYS A 116 14.98 0.42 9.32
N THR A 117 14.24 1.48 9.64
CA THR A 117 13.98 1.82 11.04
C THR A 117 12.95 0.85 11.63
N PHE A 118 12.08 0.31 10.79
CA PHE A 118 11.03 -0.60 11.21
C PHE A 118 11.56 -2.03 11.33
N GLY A 119 12.65 -2.30 10.63
CA GLY A 119 13.33 -3.57 10.71
C GLY A 119 14.67 -3.52 9.98
N GLY A 120 15.66 -4.24 10.48
CA GLY A 120 16.99 -4.18 9.90
C GLY A 120 17.08 -4.92 8.57
N SER A 121 18.03 -5.85 8.48
CA SER A 121 18.18 -6.66 7.28
C SER A 121 16.90 -7.42 6.97
N ASP A 122 16.13 -7.72 8.01
CA ASP A 122 14.84 -8.38 7.87
C ASP A 122 13.82 -7.45 7.23
N GLY A 123 13.85 -6.19 7.67
CA GLY A 123 12.86 -5.22 7.24
C GLY A 123 13.00 -4.84 5.78
N TYR A 124 14.18 -4.36 5.40
CA TYR A 124 14.40 -3.85 4.05
C TYR A 124 14.25 -4.97 3.02
N LYS A 125 14.63 -6.19 3.41
CA LYS A 125 14.54 -7.34 2.53
C LYS A 125 13.08 -7.79 2.39
N TYR A 126 12.35 -7.76 3.50
CA TYR A 126 10.94 -8.13 3.51
C TYR A 126 10.15 -7.25 2.55
N VAL A 127 10.23 -5.94 2.76
CA VAL A 127 9.45 -4.99 1.97
C VAL A 127 9.83 -5.05 0.49
N ASN A 128 11.13 -4.99 0.21
CA ASN A 128 11.62 -4.99 -1.18
C ASN A 128 11.20 -6.27 -1.88
N GLY A 129 11.34 -7.39 -1.19
CA GLY A 129 11.01 -8.68 -1.78
C GLY A 129 9.52 -8.83 -2.08
N VAL A 130 8.69 -8.63 -1.07
CA VAL A 130 7.25 -8.90 -1.18
C VAL A 130 6.57 -8.00 -2.21
N LEU A 131 7.00 -6.74 -2.29
CA LEU A 131 6.38 -5.79 -3.21
C LEU A 131 6.83 -6.06 -4.64
N ASP A 132 8.13 -6.29 -4.82
CA ASP A 132 8.70 -6.44 -6.16
C ASP A 132 8.23 -7.74 -6.81
N LYS A 133 8.28 -8.84 -6.04
CA LYS A 133 7.92 -10.16 -6.57
C LYS A 133 6.52 -10.16 -7.17
N LEU A 134 5.61 -9.42 -6.55
CA LEU A 134 4.23 -9.31 -7.04
C LEU A 134 4.22 -8.40 -8.27
N ALA A 135 5.03 -7.34 -8.22
CA ALA A 135 5.15 -6.40 -9.33
C ALA A 135 5.69 -7.10 -10.58
N VAL A 136 6.48 -8.16 -10.38
CA VAL A 136 7.07 -8.90 -11.50
C VAL A 136 6.01 -9.63 -12.32
N LYS A 137 4.93 -10.05 -11.67
CA LYS A 137 3.87 -10.78 -12.35
C LYS A 137 2.73 -9.86 -12.80
N LEU A 138 2.44 -8.82 -12.02
CA LEU A 138 1.36 -7.90 -12.39
C LEU A 138 1.84 -6.90 -13.44
N ARG A 139 3.16 -6.73 -13.56
CA ARG A 139 3.75 -5.81 -14.51
C ARG A 139 5.20 -6.21 -14.83
N PRO A 140 5.38 -7.14 -15.78
CA PRO A 140 6.72 -7.64 -16.15
C PRO A 140 7.57 -6.58 -16.86
N ALA A 141 6.90 -5.67 -17.56
CA ALA A 141 7.58 -4.67 -18.40
C ALA A 141 8.59 -3.84 -17.59
N GLU A 142 8.19 -3.38 -16.42
CA GLU A 142 9.02 -2.47 -15.62
C GLU A 142 10.07 -3.25 -14.82
N THR A 143 9.77 -4.53 -14.54
CA THR A 143 10.62 -5.36 -13.70
C THR A 143 11.78 -5.95 -14.48
N GLN A 144 11.52 -6.35 -15.72
CA GLN A 144 12.54 -6.97 -16.56
C GLN A 144 13.60 -5.93 -16.96
N ALA A 145 13.24 -4.65 -16.80
CA ALA A 145 14.15 -3.56 -17.05
C ALA A 145 15.35 -3.63 -16.11
N ARG A 146 16.50 -3.91 -16.69
CA ARG A 146 17.75 -3.99 -15.94
C ARG A 146 18.39 -2.61 -15.84
N ARG A 147 18.38 -2.04 -14.62
CA ARG A 147 18.92 -0.70 -14.38
C ARG A 147 20.37 -0.61 -14.83
N GLY A 148 20.65 0.41 -15.64
CA GLY A 148 21.99 0.62 -16.16
C GLY A 148 21.94 1.36 -17.49
N ALA A 149 20.93 1.04 -18.28
CA ALA A 149 20.71 1.66 -19.58
C ALA A 149 19.27 1.43 -20.02
N GLY A 1 -11.63 6.08 -25.75
CA GLY A 1 -10.46 6.63 -25.05
C GLY A 1 -9.39 5.59 -24.79
N PRO A 2 -8.10 5.92 -25.00
CA PRO A 2 -6.99 4.95 -24.85
C PRO A 2 -6.77 4.53 -23.39
N GLY A 3 -5.82 3.64 -23.18
CA GLY A 3 -5.51 3.16 -21.84
C GLY A 3 -5.16 4.29 -20.88
N SER A 4 -4.56 5.34 -21.42
CA SER A 4 -4.23 6.54 -20.63
C SER A 4 -5.50 7.14 -20.03
N MET A 5 -6.58 7.12 -20.79
CA MET A 5 -7.88 7.60 -20.33
C MET A 5 -8.89 6.45 -20.37
N LYS A 6 -8.86 5.63 -19.33
CA LYS A 6 -9.69 4.43 -19.25
C LYS A 6 -10.02 4.11 -17.80
N LYS A 7 -9.06 4.36 -16.92
CA LYS A 7 -9.22 4.11 -15.49
C LYS A 7 -10.49 4.81 -14.95
N SER A 8 -11.51 4.01 -14.65
CA SER A 8 -12.75 4.51 -14.09
C SER A 8 -12.66 4.55 -12.57
N ALA A 9 -13.61 5.23 -11.93
CA ALA A 9 -13.61 5.42 -10.48
C ALA A 9 -13.55 4.09 -9.73
N ARG A 10 -14.27 3.10 -10.25
CA ARG A 10 -14.38 1.79 -9.60
C ARG A 10 -13.01 1.15 -9.41
N ARG A 11 -12.04 1.51 -10.25
CA ARG A 11 -10.71 0.90 -10.19
C ARG A 11 -10.04 1.15 -8.83
N GLN A 12 -10.24 2.35 -8.28
CA GLN A 12 -9.57 2.74 -7.05
C GLN A 12 -9.88 1.75 -5.92
N SER A 13 -11.15 1.41 -5.78
CA SER A 13 -11.58 0.44 -4.76
C SER A 13 -11.00 -0.95 -5.07
N ARG A 14 -10.79 -1.25 -6.35
CA ARG A 14 -10.24 -2.54 -6.76
C ARG A 14 -8.77 -2.66 -6.34
N GLU A 15 -7.98 -1.67 -6.73
CA GLU A 15 -6.55 -1.65 -6.41
C GLU A 15 -6.35 -1.61 -4.90
N LEU A 16 -7.26 -0.90 -4.23
CA LEU A 16 -7.27 -0.84 -2.77
C LEU A 16 -7.44 -2.22 -2.17
N ALA A 17 -8.32 -3.02 -2.77
CA ALA A 17 -8.61 -4.36 -2.28
C ALA A 17 -7.46 -5.33 -2.59
N THR A 18 -6.89 -5.21 -3.78
CA THR A 18 -5.91 -6.19 -4.27
C THR A 18 -4.70 -6.32 -3.33
N GLN A 19 -4.31 -5.22 -2.67
CA GLN A 19 -3.19 -5.26 -1.74
C GLN A 19 -3.56 -6.03 -0.49
N GLY A 20 -4.81 -5.88 -0.05
CA GLY A 20 -5.31 -6.60 1.10
C GLY A 20 -5.38 -8.08 0.85
N LEU A 21 -5.87 -8.45 -0.33
CA LEU A 21 -5.93 -9.86 -0.73
C LEU A 21 -4.53 -10.45 -0.83
N TYR A 22 -3.61 -9.72 -1.44
CA TYR A 22 -2.23 -10.17 -1.58
C TYR A 22 -1.60 -10.38 -0.20
N GLN A 23 -1.78 -9.39 0.69
CA GLN A 23 -1.24 -9.47 2.04
C GLN A 23 -1.84 -10.66 2.78
N TRP A 24 -3.14 -10.89 2.56
CA TRP A 24 -3.82 -12.00 3.23
C TRP A 24 -3.26 -13.34 2.76
N LEU A 25 -3.09 -13.48 1.44
CA LEU A 25 -2.55 -14.70 0.87
C LEU A 25 -1.09 -14.91 1.28
N LEU A 26 -0.43 -13.83 1.66
CA LEU A 26 0.99 -13.86 2.02
C LEU A 26 1.17 -14.18 3.51
N SER A 27 0.60 -13.36 4.37
CA SER A 27 0.78 -13.49 5.82
C SER A 27 -0.23 -14.48 6.41
N ASN A 28 -1.38 -14.61 5.75
CA ASN A 28 -2.46 -15.51 6.19
C ASN A 28 -3.00 -15.06 7.55
N ALA A 29 -2.81 -13.77 7.84
CA ALA A 29 -3.34 -13.16 9.06
C ALA A 29 -4.86 -13.09 9.01
N ALA A 30 -5.48 -12.72 10.13
CA ALA A 30 -6.94 -12.65 10.19
C ALA A 30 -7.46 -11.56 9.26
N PRO A 31 -8.50 -11.88 8.46
CA PRO A 31 -9.06 -10.93 7.49
C PRO A 31 -9.35 -9.56 8.10
N GLY A 32 -9.91 -9.55 9.31
CA GLY A 32 -10.26 -8.32 9.99
C GLY A 32 -9.04 -7.47 10.35
N GLU A 33 -7.93 -8.14 10.63
CA GLU A 33 -6.69 -7.45 11.02
C GLU A 33 -6.14 -6.65 9.85
N ILE A 34 -6.11 -7.27 8.68
CA ILE A 34 -5.65 -6.60 7.46
C ILE A 34 -6.71 -5.61 6.98
N ASP A 35 -7.97 -6.02 7.13
CA ASP A 35 -9.11 -5.16 6.83
C ASP A 35 -9.02 -3.85 7.60
N ALA A 36 -8.42 -3.90 8.78
CA ALA A 36 -8.24 -2.71 9.61
C ALA A 36 -7.51 -1.61 8.83
N GLN A 37 -6.54 -2.01 8.00
CA GLN A 37 -5.82 -1.06 7.15
C GLN A 37 -6.74 -0.55 6.04
N LEU A 38 -7.61 -1.44 5.57
CA LEU A 38 -8.59 -1.10 4.53
C LEU A 38 -9.57 -0.04 5.07
N ARG A 39 -9.92 -0.19 6.34
CA ARG A 39 -10.81 0.76 7.02
C ARG A 39 -10.04 2.02 7.42
N GLY A 40 -8.74 1.85 7.70
CA GLY A 40 -7.90 2.98 8.05
C GLY A 40 -7.81 3.98 6.91
N ALA A 41 -7.30 3.52 5.77
CA ALA A 41 -7.25 4.34 4.57
C ALA A 41 -8.34 3.90 3.61
N LEU A 42 -9.50 4.53 3.72
CA LEU A 42 -10.66 4.13 2.93
C LEU A 42 -10.64 4.80 1.56
N GLY A 43 -10.46 3.99 0.53
CA GLY A 43 -10.50 4.48 -0.84
C GLY A 43 -11.85 4.23 -1.48
N TYR A 44 -12.67 3.43 -0.82
CA TYR A 44 -14.01 3.11 -1.30
C TYR A 44 -14.81 4.39 -1.57
N ASP A 45 -14.85 5.26 -0.58
CA ASP A 45 -15.58 6.53 -0.68
C ASP A 45 -14.90 7.47 -1.66
N LYS A 46 -13.57 7.47 -1.62
CA LYS A 46 -12.76 8.38 -2.43
C LYS A 46 -12.36 7.71 -3.75
N ALA A 47 -13.17 6.75 -4.20
CA ALA A 47 -12.88 6.01 -5.43
C ALA A 47 -13.21 6.85 -6.66
N ASP A 48 -12.20 7.54 -7.19
CA ASP A 48 -12.32 8.26 -8.46
C ASP A 48 -10.99 8.86 -8.89
N LYS A 49 -10.88 9.16 -10.17
CA LYS A 49 -9.66 9.70 -10.79
C LYS A 49 -9.25 11.04 -10.17
N THR A 50 -10.21 11.77 -9.63
CA THR A 50 -9.94 13.11 -9.09
C THR A 50 -9.30 13.04 -7.71
N LEU A 51 -9.74 12.07 -6.90
CA LEU A 51 -9.35 12.01 -5.50
C LEU A 51 -7.86 11.70 -5.34
N LEU A 52 -7.30 10.90 -6.25
CA LEU A 52 -5.88 10.54 -6.18
C LEU A 52 -5.02 11.80 -6.04
N ASP A 53 -5.44 12.87 -6.72
CA ASP A 53 -4.74 14.15 -6.70
C ASP A 53 -4.63 14.70 -5.28
N THR A 54 -5.74 14.74 -4.56
CA THR A 54 -5.76 15.30 -3.21
C THR A 54 -5.09 14.33 -2.22
N ILE A 55 -5.23 13.02 -2.48
CA ILE A 55 -4.72 11.99 -1.59
C ILE A 55 -3.22 12.17 -1.29
N LEU A 56 -2.48 12.79 -2.20
CA LEU A 56 -1.05 13.05 -1.94
C LEU A 56 -0.90 14.00 -0.75
N HIS A 57 -1.72 15.04 -0.72
CA HIS A 57 -1.76 15.94 0.43
C HIS A 57 -2.34 15.20 1.62
N GLY A 58 -3.17 14.20 1.34
CA GLY A 58 -3.72 13.36 2.39
C GLY A 58 -2.65 12.54 3.08
N VAL A 59 -1.75 11.94 2.30
CA VAL A 59 -0.70 11.10 2.85
C VAL A 59 0.39 11.96 3.50
N ILE A 60 0.61 13.15 2.96
CA ILE A 60 1.56 14.09 3.56
C ILE A 60 1.00 14.69 4.86
N ARG A 61 -0.21 15.23 4.79
CA ARG A 61 -0.81 15.98 5.89
C ARG A 61 -1.37 15.04 6.96
N GLU A 62 -2.15 14.05 6.53
CA GLU A 62 -2.84 13.13 7.45
C GLU A 62 -2.04 11.85 7.68
N HIS A 63 -0.73 11.93 7.48
CA HIS A 63 0.16 10.78 7.67
C HIS A 63 0.03 10.23 9.10
N ALA A 64 0.25 11.11 10.07
CA ALA A 64 0.22 10.73 11.48
C ALA A 64 -1.14 10.22 11.90
N THR A 65 -2.19 11.00 11.62
CA THR A 65 -3.53 10.67 12.02
C THR A 65 -3.97 9.32 11.45
N LEU A 66 -3.61 9.08 10.18
CA LEU A 66 -3.89 7.81 9.52
C LEU A 66 -3.17 6.68 10.26
N ALA A 67 -1.87 6.87 10.51
CA ALA A 67 -1.07 5.88 11.22
C ALA A 67 -1.71 5.50 12.56
N GLU A 68 -2.29 6.50 13.23
CA GLU A 68 -2.98 6.27 14.51
C GLU A 68 -4.34 5.60 14.29
N ALA A 69 -5.03 5.99 13.23
CA ALA A 69 -6.43 5.61 12.99
C ALA A 69 -6.60 4.10 12.80
N ILE A 70 -5.53 3.41 12.45
CA ILE A 70 -5.60 1.97 12.20
C ILE A 70 -5.75 1.17 13.50
N SER A 71 -5.23 1.72 14.60
CA SER A 71 -5.19 0.99 15.87
C SER A 71 -6.60 0.78 16.47
N PRO A 72 -7.44 1.83 16.59
CA PRO A 72 -8.75 1.72 17.26
C PRO A 72 -9.81 0.99 16.44
N SER A 73 -9.46 0.56 15.23
CA SER A 73 -10.43 -0.12 14.36
C SER A 73 -10.57 -1.59 14.76
N LEU A 74 -9.57 -2.11 15.47
CA LEU A 74 -9.56 -3.51 15.90
C LEU A 74 -9.86 -3.63 17.40
N ASP A 75 -10.02 -4.88 17.84
CA ASP A 75 -10.16 -5.20 19.27
C ASP A 75 -8.78 -5.49 19.85
N ARG A 76 -7.76 -5.19 19.05
CA ARG A 76 -6.37 -5.47 19.39
C ARG A 76 -5.51 -4.32 18.89
N PRO A 77 -4.40 -4.00 19.59
CA PRO A 77 -3.55 -2.84 19.27
C PRO A 77 -2.90 -2.92 17.89
N ILE A 78 -2.48 -1.77 17.38
CA ILE A 78 -1.79 -1.67 16.09
C ILE A 78 -0.59 -2.62 16.01
N ASP A 79 -0.04 -2.96 17.17
CA ASP A 79 1.12 -3.85 17.29
C ASP A 79 0.86 -5.22 16.67
N GLN A 80 -0.41 -5.54 16.47
CA GLN A 80 -0.84 -6.85 15.98
C GLN A 80 -0.09 -7.27 14.73
N LEU A 81 -0.26 -6.52 13.64
CA LEU A 81 0.37 -6.85 12.36
C LEU A 81 1.89 -6.79 12.48
N SER A 82 2.57 -7.67 11.73
CA SER A 82 4.03 -7.73 11.71
C SER A 82 4.63 -6.34 11.50
N PRO A 83 5.55 -5.90 12.38
CA PRO A 83 6.06 -4.51 12.43
C PRO A 83 6.33 -3.87 11.06
N VAL A 84 7.27 -4.42 10.30
CA VAL A 84 7.73 -3.79 9.07
C VAL A 84 6.64 -3.82 8.01
N GLU A 85 6.04 -4.99 7.83
CA GLU A 85 5.00 -5.18 6.84
C GLU A 85 3.77 -4.34 7.19
N ARG A 86 3.58 -4.09 8.47
CA ARG A 86 2.49 -3.26 8.99
C ARG A 86 2.70 -1.81 8.55
N ALA A 87 3.82 -1.24 8.98
CA ALA A 87 4.16 0.14 8.68
C ALA A 87 4.10 0.37 7.18
N VAL A 88 4.64 -0.59 6.43
CA VAL A 88 4.65 -0.50 4.98
C VAL A 88 3.26 -0.72 4.39
N LEU A 89 2.43 -1.56 5.03
CA LEU A 89 1.08 -1.79 4.52
C LEU A 89 0.30 -0.48 4.54
N LEU A 90 0.35 0.22 5.69
CA LEU A 90 -0.34 1.51 5.81
C LEU A 90 0.13 2.49 4.74
N ILE A 91 1.43 2.72 4.68
CA ILE A 91 2.01 3.66 3.72
C ILE A 91 1.70 3.22 2.28
N ALA A 92 2.02 1.97 1.96
CA ALA A 92 1.76 1.43 0.63
C ALA A 92 0.31 1.64 0.22
N THR A 93 -0.62 1.40 1.14
CA THR A 93 -2.03 1.62 0.85
C THR A 93 -2.29 3.08 0.51
N TYR A 94 -1.80 3.98 1.36
CA TYR A 94 -2.05 5.41 1.21
C TYR A 94 -1.41 5.94 -0.09
N GLU A 95 -0.20 5.49 -0.38
CA GLU A 95 0.51 5.93 -1.58
C GLU A 95 -0.16 5.35 -2.82
N LEU A 96 -0.47 4.05 -2.80
CA LEU A 96 -1.15 3.40 -3.90
C LEU A 96 -2.43 4.15 -4.25
N THR A 97 -3.16 4.58 -3.23
CA THR A 97 -4.39 5.35 -3.43
C THR A 97 -4.15 6.57 -4.34
N HIS A 98 -2.93 7.11 -4.32
CA HIS A 98 -2.58 8.24 -5.19
C HIS A 98 -1.49 7.86 -6.20
N GLN A 99 -1.22 6.56 -6.33
CA GLN A 99 -0.18 6.07 -7.24
C GLN A 99 -0.58 4.78 -7.95
N ILE A 100 -1.89 4.53 -8.07
CA ILE A 100 -2.40 3.31 -8.70
C ILE A 100 -1.84 3.09 -10.11
N GLU A 101 -1.50 4.18 -10.79
CA GLU A 101 -1.06 4.11 -12.18
C GLU A 101 0.42 4.46 -12.35
N THR A 102 1.15 4.45 -11.24
CA THR A 102 2.58 4.83 -11.25
C THR A 102 3.46 3.56 -11.33
N PRO A 103 4.73 3.68 -11.76
CA PRO A 103 5.67 2.56 -11.77
C PRO A 103 5.99 2.01 -10.38
N TYR A 104 6.12 0.69 -10.29
CA TYR A 104 6.41 0.01 -9.03
C TYR A 104 7.70 0.55 -8.39
N ARG A 105 8.58 1.10 -9.23
CA ARG A 105 9.84 1.67 -8.75
C ARG A 105 9.60 2.71 -7.66
N VAL A 106 8.75 3.69 -7.98
CA VAL A 106 8.50 4.79 -7.05
C VAL A 106 7.70 4.30 -5.84
N ILE A 107 6.86 3.28 -6.05
CA ILE A 107 6.14 2.66 -4.93
C ILE A 107 7.13 2.08 -3.93
N ILE A 108 8.02 1.23 -4.43
CA ILE A 108 9.03 0.61 -3.59
C ILE A 108 9.88 1.68 -2.92
N ASN A 109 10.16 2.75 -3.66
CA ASN A 109 10.95 3.87 -3.13
C ASN A 109 10.25 4.52 -1.94
N GLU A 110 8.98 4.89 -2.12
CA GLU A 110 8.23 5.64 -1.11
C GLU A 110 8.04 4.77 0.15
N ALA A 111 7.79 3.48 -0.07
CA ALA A 111 7.69 2.50 1.02
C ALA A 111 9.05 2.33 1.72
N VAL A 112 10.10 2.16 0.92
CA VAL A 112 11.46 1.96 1.45
C VAL A 112 11.92 3.15 2.27
N GLU A 113 11.44 4.35 1.91
CA GLU A 113 11.80 5.57 2.64
C GLU A 113 11.59 5.37 4.13
N LEU A 114 10.39 4.95 4.51
CA LEU A 114 10.06 4.72 5.90
C LEU A 114 10.63 3.38 6.37
N ALA A 115 10.55 2.36 5.53
CA ALA A 115 11.04 1.02 5.89
C ALA A 115 12.49 1.09 6.39
N LYS A 116 13.25 2.01 5.81
CA LYS A 116 14.66 2.19 6.19
C LYS A 116 14.80 2.66 7.64
N THR A 117 13.90 3.54 8.08
CA THR A 117 13.98 4.08 9.43
C THR A 117 13.54 3.03 10.45
N PHE A 118 12.61 2.16 10.05
CA PHE A 118 12.14 1.08 10.92
C PHE A 118 13.18 -0.03 11.00
N GLY A 119 13.70 -0.42 9.84
CA GLY A 119 14.76 -1.40 9.77
C GLY A 119 15.82 -0.99 8.78
N GLY A 120 16.97 -0.57 9.29
CA GLY A 120 18.03 -0.04 8.46
C GLY A 120 18.68 -1.10 7.58
N SER A 121 19.32 -2.08 8.21
CA SER A 121 20.06 -3.11 7.50
C SER A 121 19.13 -4.10 6.78
N ASP A 122 18.24 -4.73 7.52
CA ASP A 122 17.36 -5.75 6.96
C ASP A 122 16.02 -5.18 6.54
N GLY A 123 15.58 -4.13 7.22
CA GLY A 123 14.21 -3.67 7.07
C GLY A 123 13.82 -3.34 5.65
N TYR A 124 14.53 -2.38 5.06
CA TYR A 124 14.17 -1.88 3.73
C TYR A 124 14.22 -2.99 2.68
N LYS A 125 15.25 -3.83 2.73
CA LYS A 125 15.42 -4.88 1.72
C LYS A 125 14.47 -6.05 1.98
N TYR A 126 14.09 -6.22 3.24
CA TYR A 126 13.16 -7.27 3.65
C TYR A 126 11.80 -7.03 2.98
N VAL A 127 11.26 -5.83 3.17
CA VAL A 127 9.99 -5.47 2.56
C VAL A 127 10.16 -5.31 1.05
N ASN A 128 11.34 -4.84 0.64
CA ASN A 128 11.67 -4.77 -0.78
C ASN A 128 11.52 -6.17 -1.39
N GLY A 129 11.87 -7.19 -0.61
CA GLY A 129 11.74 -8.57 -1.05
C GLY A 129 10.30 -8.94 -1.38
N VAL A 130 9.36 -8.54 -0.52
CA VAL A 130 7.95 -8.89 -0.73
C VAL A 130 7.33 -8.02 -1.83
N LEU A 131 7.79 -6.78 -1.92
CA LEU A 131 7.32 -5.86 -2.96
C LEU A 131 7.82 -6.33 -4.33
N ASP A 132 9.02 -6.92 -4.32
CA ASP A 132 9.60 -7.52 -5.53
C ASP A 132 8.67 -8.60 -6.07
N LYS A 133 8.22 -9.48 -5.18
CA LYS A 133 7.34 -10.59 -5.56
C LYS A 133 6.09 -10.06 -6.26
N LEU A 134 5.52 -9.00 -5.70
CA LEU A 134 4.34 -8.36 -6.25
C LEU A 134 4.68 -7.76 -7.62
N ALA A 135 5.84 -7.12 -7.70
CA ALA A 135 6.30 -6.49 -8.94
C ALA A 135 6.38 -7.52 -10.08
N VAL A 136 6.88 -8.71 -9.74
CA VAL A 136 7.06 -9.77 -10.70
C VAL A 136 5.71 -10.32 -11.19
N LYS A 137 4.63 -10.03 -10.47
CA LYS A 137 3.31 -10.54 -10.85
C LYS A 137 2.32 -9.42 -11.20
N LEU A 138 2.71 -8.16 -11.01
CA LEU A 138 1.87 -7.04 -11.47
C LEU A 138 2.22 -6.69 -12.92
N ARG A 139 3.50 -6.84 -13.25
CA ARG A 139 4.00 -6.69 -14.63
C ARG A 139 5.33 -7.45 -14.74
N PRO A 140 5.26 -8.77 -14.99
CA PRO A 140 6.42 -9.66 -14.95
C PRO A 140 7.57 -9.22 -15.87
N ALA A 141 7.22 -8.71 -17.05
CA ALA A 141 8.22 -8.33 -18.06
C ALA A 141 9.21 -7.32 -17.48
N GLU A 142 8.70 -6.44 -16.64
CA GLU A 142 9.48 -5.35 -16.07
C GLU A 142 10.61 -5.88 -15.19
N THR A 143 10.33 -6.97 -14.47
CA THR A 143 11.28 -7.54 -13.53
C THR A 143 12.16 -8.59 -14.20
N GLN A 144 11.62 -9.30 -15.19
CA GLN A 144 12.38 -10.33 -15.90
C GLN A 144 13.62 -9.70 -16.54
N ALA A 145 13.44 -8.49 -17.05
CA ALA A 145 14.52 -7.72 -17.63
C ALA A 145 14.86 -6.55 -16.71
N ARG A 146 15.74 -6.79 -15.75
CA ARG A 146 16.13 -5.77 -14.78
C ARG A 146 16.68 -4.53 -15.48
N ARG A 147 15.89 -3.47 -15.51
CA ARG A 147 16.29 -2.21 -16.12
C ARG A 147 16.50 -1.16 -15.04
N GLY A 148 17.51 -0.30 -15.24
CA GLY A 148 17.80 0.77 -14.30
C GLY A 148 17.09 2.05 -14.65
N ALA A 149 15.78 1.94 -14.91
CA ALA A 149 14.95 3.08 -15.25
C ALA A 149 13.48 2.66 -15.29
N GLY A 1 -30.88 1.07 0.77
CA GLY A 1 -31.95 1.78 0.02
C GLY A 1 -31.92 1.45 -1.46
N PRO A 2 -32.30 2.40 -2.33
CA PRO A 2 -32.26 2.21 -3.79
C PRO A 2 -30.84 2.36 -4.34
N GLY A 3 -30.73 2.56 -5.65
CA GLY A 3 -29.45 2.75 -6.28
C GLY A 3 -28.99 1.53 -7.07
N SER A 4 -28.52 0.52 -6.34
CA SER A 4 -28.03 -0.71 -6.94
C SER A 4 -26.82 -0.42 -7.83
N MET A 5 -25.68 -0.16 -7.20
CA MET A 5 -24.48 0.23 -7.93
C MET A 5 -23.65 -0.99 -8.33
N LYS A 6 -23.74 -1.36 -9.61
CA LYS A 6 -22.89 -2.40 -10.17
C LYS A 6 -21.69 -1.76 -10.86
N LYS A 7 -21.94 -0.63 -11.51
CA LYS A 7 -20.90 0.16 -12.15
C LYS A 7 -20.79 1.51 -11.46
N SER A 8 -19.68 1.69 -10.74
CA SER A 8 -19.46 2.91 -9.97
C SER A 8 -17.97 3.23 -9.90
N ALA A 9 -17.66 4.44 -9.46
CA ALA A 9 -16.29 4.85 -9.19
C ALA A 9 -15.77 4.11 -7.95
N ARG A 10 -16.72 3.58 -7.18
CA ARG A 10 -16.45 2.83 -5.96
C ARG A 10 -15.47 1.68 -6.22
N ARG A 11 -15.45 1.21 -7.46
CA ARG A 11 -14.59 0.09 -7.86
C ARG A 11 -13.13 0.34 -7.47
N GLN A 12 -12.72 1.61 -7.51
CA GLN A 12 -11.35 2.01 -7.25
C GLN A 12 -10.87 1.50 -5.88
N SER A 13 -11.76 1.51 -4.89
CA SER A 13 -11.42 1.07 -3.52
C SER A 13 -10.84 -0.34 -3.53
N ARG A 14 -11.28 -1.17 -4.49
CA ARG A 14 -10.80 -2.53 -4.63
C ARG A 14 -9.34 -2.52 -5.07
N GLU A 15 -9.05 -1.61 -6.00
CA GLU A 15 -7.70 -1.45 -6.54
C GLU A 15 -6.73 -1.02 -5.44
N LEU A 16 -7.24 -0.25 -4.48
CA LEU A 16 -6.48 0.04 -3.25
C LEU A 16 -6.29 -1.23 -2.43
N ALA A 17 -7.41 -1.91 -2.17
CA ALA A 17 -7.43 -3.07 -1.28
C ALA A 17 -6.58 -4.22 -1.83
N THR A 18 -6.33 -4.23 -3.13
CA THR A 18 -5.54 -5.29 -3.76
C THR A 18 -4.22 -5.53 -3.00
N GLN A 19 -3.65 -4.48 -2.41
CA GLN A 19 -2.43 -4.60 -1.61
C GLN A 19 -2.69 -5.45 -0.38
N GLY A 20 -3.84 -5.21 0.26
CA GLY A 20 -4.23 -5.97 1.42
C GLY A 20 -4.46 -7.42 1.07
N LEU A 21 -5.08 -7.65 -0.08
CA LEU A 21 -5.31 -9.00 -0.58
C LEU A 21 -3.98 -9.73 -0.78
N TYR A 22 -3.01 -9.02 -1.33
CA TYR A 22 -1.67 -9.58 -1.53
C TYR A 22 -1.03 -9.92 -0.18
N GLN A 23 -1.09 -8.97 0.76
CA GLN A 23 -0.54 -9.19 2.10
C GLN A 23 -1.22 -10.38 2.77
N TRP A 24 -2.51 -10.56 2.51
CA TRP A 24 -3.23 -11.68 3.08
C TRP A 24 -2.77 -13.00 2.45
N LEU A 25 -2.68 -13.01 1.13
CA LEU A 25 -2.27 -14.21 0.39
C LEU A 25 -0.84 -14.61 0.76
N LEU A 26 0.01 -13.60 0.95
CA LEU A 26 1.43 -13.81 1.24
C LEU A 26 1.66 -14.14 2.72
N SER A 27 1.21 -13.26 3.60
CA SER A 27 1.48 -13.39 5.03
C SER A 27 0.42 -14.25 5.73
N ASN A 28 -0.84 -14.18 5.27
CA ASN A 28 -1.96 -14.88 5.91
C ASN A 28 -2.15 -14.38 7.34
N ALA A 29 -1.95 -13.08 7.52
CA ALA A 29 -2.04 -12.44 8.84
C ALA A 29 -3.41 -12.64 9.48
N ALA A 30 -4.38 -11.85 9.04
CA ALA A 30 -5.75 -11.92 9.56
C ALA A 30 -6.66 -10.97 8.78
N PRO A 31 -7.91 -11.38 8.54
CA PRO A 31 -8.89 -10.54 7.83
C PRO A 31 -9.09 -9.18 8.52
N GLY A 32 -9.21 -9.21 9.84
CA GLY A 32 -9.46 -8.00 10.61
C GLY A 32 -8.34 -6.99 10.52
N GLU A 33 -7.09 -7.46 10.61
CA GLU A 33 -5.92 -6.59 10.57
C GLU A 33 -5.93 -5.73 9.31
N ILE A 34 -6.20 -6.37 8.17
CA ILE A 34 -6.19 -5.71 6.88
C ILE A 34 -7.48 -4.92 6.67
N ASP A 35 -8.58 -5.50 7.13
CA ASP A 35 -9.91 -4.87 7.02
C ASP A 35 -9.89 -3.50 7.70
N ALA A 36 -9.10 -3.40 8.76
CA ALA A 36 -8.96 -2.17 9.54
C ALA A 36 -8.70 -0.95 8.65
N GLN A 37 -7.86 -1.12 7.63
CA GLN A 37 -7.58 -0.02 6.71
C GLN A 37 -8.75 0.22 5.76
N LEU A 38 -9.41 -0.86 5.34
CA LEU A 38 -10.50 -0.79 4.37
C LEU A 38 -11.70 -0.07 5.00
N ARG A 39 -11.99 -0.41 6.24
CA ARG A 39 -13.12 0.17 6.97
C ARG A 39 -12.86 1.64 7.28
N GLY A 40 -11.59 2.04 7.23
CA GLY A 40 -11.20 3.41 7.54
C GLY A 40 -11.45 4.35 6.38
N ALA A 41 -11.04 3.94 5.19
CA ALA A 41 -11.25 4.73 3.98
C ALA A 41 -12.53 4.32 3.30
N LEU A 42 -13.63 5.02 3.61
CA LEU A 42 -14.94 4.71 3.06
C LEU A 42 -14.91 4.81 1.53
N GLY A 43 -15.09 3.67 0.88
CA GLY A 43 -14.89 3.53 -0.56
C GLY A 43 -15.44 4.67 -1.40
N TYR A 44 -16.76 4.77 -1.50
CA TYR A 44 -17.41 5.65 -2.48
C TYR A 44 -16.94 7.11 -2.38
N ASP A 45 -16.53 7.52 -1.18
CA ASP A 45 -16.19 8.93 -0.94
C ASP A 45 -14.74 9.23 -1.33
N LYS A 46 -13.92 8.20 -1.45
CA LYS A 46 -12.50 8.34 -1.81
C LYS A 46 -12.14 7.54 -3.06
N ALA A 47 -13.14 6.93 -3.70
CA ALA A 47 -12.89 6.04 -4.83
C ALA A 47 -13.22 6.71 -6.17
N ASP A 48 -12.18 7.25 -6.81
CA ASP A 48 -12.26 7.79 -8.18
C ASP A 48 -10.91 8.41 -8.56
N LYS A 49 -10.66 8.55 -9.85
CA LYS A 49 -9.38 9.06 -10.34
C LYS A 49 -9.07 10.44 -9.78
N THR A 50 -10.09 11.30 -9.72
CA THR A 50 -9.90 12.68 -9.27
C THR A 50 -9.36 12.72 -7.84
N LEU A 51 -9.73 11.72 -7.06
CA LEU A 51 -9.40 11.68 -5.64
C LEU A 51 -7.89 11.57 -5.40
N LEU A 52 -7.15 11.03 -6.36
CA LEU A 52 -5.70 10.86 -6.20
C LEU A 52 -5.04 12.18 -5.79
N ASP A 53 -5.56 13.27 -6.34
CA ASP A 53 -5.08 14.62 -6.02
C ASP A 53 -5.20 14.90 -4.53
N THR A 54 -6.37 14.61 -3.98
CA THR A 54 -6.61 14.85 -2.56
C THR A 54 -5.87 13.82 -1.72
N ILE A 55 -5.74 12.60 -2.24
CA ILE A 55 -5.10 11.50 -1.54
C ILE A 55 -3.62 11.80 -1.28
N LEU A 56 -2.94 12.42 -2.25
CA LEU A 56 -1.54 12.77 -2.06
C LEU A 56 -1.43 13.85 -0.98
N HIS A 57 -2.41 14.76 -0.96
CA HIS A 57 -2.49 15.75 0.11
C HIS A 57 -2.75 15.04 1.43
N GLY A 58 -3.46 13.91 1.34
CA GLY A 58 -3.75 13.09 2.50
C GLY A 58 -2.52 12.37 3.00
N VAL A 59 -1.71 11.83 2.09
CA VAL A 59 -0.49 11.12 2.49
C VAL A 59 0.53 12.11 3.06
N ILE A 60 0.49 13.36 2.56
CA ILE A 60 1.33 14.43 3.10
C ILE A 60 0.84 14.89 4.48
N ARG A 61 -0.44 15.25 4.57
CA ARG A 61 -0.99 15.82 5.81
C ARG A 61 -1.42 14.74 6.80
N GLU A 62 -2.35 13.89 6.36
CA GLU A 62 -3.06 12.95 7.22
C GLU A 62 -2.20 11.72 7.52
N HIS A 63 -0.96 11.75 7.06
CA HIS A 63 -0.03 10.61 7.19
C HIS A 63 -0.02 10.08 8.62
N ALA A 64 0.13 11.00 9.57
CA ALA A 64 0.22 10.64 10.98
C ALA A 64 -1.09 10.04 11.48
N THR A 65 -2.19 10.73 11.21
CA THR A 65 -3.52 10.28 11.62
C THR A 65 -3.81 8.88 11.08
N LEU A 66 -3.48 8.66 9.81
CA LEU A 66 -3.70 7.37 9.15
C LEU A 66 -2.85 6.29 9.84
N ALA A 67 -1.58 6.63 10.09
CA ALA A 67 -0.67 5.71 10.74
C ALA A 67 -1.14 5.33 12.15
N GLU A 68 -1.66 6.31 12.87
CA GLU A 68 -2.16 6.09 14.23
C GLU A 68 -3.51 5.38 14.22
N ALA A 69 -4.36 5.70 13.24
CA ALA A 69 -5.74 5.21 13.19
C ALA A 69 -5.82 3.68 13.14
N ILE A 70 -4.73 3.04 12.74
CA ILE A 70 -4.70 1.58 12.61
C ILE A 70 -4.72 0.92 14.00
N SER A 71 -4.12 1.59 14.99
CA SER A 71 -3.93 1.01 16.31
C SER A 71 -5.27 0.81 17.06
N PRO A 72 -6.15 1.84 17.14
CA PRO A 72 -7.43 1.72 17.85
C PRO A 72 -8.52 1.01 17.02
N SER A 73 -8.11 0.36 15.93
CA SER A 73 -9.07 -0.34 15.08
C SER A 73 -9.50 -1.67 15.68
N LEU A 74 -8.54 -2.44 16.21
CA LEU A 74 -8.83 -3.72 16.84
C LEU A 74 -8.49 -3.65 18.34
N ASP A 75 -8.66 -4.78 19.02
CA ASP A 75 -8.34 -4.88 20.45
C ASP A 75 -6.84 -4.84 20.66
N ARG A 76 -6.11 -5.47 19.74
CA ARG A 76 -4.65 -5.45 19.77
C ARG A 76 -4.14 -4.20 19.05
N PRO A 77 -3.10 -3.55 19.57
CA PRO A 77 -2.56 -2.33 18.97
C PRO A 77 -1.75 -2.59 17.70
N ILE A 78 -1.12 -1.54 17.19
CA ILE A 78 -0.34 -1.60 15.95
C ILE A 78 0.81 -2.60 16.07
N ASP A 79 1.12 -2.99 17.30
CA ASP A 79 2.20 -3.94 17.61
C ASP A 79 2.04 -5.28 16.86
N GLN A 80 0.80 -5.65 16.55
CA GLN A 80 0.53 -6.92 15.87
C GLN A 80 1.12 -6.89 14.45
N LEU A 81 1.53 -8.08 13.96
CA LEU A 81 2.31 -8.18 12.71
C LEU A 81 3.69 -7.55 12.90
N SER A 82 4.57 -7.73 11.93
CA SER A 82 5.85 -7.04 11.97
C SER A 82 5.60 -5.54 11.76
N PRO A 83 6.17 -4.68 12.62
CA PRO A 83 6.01 -3.22 12.50
C PRO A 83 6.28 -2.76 11.06
N VAL A 84 7.20 -3.47 10.40
CA VAL A 84 7.52 -3.20 9.01
C VAL A 84 6.33 -3.54 8.11
N GLU A 85 5.74 -4.73 8.30
CA GLU A 85 4.58 -5.15 7.51
C GLU A 85 3.46 -4.12 7.63
N ARG A 86 3.22 -3.68 8.86
CA ARG A 86 2.18 -2.69 9.14
C ARG A 86 2.45 -1.40 8.37
N ALA A 87 3.61 -0.80 8.65
CA ALA A 87 3.99 0.48 8.05
C ALA A 87 3.93 0.41 6.52
N VAL A 88 4.39 -0.72 5.98
CA VAL A 88 4.37 -0.93 4.54
C VAL A 88 2.94 -1.00 4.01
N LEU A 89 2.08 -1.76 4.69
CA LEU A 89 0.69 -1.92 4.24
C LEU A 89 0.02 -0.54 4.15
N LEU A 90 0.14 0.23 5.24
CA LEU A 90 -0.50 1.54 5.31
C LEU A 90 0.02 2.47 4.22
N ILE A 91 1.33 2.68 4.19
CA ILE A 91 1.95 3.62 3.26
C ILE A 91 1.80 3.14 1.81
N ALA A 92 1.98 1.84 1.57
CA ALA A 92 1.88 1.28 0.23
C ALA A 92 0.47 1.48 -0.33
N THR A 93 -0.54 1.24 0.51
CA THR A 93 -1.92 1.44 0.07
C THR A 93 -2.18 2.93 -0.21
N TYR A 94 -1.81 3.79 0.75
CA TYR A 94 -2.05 5.22 0.64
C TYR A 94 -1.35 5.80 -0.60
N GLU A 95 -0.12 5.36 -0.82
CA GLU A 95 0.64 5.76 -2.00
C GLU A 95 -0.04 5.25 -3.26
N LEU A 96 -0.29 3.94 -3.31
CA LEU A 96 -0.90 3.32 -4.48
C LEU A 96 -2.14 4.08 -4.94
N THR A 97 -2.96 4.51 -3.97
CA THR A 97 -4.19 5.23 -4.25
C THR A 97 -3.95 6.41 -5.23
N HIS A 98 -2.77 7.02 -5.15
CA HIS A 98 -2.43 8.14 -6.04
C HIS A 98 -1.20 7.82 -6.90
N GLN A 99 -0.74 6.57 -6.81
CA GLN A 99 0.44 6.12 -7.54
C GLN A 99 0.14 4.86 -8.35
N ILE A 100 -1.14 4.65 -8.66
CA ILE A 100 -1.58 3.47 -9.41
C ILE A 100 -0.77 3.25 -10.70
N GLU A 101 -0.41 4.35 -11.36
CA GLU A 101 0.32 4.27 -12.63
C GLU A 101 1.79 4.67 -12.47
N THR A 102 2.23 4.81 -11.22
CA THR A 102 3.59 5.26 -10.93
C THR A 102 4.53 4.07 -10.72
N PRO A 103 5.77 4.14 -11.29
CA PRO A 103 6.74 3.03 -11.22
C PRO A 103 6.91 2.43 -9.82
N TYR A 104 6.81 1.10 -9.77
CA TYR A 104 7.01 0.34 -8.54
C TYR A 104 8.34 0.73 -7.87
N ARG A 105 9.29 1.18 -8.68
CA ARG A 105 10.62 1.57 -8.19
C ARG A 105 10.51 2.61 -7.09
N VAL A 106 9.73 3.65 -7.33
CA VAL A 106 9.58 4.73 -6.35
C VAL A 106 8.79 4.23 -5.15
N ILE A 107 7.79 3.39 -5.40
CA ILE A 107 6.96 2.82 -4.33
C ILE A 107 7.84 2.01 -3.36
N ILE A 108 8.58 1.06 -3.93
CA ILE A 108 9.46 0.20 -3.15
C ILE A 108 10.53 1.03 -2.45
N ASN A 109 11.05 2.04 -3.17
CA ASN A 109 12.10 2.92 -2.63
C ASN A 109 11.61 3.56 -1.33
N GLU A 110 10.43 4.19 -1.39
CA GLU A 110 9.84 4.82 -0.21
C GLU A 110 9.68 3.78 0.90
N ALA A 111 9.09 2.64 0.54
CA ALA A 111 8.84 1.57 1.50
C ALA A 111 10.13 1.08 2.16
N VAL A 112 11.21 1.03 1.37
CA VAL A 112 12.52 0.60 1.87
C VAL A 112 13.09 1.60 2.86
N GLU A 113 13.02 2.88 2.52
CA GLU A 113 13.53 3.95 3.37
C GLU A 113 12.81 3.93 4.72
N LEU A 114 11.51 3.63 4.68
CA LEU A 114 10.71 3.55 5.90
C LEU A 114 11.06 2.29 6.68
N ALA A 115 11.07 1.15 6.00
CA ALA A 115 11.40 -0.12 6.62
C ALA A 115 12.79 -0.08 7.26
N LYS A 116 13.64 0.79 6.72
CA LYS A 116 14.99 0.98 7.26
C LYS A 116 14.94 1.67 8.63
N THR A 117 14.13 2.72 8.75
CA THR A 117 14.01 3.45 10.01
C THR A 117 13.20 2.64 11.04
N PHE A 118 12.17 1.93 10.56
CA PHE A 118 11.30 1.15 11.45
C PHE A 118 11.97 -0.16 11.87
N GLY A 119 12.51 -0.89 10.90
CA GLY A 119 13.14 -2.16 11.17
C GLY A 119 14.64 -2.06 11.15
N GLY A 120 15.21 -1.75 9.99
CA GLY A 120 16.64 -1.60 9.87
C GLY A 120 17.21 -2.54 8.82
N SER A 121 18.30 -3.21 9.18
CA SER A 121 19.03 -4.09 8.27
C SER A 121 18.13 -5.21 7.72
N ASP A 122 17.28 -5.76 8.59
CA ASP A 122 16.37 -6.84 8.18
C ASP A 122 15.13 -6.24 7.54
N GLY A 123 14.74 -5.05 7.99
CA GLY A 123 13.52 -4.41 7.53
C GLY A 123 13.57 -3.98 6.07
N TYR A 124 14.58 -3.18 5.72
CA TYR A 124 14.68 -2.62 4.37
C TYR A 124 14.87 -3.74 3.35
N LYS A 125 15.43 -4.85 3.80
CA LYS A 125 15.61 -6.03 2.98
C LYS A 125 14.29 -6.80 2.83
N TYR A 126 13.61 -6.96 3.97
CA TYR A 126 12.33 -7.69 4.03
C TYR A 126 11.32 -7.09 3.05
N VAL A 127 11.12 -5.77 3.16
CA VAL A 127 10.14 -5.07 2.34
C VAL A 127 10.48 -5.20 0.85
N ASN A 128 11.77 -5.10 0.53
CA ASN A 128 12.23 -5.25 -0.84
C ASN A 128 11.86 -6.62 -1.38
N GLY A 129 12.11 -7.64 -0.56
CA GLY A 129 11.87 -9.01 -0.98
C GLY A 129 10.40 -9.29 -1.28
N VAL A 130 9.50 -8.72 -0.48
CA VAL A 130 8.08 -8.99 -0.63
C VAL A 130 7.47 -8.22 -1.80
N LEU A 131 7.94 -6.99 -2.01
CA LEU A 131 7.37 -6.11 -3.05
C LEU A 131 7.94 -6.44 -4.43
N ASP A 132 9.26 -6.66 -4.49
CA ASP A 132 9.95 -6.89 -5.76
C ASP A 132 9.36 -8.07 -6.50
N LYS A 133 9.26 -9.21 -5.81
CA LYS A 133 8.76 -10.45 -6.40
C LYS A 133 7.36 -10.25 -7.00
N LEU A 134 6.57 -9.40 -6.35
CA LEU A 134 5.24 -9.04 -6.86
C LEU A 134 5.38 -8.34 -8.20
N ALA A 135 6.23 -7.32 -8.23
CA ALA A 135 6.47 -6.55 -9.45
C ALA A 135 6.97 -7.46 -10.57
N VAL A 136 7.77 -8.45 -10.20
CA VAL A 136 8.34 -9.39 -11.16
C VAL A 136 7.25 -10.28 -11.78
N LYS A 137 6.19 -10.56 -11.03
CA LYS A 137 5.15 -11.46 -11.51
C LYS A 137 4.08 -10.69 -12.30
N LEU A 138 3.79 -9.45 -11.90
CA LEU A 138 2.75 -8.66 -12.57
C LEU A 138 3.30 -7.91 -13.79
N ARG A 139 4.61 -7.64 -13.80
CA ARG A 139 5.24 -6.91 -14.90
C ARG A 139 6.76 -7.11 -14.88
N PRO A 140 7.22 -8.27 -15.37
CA PRO A 140 8.65 -8.65 -15.31
C PRO A 140 9.53 -7.84 -16.25
N ALA A 141 8.92 -7.24 -17.26
CA ALA A 141 9.65 -6.49 -18.27
C ALA A 141 10.51 -5.38 -17.66
N GLU A 142 10.02 -4.81 -16.58
CA GLU A 142 10.70 -3.69 -15.92
C GLU A 142 11.76 -4.20 -14.93
N THR A 143 11.38 -5.23 -14.18
CA THR A 143 12.24 -5.76 -13.11
C THR A 143 13.41 -6.56 -13.67
N GLN A 144 13.10 -7.45 -14.61
CA GLN A 144 14.09 -8.37 -15.19
C GLN A 144 15.09 -7.66 -16.10
N ALA A 145 15.02 -6.35 -16.13
CA ALA A 145 16.06 -5.54 -16.77
C ALA A 145 17.44 -5.93 -16.22
N ARG A 146 18.00 -6.98 -16.80
CA ARG A 146 19.24 -7.60 -16.33
C ARG A 146 20.46 -6.77 -16.72
N ARG A 147 21.53 -6.96 -15.97
CA ARG A 147 22.84 -6.39 -16.30
C ARG A 147 23.77 -7.52 -16.72
N GLY A 148 23.93 -7.70 -18.03
CA GLY A 148 24.81 -8.73 -18.56
C GLY A 148 26.23 -8.22 -18.72
N ALA A 149 26.36 -6.96 -19.11
CA ALA A 149 27.65 -6.33 -19.31
C ALA A 149 27.47 -4.81 -19.38
N GLY A 1 -0.85 17.02 -14.07
CA GLY A 1 -2.20 17.60 -13.92
C GLY A 1 -3.21 16.90 -14.82
N PRO A 2 -3.50 17.45 -16.01
CA PRO A 2 -4.43 16.85 -16.96
C PRO A 2 -3.77 15.81 -17.86
N GLY A 3 -4.50 14.75 -18.18
CA GLY A 3 -4.02 13.75 -19.13
C GLY A 3 -3.09 12.74 -18.51
N SER A 4 -2.94 12.78 -17.18
CA SER A 4 -2.09 11.84 -16.47
C SER A 4 -2.78 10.48 -16.37
N MET A 5 -2.51 9.64 -17.37
CA MET A 5 -3.09 8.29 -17.47
C MET A 5 -4.63 8.33 -17.44
N LYS A 6 -5.20 8.38 -16.23
CA LYS A 6 -6.65 8.30 -16.05
C LYS A 6 -7.21 7.11 -16.84
N LYS A 7 -7.02 5.91 -16.32
CA LYS A 7 -7.40 4.70 -17.07
C LYS A 7 -8.76 4.18 -16.63
N SER A 8 -8.89 3.86 -15.35
CA SER A 8 -10.14 3.30 -14.81
C SER A 8 -10.38 3.75 -13.37
N ALA A 9 -11.63 4.06 -13.06
CA ALA A 9 -12.02 4.53 -11.72
C ALA A 9 -11.92 3.40 -10.69
N ARG A 10 -12.42 2.22 -11.06
CA ARG A 10 -12.41 1.05 -10.18
C ARG A 10 -11.01 0.73 -9.67
N ARG A 11 -10.00 1.19 -10.41
CA ARG A 11 -8.60 0.92 -10.07
C ARG A 11 -8.30 1.31 -8.62
N GLN A 12 -8.96 2.35 -8.12
CA GLN A 12 -8.81 2.77 -6.72
C GLN A 12 -9.13 1.60 -5.77
N SER A 13 -10.29 0.99 -5.98
CA SER A 13 -10.72 -0.13 -5.15
C SER A 13 -9.83 -1.36 -5.40
N ARG A 14 -9.33 -1.46 -6.62
CA ARG A 14 -8.50 -2.58 -7.04
C ARG A 14 -7.24 -2.69 -6.17
N GLU A 15 -6.45 -1.62 -6.14
CA GLU A 15 -5.20 -1.61 -5.38
C GLU A 15 -5.48 -1.84 -3.90
N LEU A 16 -6.48 -1.14 -3.40
CA LEU A 16 -6.91 -1.25 -2.01
C LEU A 16 -7.20 -2.71 -1.65
N ALA A 17 -7.89 -3.40 -2.55
CA ALA A 17 -8.27 -4.79 -2.33
C ALA A 17 -7.07 -5.73 -2.43
N THR A 18 -6.33 -5.64 -3.54
CA THR A 18 -5.26 -6.59 -3.84
C THR A 18 -4.21 -6.62 -2.72
N GLN A 19 -3.94 -5.45 -2.12
CA GLN A 19 -2.99 -5.37 -1.02
C GLN A 19 -3.50 -6.15 0.20
N GLY A 20 -4.79 -6.01 0.48
CA GLY A 20 -5.40 -6.72 1.59
C GLY A 20 -5.37 -8.21 1.40
N LEU A 21 -5.77 -8.65 0.20
CA LEU A 21 -5.77 -10.07 -0.14
C LEU A 21 -4.36 -10.65 -0.04
N TYR A 22 -3.36 -9.90 -0.51
CA TYR A 22 -1.98 -10.35 -0.42
C TYR A 22 -1.56 -10.53 1.03
N GLN A 23 -1.82 -9.51 1.86
CA GLN A 23 -1.48 -9.55 3.28
C GLN A 23 -2.13 -10.78 3.95
N TRP A 24 -3.37 -11.05 3.56
CA TRP A 24 -4.13 -12.16 4.13
C TRP A 24 -3.55 -13.50 3.66
N LEU A 25 -3.24 -13.60 2.37
CA LEU A 25 -2.69 -14.83 1.80
C LEU A 25 -1.25 -15.06 2.26
N LEU A 26 -0.55 -13.97 2.55
CA LEU A 26 0.85 -14.04 2.95
C LEU A 26 1.00 -14.48 4.41
N SER A 27 0.30 -13.79 5.30
CA SER A 27 0.46 -14.02 6.74
C SER A 27 -0.73 -14.77 7.33
N ASN A 28 -1.91 -14.63 6.70
CA ASN A 28 -3.16 -15.17 7.26
C ASN A 28 -3.33 -14.65 8.69
N ALA A 29 -2.97 -13.38 8.88
CA ALA A 29 -3.05 -12.73 10.17
C ALA A 29 -4.48 -12.76 10.71
N ALA A 30 -5.32 -11.88 10.16
CA ALA A 30 -6.73 -11.80 10.54
C ALA A 30 -7.43 -10.75 9.69
N PRO A 31 -8.67 -11.03 9.27
CA PRO A 31 -9.47 -10.08 8.49
C PRO A 31 -9.51 -8.69 9.15
N GLY A 32 -9.67 -8.67 10.46
CA GLY A 32 -9.74 -7.41 11.20
C GLY A 32 -8.45 -6.61 11.10
N GLU A 33 -7.32 -7.29 11.30
CA GLU A 33 -6.00 -6.64 11.28
C GLU A 33 -5.81 -5.87 9.97
N ILE A 34 -6.28 -6.46 8.88
CA ILE A 34 -6.14 -5.88 7.56
C ILE A 34 -7.28 -4.89 7.28
N ASP A 35 -8.46 -5.22 7.81
CA ASP A 35 -9.66 -4.42 7.62
C ASP A 35 -9.45 -3.00 8.14
N ALA A 36 -8.64 -2.88 9.19
CA ALA A 36 -8.34 -1.58 9.79
C ALA A 36 -7.78 -0.62 8.75
N GLN A 37 -7.05 -1.17 7.78
CA GLN A 37 -6.49 -0.38 6.69
C GLN A 37 -7.61 0.08 5.75
N LEU A 38 -8.56 -0.83 5.51
CA LEU A 38 -9.75 -0.53 4.71
C LEU A 38 -10.54 0.60 5.38
N ARG A 39 -10.61 0.54 6.71
CA ARG A 39 -11.33 1.54 7.50
C ARG A 39 -10.50 2.81 7.64
N GLY A 40 -9.25 2.75 7.20
CA GLY A 40 -8.39 3.92 7.21
C GLY A 40 -8.51 4.71 5.92
N ALA A 41 -8.23 4.04 4.80
CA ALA A 41 -8.34 4.66 3.48
C ALA A 41 -9.41 3.94 2.66
N LEU A 42 -10.64 4.45 2.72
CA LEU A 42 -11.74 3.85 1.99
C LEU A 42 -11.83 4.44 0.58
N GLY A 43 -11.59 3.60 -0.42
CA GLY A 43 -11.69 4.03 -1.80
C GLY A 43 -12.67 3.19 -2.60
N TYR A 44 -13.51 2.44 -1.89
CA TYR A 44 -14.52 1.60 -2.52
C TYR A 44 -15.59 2.44 -3.21
N ASP A 45 -16.27 3.28 -2.44
CA ASP A 45 -17.41 4.05 -2.94
C ASP A 45 -16.93 5.16 -3.87
N LYS A 46 -15.83 5.79 -3.49
CA LYS A 46 -15.27 6.90 -4.27
C LYS A 46 -14.14 6.42 -5.17
N ALA A 47 -14.31 5.22 -5.73
CA ALA A 47 -13.32 4.67 -6.64
C ALA A 47 -13.28 5.46 -7.93
N ASP A 48 -12.46 6.51 -7.97
CA ASP A 48 -12.26 7.31 -9.18
C ASP A 48 -10.99 8.15 -9.09
N LYS A 49 -10.60 8.71 -10.22
CA LYS A 49 -9.31 9.40 -10.38
C LYS A 49 -9.23 10.66 -9.51
N THR A 50 -10.37 11.27 -9.23
CA THR A 50 -10.40 12.59 -8.57
C THR A 50 -9.82 12.51 -7.15
N LEU A 51 -9.92 11.34 -6.53
CA LEU A 51 -9.56 11.16 -5.13
C LEU A 51 -8.10 11.53 -4.84
N LEU A 52 -7.21 11.34 -5.82
CA LEU A 52 -5.79 11.61 -5.61
C LEU A 52 -5.59 13.02 -5.03
N ASP A 53 -6.43 13.96 -5.47
CA ASP A 53 -6.37 15.34 -5.00
C ASP A 53 -6.50 15.43 -3.48
N THR A 54 -7.58 14.86 -2.94
CA THR A 54 -7.82 14.90 -1.51
C THR A 54 -6.88 13.96 -0.76
N ILE A 55 -6.54 12.84 -1.39
CA ILE A 55 -5.71 11.83 -0.74
C ILE A 55 -4.26 12.33 -0.57
N LEU A 56 -3.77 13.13 -1.52
CA LEU A 56 -2.44 13.72 -1.38
C LEU A 56 -2.48 14.79 -0.29
N HIS A 57 -3.57 15.54 -0.26
CA HIS A 57 -3.78 16.53 0.79
C HIS A 57 -3.81 15.82 2.14
N GLY A 58 -4.42 14.64 2.14
CA GLY A 58 -4.48 13.81 3.33
C GLY A 58 -3.14 13.20 3.67
N VAL A 59 -2.37 12.82 2.66
CA VAL A 59 -1.06 12.21 2.91
C VAL A 59 -0.12 13.24 3.52
N ILE A 60 -0.31 14.50 3.16
CA ILE A 60 0.42 15.61 3.77
C ILE A 60 -0.08 15.86 5.20
N ARG A 61 -1.40 15.99 5.36
CA ARG A 61 -2.01 16.42 6.62
C ARG A 61 -2.11 15.28 7.64
N GLU A 62 -2.86 14.24 7.27
CA GLU A 62 -3.25 13.18 8.21
C GLU A 62 -2.47 11.89 7.98
N HIS A 63 -1.24 11.99 7.49
CA HIS A 63 -0.39 10.81 7.26
C HIS A 63 -0.26 10.00 8.55
N ALA A 64 0.20 10.66 9.61
CA ALA A 64 0.35 10.05 10.92
C ALA A 64 -1.00 9.53 11.41
N THR A 65 -2.04 10.36 11.24
CA THR A 65 -3.39 9.99 11.64
C THR A 65 -3.82 8.70 10.94
N LEU A 66 -3.43 8.54 9.67
CA LEU A 66 -3.77 7.35 8.90
C LEU A 66 -3.06 6.15 9.49
N ALA A 67 -1.77 6.31 9.78
CA ALA A 67 -0.98 5.25 10.41
C ALA A 67 -1.53 4.87 11.78
N GLU A 68 -1.94 5.88 12.55
CA GLU A 68 -2.51 5.67 13.88
C GLU A 68 -3.94 5.14 13.79
N ALA A 69 -4.64 5.49 12.70
CA ALA A 69 -6.05 5.17 12.51
C ALA A 69 -6.31 3.67 12.61
N ILE A 70 -5.25 2.87 12.48
CA ILE A 70 -5.36 1.43 12.55
C ILE A 70 -5.83 0.98 13.95
N SER A 71 -5.44 1.72 14.99
CA SER A 71 -5.73 1.32 16.37
C SER A 71 -7.20 1.58 16.76
N PRO A 72 -7.76 2.80 16.53
CA PRO A 72 -9.14 3.12 16.92
C PRO A 72 -10.19 2.34 16.10
N SER A 73 -9.73 1.68 15.04
CA SER A 73 -10.62 0.88 14.21
C SER A 73 -10.83 -0.51 14.82
N LEU A 74 -9.92 -0.91 15.72
CA LEU A 74 -9.94 -2.25 16.30
C LEU A 74 -9.73 -2.21 17.81
N ASP A 75 -9.98 -3.36 18.44
CA ASP A 75 -9.60 -3.58 19.84
C ASP A 75 -8.10 -3.83 19.91
N ARG A 76 -7.56 -4.20 18.74
CA ARG A 76 -6.13 -4.49 18.58
C ARG A 76 -5.32 -3.20 18.71
N PRO A 77 -4.17 -3.25 19.41
CA PRO A 77 -3.26 -2.10 19.49
C PRO A 77 -2.61 -1.82 18.14
N ILE A 78 -2.25 -0.57 17.90
CA ILE A 78 -1.64 -0.15 16.63
C ILE A 78 -0.41 -1.00 16.28
N ASP A 79 0.30 -1.48 17.29
CA ASP A 79 1.53 -2.24 17.07
C ASP A 79 1.27 -3.75 17.14
N GLN A 80 0.00 -4.15 17.07
CA GLN A 80 -0.36 -5.57 17.10
C GLN A 80 0.23 -6.28 15.88
N LEU A 81 -0.12 -5.79 14.70
CA LEU A 81 0.53 -6.22 13.47
C LEU A 81 1.95 -5.66 13.48
N SER A 82 2.93 -6.50 13.10
CA SER A 82 4.35 -6.13 13.17
C SER A 82 4.59 -4.70 12.68
N PRO A 83 5.21 -3.84 13.54
CA PRO A 83 5.39 -2.41 13.27
C PRO A 83 5.83 -2.09 11.84
N VAL A 84 6.91 -2.75 11.39
CA VAL A 84 7.46 -2.48 10.07
C VAL A 84 6.50 -2.94 8.95
N GLU A 85 5.93 -4.13 9.11
CA GLU A 85 4.99 -4.66 8.13
C GLU A 85 3.78 -3.73 8.01
N ARG A 86 3.29 -3.27 9.16
CA ARG A 86 2.19 -2.33 9.22
C ARG A 86 2.55 -1.05 8.48
N ALA A 87 3.76 -0.55 8.74
CA ALA A 87 4.24 0.68 8.12
C ALA A 87 4.22 0.56 6.61
N VAL A 88 4.71 -0.58 6.11
CA VAL A 88 4.75 -0.82 4.67
C VAL A 88 3.35 -0.90 4.08
N LEU A 89 2.48 -1.68 4.72
CA LEU A 89 1.10 -1.83 4.28
C LEU A 89 0.43 -0.45 4.21
N LEU A 90 0.57 0.28 5.31
CA LEU A 90 -0.05 1.60 5.48
C LEU A 90 0.41 2.54 4.37
N ILE A 91 1.72 2.73 4.26
CA ILE A 91 2.30 3.66 3.29
C ILE A 91 2.01 3.22 1.86
N ALA A 92 2.26 1.94 1.57
CA ALA A 92 2.06 1.41 0.23
C ALA A 92 0.63 1.68 -0.25
N THR A 93 -0.34 1.28 0.56
CA THR A 93 -1.75 1.46 0.21
C THR A 93 -2.11 2.95 0.10
N TYR A 94 -1.74 3.73 1.12
CA TYR A 94 -2.03 5.15 1.16
C TYR A 94 -1.46 5.86 -0.08
N GLU A 95 -0.27 5.41 -0.50
CA GLU A 95 0.37 5.95 -1.70
C GLU A 95 -0.41 5.54 -2.94
N LEU A 96 -0.68 4.25 -3.08
CA LEU A 96 -1.40 3.73 -4.24
C LEU A 96 -2.70 4.51 -4.47
N THR A 97 -3.41 4.81 -3.38
CA THR A 97 -4.67 5.52 -3.46
C THR A 97 -4.53 6.84 -4.24
N HIS A 98 -3.35 7.45 -4.17
CA HIS A 98 -3.09 8.70 -4.89
C HIS A 98 -1.96 8.55 -5.89
N GLN A 99 -1.56 7.30 -6.17
CA GLN A 99 -0.47 7.03 -7.13
C GLN A 99 -0.77 5.80 -7.99
N ILE A 100 -2.06 5.51 -8.21
CA ILE A 100 -2.48 4.42 -9.11
C ILE A 100 -1.85 4.58 -10.50
N GLU A 101 -1.52 5.83 -10.82
CA GLU A 101 -1.00 6.19 -12.15
C GLU A 101 0.50 6.51 -12.07
N THR A 102 1.12 6.12 -10.97
CA THR A 102 2.54 6.39 -10.71
C THR A 102 3.37 5.11 -10.76
N PRO A 103 4.59 5.15 -11.37
CA PRO A 103 5.48 3.99 -11.52
C PRO A 103 5.74 3.22 -10.22
N TYR A 104 5.68 1.89 -10.30
CA TYR A 104 5.94 1.02 -9.16
C TYR A 104 7.35 1.27 -8.62
N ARG A 105 8.24 1.78 -9.47
CA ARG A 105 9.62 2.06 -9.09
C ARG A 105 9.66 2.96 -7.86
N VAL A 106 8.98 4.10 -7.94
CA VAL A 106 9.02 5.09 -6.87
C VAL A 106 8.27 4.57 -5.65
N ILE A 107 7.21 3.79 -5.88
CA ILE A 107 6.43 3.20 -4.78
C ILE A 107 7.32 2.31 -3.92
N ILE A 108 7.98 1.35 -4.57
CA ILE A 108 8.84 0.39 -3.89
C ILE A 108 10.05 1.12 -3.31
N ASN A 109 10.55 2.10 -4.05
CA ASN A 109 11.72 2.88 -3.62
C ASN A 109 11.45 3.57 -2.28
N GLU A 110 10.35 4.31 -2.21
CA GLU A 110 10.01 5.04 -1.00
C GLU A 110 9.68 4.05 0.13
N ALA A 111 8.98 2.97 -0.22
CA ALA A 111 8.65 1.93 0.75
C ALA A 111 9.91 1.33 1.38
N VAL A 112 10.90 0.98 0.55
CA VAL A 112 12.12 0.36 1.04
C VAL A 112 12.98 1.37 1.80
N GLU A 113 12.91 2.64 1.41
CA GLU A 113 13.59 3.71 2.14
C GLU A 113 13.09 3.77 3.58
N LEU A 114 11.78 3.67 3.75
CA LEU A 114 11.18 3.70 5.08
C LEU A 114 11.47 2.40 5.81
N ALA A 115 11.36 1.29 5.10
CA ALA A 115 11.63 -0.03 5.67
C ALA A 115 13.02 -0.08 6.29
N LYS A 116 13.94 0.73 5.75
CA LYS A 116 15.31 0.80 6.24
C LYS A 116 15.35 1.30 7.68
N THR A 117 14.61 2.37 7.98
CA THR A 117 14.61 2.96 9.32
C THR A 117 13.81 2.09 10.31
N PHE A 118 12.74 1.45 9.82
CA PHE A 118 11.90 0.64 10.70
C PHE A 118 12.58 -0.70 11.03
N GLY A 119 13.09 -1.36 10.00
CA GLY A 119 13.76 -2.64 10.20
C GLY A 119 15.27 -2.51 10.08
N GLY A 120 15.95 -3.63 9.89
CA GLY A 120 17.40 -3.62 9.70
C GLY A 120 17.78 -4.13 8.33
N SER A 121 18.99 -4.68 8.21
CA SER A 121 19.46 -5.28 6.97
C SER A 121 18.48 -6.34 6.47
N ASP A 122 17.84 -6.99 7.44
CA ASP A 122 16.82 -8.00 7.16
C ASP A 122 15.53 -7.36 6.66
N GLY A 123 15.17 -6.23 7.27
CA GLY A 123 13.89 -5.62 7.01
C GLY A 123 13.75 -5.08 5.60
N TYR A 124 14.62 -4.14 5.24
CA TYR A 124 14.49 -3.44 3.96
C TYR A 124 14.60 -4.43 2.80
N LYS A 125 15.46 -5.43 2.95
CA LYS A 125 15.68 -6.42 1.91
C LYS A 125 14.44 -7.28 1.72
N TYR A 126 14.00 -7.90 2.82
CA TYR A 126 12.84 -8.80 2.81
C TYR A 126 11.62 -8.11 2.19
N VAL A 127 11.24 -6.96 2.73
CA VAL A 127 10.02 -6.29 2.30
C VAL A 127 10.13 -5.76 0.87
N ASN A 128 11.35 -5.38 0.46
CA ASN A 128 11.57 -4.96 -0.92
C ASN A 128 11.28 -6.13 -1.85
N GLY A 129 11.77 -7.30 -1.45
CA GLY A 129 11.50 -8.51 -2.20
C GLY A 129 10.02 -8.79 -2.25
N VAL A 130 9.35 -8.56 -1.11
CA VAL A 130 7.91 -8.72 -1.00
C VAL A 130 7.17 -7.90 -2.06
N LEU A 131 7.49 -6.62 -2.14
CA LEU A 131 6.84 -5.72 -3.09
C LEU A 131 7.27 -6.05 -4.51
N ASP A 132 8.51 -6.49 -4.64
CA ASP A 132 9.06 -6.88 -5.93
C ASP A 132 8.31 -8.09 -6.49
N LYS A 133 7.94 -9.02 -5.60
CA LYS A 133 7.24 -10.25 -6.00
C LYS A 133 5.98 -9.93 -6.78
N LEU A 134 5.17 -9.02 -6.26
CA LEU A 134 3.93 -8.63 -6.93
C LEU A 134 4.23 -7.96 -8.26
N ALA A 135 5.15 -7.01 -8.22
CA ALA A 135 5.50 -6.24 -9.41
C ALA A 135 6.04 -7.13 -10.53
N VAL A 136 6.84 -8.13 -10.17
CA VAL A 136 7.51 -8.97 -11.17
C VAL A 136 6.57 -10.03 -11.74
N LYS A 137 5.60 -10.49 -10.95
CA LYS A 137 4.69 -11.52 -11.41
C LYS A 137 3.49 -10.91 -12.13
N LEU A 138 3.17 -9.66 -11.80
CA LEU A 138 2.05 -8.96 -12.44
C LEU A 138 2.57 -8.08 -13.59
N ARG A 139 3.81 -7.63 -13.49
CA ARG A 139 4.42 -6.79 -14.53
C ARG A 139 5.85 -7.28 -14.82
N PRO A 140 5.99 -8.50 -15.37
CA PRO A 140 7.31 -9.13 -15.59
C PRO A 140 8.15 -8.39 -16.62
N ALA A 141 7.48 -7.77 -17.59
CA ALA A 141 8.17 -7.11 -18.70
C ALA A 141 8.98 -5.91 -18.21
N GLU A 142 8.40 -5.14 -17.28
CA GLU A 142 9.03 -3.91 -16.79
C GLU A 142 10.03 -4.20 -15.69
N THR A 143 9.77 -5.24 -14.89
CA THR A 143 10.66 -5.60 -13.79
C THR A 143 11.93 -6.27 -14.32
N GLN A 144 11.75 -7.25 -15.20
CA GLN A 144 12.88 -7.96 -15.78
C GLN A 144 13.58 -7.08 -16.81
N ALA A 145 12.79 -6.53 -17.73
CA ALA A 145 13.30 -5.63 -18.77
C ALA A 145 14.43 -6.27 -19.58
N ARG A 146 14.53 -7.60 -19.50
CA ARG A 146 15.58 -8.33 -20.22
C ARG A 146 15.05 -8.85 -21.54
N ARG A 147 15.94 -9.07 -22.49
CA ARG A 147 15.55 -9.54 -23.83
C ARG A 147 15.19 -11.03 -23.79
N GLY A 148 16.03 -11.81 -23.12
CA GLY A 148 15.83 -13.24 -23.05
C GLY A 148 16.12 -13.91 -24.38
N ALA A 149 15.13 -13.92 -25.26
CA ALA A 149 15.24 -14.53 -26.58
C ALA A 149 14.02 -14.16 -27.43
N GLY A 1 -2.24 12.24 -15.25
CA GLY A 1 -3.44 12.60 -16.04
C GLY A 1 -4.19 11.37 -16.51
N PRO A 2 -3.74 10.73 -17.61
CA PRO A 2 -4.38 9.53 -18.13
C PRO A 2 -4.03 8.28 -17.31
N GLY A 3 -4.67 8.15 -16.15
CA GLY A 3 -4.45 7.02 -15.27
C GLY A 3 -4.94 5.72 -15.86
N SER A 4 -4.81 4.63 -15.10
CA SER A 4 -5.21 3.30 -15.55
C SER A 4 -6.73 3.14 -15.57
N MET A 5 -7.41 3.83 -14.64
CA MET A 5 -8.87 3.77 -14.56
C MET A 5 -9.50 4.64 -15.65
N LYS A 6 -9.46 4.13 -16.88
CA LYS A 6 -10.06 4.84 -18.02
C LYS A 6 -11.34 4.13 -18.46
N LYS A 7 -11.48 2.86 -18.10
CA LYS A 7 -12.69 2.10 -18.40
C LYS A 7 -13.60 2.09 -17.19
N SER A 8 -13.11 1.55 -16.07
CA SER A 8 -13.92 1.44 -14.86
C SER A 8 -13.21 2.08 -13.67
N ALA A 9 -13.97 2.84 -12.89
CA ALA A 9 -13.47 3.48 -11.69
C ALA A 9 -13.22 2.46 -10.58
N ARG A 10 -14.04 1.40 -10.56
CA ARG A 10 -14.02 0.42 -9.46
C ARG A 10 -12.63 -0.17 -9.25
N ARG A 11 -11.82 -0.17 -10.32
CA ARG A 11 -10.46 -0.68 -10.25
C ARG A 11 -9.67 -0.03 -9.10
N GLN A 12 -9.91 1.27 -8.88
CA GLN A 12 -9.22 1.99 -7.83
C GLN A 12 -9.57 1.40 -6.46
N SER A 13 -10.86 1.26 -6.21
CA SER A 13 -11.33 0.64 -4.96
C SER A 13 -10.70 -0.74 -4.77
N ARG A 14 -10.68 -1.51 -5.84
CA ARG A 14 -10.14 -2.88 -5.80
C ARG A 14 -8.63 -2.88 -5.64
N GLU A 15 -7.98 -1.84 -6.18
CA GLU A 15 -6.52 -1.75 -6.21
C GLU A 15 -5.92 -1.84 -4.81
N LEU A 16 -6.52 -1.13 -3.87
CA LEU A 16 -6.05 -1.14 -2.49
C LEU A 16 -6.43 -2.46 -1.80
N ALA A 17 -7.59 -2.99 -2.16
CA ALA A 17 -8.12 -4.21 -1.54
C ALA A 17 -7.19 -5.40 -1.82
N THR A 18 -6.72 -5.49 -3.05
CA THR A 18 -5.85 -6.58 -3.47
C THR A 18 -4.58 -6.62 -2.62
N GLN A 19 -4.15 -5.45 -2.16
CA GLN A 19 -2.96 -5.36 -1.30
C GLN A 19 -3.23 -6.05 0.03
N GLY A 20 -4.41 -5.75 0.60
CA GLY A 20 -4.80 -6.35 1.86
C GLY A 20 -4.91 -7.85 1.77
N LEU A 21 -5.62 -8.33 0.74
CA LEU A 21 -5.77 -9.77 0.53
C LEU A 21 -4.40 -10.43 0.30
N TYR A 22 -3.54 -9.76 -0.44
CA TYR A 22 -2.18 -10.23 -0.67
C TYR A 22 -1.47 -10.44 0.66
N GLN A 23 -1.49 -9.41 1.51
CA GLN A 23 -0.81 -9.47 2.80
C GLN A 23 -1.43 -10.54 3.69
N TRP A 24 -2.74 -10.78 3.53
CA TRP A 24 -3.42 -11.82 4.29
C TRP A 24 -2.86 -13.19 3.92
N LEU A 25 -2.83 -13.48 2.62
CA LEU A 25 -2.32 -14.77 2.14
C LEU A 25 -0.81 -14.89 2.37
N LEU A 26 -0.12 -13.76 2.27
CA LEU A 26 1.32 -13.71 2.34
C LEU A 26 1.82 -13.89 3.79
N SER A 27 1.23 -13.14 4.71
CA SER A 27 1.63 -13.19 6.12
C SER A 27 0.83 -14.27 6.88
N ASN A 28 -0.34 -14.63 6.35
CA ASN A 28 -1.23 -15.62 6.99
C ASN A 28 -1.62 -15.13 8.39
N ALA A 29 -1.89 -13.84 8.50
CA ALA A 29 -2.31 -13.23 9.76
C ALA A 29 -3.83 -13.30 9.90
N ALA A 30 -4.35 -12.68 10.96
CA ALA A 30 -5.80 -12.62 11.18
C ALA A 30 -6.45 -11.70 10.15
N PRO A 31 -7.62 -12.09 9.60
CA PRO A 31 -8.29 -11.33 8.54
C PRO A 31 -8.61 -9.89 8.95
N GLY A 32 -9.22 -9.74 10.12
CA GLY A 32 -9.63 -8.43 10.58
C GLY A 32 -8.46 -7.47 10.76
N GLU A 33 -7.37 -7.99 11.33
CA GLU A 33 -6.17 -7.19 11.58
C GLU A 33 -5.67 -6.50 10.30
N ILE A 34 -5.68 -7.23 9.19
CA ILE A 34 -5.20 -6.71 7.92
C ILE A 34 -6.33 -5.96 7.20
N ASP A 35 -7.54 -6.51 7.26
CA ASP A 35 -8.71 -5.92 6.63
C ASP A 35 -8.92 -4.49 7.12
N ALA A 36 -8.55 -4.27 8.38
CA ALA A 36 -8.71 -2.98 9.05
C ALA A 36 -8.07 -1.86 8.23
N GLN A 37 -6.99 -2.19 7.52
CA GLN A 37 -6.26 -1.18 6.76
C GLN A 37 -7.13 -0.63 5.63
N LEU A 38 -7.77 -1.55 4.90
CA LEU A 38 -8.67 -1.18 3.80
C LEU A 38 -9.94 -0.57 4.36
N ARG A 39 -10.39 -1.11 5.50
CA ARG A 39 -11.57 -0.59 6.20
C ARG A 39 -11.32 0.84 6.70
N GLY A 40 -10.07 1.13 7.04
CA GLY A 40 -9.71 2.46 7.50
C GLY A 40 -9.83 3.49 6.40
N ALA A 41 -9.13 3.26 5.29
CA ALA A 41 -9.23 4.13 4.12
C ALA A 41 -9.83 3.34 2.97
N LEU A 42 -11.15 3.42 2.84
CA LEU A 42 -11.87 2.65 1.83
C LEU A 42 -11.71 3.28 0.45
N GLY A 43 -11.19 2.49 -0.48
CA GLY A 43 -11.02 2.95 -1.85
C GLY A 43 -12.37 3.14 -2.52
N TYR A 44 -13.39 2.49 -1.97
CA TYR A 44 -14.76 2.61 -2.45
C TYR A 44 -15.20 4.08 -2.58
N ASP A 45 -14.75 4.89 -1.63
CA ASP A 45 -15.09 6.32 -1.63
C ASP A 45 -14.21 7.05 -2.64
N LYS A 46 -12.93 6.65 -2.70
CA LYS A 46 -11.94 7.31 -3.52
C LYS A 46 -11.77 6.56 -4.85
N ALA A 47 -12.88 6.03 -5.37
CA ALA A 47 -12.85 5.11 -6.51
C ALA A 47 -12.58 5.82 -7.84
N ASP A 48 -12.07 7.04 -7.80
CA ASP A 48 -11.87 7.84 -9.01
C ASP A 48 -10.63 8.72 -8.92
N LYS A 49 -10.10 9.04 -10.10
CA LYS A 49 -8.91 9.85 -10.28
C LYS A 49 -8.96 11.17 -9.48
N THR A 50 -10.12 11.80 -9.45
CA THR A 50 -10.25 13.13 -8.85
C THR A 50 -10.02 13.09 -7.34
N LEU A 51 -10.42 11.98 -6.71
CA LEU A 51 -10.27 11.82 -5.26
C LEU A 51 -8.81 11.62 -4.88
N LEU A 52 -8.05 11.05 -5.81
CA LEU A 52 -6.64 10.74 -5.59
C LEU A 52 -5.84 12.02 -5.30
N ASP A 53 -6.23 13.09 -5.99
CA ASP A 53 -5.54 14.39 -5.89
C ASP A 53 -5.77 14.97 -4.50
N THR A 54 -6.94 14.65 -3.98
CA THR A 54 -7.32 15.00 -2.64
C THR A 54 -6.50 14.19 -1.62
N ILE A 55 -6.29 12.90 -1.92
CA ILE A 55 -5.61 11.98 -1.00
C ILE A 55 -4.18 12.41 -0.67
N LEU A 56 -3.45 12.90 -1.67
CA LEU A 56 -2.04 13.26 -1.49
C LEU A 56 -1.88 14.29 -0.36
N HIS A 57 -2.93 15.10 -0.14
CA HIS A 57 -2.93 16.08 0.94
C HIS A 57 -2.82 15.36 2.28
N GLY A 58 -3.59 14.29 2.41
CA GLY A 58 -3.55 13.47 3.61
C GLY A 58 -2.22 12.75 3.74
N VAL A 59 -1.72 12.25 2.62
CA VAL A 59 -0.44 11.54 2.59
C VAL A 59 0.68 12.40 3.17
N ILE A 60 0.79 13.62 2.68
CA ILE A 60 1.83 14.53 3.10
C ILE A 60 1.60 15.04 4.52
N ARG A 61 0.41 15.58 4.77
CA ARG A 61 0.09 16.22 6.05
C ARG A 61 -0.32 15.21 7.12
N GLU A 62 -1.35 14.44 6.83
CA GLU A 62 -2.02 13.61 7.84
C GLU A 62 -1.44 12.19 7.85
N HIS A 63 -0.18 12.08 7.46
CA HIS A 63 0.56 10.82 7.49
C HIS A 63 0.55 10.22 8.90
N ALA A 64 0.92 11.05 9.87
CA ALA A 64 1.00 10.63 11.26
C ALA A 64 -0.37 10.15 11.76
N THR A 65 -1.38 11.00 11.59
CA THR A 65 -2.72 10.70 12.06
C THR A 65 -3.26 9.43 11.40
N LEU A 66 -2.91 9.24 10.12
CA LEU A 66 -3.28 8.02 9.40
C LEU A 66 -2.69 6.81 10.12
N ALA A 67 -1.39 6.88 10.42
CA ALA A 67 -0.72 5.78 11.13
C ALA A 67 -1.24 5.62 12.56
N GLU A 68 -1.70 6.72 13.17
CA GLU A 68 -2.21 6.71 14.54
C GLU A 68 -3.59 6.05 14.59
N ALA A 69 -4.47 6.49 13.70
CA ALA A 69 -5.89 6.13 13.75
C ALA A 69 -6.11 4.63 13.50
N ILE A 70 -5.11 3.94 12.98
CA ILE A 70 -5.25 2.53 12.63
C ILE A 70 -5.11 1.63 13.86
N SER A 71 -4.46 2.13 14.92
CA SER A 71 -4.23 1.33 16.13
C SER A 71 -5.54 1.12 16.92
N PRO A 72 -6.32 2.20 17.20
CA PRO A 72 -7.59 2.08 17.93
C PRO A 72 -8.75 1.64 17.03
N SER A 73 -8.42 1.33 15.77
CA SER A 73 -9.43 0.91 14.79
C SER A 73 -10.07 -0.42 15.19
N LEU A 74 -9.36 -1.18 16.01
CA LEU A 74 -9.83 -2.49 16.48
C LEU A 74 -9.54 -2.64 17.96
N ASP A 75 -9.95 -3.80 18.51
CA ASP A 75 -9.55 -4.20 19.85
C ASP A 75 -8.12 -4.71 19.78
N ARG A 76 -7.76 -5.15 18.57
CA ARG A 76 -6.45 -5.69 18.27
C ARG A 76 -5.45 -4.54 18.10
N PRO A 77 -4.38 -4.50 18.93
CA PRO A 77 -3.40 -3.40 18.87
C PRO A 77 -2.65 -3.35 17.54
N ILE A 78 -1.92 -2.26 17.31
CA ILE A 78 -1.14 -2.10 16.08
C ILE A 78 -0.09 -3.21 15.97
N ASP A 79 0.38 -3.70 17.11
CA ASP A 79 1.46 -4.71 17.19
C ASP A 79 1.10 -6.04 16.53
N GLN A 80 -0.18 -6.26 16.24
CA GLN A 80 -0.62 -7.50 15.58
C GLN A 80 0.27 -7.80 14.37
N LEU A 81 0.36 -6.83 13.49
CA LEU A 81 1.37 -6.85 12.42
C LEU A 81 2.52 -5.96 12.87
N SER A 82 3.74 -6.44 12.73
CA SER A 82 4.91 -5.71 13.21
C SER A 82 4.87 -4.27 12.70
N PRO A 83 5.21 -3.28 13.57
CA PRO A 83 5.19 -1.85 13.21
C PRO A 83 5.68 -1.60 11.79
N VAL A 84 6.81 -2.21 11.42
CA VAL A 84 7.36 -2.06 10.08
C VAL A 84 6.40 -2.60 9.01
N GLU A 85 5.83 -3.79 9.25
CA GLU A 85 4.95 -4.44 8.29
C GLU A 85 3.70 -3.59 8.06
N ARG A 86 3.02 -3.26 9.15
CA ARG A 86 1.76 -2.54 9.08
C ARG A 86 1.99 -1.13 8.54
N ALA A 87 3.11 -0.52 8.93
CA ALA A 87 3.49 0.80 8.41
C ALA A 87 3.69 0.73 6.90
N VAL A 88 4.43 -0.26 6.44
CA VAL A 88 4.64 -0.46 5.01
C VAL A 88 3.31 -0.63 4.28
N LEU A 89 2.40 -1.40 4.89
CA LEU A 89 1.10 -1.67 4.26
C LEU A 89 0.31 -0.37 4.11
N LEU A 90 0.18 0.40 5.19
CA LEU A 90 -0.64 1.61 5.17
C LEU A 90 0.04 2.73 4.37
N ILE A 91 1.38 2.77 4.42
CA ILE A 91 2.14 3.71 3.58
C ILE A 91 1.91 3.39 2.11
N ALA A 92 2.15 2.14 1.74
CA ALA A 92 2.04 1.71 0.35
C ALA A 92 0.62 1.90 -0.18
N THR A 93 -0.36 1.66 0.67
CA THR A 93 -1.76 1.84 0.28
C THR A 93 -2.08 3.32 0.06
N TYR A 94 -1.73 4.15 1.05
CA TYR A 94 -2.00 5.58 1.01
C TYR A 94 -1.28 6.22 -0.18
N GLU A 95 -0.09 5.71 -0.48
CA GLU A 95 0.69 6.14 -1.64
C GLU A 95 0.04 5.67 -2.94
N LEU A 96 -0.17 4.35 -3.02
CA LEU A 96 -0.70 3.72 -4.24
C LEU A 96 -1.96 4.43 -4.72
N THR A 97 -2.83 4.79 -3.77
CA THR A 97 -4.09 5.46 -4.08
C THR A 97 -3.88 6.60 -5.09
N HIS A 98 -2.88 7.45 -4.85
CA HIS A 98 -2.69 8.65 -5.67
C HIS A 98 -1.47 8.53 -6.58
N GLN A 99 -0.88 7.34 -6.69
CA GLN A 99 0.32 7.14 -7.50
C GLN A 99 0.09 6.07 -8.56
N ILE A 100 -1.12 6.02 -9.10
CA ILE A 100 -1.47 5.03 -10.13
C ILE A 100 -0.63 5.20 -11.39
N GLU A 101 -0.07 6.40 -11.60
CA GLU A 101 0.76 6.69 -12.76
C GLU A 101 2.24 6.73 -12.39
N THR A 102 2.52 6.64 -11.09
CA THR A 102 3.87 6.77 -10.57
C THR A 102 4.62 5.43 -10.64
N PRO A 103 5.87 5.43 -11.14
CA PRO A 103 6.68 4.22 -11.28
C PRO A 103 6.86 3.50 -9.94
N TYR A 104 6.48 2.22 -9.92
CA TYR A 104 6.65 1.36 -8.75
C TYR A 104 8.08 1.45 -8.21
N ARG A 105 9.03 1.75 -9.12
CA ARG A 105 10.44 1.88 -8.76
C ARG A 105 10.63 2.82 -7.58
N VAL A 106 10.10 4.03 -7.70
CA VAL A 106 10.26 5.05 -6.69
C VAL A 106 9.47 4.70 -5.44
N ILE A 107 8.32 4.04 -5.63
CA ILE A 107 7.49 3.61 -4.49
C ILE A 107 8.21 2.54 -3.67
N ILE A 108 8.90 1.62 -4.36
CA ILE A 108 9.66 0.57 -3.70
C ILE A 108 10.84 1.18 -2.96
N ASN A 109 11.53 2.10 -3.62
CA ASN A 109 12.64 2.83 -3.00
C ASN A 109 12.16 3.54 -1.73
N GLU A 110 11.08 4.29 -1.87
CA GLU A 110 10.51 5.02 -0.75
C GLU A 110 10.12 4.06 0.38
N ALA A 111 9.45 2.98 0.01
CA ALA A 111 9.01 1.98 0.98
C ALA A 111 10.19 1.41 1.77
N VAL A 112 11.27 1.07 1.06
CA VAL A 112 12.43 0.47 1.71
C VAL A 112 13.12 1.51 2.61
N GLU A 113 13.03 2.79 2.24
CA GLU A 113 13.47 3.89 3.11
C GLU A 113 12.86 3.76 4.51
N LEU A 114 11.54 3.75 4.58
CA LEU A 114 10.83 3.71 5.85
C LEU A 114 11.04 2.36 6.56
N ALA A 115 11.08 1.28 5.78
CA ALA A 115 11.32 -0.04 6.34
C ALA A 115 12.68 -0.08 7.05
N LYS A 116 13.65 0.60 6.46
CA LYS A 116 14.98 0.75 7.05
C LYS A 116 14.88 1.42 8.43
N THR A 117 13.88 2.28 8.58
CA THR A 117 13.66 2.98 9.84
C THR A 117 13.05 2.07 10.91
N PHE A 118 12.11 1.21 10.52
CA PHE A 118 11.34 0.42 11.49
C PHE A 118 11.83 -1.03 11.58
N GLY A 119 12.80 -1.40 10.74
CA GLY A 119 13.35 -2.75 10.78
C GLY A 119 14.82 -2.77 10.40
N GLY A 120 15.48 -3.89 10.66
CA GLY A 120 16.89 -4.03 10.33
C GLY A 120 17.11 -4.69 8.99
N SER A 121 18.07 -5.60 8.93
CA SER A 121 18.35 -6.35 7.70
C SER A 121 17.13 -7.17 7.30
N ASP A 122 16.26 -7.44 8.28
CA ASP A 122 15.01 -8.14 8.06
C ASP A 122 13.95 -7.17 7.51
N GLY A 123 13.95 -5.96 8.05
CA GLY A 123 12.92 -4.98 7.71
C GLY A 123 12.98 -4.52 6.26
N TYR A 124 14.13 -4.00 5.84
CA TYR A 124 14.28 -3.47 4.48
C TYR A 124 14.12 -4.59 3.45
N LYS A 125 14.56 -5.78 3.83
CA LYS A 125 14.54 -6.94 2.94
C LYS A 125 13.10 -7.41 2.73
N TYR A 126 12.33 -7.40 3.82
CA TYR A 126 10.93 -7.81 3.81
C TYR A 126 10.15 -7.03 2.76
N VAL A 127 10.20 -5.70 2.85
CA VAL A 127 9.46 -4.84 1.93
C VAL A 127 10.02 -4.95 0.50
N ASN A 128 11.34 -4.98 0.38
CA ASN A 128 11.99 -5.05 -0.92
C ASN A 128 11.59 -6.34 -1.63
N GLY A 129 11.44 -7.40 -0.86
CA GLY A 129 11.07 -8.70 -1.42
C GLY A 129 9.64 -8.75 -1.88
N VAL A 130 8.70 -8.40 -1.01
CA VAL A 130 7.28 -8.50 -1.30
C VAL A 130 6.88 -7.60 -2.48
N LEU A 131 7.42 -6.38 -2.53
CA LEU A 131 7.09 -5.44 -3.60
C LEU A 131 7.65 -5.92 -4.93
N ASP A 132 8.81 -6.58 -4.86
CA ASP A 132 9.45 -7.11 -6.07
C ASP A 132 8.55 -8.13 -6.76
N LYS A 133 8.07 -9.10 -5.98
CA LYS A 133 7.26 -10.20 -6.51
C LYS A 133 5.92 -9.67 -7.06
N LEU A 134 5.41 -8.64 -6.41
CA LEU A 134 4.17 -7.99 -6.84
C LEU A 134 4.39 -7.23 -8.15
N ALA A 135 5.37 -6.34 -8.15
CA ALA A 135 5.65 -5.48 -9.31
C ALA A 135 5.97 -6.32 -10.54
N VAL A 136 6.76 -7.37 -10.37
CA VAL A 136 7.19 -8.19 -11.50
C VAL A 136 6.04 -8.99 -12.08
N LYS A 137 5.05 -9.35 -11.25
CA LYS A 137 3.93 -10.16 -11.73
C LYS A 137 2.87 -9.28 -12.39
N LEU A 138 2.70 -8.04 -11.91
CA LEU A 138 1.74 -7.14 -12.55
C LEU A 138 2.38 -6.33 -13.68
N ARG A 139 3.71 -6.21 -13.68
CA ARG A 139 4.44 -5.52 -14.75
C ARG A 139 5.77 -6.23 -15.04
N PRO A 140 5.74 -7.36 -15.76
CA PRO A 140 6.94 -8.13 -16.07
C PRO A 140 7.93 -7.35 -16.95
N ALA A 141 7.41 -6.68 -17.97
CA ALA A 141 8.25 -5.93 -18.91
C ALA A 141 9.00 -4.82 -18.19
N GLU A 142 8.33 -4.15 -17.27
CA GLU A 142 8.90 -3.01 -16.55
C GLU A 142 10.00 -3.45 -15.59
N THR A 143 9.71 -4.47 -14.80
CA THR A 143 10.64 -4.94 -13.79
C THR A 143 11.83 -5.65 -14.40
N GLN A 144 11.56 -6.58 -15.31
CA GLN A 144 12.60 -7.39 -15.92
C GLN A 144 13.41 -6.61 -16.93
N ALA A 145 12.73 -5.82 -17.77
CA ALA A 145 13.39 -5.06 -18.84
C ALA A 145 14.25 -5.99 -19.68
N ARG A 146 13.84 -7.25 -19.76
CA ARG A 146 14.60 -8.31 -20.41
C ARG A 146 14.72 -8.09 -21.91
N ARG A 147 15.76 -8.66 -22.50
CA ARG A 147 16.00 -8.58 -23.94
C ARG A 147 16.20 -9.98 -24.53
N GLY A 148 16.21 -10.06 -25.85
CA GLY A 148 16.44 -11.32 -26.54
C GLY A 148 17.91 -11.56 -26.77
N ALA A 149 18.71 -11.38 -25.72
CA ALA A 149 20.16 -11.53 -25.79
C ALA A 149 20.62 -12.80 -25.09
N GLY A 1 -18.06 13.79 -2.12
CA GLY A 1 -17.21 13.99 -3.32
C GLY A 1 -17.78 13.34 -4.57
N PRO A 2 -18.09 14.12 -5.62
CA PRO A 2 -18.65 13.58 -6.87
C PRO A 2 -17.60 12.79 -7.65
N GLY A 3 -17.76 11.47 -7.69
CA GLY A 3 -16.83 10.61 -8.41
C GLY A 3 -17.06 10.67 -9.91
N SER A 4 -16.68 11.79 -10.52
CA SER A 4 -16.81 11.98 -11.95
C SER A 4 -15.79 11.10 -12.68
N MET A 5 -16.22 9.90 -13.05
CA MET A 5 -15.34 8.87 -13.59
C MET A 5 -14.51 9.36 -14.78
N LYS A 6 -13.23 9.60 -14.54
CA LYS A 6 -12.28 9.86 -15.61
C LYS A 6 -11.86 8.51 -16.18
N LYS A 7 -11.45 7.64 -15.27
CA LYS A 7 -11.28 6.22 -15.54
C LYS A 7 -12.42 5.50 -14.84
N SER A 8 -12.31 4.19 -14.66
CA SER A 8 -13.31 3.50 -13.86
C SER A 8 -13.05 3.79 -12.38
N ALA A 9 -14.11 4.09 -11.64
CA ALA A 9 -13.98 4.49 -10.23
C ALA A 9 -13.55 3.31 -9.37
N ARG A 10 -14.07 2.14 -9.71
CA ARG A 10 -13.83 0.92 -8.94
C ARG A 10 -12.33 0.60 -8.87
N ARG A 11 -11.57 1.07 -9.86
CA ARG A 11 -10.13 0.79 -9.90
C ARG A 11 -9.45 1.18 -8.60
N GLN A 12 -9.61 2.44 -8.20
CA GLN A 12 -8.91 2.97 -7.02
C GLN A 12 -9.22 2.12 -5.79
N SER A 13 -10.47 1.66 -5.71
CA SER A 13 -10.93 0.86 -4.57
C SER A 13 -10.33 -0.56 -4.63
N ARG A 14 -10.27 -1.14 -5.83
CA ARG A 14 -9.78 -2.50 -6.01
C ARG A 14 -8.28 -2.57 -5.79
N GLU A 15 -7.55 -1.56 -6.27
CA GLU A 15 -6.09 -1.55 -6.19
C GLU A 15 -5.63 -1.59 -4.73
N LEU A 16 -6.27 -0.80 -3.88
CA LEU A 16 -5.92 -0.75 -2.47
C LEU A 16 -6.40 -2.00 -1.74
N ALA A 17 -7.50 -2.57 -2.22
CA ALA A 17 -8.10 -3.76 -1.61
C ALA A 17 -7.23 -4.99 -1.83
N THR A 18 -6.78 -5.18 -3.07
CA THR A 18 -6.00 -6.36 -3.43
C THR A 18 -4.71 -6.42 -2.60
N GLN A 19 -4.21 -5.27 -2.17
CA GLN A 19 -3.03 -5.21 -1.32
C GLN A 19 -3.35 -5.80 0.04
N GLY A 20 -4.53 -5.47 0.55
CA GLY A 20 -4.98 -6.02 1.82
C GLY A 20 -5.15 -7.52 1.75
N LEU A 21 -5.80 -7.99 0.69
CA LEU A 21 -5.98 -9.43 0.47
C LEU A 21 -4.63 -10.12 0.29
N TYR A 22 -3.68 -9.41 -0.31
CA TYR A 22 -2.34 -9.94 -0.50
C TYR A 22 -1.64 -10.10 0.85
N GLN A 23 -1.71 -9.07 1.69
CA GLN A 23 -1.16 -9.11 3.04
C GLN A 23 -1.80 -10.25 3.83
N TRP A 24 -3.09 -10.47 3.59
CA TRP A 24 -3.82 -11.55 4.24
C TRP A 24 -3.24 -12.91 3.85
N LEU A 25 -3.19 -13.16 2.54
CA LEU A 25 -2.70 -14.43 2.01
C LEU A 25 -1.23 -14.65 2.38
N LEU A 26 -0.46 -13.57 2.40
CA LEU A 26 0.98 -13.65 2.65
C LEU A 26 1.28 -13.89 4.13
N SER A 27 0.76 -13.03 4.99
CA SER A 27 1.07 -13.07 6.42
C SER A 27 0.14 -14.03 7.17
N ASN A 28 -0.98 -14.39 6.53
CA ASN A 28 -2.00 -15.25 7.13
C ASN A 28 -2.63 -14.57 8.34
N ALA A 29 -2.73 -13.24 8.26
CA ALA A 29 -3.32 -12.44 9.33
C ALA A 29 -4.85 -12.55 9.31
N ALA A 30 -5.51 -11.78 10.17
CA ALA A 30 -6.97 -11.74 10.21
C ALA A 30 -7.50 -10.62 9.32
N PRO A 31 -8.55 -10.89 8.52
CA PRO A 31 -9.14 -9.90 7.61
C PRO A 31 -9.48 -8.58 8.33
N GLY A 32 -10.04 -8.70 9.54
CA GLY A 32 -10.42 -7.54 10.31
C GLY A 32 -9.24 -6.67 10.69
N GLU A 33 -8.10 -7.31 10.93
CA GLU A 33 -6.88 -6.61 11.31
C GLU A 33 -6.36 -5.74 10.16
N ILE A 34 -6.60 -6.21 8.94
CA ILE A 34 -6.16 -5.51 7.74
C ILE A 34 -7.18 -4.45 7.34
N ASP A 35 -8.47 -4.82 7.41
CA ASP A 35 -9.58 -3.91 7.17
C ASP A 35 -9.41 -2.64 8.00
N ALA A 36 -8.81 -2.82 9.17
CA ALA A 36 -8.56 -1.74 10.12
C ALA A 36 -7.88 -0.53 9.47
N GLN A 37 -7.06 -0.76 8.45
CA GLN A 37 -6.38 0.35 7.77
C GLN A 37 -7.39 1.23 7.04
N LEU A 38 -8.43 0.61 6.49
CA LEU A 38 -9.49 1.31 5.77
C LEU A 38 -10.53 1.82 6.76
N ARG A 39 -10.61 1.16 7.91
CA ARG A 39 -11.51 1.54 9.00
C ARG A 39 -11.43 3.04 9.27
N GLY A 40 -10.21 3.59 9.21
CA GLY A 40 -9.99 5.00 9.44
C GLY A 40 -10.31 5.85 8.21
N ALA A 41 -9.81 5.41 7.06
CA ALA A 41 -9.98 6.15 5.81
C ALA A 41 -10.82 5.35 4.82
N LEU A 42 -12.10 5.68 4.72
CA LEU A 42 -13.02 5.01 3.81
C LEU A 42 -12.69 5.41 2.38
N GLY A 43 -12.23 4.45 1.58
CA GLY A 43 -11.84 4.74 0.21
C GLY A 43 -12.97 4.55 -0.78
N TYR A 44 -14.12 4.09 -0.29
CA TYR A 44 -15.27 3.80 -1.15
C TYR A 44 -15.68 5.02 -1.97
N ASP A 45 -15.85 6.14 -1.28
CA ASP A 45 -16.24 7.39 -1.92
C ASP A 45 -15.03 8.15 -2.46
N LYS A 46 -13.84 7.62 -2.21
CA LYS A 46 -12.60 8.22 -2.71
C LYS A 46 -12.17 7.53 -4.00
N ALA A 47 -12.95 6.54 -4.40
CA ALA A 47 -12.62 5.72 -5.56
C ALA A 47 -12.96 6.43 -6.87
N ASP A 48 -11.97 7.18 -7.38
CA ASP A 48 -12.04 7.79 -8.71
C ASP A 48 -10.77 8.60 -8.99
N LYS A 49 -10.44 8.76 -10.27
CA LYS A 49 -9.22 9.43 -10.71
C LYS A 49 -9.22 10.91 -10.33
N THR A 50 -10.39 11.49 -10.12
CA THR A 50 -10.49 12.90 -9.74
C THR A 50 -10.19 13.08 -8.25
N LEU A 51 -10.53 12.06 -7.47
CA LEU A 51 -10.39 12.11 -6.02
C LEU A 51 -8.93 12.04 -5.58
N LEU A 52 -8.07 11.45 -6.42
CA LEU A 52 -6.65 11.26 -6.07
C LEU A 52 -6.04 12.56 -5.53
N ASP A 53 -6.46 13.69 -6.10
CA ASP A 53 -5.98 15.00 -5.65
C ASP A 53 -6.14 15.18 -4.13
N THR A 54 -7.35 14.98 -3.62
CA THR A 54 -7.59 15.13 -2.18
C THR A 54 -6.90 14.00 -1.42
N ILE A 55 -6.86 12.82 -2.02
CA ILE A 55 -6.23 11.65 -1.41
C ILE A 55 -4.73 11.89 -1.16
N LEU A 56 -4.06 12.49 -2.14
CA LEU A 56 -2.62 12.72 -2.03
C LEU A 56 -2.33 13.78 -0.97
N HIS A 57 -3.26 14.73 -0.82
CA HIS A 57 -3.16 15.74 0.23
C HIS A 57 -3.19 15.04 1.58
N GLY A 58 -4.13 14.11 1.73
CA GLY A 58 -4.23 13.33 2.95
C GLY A 58 -2.98 12.49 3.18
N VAL A 59 -2.46 11.90 2.11
CA VAL A 59 -1.25 11.09 2.19
C VAL A 59 -0.09 11.89 2.76
N ILE A 60 0.12 13.08 2.22
CA ILE A 60 1.22 13.94 2.63
C ILE A 60 0.96 14.54 4.01
N ARG A 61 -0.27 14.97 4.25
CA ARG A 61 -0.63 15.72 5.46
C ARG A 61 -0.90 14.76 6.63
N GLU A 62 -1.89 13.89 6.46
CA GLU A 62 -2.37 13.02 7.54
C GLU A 62 -1.68 11.65 7.53
N HIS A 63 -0.46 11.59 6.98
CA HIS A 63 0.30 10.33 6.92
C HIS A 63 0.43 9.72 8.33
N ALA A 64 0.92 10.55 9.25
CA ALA A 64 1.07 10.14 10.64
C ALA A 64 -0.27 9.76 11.23
N THR A 65 -1.26 10.65 11.08
CA THR A 65 -2.60 10.43 11.60
C THR A 65 -3.19 9.12 11.08
N LEU A 66 -2.84 8.77 9.84
CA LEU A 66 -3.30 7.53 9.23
C LEU A 66 -2.65 6.35 9.94
N ALA A 67 -1.33 6.44 10.17
CA ALA A 67 -0.61 5.40 10.91
C ALA A 67 -1.08 5.32 12.37
N GLU A 68 -1.47 6.46 12.93
CA GLU A 68 -1.91 6.52 14.33
C GLU A 68 -3.28 5.87 14.49
N ALA A 69 -4.23 6.29 13.65
CA ALA A 69 -5.63 5.85 13.76
C ALA A 69 -5.78 4.35 13.49
N ILE A 70 -4.74 3.72 12.97
CA ILE A 70 -4.78 2.31 12.64
C ILE A 70 -4.70 1.45 13.92
N SER A 71 -4.08 1.98 14.97
CA SER A 71 -3.86 1.22 16.20
C SER A 71 -5.15 1.11 17.05
N PRO A 72 -5.86 2.24 17.33
CA PRO A 72 -7.09 2.22 18.13
C PRO A 72 -8.26 1.58 17.38
N SER A 73 -8.00 1.17 16.15
CA SER A 73 -9.00 0.48 15.32
C SER A 73 -9.29 -0.90 15.92
N LEU A 74 -8.30 -1.45 16.63
CA LEU A 74 -8.45 -2.75 17.30
C LEU A 74 -8.27 -2.56 18.81
N ASP A 75 -8.84 -3.46 19.60
CA ASP A 75 -8.67 -3.44 21.04
C ASP A 75 -7.21 -3.70 21.41
N ARG A 76 -6.61 -4.64 20.71
CA ARG A 76 -5.18 -4.90 20.82
C ARG A 76 -4.49 -4.03 19.77
N PRO A 77 -3.56 -3.13 20.20
CA PRO A 77 -2.92 -2.14 19.31
C PRO A 77 -2.29 -2.73 18.04
N ILE A 78 -1.65 -1.84 17.29
CA ILE A 78 -1.03 -2.13 15.98
C ILE A 78 -0.16 -3.40 16.02
N ASP A 79 0.23 -3.81 17.23
CA ASP A 79 1.12 -4.97 17.46
C ASP A 79 0.62 -6.25 16.79
N GLN A 80 -0.69 -6.33 16.51
CA GLN A 80 -1.30 -7.53 15.91
C GLN A 80 -0.49 -8.04 14.72
N LEU A 81 0.17 -7.14 14.02
CA LEU A 81 1.15 -7.48 12.98
C LEU A 81 2.41 -6.68 13.24
N SER A 82 3.55 -7.19 12.77
CA SER A 82 4.83 -6.53 13.00
C SER A 82 4.77 -5.08 12.50
N PRO A 83 5.28 -4.11 13.29
CA PRO A 83 5.23 -2.69 12.96
C PRO A 83 5.68 -2.41 11.52
N VAL A 84 6.71 -3.14 11.09
CA VAL A 84 7.20 -3.03 9.71
C VAL A 84 6.14 -3.48 8.70
N GLU A 85 5.43 -4.57 9.01
CA GLU A 85 4.37 -5.07 8.13
C GLU A 85 3.26 -4.04 8.02
N ARG A 86 2.82 -3.53 9.17
CA ARG A 86 1.78 -2.52 9.23
C ARG A 86 2.22 -1.25 8.51
N ALA A 87 3.50 -0.90 8.67
CA ALA A 87 4.06 0.28 8.02
C ALA A 87 4.03 0.12 6.50
N VAL A 88 4.56 -0.99 6.01
CA VAL A 88 4.59 -1.26 4.57
C VAL A 88 3.19 -1.25 3.99
N LEU A 89 2.30 -2.03 4.60
CA LEU A 89 0.92 -2.14 4.12
C LEU A 89 0.24 -0.76 4.08
N LEU A 90 0.34 -0.05 5.20
CA LEU A 90 -0.35 1.23 5.36
C LEU A 90 0.18 2.27 4.38
N ILE A 91 1.50 2.44 4.35
CA ILE A 91 2.13 3.40 3.44
C ILE A 91 1.82 3.04 1.99
N ALA A 92 2.07 1.78 1.62
CA ALA A 92 1.85 1.32 0.26
C ALA A 92 0.42 1.54 -0.19
N THR A 93 -0.53 1.15 0.65
CA THR A 93 -1.95 1.25 0.32
C THR A 93 -2.40 2.71 0.18
N TYR A 94 -2.09 3.52 1.20
CA TYR A 94 -2.51 4.92 1.20
C TYR A 94 -1.95 5.68 0.00
N GLU A 95 -0.68 5.45 -0.30
CA GLU A 95 -0.05 6.09 -1.45
C GLU A 95 -0.58 5.50 -2.76
N LEU A 96 -0.64 4.18 -2.85
CA LEU A 96 -1.12 3.50 -4.05
C LEU A 96 -2.50 4.01 -4.44
N THR A 97 -3.33 4.33 -3.44
CA THR A 97 -4.68 4.82 -3.70
C THR A 97 -4.66 6.02 -4.65
N HIS A 98 -3.56 6.78 -4.63
CA HIS A 98 -3.41 7.94 -5.53
C HIS A 98 -2.19 7.77 -6.44
N GLN A 99 -1.61 6.57 -6.45
CA GLN A 99 -0.39 6.29 -7.20
C GLN A 99 -0.50 5.00 -8.00
N ILE A 100 -1.74 4.65 -8.37
CA ILE A 100 -2.00 3.45 -9.18
C ILE A 100 -1.23 3.48 -10.50
N GLU A 101 -0.89 4.68 -10.96
CA GLU A 101 -0.20 4.86 -12.25
C GLU A 101 1.23 5.34 -12.04
N THR A 102 1.71 5.24 -10.80
CA THR A 102 3.03 5.71 -10.44
C THR A 102 4.04 4.56 -10.44
N PRO A 103 5.25 4.77 -11.00
CA PRO A 103 6.29 3.73 -11.14
C PRO A 103 6.52 2.91 -9.86
N TYR A 104 6.58 1.60 -10.00
CA TYR A 104 6.81 0.71 -8.87
C TYR A 104 8.15 1.03 -8.20
N ARG A 105 9.06 1.63 -8.98
CA ARG A 105 10.38 2.02 -8.47
C ARG A 105 10.24 2.91 -7.23
N VAL A 106 9.46 3.99 -7.37
CA VAL A 106 9.31 4.97 -6.30
C VAL A 106 8.55 4.37 -5.12
N ILE A 107 7.60 3.48 -5.42
CA ILE A 107 6.83 2.81 -4.36
C ILE A 107 7.74 1.96 -3.50
N ILE A 108 8.61 1.17 -4.15
CA ILE A 108 9.54 0.30 -3.44
C ILE A 108 10.54 1.12 -2.61
N ASN A 109 11.17 2.10 -3.25
CA ASN A 109 12.17 2.94 -2.57
C ASN A 109 11.52 3.68 -1.40
N GLU A 110 10.31 4.18 -1.61
CA GLU A 110 9.56 4.86 -0.56
C GLU A 110 9.37 3.91 0.62
N ALA A 111 8.90 2.71 0.31
CA ALA A 111 8.65 1.68 1.32
C ALA A 111 9.92 1.38 2.12
N VAL A 112 11.02 1.10 1.42
CA VAL A 112 12.26 0.73 2.08
C VAL A 112 12.82 1.88 2.92
N GLU A 113 12.59 3.12 2.48
CA GLU A 113 13.05 4.30 3.21
C GLU A 113 12.58 4.24 4.67
N LEU A 114 11.27 4.07 4.86
CA LEU A 114 10.69 4.01 6.19
C LEU A 114 10.91 2.63 6.81
N ALA A 115 10.69 1.58 6.02
CA ALA A 115 10.78 0.21 6.50
C ALA A 115 12.11 -0.07 7.18
N LYS A 116 13.16 0.59 6.69
CA LYS A 116 14.51 0.39 7.21
C LYS A 116 14.59 0.75 8.70
N THR A 117 13.91 1.83 9.09
CA THR A 117 13.95 2.29 10.48
C THR A 117 13.11 1.39 11.40
N PHE A 118 12.08 0.77 10.84
CA PHE A 118 11.17 -0.08 11.62
C PHE A 118 11.73 -1.49 11.78
N GLY A 119 12.17 -2.08 10.67
CA GLY A 119 12.62 -3.46 10.68
C GLY A 119 14.10 -3.58 10.99
N GLY A 120 14.88 -2.62 10.51
CA GLY A 120 16.33 -2.68 10.69
C GLY A 120 17.03 -3.09 9.41
N SER A 121 18.15 -3.79 9.56
CA SER A 121 18.97 -4.22 8.43
C SER A 121 18.15 -5.07 7.44
N ASP A 122 17.49 -6.10 7.97
CA ASP A 122 16.68 -6.99 7.14
C ASP A 122 15.33 -6.36 6.83
N GLY A 123 15.03 -5.23 7.48
CA GLY A 123 13.75 -4.57 7.32
C GLY A 123 13.50 -4.09 5.91
N TYR A 124 14.38 -3.22 5.42
CA TYR A 124 14.21 -2.68 4.07
C TYR A 124 14.46 -3.76 3.03
N LYS A 125 15.29 -4.74 3.38
CA LYS A 125 15.58 -5.85 2.48
C LYS A 125 14.33 -6.69 2.26
N TYR A 126 13.62 -6.95 3.36
CA TYR A 126 12.41 -7.77 3.33
C TYR A 126 11.35 -7.15 2.40
N VAL A 127 11.04 -5.88 2.63
CA VAL A 127 10.04 -5.19 1.84
C VAL A 127 10.49 -5.02 0.39
N ASN A 128 11.76 -4.70 0.20
CA ASN A 128 12.32 -4.53 -1.14
C ASN A 128 12.17 -5.83 -1.92
N GLY A 129 12.44 -6.94 -1.23
CA GLY A 129 12.36 -8.25 -1.84
C GLY A 129 10.94 -8.64 -2.22
N VAL A 130 10.00 -8.51 -1.29
CA VAL A 130 8.61 -8.91 -1.54
C VAL A 130 8.03 -8.11 -2.71
N LEU A 131 8.37 -6.83 -2.76
CA LEU A 131 7.86 -5.94 -3.81
C LEU A 131 8.52 -6.27 -5.15
N ASP A 132 9.79 -6.65 -5.10
CA ASP A 132 10.51 -7.10 -6.30
C ASP A 132 9.76 -8.26 -6.95
N LYS A 133 9.50 -9.29 -6.14
CA LYS A 133 8.94 -10.53 -6.66
C LYS A 133 7.56 -10.31 -7.27
N LEU A 134 6.72 -9.52 -6.60
CA LEU A 134 5.38 -9.25 -7.11
C LEU A 134 5.46 -8.33 -8.32
N ALA A 135 6.49 -7.49 -8.37
CA ALA A 135 6.71 -6.61 -9.53
C ALA A 135 7.07 -7.43 -10.75
N VAL A 136 7.86 -8.49 -10.54
CA VAL A 136 8.31 -9.34 -11.64
C VAL A 136 7.14 -10.12 -12.26
N LYS A 137 6.14 -10.45 -11.46
CA LYS A 137 4.97 -11.19 -11.95
C LYS A 137 3.92 -10.25 -12.55
N LEU A 138 3.75 -9.08 -11.93
CA LEU A 138 2.75 -8.11 -12.37
C LEU A 138 3.23 -7.34 -13.61
N ARG A 139 4.54 -7.20 -13.75
CA ARG A 139 5.13 -6.49 -14.88
C ARG A 139 6.59 -6.93 -15.08
N PRO A 140 6.78 -8.03 -15.83
CA PRO A 140 8.11 -8.60 -16.07
C PRO A 140 8.98 -7.70 -16.96
N ALA A 141 8.36 -7.03 -17.93
CA ALA A 141 9.10 -6.25 -18.93
C ALA A 141 9.93 -5.14 -18.29
N GLU A 142 9.43 -4.58 -17.18
CA GLU A 142 10.13 -3.51 -16.48
C GLU A 142 11.18 -4.07 -15.51
N THR A 143 10.92 -5.25 -14.98
CA THR A 143 11.78 -5.85 -13.95
C THR A 143 12.94 -6.64 -14.58
N GLN A 144 12.69 -7.23 -15.74
CA GLN A 144 13.71 -8.00 -16.44
C GLN A 144 14.70 -7.06 -17.14
N ALA A 145 14.36 -5.77 -17.12
CA ALA A 145 15.24 -4.74 -17.65
C ALA A 145 16.12 -4.21 -16.52
N ARG A 146 17.42 -4.39 -16.63
CA ARG A 146 18.36 -3.97 -15.59
C ARG A 146 19.11 -2.71 -16.00
N ARG A 147 19.91 -2.19 -15.09
CA ARG A 147 20.61 -0.90 -15.28
C ARG A 147 21.90 -1.09 -16.08
N GLY A 148 21.87 -1.97 -17.07
CA GLY A 148 23.07 -2.28 -17.84
C GLY A 148 23.93 -3.32 -17.14
N ALA A 149 23.31 -4.04 -16.21
CA ALA A 149 23.98 -5.08 -15.46
C ALA A 149 22.93 -6.03 -14.87
N GLY A 1 -3.04 10.51 -14.10
CA GLY A 1 -4.19 10.76 -15.00
C GLY A 1 -5.08 9.55 -15.16
N PRO A 2 -4.80 8.67 -16.14
CA PRO A 2 -5.64 7.51 -16.44
C PRO A 2 -5.30 6.29 -15.57
N GLY A 3 -5.02 6.56 -14.30
CA GLY A 3 -4.60 5.51 -13.38
C GLY A 3 -5.69 4.50 -13.06
N SER A 4 -6.90 4.74 -13.56
CA SER A 4 -8.02 3.82 -13.39
C SER A 4 -8.87 3.78 -14.66
N MET A 5 -9.55 2.65 -14.87
CA MET A 5 -10.37 2.47 -16.06
C MET A 5 -11.55 3.45 -16.06
N LYS A 6 -11.77 4.12 -17.20
CA LYS A 6 -12.86 5.07 -17.33
C LYS A 6 -14.20 4.34 -17.50
N LYS A 7 -14.63 3.72 -16.41
CA LYS A 7 -15.86 2.93 -16.40
C LYS A 7 -16.42 2.86 -14.98
N SER A 8 -15.59 2.43 -14.05
CA SER A 8 -16.03 2.26 -12.67
C SER A 8 -14.91 2.64 -11.70
N ALA A 9 -15.27 3.37 -10.65
CA ALA A 9 -14.34 3.72 -9.59
C ALA A 9 -13.95 2.47 -8.79
N ARG A 10 -14.85 1.49 -8.82
CA ARG A 10 -14.65 0.22 -8.15
C ARG A 10 -13.34 -0.44 -8.60
N ARG A 11 -12.89 -0.10 -9.81
CA ARG A 11 -11.62 -0.63 -10.34
C ARG A 11 -10.44 -0.26 -9.45
N GLN A 12 -10.42 0.97 -8.94
CA GLN A 12 -9.30 1.46 -8.14
C GLN A 12 -9.34 0.87 -6.73
N SER A 13 -10.52 0.96 -6.09
CA SER A 13 -10.68 0.46 -4.72
C SER A 13 -10.23 -1.01 -4.61
N ARG A 14 -10.38 -1.76 -5.69
CA ARG A 14 -9.97 -3.16 -5.73
C ARG A 14 -8.47 -3.30 -5.43
N GLU A 15 -7.67 -2.45 -6.08
CA GLU A 15 -6.22 -2.55 -6.01
C GLU A 15 -5.70 -2.27 -4.60
N LEU A 16 -6.40 -1.40 -3.87
CA LEU A 16 -6.08 -1.12 -2.48
C LEU A 16 -6.40 -2.34 -1.61
N ALA A 17 -7.49 -3.00 -1.94
CA ALA A 17 -7.95 -4.17 -1.18
C ALA A 17 -7.01 -5.36 -1.39
N THR A 18 -6.59 -5.56 -2.65
CA THR A 18 -5.75 -6.70 -3.01
C THR A 18 -4.47 -6.75 -2.18
N GLN A 19 -3.95 -5.57 -1.84
CA GLN A 19 -2.74 -5.46 -1.02
C GLN A 19 -2.97 -6.11 0.34
N GLY A 20 -4.07 -5.73 0.98
CA GLY A 20 -4.43 -6.30 2.26
C GLY A 20 -4.68 -7.80 2.16
N LEU A 21 -5.31 -8.20 1.05
CA LEU A 21 -5.58 -9.61 0.79
C LEU A 21 -4.28 -10.39 0.61
N TYR A 22 -3.27 -9.76 0.02
CA TYR A 22 -1.95 -10.39 -0.14
C TYR A 22 -1.30 -10.58 1.22
N GLN A 23 -1.28 -9.51 2.01
CA GLN A 23 -0.73 -9.57 3.36
C GLN A 23 -1.42 -10.68 4.16
N TRP A 24 -2.73 -10.78 3.98
CA TRP A 24 -3.53 -11.81 4.62
C TRP A 24 -3.11 -13.19 4.14
N LEU A 25 -2.97 -13.34 2.83
CA LEU A 25 -2.57 -14.60 2.22
C LEU A 25 -1.14 -14.97 2.59
N LEU A 26 -0.34 -13.96 2.91
CA LEU A 26 1.07 -14.15 3.21
C LEU A 26 1.29 -14.57 4.66
N SER A 27 0.83 -13.74 5.61
CA SER A 27 1.06 -13.98 7.03
C SER A 27 -0.11 -14.75 7.67
N ASN A 28 -1.25 -14.81 6.97
CA ASN A 28 -2.41 -15.58 7.42
C ASN A 28 -2.96 -15.08 8.75
N ALA A 29 -2.87 -13.77 8.97
CA ALA A 29 -3.44 -13.15 10.17
C ALA A 29 -4.96 -13.04 10.04
N ALA A 30 -5.60 -12.31 10.95
CA ALA A 30 -7.04 -12.10 10.89
C ALA A 30 -7.39 -10.98 9.93
N PRO A 31 -8.45 -11.15 9.12
CA PRO A 31 -8.91 -10.12 8.17
C PRO A 31 -9.14 -8.78 8.88
N GLY A 32 -9.69 -8.84 10.09
CA GLY A 32 -9.96 -7.63 10.86
C GLY A 32 -8.70 -6.89 11.25
N GLU A 33 -7.63 -7.65 11.51
CA GLU A 33 -6.33 -7.08 11.88
C GLU A 33 -5.80 -6.17 10.77
N ILE A 34 -5.90 -6.66 9.54
CA ILE A 34 -5.38 -5.96 8.37
C ILE A 34 -6.38 -4.91 7.87
N ASP A 35 -7.66 -5.22 8.06
CA ASP A 35 -8.76 -4.32 7.64
C ASP A 35 -8.55 -2.91 8.19
N ALA A 36 -7.94 -2.84 9.36
CA ALA A 36 -7.74 -1.59 10.09
C ALA A 36 -7.10 -0.51 9.21
N GLN A 37 -6.17 -0.91 8.35
CA GLN A 37 -5.44 0.04 7.51
C GLN A 37 -6.39 0.76 6.54
N LEU A 38 -7.43 0.05 6.12
CA LEU A 38 -8.40 0.60 5.16
C LEU A 38 -9.44 1.44 5.89
N ARG A 39 -9.67 1.13 7.17
CA ARG A 39 -10.69 1.82 7.96
C ARG A 39 -10.28 3.29 8.19
N GLY A 40 -8.99 3.57 8.06
CA GLY A 40 -8.50 4.93 8.21
C GLY A 40 -8.87 5.81 7.03
N ALA A 41 -9.17 5.17 5.90
CA ALA A 41 -9.51 5.89 4.68
C ALA A 41 -10.94 5.58 4.24
N LEU A 42 -11.54 6.50 3.51
CA LEU A 42 -12.88 6.29 2.94
C LEU A 42 -12.75 5.54 1.61
N GLY A 43 -13.30 4.33 1.56
CA GLY A 43 -13.19 3.49 0.38
C GLY A 43 -13.63 4.19 -0.90
N TYR A 44 -14.81 4.81 -0.86
CA TYR A 44 -15.38 5.51 -2.00
C TYR A 44 -14.43 6.61 -2.49
N ASP A 45 -13.81 7.28 -1.53
CA ASP A 45 -12.92 8.41 -1.78
C ASP A 45 -11.61 7.94 -2.43
N LYS A 46 -11.26 6.68 -2.15
CA LYS A 46 -10.04 6.07 -2.67
C LYS A 46 -10.35 5.13 -3.83
N ALA A 47 -11.36 5.48 -4.63
CA ALA A 47 -11.81 4.62 -5.73
C ALA A 47 -11.87 5.37 -7.07
N ASP A 48 -12.08 6.67 -7.02
CA ASP A 48 -12.34 7.44 -8.25
C ASP A 48 -11.06 8.02 -8.85
N LYS A 49 -10.92 7.86 -10.16
CA LYS A 49 -9.71 8.25 -10.89
C LYS A 49 -9.38 9.75 -10.76
N THR A 50 -10.41 10.58 -10.63
CA THR A 50 -10.22 12.02 -10.49
C THR A 50 -9.81 12.36 -9.06
N LEU A 51 -10.40 11.65 -8.11
CA LEU A 51 -10.10 11.84 -6.69
C LEU A 51 -8.66 11.48 -6.38
N LEU A 52 -8.13 10.51 -7.14
CA LEU A 52 -6.74 10.07 -6.99
C LEU A 52 -5.77 11.25 -7.03
N ASP A 53 -6.08 12.24 -7.86
CA ASP A 53 -5.21 13.39 -8.07
C ASP A 53 -5.21 14.23 -6.80
N THR A 54 -6.37 14.28 -6.20
CA THR A 54 -6.60 14.98 -4.95
C THR A 54 -5.97 14.23 -3.76
N ILE A 55 -5.96 12.90 -3.83
CA ILE A 55 -5.51 12.03 -2.72
C ILE A 55 -4.15 12.45 -2.17
N LEU A 56 -3.30 13.08 -2.99
CA LEU A 56 -1.98 13.51 -2.55
C LEU A 56 -2.10 14.38 -1.29
N HIS A 57 -3.17 15.17 -1.23
CA HIS A 57 -3.44 16.04 -0.09
C HIS A 57 -3.57 15.21 1.19
N GLY A 58 -4.29 14.10 1.06
CA GLY A 58 -4.47 13.19 2.18
C GLY A 58 -3.16 12.54 2.58
N VAL A 59 -2.38 12.16 1.58
CA VAL A 59 -1.06 11.59 1.80
C VAL A 59 -0.19 12.52 2.65
N ILE A 60 -0.16 13.78 2.26
CA ILE A 60 0.69 14.76 2.90
C ILE A 60 0.18 15.15 4.30
N ARG A 61 -1.09 15.49 4.40
CA ARG A 61 -1.67 15.97 5.67
C ARG A 61 -2.07 14.81 6.58
N GLU A 62 -2.84 13.88 6.03
CA GLU A 62 -3.48 12.82 6.84
C GLU A 62 -2.52 11.66 7.11
N HIS A 63 -1.25 11.82 6.71
CA HIS A 63 -0.21 10.78 6.94
C HIS A 63 -0.14 10.37 8.40
N ALA A 64 0.08 11.38 9.27
CA ALA A 64 0.17 11.15 10.71
C ALA A 64 -1.10 10.48 11.23
N THR A 65 -2.24 11.09 10.91
CA THR A 65 -3.54 10.57 11.30
C THR A 65 -3.70 9.12 10.85
N LEU A 66 -3.18 8.82 9.66
CA LEU A 66 -3.30 7.49 9.07
C LEU A 66 -2.54 6.49 9.93
N ALA A 67 -1.28 6.81 10.28
CA ALA A 67 -0.48 5.94 11.15
C ALA A 67 -1.13 5.79 12.51
N GLU A 68 -1.75 6.86 12.99
CA GLU A 68 -2.43 6.84 14.28
C GLU A 68 -3.75 6.08 14.21
N ALA A 69 -4.41 6.17 13.05
CA ALA A 69 -5.76 5.61 12.87
C ALA A 69 -5.77 4.09 12.92
N ILE A 70 -4.62 3.48 12.68
CA ILE A 70 -4.51 2.02 12.69
C ILE A 70 -4.92 1.44 14.05
N SER A 71 -4.64 2.18 15.13
CA SER A 71 -4.88 1.68 16.49
C SER A 71 -6.39 1.74 16.87
N PRO A 72 -7.08 2.90 16.69
CA PRO A 72 -8.52 3.00 16.99
C PRO A 72 -9.38 2.17 16.05
N SER A 73 -8.84 1.84 14.88
CA SER A 73 -9.54 0.98 13.92
C SER A 73 -9.55 -0.46 14.44
N LEU A 74 -8.80 -0.72 15.49
CA LEU A 74 -8.75 -2.02 16.14
C LEU A 74 -9.11 -1.89 17.62
N ASP A 75 -9.65 -2.96 18.18
CA ASP A 75 -9.81 -3.07 19.63
C ASP A 75 -8.54 -3.65 20.22
N ARG A 76 -7.71 -4.23 19.34
CA ARG A 76 -6.37 -4.67 19.70
C ARG A 76 -5.41 -3.48 19.60
N PRO A 77 -4.23 -3.54 20.26
CA PRO A 77 -3.24 -2.45 20.22
C PRO A 77 -2.60 -2.28 18.83
N ILE A 78 -1.93 -1.14 18.62
CA ILE A 78 -1.27 -0.85 17.33
C ILE A 78 -0.16 -1.86 17.06
N ASP A 79 0.28 -2.54 18.13
CA ASP A 79 1.34 -3.55 18.04
C ASP A 79 0.80 -4.88 17.50
N GLN A 80 -0.48 -4.90 17.13
CA GLN A 80 -1.11 -6.10 16.58
C GLN A 80 -0.46 -6.47 15.25
N LEU A 81 -0.06 -5.45 14.49
CA LEU A 81 0.65 -5.66 13.24
C LEU A 81 2.10 -5.20 13.40
N SER A 82 3.03 -6.04 12.93
CA SER A 82 4.46 -5.79 13.10
C SER A 82 4.86 -4.43 12.51
N PRO A 83 5.80 -3.71 13.18
CA PRO A 83 6.22 -2.36 12.79
C PRO A 83 6.53 -2.23 11.29
N VAL A 84 7.31 -3.16 10.75
CA VAL A 84 7.69 -3.12 9.34
C VAL A 84 6.47 -3.31 8.44
N GLU A 85 5.69 -4.36 8.73
CA GLU A 85 4.49 -4.66 7.94
C GLU A 85 3.51 -3.50 7.98
N ARG A 86 3.42 -2.86 9.14
CA ARG A 86 2.51 -1.75 9.35
C ARG A 86 2.93 -0.54 8.51
N ALA A 87 4.16 -0.10 8.71
CA ALA A 87 4.70 1.06 8.01
C ALA A 87 4.60 0.87 6.49
N VAL A 88 4.98 -0.31 6.03
CA VAL A 88 4.95 -0.62 4.61
C VAL A 88 3.51 -0.64 4.09
N LEU A 89 2.65 -1.46 4.71
CA LEU A 89 1.28 -1.67 4.21
C LEU A 89 0.53 -0.33 4.11
N LEU A 90 0.55 0.43 5.21
CA LEU A 90 -0.21 1.68 5.28
C LEU A 90 0.26 2.69 4.23
N ILE A 91 1.55 3.03 4.28
CA ILE A 91 2.12 4.02 3.38
C ILE A 91 2.02 3.56 1.93
N ALA A 92 2.35 2.29 1.68
CA ALA A 92 2.32 1.74 0.33
C ALA A 92 0.92 1.81 -0.27
N THR A 93 -0.10 1.47 0.52
CA THR A 93 -1.48 1.51 0.05
C THR A 93 -1.94 2.95 -0.23
N TYR A 94 -1.73 3.85 0.73
CA TYR A 94 -2.17 5.24 0.57
C TYR A 94 -1.45 5.90 -0.62
N GLU A 95 -0.19 5.55 -0.80
CA GLU A 95 0.57 6.01 -1.97
C GLU A 95 -0.01 5.40 -3.24
N LEU A 96 -0.07 4.08 -3.26
CA LEU A 96 -0.53 3.32 -4.42
C LEU A 96 -1.83 3.89 -4.96
N THR A 97 -2.72 4.31 -4.05
CA THR A 97 -4.00 4.91 -4.40
C THR A 97 -3.85 5.93 -5.54
N HIS A 98 -2.80 6.75 -5.46
CA HIS A 98 -2.58 7.80 -6.46
C HIS A 98 -1.24 7.61 -7.17
N GLN A 99 -0.53 6.54 -6.81
CA GLN A 99 0.77 6.26 -7.40
C GLN A 99 0.74 4.95 -8.19
N ILE A 100 -0.48 4.48 -8.48
CA ILE A 100 -0.68 3.27 -9.29
C ILE A 100 -0.02 3.40 -10.67
N GLU A 101 0.20 4.64 -11.09
CA GLU A 101 0.82 4.94 -12.39
C GLU A 101 2.22 5.53 -12.22
N THR A 102 2.76 5.39 -11.01
CA THR A 102 4.07 5.97 -10.66
C THR A 102 5.13 4.87 -10.54
N PRO A 103 6.39 5.14 -10.96
CA PRO A 103 7.49 4.18 -10.88
C PRO A 103 7.63 3.51 -9.51
N TYR A 104 7.66 2.17 -9.51
CA TYR A 104 7.79 1.43 -8.27
C TYR A 104 9.13 1.70 -7.63
N ARG A 105 10.07 2.24 -8.42
CA ARG A 105 11.40 2.57 -7.93
C ARG A 105 11.28 3.49 -6.72
N VAL A 106 10.56 4.60 -6.90
CA VAL A 106 10.41 5.59 -5.86
C VAL A 106 9.54 5.07 -4.71
N ILE A 107 8.47 4.34 -5.05
CA ILE A 107 7.57 3.79 -4.04
C ILE A 107 8.30 2.79 -3.15
N ILE A 108 8.93 1.79 -3.77
CA ILE A 108 9.65 0.76 -3.03
C ILE A 108 10.78 1.39 -2.21
N ASN A 109 11.52 2.32 -2.83
CA ASN A 109 12.60 3.02 -2.11
C ASN A 109 12.06 3.71 -0.86
N GLU A 110 10.89 4.32 -1.00
CA GLU A 110 10.23 5.02 0.09
C GLU A 110 9.89 4.03 1.22
N ALA A 111 9.35 2.88 0.83
CA ALA A 111 8.99 1.84 1.78
C ALA A 111 10.23 1.27 2.47
N VAL A 112 11.29 1.07 1.68
CA VAL A 112 12.56 0.57 2.21
C VAL A 112 13.13 1.51 3.25
N GLU A 113 13.00 2.82 2.98
CA GLU A 113 13.47 3.86 3.89
C GLU A 113 12.94 3.61 5.31
N LEU A 114 11.66 3.26 5.40
CA LEU A 114 11.01 3.00 6.68
C LEU A 114 11.37 1.60 7.19
N ALA A 115 11.31 0.61 6.30
CA ALA A 115 11.48 -0.79 6.66
C ALA A 115 12.83 -1.06 7.35
N LYS A 116 13.87 -0.40 6.86
CA LYS A 116 15.22 -0.59 7.41
C LYS A 116 15.28 -0.10 8.86
N THR A 117 14.50 0.94 9.17
CA THR A 117 14.45 1.50 10.50
C THR A 117 13.67 0.59 11.45
N PHE A 118 12.45 0.24 11.05
CA PHE A 118 11.56 -0.57 11.88
C PHE A 118 12.03 -2.02 11.97
N GLY A 119 12.88 -2.42 11.02
CA GLY A 119 13.42 -3.78 11.00
C GLY A 119 14.92 -3.78 10.86
N GLY A 120 15.40 -3.95 9.63
CA GLY A 120 16.82 -3.99 9.38
C GLY A 120 17.17 -4.84 8.17
N SER A 121 18.14 -5.74 8.34
CA SER A 121 18.63 -6.58 7.24
C SER A 121 17.51 -7.39 6.60
N ASP A 122 16.61 -7.90 7.44
CA ASP A 122 15.47 -8.67 6.94
C ASP A 122 14.25 -7.78 6.76
N GLY A 123 14.24 -6.67 7.49
CA GLY A 123 13.16 -5.71 7.36
C GLY A 123 13.03 -5.15 5.96
N TYR A 124 14.14 -4.64 5.42
CA TYR A 124 14.14 -4.07 4.08
C TYR A 124 14.06 -5.18 3.04
N LYS A 125 14.56 -6.36 3.42
CA LYS A 125 14.51 -7.54 2.56
C LYS A 125 13.05 -7.94 2.29
N TYR A 126 12.25 -7.92 3.36
CA TYR A 126 10.83 -8.26 3.29
C TYR A 126 10.10 -7.35 2.31
N VAL A 127 10.20 -6.05 2.53
CA VAL A 127 9.46 -5.07 1.72
C VAL A 127 9.87 -5.16 0.25
N ASN A 128 11.17 -5.25 -0.01
CA ASN A 128 11.67 -5.32 -1.38
C ASN A 128 11.17 -6.60 -2.05
N GLY A 129 11.25 -7.71 -1.32
CA GLY A 129 10.86 -9.00 -1.88
C GLY A 129 9.40 -9.07 -2.25
N VAL A 130 8.53 -8.63 -1.33
CA VAL A 130 7.08 -8.73 -1.53
C VAL A 130 6.59 -7.78 -2.63
N LEU A 131 7.22 -6.62 -2.74
CA LEU A 131 6.83 -5.64 -3.76
C LEU A 131 7.38 -6.03 -5.13
N ASP A 132 8.57 -6.63 -5.14
CA ASP A 132 9.22 -7.05 -6.39
C ASP A 132 8.38 -8.08 -7.13
N LYS A 133 8.05 -9.16 -6.43
CA LYS A 133 7.34 -10.29 -7.04
C LYS A 133 6.05 -9.85 -7.74
N LEU A 134 5.39 -8.83 -7.17
CA LEU A 134 4.21 -8.25 -7.80
C LEU A 134 4.61 -7.35 -8.97
N ALA A 135 5.57 -6.47 -8.71
CA ALA A 135 6.02 -5.49 -9.70
C ALA A 135 6.46 -6.14 -11.00
N VAL A 136 7.02 -7.34 -10.92
CA VAL A 136 7.55 -8.03 -12.10
C VAL A 136 6.42 -8.45 -13.05
N LYS A 137 5.22 -8.63 -12.52
CA LYS A 137 4.11 -9.17 -13.33
C LYS A 137 2.99 -8.14 -13.58
N LEU A 138 2.80 -7.19 -12.66
CA LEU A 138 1.77 -6.16 -12.87
C LEU A 138 2.40 -4.81 -13.23
N ARG A 139 3.72 -4.80 -13.36
CA ARG A 139 4.47 -3.60 -13.68
C ARG A 139 5.80 -3.96 -14.37
N PRO A 140 5.75 -4.87 -15.38
CA PRO A 140 6.96 -5.47 -15.97
C PRO A 140 7.82 -4.46 -16.72
N ALA A 141 7.24 -3.28 -16.98
CA ALA A 141 7.93 -2.24 -17.74
C ALA A 141 9.26 -1.84 -17.10
N GLU A 142 9.30 -1.80 -15.77
CA GLU A 142 10.49 -1.35 -15.05
C GLU A 142 11.35 -2.53 -14.58
N THR A 143 10.79 -3.73 -14.59
CA THR A 143 11.50 -4.91 -14.09
C THR A 143 12.23 -5.62 -15.21
N GLN A 144 11.52 -5.86 -16.30
CA GLN A 144 12.10 -6.56 -17.47
C GLN A 144 13.07 -5.63 -18.19
N ALA A 145 12.94 -4.33 -17.93
CA ALA A 145 13.87 -3.34 -18.43
C ALA A 145 15.13 -3.33 -17.56
N ARG A 146 15.97 -4.32 -17.78
CA ARG A 146 17.18 -4.51 -16.99
C ARG A 146 18.17 -3.37 -17.22
N ARG A 147 18.77 -2.89 -16.15
CA ARG A 147 19.81 -1.87 -16.21
C ARG A 147 21.03 -2.31 -15.42
N GLY A 148 22.10 -2.63 -16.13
CA GLY A 148 23.33 -3.06 -15.50
C GLY A 148 24.55 -2.68 -16.33
N ALA A 149 25.04 -3.63 -17.12
CA ALA A 149 26.19 -3.40 -17.99
C ALA A 149 26.31 -4.55 -19.00
N GLY A 1 -3.02 -3.76 -23.30
CA GLY A 1 -2.82 -3.10 -21.99
C GLY A 1 -3.42 -3.90 -20.84
N PRO A 2 -3.44 -3.35 -19.62
CA PRO A 2 -3.95 -4.02 -18.42
C PRO A 2 -5.47 -3.89 -18.29
N GLY A 3 -6.10 -3.11 -19.17
CA GLY A 3 -7.52 -2.89 -19.11
C GLY A 3 -7.92 -1.56 -19.72
N SER A 4 -9.06 -1.54 -20.41
CA SER A 4 -9.53 -0.33 -21.09
C SER A 4 -10.19 0.64 -20.11
N MET A 5 -10.79 0.11 -19.04
CA MET A 5 -11.44 0.92 -18.02
C MET A 5 -10.38 1.72 -17.25
N LYS A 6 -9.97 2.84 -17.81
CA LYS A 6 -8.90 3.66 -17.22
C LYS A 6 -9.47 4.74 -16.31
N LYS A 7 -10.60 5.32 -16.72
CA LYS A 7 -11.23 6.42 -15.97
C LYS A 7 -12.15 5.89 -14.87
N SER A 8 -12.04 4.60 -14.56
CA SER A 8 -12.91 3.97 -13.57
C SER A 8 -12.38 4.22 -12.15
N ALA A 9 -13.29 4.55 -11.24
CA ALA A 9 -12.95 4.73 -9.84
C ALA A 9 -12.63 3.37 -9.21
N ARG A 10 -13.27 2.33 -9.73
CA ARG A 10 -13.07 0.97 -9.23
C ARG A 10 -11.60 0.57 -9.37
N ARG A 11 -10.94 1.07 -10.41
CA ARG A 11 -9.52 0.78 -10.61
C ARG A 11 -8.68 1.25 -9.43
N GLN A 12 -9.07 2.37 -8.82
CA GLN A 12 -8.33 2.90 -7.68
C GLN A 12 -8.37 1.91 -6.52
N SER A 13 -9.58 1.42 -6.24
CA SER A 13 -9.80 0.45 -5.18
C SER A 13 -9.20 -0.92 -5.54
N ARG A 14 -9.17 -1.24 -6.83
CA ARG A 14 -8.66 -2.54 -7.31
C ARG A 14 -7.15 -2.64 -7.09
N GLU A 15 -6.40 -1.71 -7.68
CA GLU A 15 -4.94 -1.70 -7.58
C GLU A 15 -4.52 -1.58 -6.12
N LEU A 16 -5.34 -0.88 -5.34
CA LEU A 16 -5.11 -0.75 -3.91
C LEU A 16 -5.35 -2.09 -3.21
N ALA A 17 -6.53 -2.65 -3.43
CA ALA A 17 -6.97 -3.85 -2.73
C ALA A 17 -6.03 -5.04 -2.95
N THR A 18 -5.53 -5.18 -4.18
CA THR A 18 -4.69 -6.32 -4.53
C THR A 18 -3.49 -6.43 -3.57
N GLN A 19 -3.05 -5.30 -3.00
CA GLN A 19 -1.91 -5.31 -2.09
C GLN A 19 -2.32 -5.99 -0.77
N GLY A 20 -3.56 -5.74 -0.36
CA GLY A 20 -4.07 -6.33 0.86
C GLY A 20 -4.34 -7.81 0.70
N LEU A 21 -4.91 -8.17 -0.45
CA LEU A 21 -5.15 -9.58 -0.77
C LEU A 21 -3.82 -10.34 -0.87
N TYR A 22 -2.79 -9.68 -1.40
CA TYR A 22 -1.47 -10.27 -1.46
C TYR A 22 -0.90 -10.44 -0.06
N GLN A 23 -1.01 -9.38 0.76
CA GLN A 23 -0.55 -9.42 2.14
C GLN A 23 -1.19 -10.59 2.89
N TRP A 24 -2.48 -10.82 2.64
CA TRP A 24 -3.20 -11.92 3.25
C TRP A 24 -2.63 -13.25 2.78
N LEU A 25 -2.57 -13.44 1.47
CA LEU A 25 -2.11 -14.69 0.88
C LEU A 25 -0.63 -14.96 1.22
N LEU A 26 0.12 -13.88 1.43
CA LEU A 26 1.56 -14.00 1.68
C LEU A 26 1.85 -14.22 3.15
N SER A 27 1.42 -13.29 4.00
CA SER A 27 1.73 -13.32 5.42
C SER A 27 0.73 -14.18 6.19
N ASN A 28 -0.38 -14.54 5.53
CA ASN A 28 -1.41 -15.39 6.11
C ASN A 28 -2.02 -14.74 7.36
N ALA A 29 -2.03 -13.41 7.36
CA ALA A 29 -2.60 -12.65 8.48
C ALA A 29 -4.11 -12.74 8.47
N ALA A 30 -4.75 -12.23 9.51
CA ALA A 30 -6.20 -12.28 9.62
C ALA A 30 -6.84 -11.20 8.75
N PRO A 31 -7.89 -11.55 7.97
CA PRO A 31 -8.60 -10.61 7.11
C PRO A 31 -8.96 -9.32 7.83
N GLY A 32 -9.43 -9.46 9.07
CA GLY A 32 -9.83 -8.30 9.87
C GLY A 32 -8.67 -7.36 10.17
N GLU A 33 -7.49 -7.95 10.43
CA GLU A 33 -6.29 -7.17 10.76
C GLU A 33 -5.90 -6.28 9.60
N ILE A 34 -5.88 -6.86 8.40
CA ILE A 34 -5.53 -6.14 7.18
C ILE A 34 -6.67 -5.19 6.79
N ASP A 35 -7.89 -5.67 6.96
CA ASP A 35 -9.10 -4.89 6.67
C ASP A 35 -9.09 -3.58 7.46
N ALA A 36 -8.51 -3.62 8.66
CA ALA A 36 -8.45 -2.45 9.54
C ALA A 36 -7.79 -1.26 8.83
N GLN A 37 -6.84 -1.53 7.94
CA GLN A 37 -6.23 -0.46 7.15
C GLN A 37 -7.26 0.13 6.19
N LEU A 38 -8.10 -0.74 5.64
CA LEU A 38 -9.20 -0.33 4.77
C LEU A 38 -10.30 0.31 5.64
N ARG A 39 -10.31 -0.07 6.91
CA ARG A 39 -11.27 0.48 7.88
C ARG A 39 -11.01 1.97 8.06
N GLY A 40 -9.73 2.34 8.10
CA GLY A 40 -9.35 3.73 8.19
C GLY A 40 -9.48 4.45 6.86
N ALA A 41 -9.04 3.78 5.80
CA ALA A 41 -9.15 4.33 4.45
C ALA A 41 -10.16 3.52 3.64
N LEU A 42 -11.41 3.94 3.67
CA LEU A 42 -12.48 3.22 2.98
C LEU A 42 -12.36 3.38 1.47
N GLY A 43 -12.29 2.25 0.76
CA GLY A 43 -12.20 2.27 -0.69
C GLY A 43 -13.27 3.13 -1.32
N TYR A 44 -14.52 2.90 -0.94
CA TYR A 44 -15.64 3.69 -1.42
C TYR A 44 -15.38 5.19 -1.30
N ASP A 45 -14.74 5.59 -0.21
CA ASP A 45 -14.56 7.00 0.12
C ASP A 45 -13.34 7.60 -0.58
N LYS A 46 -12.31 6.78 -0.80
CA LYS A 46 -11.04 7.27 -1.34
C LYS A 46 -10.79 6.86 -2.79
N ALA A 47 -11.69 6.07 -3.37
CA ALA A 47 -11.54 5.62 -4.76
C ALA A 47 -12.16 6.62 -5.74
N ASP A 48 -11.31 7.46 -6.33
CA ASP A 48 -11.73 8.39 -7.39
C ASP A 48 -10.51 9.12 -7.97
N LYS A 49 -10.48 9.23 -9.30
CA LYS A 49 -9.33 9.81 -10.02
C LYS A 49 -9.14 11.30 -9.68
N THR A 50 -10.23 12.02 -9.46
CA THR A 50 -10.16 13.45 -9.15
C THR A 50 -9.77 13.67 -7.70
N LEU A 51 -10.21 12.73 -6.85
CA LEU A 51 -9.95 12.79 -5.42
C LEU A 51 -8.45 12.64 -5.12
N LEU A 52 -7.74 12.01 -6.06
CA LEU A 52 -6.31 11.71 -5.92
C LEU A 52 -5.50 12.91 -5.42
N ASP A 53 -5.88 14.11 -5.85
CA ASP A 53 -5.14 15.31 -5.49
C ASP A 53 -5.32 15.56 -4.00
N THR A 54 -6.57 15.48 -3.59
CA THR A 54 -6.94 15.50 -2.20
C THR A 54 -6.23 14.37 -1.43
N ILE A 55 -6.03 13.23 -2.09
CA ILE A 55 -5.39 12.07 -1.46
C ILE A 55 -3.92 12.36 -1.12
N LEU A 56 -3.20 13.00 -2.05
CA LEU A 56 -1.79 13.32 -1.78
C LEU A 56 -1.71 14.34 -0.63
N HIS A 57 -2.63 15.31 -0.64
CA HIS A 57 -2.78 16.24 0.47
C HIS A 57 -3.09 15.48 1.75
N GLY A 58 -3.83 14.38 1.59
CA GLY A 58 -4.21 13.55 2.70
C GLY A 58 -3.06 12.73 3.26
N VAL A 59 -2.20 12.21 2.39
CA VAL A 59 -1.08 11.39 2.83
C VAL A 59 -0.01 12.27 3.46
N ILE A 60 0.12 13.51 2.96
CA ILE A 60 1.05 14.47 3.54
C ILE A 60 0.55 14.96 4.91
N ARG A 61 -0.71 15.39 4.96
CA ARG A 61 -1.29 15.96 6.18
C ARG A 61 -1.64 14.87 7.19
N GLU A 62 -2.45 13.93 6.76
CA GLU A 62 -3.06 12.93 7.64
C GLU A 62 -2.26 11.63 7.69
N HIS A 63 -0.94 11.74 7.48
CA HIS A 63 -0.04 10.58 7.55
C HIS A 63 -0.16 9.91 8.92
N ALA A 64 0.23 10.64 9.95
CA ALA A 64 0.16 10.15 11.32
C ALA A 64 -1.28 9.77 11.68
N THR A 65 -2.23 10.57 11.19
CA THR A 65 -3.64 10.32 11.44
C THR A 65 -4.06 8.92 10.96
N LEU A 66 -3.71 8.61 9.71
CA LEU A 66 -4.08 7.34 9.10
C LEU A 66 -3.31 6.20 9.78
N ALA A 67 -2.10 6.49 10.23
CA ALA A 67 -1.29 5.53 10.96
C ALA A 67 -1.92 5.19 12.33
N GLU A 68 -2.25 6.23 13.08
CA GLU A 68 -2.75 6.09 14.45
C GLU A 68 -4.21 5.61 14.48
N ALA A 69 -5.00 6.06 13.52
CA ALA A 69 -6.43 5.71 13.46
C ALA A 69 -6.63 4.20 13.38
N ILE A 70 -5.60 3.51 12.96
CA ILE A 70 -5.63 2.05 12.84
C ILE A 70 -5.52 1.39 14.22
N SER A 71 -4.90 2.10 15.17
CA SER A 71 -4.64 1.55 16.50
C SER A 71 -5.96 1.20 17.23
N PRO A 72 -6.96 2.12 17.28
CA PRO A 72 -8.27 1.82 17.88
C PRO A 72 -9.14 0.96 16.96
N SER A 73 -8.74 0.86 15.70
CA SER A 73 -9.45 0.02 14.73
C SER A 73 -9.10 -1.46 14.98
N LEU A 74 -7.88 -1.69 15.44
CA LEU A 74 -7.43 -3.01 15.83
C LEU A 74 -7.93 -3.34 17.23
N ASP A 75 -7.46 -4.45 17.79
CA ASP A 75 -7.80 -4.82 19.17
C ASP A 75 -7.29 -3.76 20.15
N ARG A 76 -6.08 -3.29 19.88
CA ARG A 76 -5.40 -2.28 20.71
C ARG A 76 -3.95 -2.10 20.25
N PRO A 77 -3.18 -3.20 20.07
CA PRO A 77 -1.80 -3.10 19.57
C PRO A 77 -1.76 -2.70 18.10
N ILE A 78 -1.20 -1.53 17.81
CA ILE A 78 -1.07 -1.05 16.43
C ILE A 78 -0.12 -1.92 15.65
N ASP A 79 0.78 -2.59 16.37
CA ASP A 79 1.78 -3.45 15.76
C ASP A 79 1.23 -4.88 15.60
N GLN A 80 -0.10 -4.99 15.54
CA GLN A 80 -0.76 -6.26 15.26
C GLN A 80 -0.12 -6.90 14.02
N LEU A 81 0.20 -6.03 13.07
CA LEU A 81 1.15 -6.37 12.01
C LEU A 81 2.48 -5.74 12.39
N SER A 82 3.52 -6.58 12.51
CA SER A 82 4.82 -6.15 13.02
C SER A 82 5.28 -4.80 12.42
N PRO A 83 6.05 -4.00 13.20
CA PRO A 83 6.44 -2.63 12.84
C PRO A 83 6.63 -2.38 11.33
N VAL A 84 7.46 -3.21 10.69
CA VAL A 84 7.76 -3.03 9.27
C VAL A 84 6.52 -3.34 8.43
N GLU A 85 5.85 -4.45 8.74
CA GLU A 85 4.65 -4.85 8.01
C GLU A 85 3.61 -3.74 8.05
N ARG A 86 3.43 -3.18 9.24
CA ARG A 86 2.48 -2.10 9.48
C ARG A 86 2.85 -0.87 8.65
N ALA A 87 4.10 -0.44 8.77
CA ALA A 87 4.58 0.75 8.07
C ALA A 87 4.44 0.60 6.56
N VAL A 88 4.87 -0.55 6.05
CA VAL A 88 4.84 -0.81 4.62
C VAL A 88 3.42 -0.81 4.08
N LEU A 89 2.55 -1.63 4.68
CA LEU A 89 1.17 -1.74 4.23
C LEU A 89 0.48 -0.38 4.28
N LEU A 90 0.68 0.33 5.39
CA LEU A 90 0.06 1.64 5.61
C LEU A 90 0.41 2.62 4.49
N ILE A 91 1.70 2.85 4.31
CA ILE A 91 2.18 3.80 3.32
C ILE A 91 1.86 3.30 1.92
N ALA A 92 1.97 2.00 1.72
CA ALA A 92 1.61 1.38 0.45
C ALA A 92 0.14 1.64 0.12
N THR A 93 -0.71 1.61 1.15
CA THR A 93 -2.13 1.84 0.96
C THR A 93 -2.39 3.30 0.58
N TYR A 94 -1.85 4.23 1.38
CA TYR A 94 -2.14 5.64 1.18
C TYR A 94 -1.51 6.15 -0.11
N GLU A 95 -0.32 5.64 -0.42
CA GLU A 95 0.36 6.01 -1.66
C GLU A 95 -0.35 5.43 -2.87
N LEU A 96 -0.51 4.11 -2.88
CA LEU A 96 -1.10 3.44 -4.05
C LEU A 96 -2.51 3.93 -4.32
N THR A 97 -3.23 4.38 -3.28
CA THR A 97 -4.54 5.01 -3.48
C THR A 97 -4.46 6.11 -4.55
N HIS A 98 -3.31 6.80 -4.61
CA HIS A 98 -3.11 7.89 -5.58
C HIS A 98 -1.91 7.62 -6.49
N GLN A 99 -1.36 6.41 -6.43
CA GLN A 99 -0.17 6.07 -7.21
C GLN A 99 -0.38 4.79 -8.02
N ILE A 100 -1.64 4.45 -8.29
CA ILE A 100 -1.99 3.27 -9.09
C ILE A 100 -1.26 3.25 -10.44
N GLU A 101 -0.86 4.43 -10.90
CA GLU A 101 -0.22 4.59 -12.21
C GLU A 101 1.30 4.63 -12.13
N THR A 102 1.83 4.82 -10.91
CA THR A 102 3.25 5.10 -10.72
C THR A 102 4.08 3.81 -10.72
N PRO A 103 5.37 3.89 -11.08
CA PRO A 103 6.28 2.74 -11.08
C PRO A 103 6.48 2.15 -9.67
N TYR A 104 6.41 0.83 -9.59
CA TYR A 104 6.63 0.11 -8.34
C TYR A 104 7.97 0.49 -7.72
N ARG A 105 8.90 0.96 -8.56
CA ARG A 105 10.23 1.39 -8.11
C ARG A 105 10.11 2.40 -6.97
N VAL A 106 9.35 3.48 -7.23
CA VAL A 106 9.21 4.55 -6.24
C VAL A 106 8.40 4.07 -5.04
N ILE A 107 7.45 3.17 -5.30
CA ILE A 107 6.65 2.58 -4.21
C ILE A 107 7.55 1.80 -3.26
N ILE A 108 8.39 0.95 -3.81
CA ILE A 108 9.30 0.14 -3.01
C ILE A 108 10.28 1.02 -2.26
N ASN A 109 10.81 2.04 -2.93
CA ASN A 109 11.71 3.02 -2.30
C ASN A 109 11.04 3.63 -1.08
N GLU A 110 9.79 4.03 -1.26
CA GLU A 110 9.01 4.65 -0.19
C GLU A 110 8.89 3.70 0.99
N ALA A 111 8.51 2.45 0.71
CA ALA A 111 8.38 1.43 1.74
C ALA A 111 9.72 1.14 2.40
N VAL A 112 10.78 1.15 1.59
CA VAL A 112 12.15 0.92 2.07
C VAL A 112 12.54 1.96 3.10
N GLU A 113 12.16 3.21 2.85
CA GLU A 113 12.46 4.31 3.76
C GLU A 113 12.06 3.97 5.20
N LEU A 114 10.83 3.50 5.36
CA LEU A 114 10.33 3.18 6.70
C LEU A 114 10.87 1.83 7.18
N ALA A 115 10.94 0.86 6.29
CA ALA A 115 11.49 -0.46 6.62
C ALA A 115 12.92 -0.33 7.15
N LYS A 116 13.58 0.73 6.69
CA LYS A 116 14.93 1.06 7.15
C LYS A 116 14.93 1.38 8.64
N THR A 117 14.10 2.34 9.04
CA THR A 117 14.07 2.80 10.43
C THR A 117 13.41 1.79 11.37
N PHE A 118 12.38 1.10 10.86
CA PHE A 118 11.64 0.13 11.69
C PHE A 118 12.35 -1.22 11.74
N GLY A 119 13.26 -1.45 10.80
CA GLY A 119 13.98 -2.72 10.74
C GLY A 119 15.48 -2.52 10.60
N GLY A 120 15.91 -2.17 9.39
CA GLY A 120 17.33 -1.96 9.14
C GLY A 120 17.76 -2.55 7.80
N SER A 121 18.99 -3.05 7.73
CA SER A 121 19.51 -3.64 6.51
C SER A 121 18.73 -4.91 6.15
N ASP A 122 18.29 -5.63 7.17
CA ASP A 122 17.41 -6.78 6.98
C ASP A 122 16.00 -6.30 6.67
N GLY A 123 15.67 -5.12 7.18
CA GLY A 123 14.35 -4.54 6.99
C GLY A 123 14.08 -4.18 5.55
N TYR A 124 14.98 -3.41 4.93
CA TYR A 124 14.78 -2.97 3.55
C TYR A 124 14.76 -4.18 2.62
N LYS A 125 15.71 -5.08 2.82
CA LYS A 125 15.85 -6.26 1.97
C LYS A 125 14.57 -7.10 2.05
N TYR A 126 14.02 -7.19 3.25
CA TYR A 126 12.78 -7.93 3.50
C TYR A 126 11.64 -7.36 2.66
N VAL A 127 11.43 -6.05 2.75
CA VAL A 127 10.32 -5.41 2.05
C VAL A 127 10.53 -5.46 0.54
N ASN A 128 11.77 -5.28 0.09
CA ASN A 128 12.10 -5.43 -1.34
C ASN A 128 11.68 -6.81 -1.82
N GLY A 129 12.03 -7.82 -1.02
CA GLY A 129 11.76 -9.21 -1.39
C GLY A 129 10.28 -9.48 -1.62
N VAL A 130 9.43 -8.96 -0.75
CA VAL A 130 8.01 -9.22 -0.83
C VAL A 130 7.34 -8.37 -1.92
N LEU A 131 7.80 -7.13 -2.08
CA LEU A 131 7.22 -6.22 -3.07
C LEU A 131 7.65 -6.61 -4.49
N ASP A 132 8.84 -7.17 -4.62
CA ASP A 132 9.33 -7.66 -5.91
C ASP A 132 8.33 -8.67 -6.48
N LYS A 133 7.93 -9.63 -5.65
CA LYS A 133 6.98 -10.68 -6.04
C LYS A 133 5.66 -10.06 -6.50
N LEU A 134 5.21 -9.03 -5.77
CA LEU A 134 3.97 -8.35 -6.09
C LEU A 134 4.06 -7.73 -7.50
N ALA A 135 5.11 -6.96 -7.71
CA ALA A 135 5.33 -6.31 -9.00
C ALA A 135 5.37 -7.34 -10.13
N VAL A 136 6.04 -8.46 -9.87
CA VAL A 136 6.19 -9.51 -10.87
C VAL A 136 4.90 -10.29 -11.09
N LYS A 137 4.02 -10.32 -10.10
CA LYS A 137 2.77 -11.09 -10.24
C LYS A 137 1.69 -10.29 -10.97
N LEU A 138 1.55 -9.01 -10.66
CA LEU A 138 0.46 -8.22 -11.25
C LEU A 138 0.92 -7.39 -12.46
N ARG A 139 2.23 -7.22 -12.64
CA ARG A 139 2.75 -6.52 -13.82
C ARG A 139 4.14 -7.04 -14.22
N PRO A 140 4.22 -8.33 -14.62
CA PRO A 140 5.50 -8.96 -15.00
C PRO A 140 6.12 -8.29 -16.23
N ALA A 141 5.29 -7.61 -17.01
CA ALA A 141 5.75 -6.92 -18.21
C ALA A 141 6.76 -5.82 -17.87
N GLU A 142 6.55 -5.17 -16.72
CA GLU A 142 7.41 -4.07 -16.28
C GLU A 142 8.74 -4.60 -15.73
N THR A 143 8.63 -5.60 -14.87
CA THR A 143 9.79 -6.15 -14.18
C THR A 143 10.69 -6.93 -15.15
N GLN A 144 10.08 -7.79 -15.94
CA GLN A 144 10.81 -8.68 -16.84
C GLN A 144 11.26 -7.95 -18.10
N ALA A 145 10.29 -7.47 -18.88
CA ALA A 145 10.55 -6.89 -20.21
C ALA A 145 11.15 -7.96 -21.14
N ARG A 146 11.02 -9.22 -20.73
CA ARG A 146 11.53 -10.36 -21.48
C ARG A 146 10.36 -11.30 -21.82
N ARG A 147 10.67 -12.47 -22.39
CA ARG A 147 9.65 -13.50 -22.63
C ARG A 147 9.75 -14.58 -21.56
N GLY A 148 10.96 -14.73 -21.01
CA GLY A 148 11.22 -15.69 -19.96
C GLY A 148 12.60 -16.27 -20.10
N ALA A 149 12.81 -17.00 -21.20
CA ALA A 149 14.10 -17.58 -21.54
C ALA A 149 14.08 -18.02 -23.00
N GLY A 1 -8.96 16.04 -28.61
CA GLY A 1 -9.71 14.84 -28.18
C GLY A 1 -9.21 14.30 -26.85
N PRO A 2 -10.09 13.69 -26.04
CA PRO A 2 -9.71 13.10 -24.76
C PRO A 2 -9.00 11.76 -24.93
N GLY A 3 -7.81 11.65 -24.34
CA GLY A 3 -7.07 10.40 -24.39
C GLY A 3 -7.69 9.34 -23.50
N SER A 4 -8.63 8.59 -24.05
CA SER A 4 -9.36 7.56 -23.31
C SER A 4 -8.40 6.63 -22.58
N MET A 5 -8.38 6.72 -21.25
CA MET A 5 -7.48 5.93 -20.42
C MET A 5 -8.12 4.59 -20.06
N LYS A 6 -7.34 3.72 -19.45
CA LYS A 6 -7.80 2.38 -19.06
C LYS A 6 -8.24 2.38 -17.60
N LYS A 7 -8.68 3.54 -17.12
CA LYS A 7 -9.03 3.70 -15.71
C LYS A 7 -10.54 3.51 -15.50
N SER A 8 -10.87 2.62 -14.58
CA SER A 8 -12.24 2.48 -14.10
C SER A 8 -12.34 3.11 -12.72
N ALA A 9 -13.52 3.64 -12.39
CA ALA A 9 -13.75 4.19 -11.07
C ALA A 9 -13.65 3.09 -10.01
N ARG A 10 -14.36 2.00 -10.26
CA ARG A 10 -14.41 0.87 -9.34
C ARG A 10 -13.04 0.22 -9.15
N ARG A 11 -12.16 0.36 -10.16
CA ARG A 11 -10.84 -0.26 -10.11
C ARG A 11 -10.09 0.16 -8.85
N GLN A 12 -10.15 1.45 -8.53
CA GLN A 12 -9.38 2.01 -7.42
C GLN A 12 -9.73 1.27 -6.12
N SER A 13 -10.98 0.85 -6.02
CA SER A 13 -11.47 0.13 -4.84
C SER A 13 -10.85 -1.27 -4.80
N ARG A 14 -10.58 -1.84 -5.98
CA ARG A 14 -9.98 -3.17 -6.08
C ARG A 14 -8.57 -3.16 -5.49
N GLU A 15 -7.83 -2.07 -5.70
CA GLU A 15 -6.49 -1.93 -5.14
C GLU A 15 -6.51 -2.11 -3.62
N LEU A 16 -7.40 -1.37 -2.95
CA LEU A 16 -7.56 -1.49 -1.50
C LEU A 16 -7.80 -2.95 -1.10
N ALA A 17 -8.68 -3.62 -1.85
CA ALA A 17 -9.05 -5.00 -1.56
C ALA A 17 -7.86 -5.95 -1.78
N THR A 18 -7.18 -5.80 -2.90
CA THR A 18 -6.11 -6.71 -3.27
C THR A 18 -4.93 -6.58 -2.32
N GLN A 19 -4.75 -5.39 -1.72
CA GLN A 19 -3.70 -5.19 -0.72
C GLN A 19 -4.05 -6.00 0.54
N GLY A 20 -5.33 -5.99 0.89
CA GLY A 20 -5.80 -6.79 2.01
C GLY A 20 -5.56 -8.27 1.79
N LEU A 21 -6.06 -8.80 0.68
CA LEU A 21 -5.88 -10.21 0.33
C LEU A 21 -4.39 -10.56 0.21
N TYR A 22 -3.59 -9.59 -0.23
CA TYR A 22 -2.14 -9.74 -0.29
C TYR A 22 -1.57 -9.94 1.12
N GLN A 23 -1.92 -9.03 2.02
CA GLN A 23 -1.42 -9.09 3.40
C GLN A 23 -1.91 -10.35 4.11
N TRP A 24 -3.07 -10.85 3.70
CA TRP A 24 -3.59 -12.09 4.29
C TRP A 24 -2.79 -13.28 3.77
N LEU A 25 -2.58 -13.32 2.45
CA LEU A 25 -1.81 -14.41 1.84
C LEU A 25 -0.36 -14.38 2.34
N LEU A 26 0.14 -13.17 2.57
CA LEU A 26 1.53 -12.96 2.96
C LEU A 26 1.72 -13.18 4.47
N SER A 27 0.98 -12.42 5.28
CA SER A 27 1.16 -12.45 6.73
C SER A 27 0.23 -13.47 7.40
N ASN A 28 -0.92 -13.74 6.77
CA ASN A 28 -1.95 -14.63 7.35
C ASN A 28 -2.38 -14.13 8.72
N ALA A 29 -2.34 -12.80 8.91
CA ALA A 29 -2.69 -12.18 10.18
C ALA A 29 -4.12 -12.54 10.60
N ALA A 30 -5.10 -11.92 9.94
CA ALA A 30 -6.51 -12.15 10.22
C ALA A 30 -7.38 -11.25 9.33
N PRO A 31 -8.64 -11.65 9.06
CA PRO A 31 -9.55 -10.88 8.20
C PRO A 31 -9.79 -9.45 8.71
N GLY A 32 -10.35 -9.34 9.92
CA GLY A 32 -10.66 -8.03 10.48
C GLY A 32 -9.41 -7.23 10.80
N GLU A 33 -8.34 -7.94 11.08
CA GLU A 33 -7.02 -7.33 11.32
C GLU A 33 -6.63 -6.43 10.16
N ILE A 34 -6.75 -6.98 8.96
CA ILE A 34 -6.37 -6.28 7.74
C ILE A 34 -7.50 -5.39 7.25
N ASP A 35 -8.74 -5.83 7.51
CA ASP A 35 -9.95 -5.08 7.16
C ASP A 35 -9.88 -3.65 7.68
N ALA A 36 -9.20 -3.48 8.82
CA ALA A 36 -9.13 -2.19 9.51
C ALA A 36 -8.72 -1.04 8.57
N GLN A 37 -7.90 -1.35 7.56
CA GLN A 37 -7.46 -0.34 6.61
C GLN A 37 -8.66 0.21 5.84
N LEU A 38 -9.57 -0.68 5.44
CA LEU A 38 -10.76 -0.30 4.68
C LEU A 38 -11.86 0.15 5.65
N ARG A 39 -11.77 -0.34 6.88
CA ARG A 39 -12.72 0.00 7.93
C ARG A 39 -12.80 1.51 8.07
N GLY A 40 -11.63 2.16 7.99
CA GLY A 40 -11.56 3.59 8.08
C GLY A 40 -11.83 4.26 6.74
N ALA A 41 -11.33 3.68 5.65
CA ALA A 41 -11.41 4.30 4.33
C ALA A 41 -12.23 3.45 3.38
N LEU A 42 -13.50 3.82 3.20
CA LEU A 42 -14.37 3.13 2.26
C LEU A 42 -14.01 3.51 0.83
N GLY A 43 -13.51 2.53 0.07
CA GLY A 43 -13.04 2.78 -1.27
C GLY A 43 -14.16 3.04 -2.26
N TYR A 44 -15.25 2.28 -2.14
CA TYR A 44 -16.36 2.35 -3.08
C TYR A 44 -16.83 3.78 -3.34
N ASP A 45 -17.04 4.55 -2.27
CA ASP A 45 -17.57 5.90 -2.38
C ASP A 45 -16.52 6.89 -2.88
N LYS A 46 -15.25 6.48 -2.81
CA LYS A 46 -14.13 7.33 -3.22
C LYS A 46 -13.40 6.69 -4.39
N ALA A 47 -14.09 5.79 -5.09
CA ALA A 47 -13.48 5.03 -6.17
C ALA A 47 -13.50 5.78 -7.50
N ASP A 48 -12.34 6.39 -7.82
CA ASP A 48 -12.09 6.95 -9.16
C ASP A 48 -10.70 7.60 -9.19
N LYS A 49 -10.13 7.69 -10.39
CA LYS A 49 -8.77 8.20 -10.58
C LYS A 49 -8.68 9.67 -10.17
N THR A 50 -9.80 10.39 -10.29
CA THR A 50 -9.84 11.82 -9.94
C THR A 50 -9.45 12.04 -8.48
N LEU A 51 -9.70 11.04 -7.64
CA LEU A 51 -9.48 11.16 -6.20
C LEU A 51 -8.00 11.30 -5.87
N LEU A 52 -7.11 10.73 -6.70
CA LEU A 52 -5.67 10.80 -6.44
C LEU A 52 -5.25 12.25 -6.22
N ASP A 53 -5.90 13.15 -6.97
CA ASP A 53 -5.66 14.59 -6.85
C ASP A 53 -5.71 15.04 -5.40
N THR A 54 -6.81 14.76 -4.72
CA THR A 54 -6.96 15.11 -3.31
C THR A 54 -6.13 14.19 -2.42
N ILE A 55 -6.01 12.92 -2.82
CA ILE A 55 -5.35 11.89 -2.01
C ILE A 55 -3.86 12.19 -1.80
N LEU A 56 -3.22 12.85 -2.77
CA LEU A 56 -1.81 13.20 -2.62
C LEU A 56 -1.64 14.22 -1.49
N HIS A 57 -2.47 15.25 -1.49
CA HIS A 57 -2.46 16.25 -0.43
C HIS A 57 -2.95 15.58 0.85
N GLY A 58 -3.85 14.62 0.67
CA GLY A 58 -4.37 13.83 1.77
C GLY A 58 -3.26 13.08 2.50
N VAL A 59 -2.40 12.39 1.76
CA VAL A 59 -1.32 11.64 2.38
C VAL A 59 -0.29 12.61 2.98
N ILE A 60 -0.02 13.70 2.27
CA ILE A 60 0.89 14.73 2.78
C ILE A 60 0.47 15.21 4.17
N ARG A 61 -0.83 15.49 4.33
CA ARG A 61 -1.35 16.03 5.59
C ARG A 61 -1.63 14.93 6.61
N GLU A 62 -2.21 13.83 6.13
CA GLU A 62 -2.75 12.77 7.00
C GLU A 62 -1.71 11.75 7.45
N HIS A 63 -0.69 11.49 6.64
CA HIS A 63 0.16 10.27 6.78
C HIS A 63 0.48 9.90 8.23
N ALA A 64 0.79 10.89 9.07
CA ALA A 64 1.12 10.62 10.46
C ALA A 64 -0.11 10.11 11.22
N THR A 65 -1.16 10.92 11.19
CA THR A 65 -2.41 10.59 11.84
C THR A 65 -2.98 9.29 11.25
N LEU A 66 -2.71 9.05 9.98
CA LEU A 66 -3.11 7.82 9.31
C LEU A 66 -2.41 6.63 9.96
N ALA A 67 -1.10 6.73 10.11
CA ALA A 67 -0.31 5.68 10.76
C ALA A 67 -0.85 5.41 12.17
N GLU A 68 -1.23 6.47 12.86
CA GLU A 68 -1.83 6.35 14.19
C GLU A 68 -3.28 5.84 14.12
N ALA A 69 -3.97 6.21 13.03
CA ALA A 69 -5.41 5.96 12.89
C ALA A 69 -5.72 4.48 12.72
N ILE A 70 -4.69 3.67 12.51
CA ILE A 70 -4.90 2.23 12.37
C ILE A 70 -5.29 1.61 13.71
N SER A 71 -4.78 2.19 14.81
CA SER A 71 -4.98 1.62 16.14
C SER A 71 -6.48 1.60 16.53
N PRO A 72 -7.23 2.73 16.40
CA PRO A 72 -8.68 2.74 16.68
C PRO A 72 -9.47 1.91 15.67
N SER A 73 -8.86 1.65 14.52
CA SER A 73 -9.48 0.81 13.49
C SER A 73 -9.30 -0.67 13.86
N LEU A 74 -8.18 -0.97 14.51
CA LEU A 74 -7.92 -2.32 15.03
C LEU A 74 -8.78 -2.58 16.26
N ASP A 75 -8.67 -3.78 16.82
CA ASP A 75 -9.49 -4.16 17.97
C ASP A 75 -9.30 -3.18 19.12
N ARG A 76 -8.04 -2.76 19.33
CA ARG A 76 -7.70 -1.82 20.40
C ARG A 76 -6.31 -1.18 20.15
N PRO A 77 -5.22 -1.99 20.14
CA PRO A 77 -3.86 -1.47 20.05
C PRO A 77 -3.31 -1.45 18.63
N ILE A 78 -2.33 -0.60 18.38
CA ILE A 78 -1.63 -0.60 17.10
C ILE A 78 -0.69 -1.81 17.05
N ASP A 79 -0.37 -2.32 18.26
CA ASP A 79 0.46 -3.51 18.42
C ASP A 79 -0.21 -4.74 17.80
N GLN A 80 -1.51 -4.63 17.55
CA GLN A 80 -2.30 -5.75 17.03
C GLN A 80 -1.65 -6.35 15.78
N LEU A 81 -1.16 -5.49 14.88
CA LEU A 81 -0.41 -5.93 13.70
C LEU A 81 1.06 -5.58 13.87
N SER A 82 1.95 -6.43 13.34
CA SER A 82 3.40 -6.24 13.48
C SER A 82 3.84 -4.86 13.00
N PRO A 83 4.81 -4.23 13.70
CA PRO A 83 5.29 -2.87 13.40
C PRO A 83 5.66 -2.67 11.93
N VAL A 84 6.57 -3.52 11.44
CA VAL A 84 7.06 -3.40 10.07
C VAL A 84 5.93 -3.61 9.07
N GLU A 85 5.16 -4.68 9.28
CA GLU A 85 4.09 -5.05 8.36
C GLU A 85 3.05 -3.93 8.23
N ARG A 86 2.61 -3.40 9.38
CA ARG A 86 1.59 -2.36 9.40
C ARG A 86 2.13 -1.06 8.82
N ALA A 87 3.38 -0.73 9.17
CA ALA A 87 4.02 0.48 8.69
C ALA A 87 4.04 0.50 7.16
N VAL A 88 4.49 -0.60 6.57
CA VAL A 88 4.55 -0.73 5.13
C VAL A 88 3.15 -0.75 4.52
N LEU A 89 2.24 -1.52 5.12
CA LEU A 89 0.89 -1.71 4.56
C LEU A 89 0.18 -0.36 4.40
N LEU A 90 0.16 0.42 5.48
CA LEU A 90 -0.62 1.66 5.49
C LEU A 90 -0.01 2.69 4.54
N ILE A 91 1.30 2.86 4.62
CA ILE A 91 2.00 3.84 3.80
C ILE A 91 1.95 3.45 2.33
N ALA A 92 2.34 2.20 2.03
CA ALA A 92 2.38 1.71 0.67
C ALA A 92 1.00 1.81 0.01
N THR A 93 -0.04 1.40 0.74
CA THR A 93 -1.40 1.44 0.21
C THR A 93 -1.83 2.90 -0.03
N TYR A 94 -1.59 3.78 0.95
CA TYR A 94 -1.98 5.19 0.82
C TYR A 94 -1.28 5.81 -0.39
N GLU A 95 0.00 5.49 -0.58
CA GLU A 95 0.75 5.94 -1.74
C GLU A 95 0.13 5.40 -3.02
N LEU A 96 -0.06 4.08 -3.06
CA LEU A 96 -0.62 3.41 -4.23
C LEU A 96 -1.94 4.03 -4.65
N THR A 97 -2.73 4.44 -3.65
CA THR A 97 -4.04 5.06 -3.90
C THR A 97 -3.92 6.28 -4.81
N HIS A 98 -2.80 7.00 -4.72
CA HIS A 98 -2.57 8.17 -5.55
C HIS A 98 -1.38 7.97 -6.49
N GLN A 99 -0.92 6.72 -6.58
CA GLN A 99 0.21 6.37 -7.43
C GLN A 99 -0.05 5.05 -8.15
N ILE A 100 -1.32 4.80 -8.49
CA ILE A 100 -1.74 3.54 -9.12
C ILE A 100 -0.89 3.19 -10.36
N GLU A 101 -0.60 4.20 -11.17
CA GLU A 101 0.17 3.99 -12.40
C GLU A 101 1.56 4.63 -12.30
N THR A 102 1.96 4.96 -11.08
CA THR A 102 3.27 5.52 -10.80
C THR A 102 4.29 4.38 -10.65
N PRO A 103 5.53 4.56 -11.15
CA PRO A 103 6.57 3.53 -11.08
C PRO A 103 6.73 2.96 -9.67
N TYR A 104 6.37 1.69 -9.52
CA TYR A 104 6.54 0.98 -8.26
C TYR A 104 7.97 1.14 -7.73
N ARG A 105 8.90 1.48 -8.63
CA ARG A 105 10.29 1.68 -8.26
C ARG A 105 10.41 2.74 -7.16
N VAL A 106 9.75 3.87 -7.37
CA VAL A 106 9.81 4.97 -6.41
C VAL A 106 9.00 4.62 -5.16
N ILE A 107 7.89 3.91 -5.35
CA ILE A 107 7.07 3.48 -4.22
C ILE A 107 7.87 2.52 -3.31
N ILE A 108 8.53 1.55 -3.93
CA ILE A 108 9.37 0.61 -3.21
C ILE A 108 10.53 1.37 -2.55
N ASN A 109 11.07 2.36 -3.26
CA ASN A 109 12.13 3.20 -2.72
C ASN A 109 11.71 3.83 -1.38
N GLU A 110 10.51 4.42 -1.37
CA GLU A 110 9.98 5.02 -0.14
C GLU A 110 9.80 3.95 0.94
N ALA A 111 9.27 2.80 0.52
CA ALA A 111 9.07 1.68 1.44
C ALA A 111 10.39 1.20 2.03
N VAL A 112 11.43 1.20 1.21
CA VAL A 112 12.76 0.80 1.65
C VAL A 112 13.30 1.79 2.67
N GLU A 113 13.08 3.08 2.41
CA GLU A 113 13.48 4.15 3.32
C GLU A 113 12.92 3.87 4.72
N LEU A 114 11.67 3.41 4.74
CA LEU A 114 10.99 3.10 6.01
C LEU A 114 11.57 1.83 6.62
N ALA A 115 11.63 0.76 5.83
CA ALA A 115 12.12 -0.53 6.30
C ALA A 115 13.55 -0.42 6.82
N LYS A 116 14.29 0.55 6.29
CA LYS A 116 15.64 0.83 6.75
C LYS A 116 15.64 1.24 8.22
N THR A 117 14.84 2.25 8.56
CA THR A 117 14.79 2.77 9.92
C THR A 117 14.04 1.81 10.86
N PHE A 118 12.96 1.22 10.37
CA PHE A 118 12.10 0.36 11.20
C PHE A 118 12.72 -1.03 11.38
N GLY A 119 13.38 -1.53 10.33
CA GLY A 119 13.97 -2.86 10.38
C GLY A 119 15.48 -2.83 10.30
N GLY A 120 16.01 -2.73 9.08
CA GLY A 120 17.44 -2.71 8.87
C GLY A 120 17.86 -3.55 7.67
N SER A 121 18.90 -4.36 7.86
CA SER A 121 19.45 -5.20 6.79
C SER A 121 18.39 -6.15 6.24
N ASP A 122 17.80 -6.95 7.12
CA ASP A 122 16.74 -7.88 6.72
C ASP A 122 15.48 -7.11 6.35
N GLY A 123 15.30 -5.95 6.99
CA GLY A 123 14.13 -5.13 6.77
C GLY A 123 14.00 -4.65 5.34
N TYR A 124 15.06 -4.03 4.81
CA TYR A 124 15.00 -3.45 3.48
C TYR A 124 14.92 -4.55 2.42
N LYS A 125 15.59 -5.66 2.71
CA LYS A 125 15.61 -6.81 1.80
C LYS A 125 14.21 -7.41 1.70
N TYR A 126 13.56 -7.50 2.85
CA TYR A 126 12.21 -8.07 2.95
C TYR A 126 11.20 -7.25 2.14
N VAL A 127 11.12 -5.96 2.44
CA VAL A 127 10.15 -5.09 1.80
C VAL A 127 10.42 -4.97 0.29
N ASN A 128 11.71 -4.86 -0.06
CA ASN A 128 12.11 -4.73 -1.46
C ASN A 128 11.71 -5.98 -2.23
N GLY A 129 12.05 -7.14 -1.68
CA GLY A 129 11.78 -8.39 -2.35
C GLY A 129 10.28 -8.63 -2.56
N VAL A 130 9.52 -8.55 -1.48
CA VAL A 130 8.10 -8.87 -1.52
C VAL A 130 7.35 -8.01 -2.56
N LEU A 131 7.71 -6.74 -2.62
CA LEU A 131 7.05 -5.80 -3.53
C LEU A 131 7.52 -6.00 -4.96
N ASP A 132 8.83 -6.19 -5.14
CA ASP A 132 9.41 -6.36 -6.47
C ASP A 132 8.82 -7.60 -7.14
N LYS A 133 8.72 -8.68 -6.36
CA LYS A 133 8.18 -9.95 -6.85
C LYS A 133 6.76 -9.76 -7.39
N LEU A 134 5.98 -8.92 -6.73
CA LEU A 134 4.62 -8.60 -7.19
C LEU A 134 4.70 -7.85 -8.52
N ALA A 135 5.68 -6.96 -8.62
CA ALA A 135 5.87 -6.18 -9.82
C ALA A 135 6.27 -7.07 -11.00
N VAL A 136 6.98 -8.16 -10.69
CA VAL A 136 7.39 -9.13 -11.71
C VAL A 136 6.17 -9.85 -12.28
N LYS A 137 5.02 -9.69 -11.61
CA LYS A 137 3.79 -10.34 -12.05
C LYS A 137 2.89 -9.33 -12.76
N LEU A 138 2.62 -8.19 -12.12
CA LEU A 138 1.70 -7.20 -12.66
C LEU A 138 2.32 -6.37 -13.79
N ARG A 139 3.66 -6.33 -13.87
CA ARG A 139 4.36 -5.73 -15.01
C ARG A 139 5.82 -6.19 -15.06
N PRO A 140 6.05 -7.46 -15.48
CA PRO A 140 7.39 -8.07 -15.50
C PRO A 140 8.38 -7.28 -16.37
N ALA A 141 7.85 -6.54 -17.32
CA ALA A 141 8.67 -5.76 -18.25
C ALA A 141 9.57 -4.77 -17.51
N GLU A 142 9.02 -4.15 -16.48
CA GLU A 142 9.75 -3.11 -15.73
C GLU A 142 10.80 -3.73 -14.81
N THR A 143 10.52 -4.95 -14.35
CA THR A 143 11.43 -5.67 -13.49
C THR A 143 12.57 -6.29 -14.29
N GLN A 144 12.56 -6.08 -15.60
CA GLN A 144 13.64 -6.53 -16.47
C GLN A 144 14.79 -5.51 -16.45
N ALA A 145 14.51 -4.32 -15.91
CA ALA A 145 15.53 -3.30 -15.74
C ALA A 145 16.43 -3.63 -14.57
N ARG A 146 17.48 -4.41 -14.85
CA ARG A 146 18.40 -4.88 -13.82
C ARG A 146 19.82 -4.51 -14.21
N ARG A 147 20.75 -4.59 -13.25
CA ARG A 147 22.15 -4.28 -13.53
C ARG A 147 22.75 -5.34 -14.45
N GLY A 148 23.60 -4.91 -15.38
CA GLY A 148 24.24 -5.82 -16.32
C GLY A 148 25.26 -6.73 -15.64
N ALA A 149 24.76 -7.74 -14.95
CA ALA A 149 25.61 -8.71 -14.26
C ALA A 149 25.44 -10.09 -14.89
N GLY A 1 -20.66 7.61 -13.25
CA GLY A 1 -19.28 7.11 -12.96
C GLY A 1 -18.47 6.94 -14.24
N PRO A 2 -17.69 7.95 -14.64
CA PRO A 2 -16.91 7.90 -15.88
C PRO A 2 -15.85 6.79 -15.84
N GLY A 3 -16.17 5.66 -16.43
CA GLY A 3 -15.24 4.55 -16.51
C GLY A 3 -14.60 4.47 -17.87
N SER A 4 -13.85 5.51 -18.23
CA SER A 4 -13.24 5.62 -19.54
C SER A 4 -11.88 4.89 -19.59
N MET A 5 -11.92 3.58 -19.31
CA MET A 5 -10.74 2.71 -19.39
C MET A 5 -9.56 3.24 -18.55
N LYS A 6 -8.85 4.22 -19.09
CA LYS A 6 -7.69 4.81 -18.41
C LYS A 6 -8.15 5.58 -17.18
N LYS A 7 -9.40 6.02 -17.22
CA LYS A 7 -10.01 6.74 -16.10
C LYS A 7 -11.18 5.95 -15.54
N SER A 8 -10.94 5.23 -14.44
CA SER A 8 -12.00 4.51 -13.75
C SER A 8 -11.72 4.47 -12.25
N ALA A 9 -12.76 4.71 -11.45
CA ALA A 9 -12.64 4.70 -10.00
C ALA A 9 -12.43 3.27 -9.46
N ARG A 10 -13.11 2.31 -10.09
CA ARG A 10 -13.09 0.91 -9.62
C ARG A 10 -11.67 0.35 -9.62
N ARG A 11 -10.83 0.85 -10.52
CA ARG A 11 -9.45 0.40 -10.61
C ARG A 11 -8.70 0.73 -9.32
N GLN A 12 -9.06 1.86 -8.71
CA GLN A 12 -8.42 2.31 -7.48
C GLN A 12 -8.96 1.48 -6.30
N SER A 13 -10.28 1.38 -6.21
CA SER A 13 -10.94 0.63 -5.15
C SER A 13 -10.45 -0.82 -5.06
N ARG A 14 -10.16 -1.42 -6.22
CA ARG A 14 -9.71 -2.82 -6.25
C ARG A 14 -8.29 -2.95 -5.68
N GLU A 15 -7.46 -1.95 -5.97
CA GLU A 15 -6.07 -1.96 -5.49
C GLU A 15 -6.05 -1.95 -3.96
N LEU A 16 -7.05 -1.30 -3.37
CA LEU A 16 -7.24 -1.32 -1.92
C LEU A 16 -7.32 -2.76 -1.43
N ALA A 17 -8.19 -3.53 -2.06
CA ALA A 17 -8.45 -4.91 -1.67
C ALA A 17 -7.22 -5.78 -1.90
N THR A 18 -6.54 -5.58 -3.02
CA THR A 18 -5.38 -6.40 -3.37
C THR A 18 -4.31 -6.37 -2.26
N GLN A 19 -4.07 -5.18 -1.71
CA GLN A 19 -3.05 -5.02 -0.67
C GLN A 19 -3.38 -5.86 0.56
N GLY A 20 -4.59 -5.68 1.08
CA GLY A 20 -5.01 -6.38 2.28
C GLY A 20 -5.06 -7.89 2.08
N LEU A 21 -5.66 -8.32 0.98
CA LEU A 21 -5.80 -9.74 0.68
C LEU A 21 -4.43 -10.38 0.43
N TYR A 22 -3.49 -9.61 -0.12
CA TYR A 22 -2.14 -10.11 -0.33
C TYR A 22 -1.45 -10.33 1.02
N GLN A 23 -1.53 -9.31 1.88
CA GLN A 23 -0.94 -9.41 3.21
C GLN A 23 -1.52 -10.61 3.96
N TRP A 24 -2.82 -10.84 3.80
CA TRP A 24 -3.47 -11.99 4.41
C TRP A 24 -2.97 -13.29 3.77
N LEU A 25 -2.86 -13.30 2.45
CA LEU A 25 -2.39 -14.48 1.72
C LEU A 25 -0.95 -14.79 2.11
N LEU A 26 -0.21 -13.76 2.51
CA LEU A 26 1.20 -13.89 2.86
C LEU A 26 1.37 -14.33 4.32
N SER A 27 0.85 -13.53 5.24
CA SER A 27 1.05 -13.78 6.69
C SER A 27 0.03 -14.76 7.23
N ASN A 28 -1.18 -14.75 6.66
CA ASN A 28 -2.28 -15.61 7.09
C ASN A 28 -2.65 -15.34 8.55
N ALA A 29 -2.55 -14.08 8.96
CA ALA A 29 -2.91 -13.68 10.32
C ALA A 29 -4.38 -14.02 10.60
N ALA A 30 -5.28 -13.27 9.96
CA ALA A 30 -6.71 -13.52 10.04
C ALA A 30 -7.45 -12.52 9.16
N PRO A 31 -8.54 -12.93 8.49
CA PRO A 31 -9.29 -12.07 7.56
C PRO A 31 -9.63 -10.71 8.16
N GLY A 32 -10.46 -10.71 9.22
CA GLY A 32 -10.91 -9.47 9.83
C GLY A 32 -9.80 -8.69 10.50
N GLU A 33 -8.66 -9.34 10.72
CA GLU A 33 -7.52 -8.73 11.40
C GLU A 33 -6.83 -7.73 10.47
N ILE A 34 -6.46 -8.20 9.28
CA ILE A 34 -5.79 -7.36 8.28
C ILE A 34 -6.81 -6.50 7.53
N ASP A 35 -8.02 -7.03 7.39
CA ASP A 35 -9.15 -6.31 6.77
C ASP A 35 -9.32 -4.94 7.42
N ALA A 36 -9.00 -4.87 8.71
CA ALA A 36 -9.21 -3.66 9.50
C ALA A 36 -8.36 -2.51 8.98
N GLN A 37 -7.19 -2.84 8.43
CA GLN A 37 -6.27 -1.86 7.89
C GLN A 37 -6.93 -1.04 6.78
N LEU A 38 -7.76 -1.73 6.01
CA LEU A 38 -8.46 -1.13 4.88
C LEU A 38 -9.59 -0.20 5.36
N ARG A 39 -9.88 -0.25 6.67
CA ARG A 39 -10.85 0.66 7.27
C ARG A 39 -10.17 1.98 7.61
N GLY A 40 -8.86 1.93 7.84
CA GLY A 40 -8.11 3.14 8.11
C GLY A 40 -8.07 4.06 6.91
N ALA A 41 -7.55 3.54 5.80
CA ALA A 41 -7.51 4.28 4.55
C ALA A 41 -8.66 3.81 3.64
N LEU A 42 -9.80 4.49 3.74
CA LEU A 42 -10.99 4.08 3.00
C LEU A 42 -10.77 4.26 1.50
N GLY A 43 -10.74 3.14 0.78
CA GLY A 43 -10.40 3.15 -0.63
C GLY A 43 -11.44 3.81 -1.51
N TYR A 44 -12.65 3.27 -1.54
CA TYR A 44 -13.68 3.73 -2.48
C TYR A 44 -14.01 5.22 -2.29
N ASP A 45 -13.91 5.69 -1.04
CA ASP A 45 -14.20 7.09 -0.73
C ASP A 45 -13.13 8.00 -1.35
N LYS A 46 -11.95 7.43 -1.57
CA LYS A 46 -10.83 8.14 -2.19
C LYS A 46 -10.48 7.51 -3.54
N ALA A 47 -11.42 6.76 -4.12
CA ALA A 47 -11.21 6.09 -5.40
C ALA A 47 -11.54 7.01 -6.56
N ASP A 48 -10.50 7.64 -7.11
CA ASP A 48 -10.64 8.53 -8.27
C ASP A 48 -9.27 9.09 -8.65
N LYS A 49 -8.97 9.12 -9.95
CA LYS A 49 -7.68 9.58 -10.45
C LYS A 49 -7.45 11.07 -10.17
N THR A 50 -8.46 11.90 -10.46
CA THR A 50 -8.32 13.34 -10.32
C THR A 50 -8.24 13.73 -8.83
N LEU A 51 -8.88 12.91 -8.00
CA LEU A 51 -8.95 13.13 -6.57
C LEU A 51 -7.55 13.22 -5.94
N LEU A 52 -6.55 12.64 -6.61
CA LEU A 52 -5.17 12.60 -6.10
C LEU A 52 -4.71 13.96 -5.57
N ASP A 53 -5.15 15.03 -6.22
CA ASP A 53 -4.76 16.38 -5.80
C ASP A 53 -5.13 16.59 -4.33
N THR A 54 -6.32 16.16 -3.97
CA THR A 54 -6.77 16.19 -2.59
C THR A 54 -6.05 15.10 -1.77
N ILE A 55 -5.90 13.93 -2.38
CA ILE A 55 -5.35 12.75 -1.69
C ILE A 55 -3.91 12.99 -1.19
N LEU A 56 -3.10 13.67 -2.00
CA LEU A 56 -1.72 13.94 -1.62
C LEU A 56 -1.69 14.80 -0.36
N HIS A 57 -2.62 15.76 -0.28
CA HIS A 57 -2.76 16.59 0.90
C HIS A 57 -3.17 15.73 2.10
N GLY A 58 -3.97 14.71 1.82
CA GLY A 58 -4.42 13.80 2.86
C GLY A 58 -3.29 12.94 3.40
N VAL A 59 -2.49 12.36 2.50
CA VAL A 59 -1.42 11.47 2.92
C VAL A 59 -0.29 12.25 3.60
N ILE A 60 -0.06 13.50 3.16
CA ILE A 60 0.94 14.35 3.79
C ILE A 60 0.48 14.83 5.17
N ARG A 61 -0.71 15.44 5.21
CA ARG A 61 -1.23 16.03 6.44
C ARG A 61 -1.71 14.97 7.42
N GLU A 62 -2.66 14.14 6.98
CA GLU A 62 -3.31 13.16 7.84
C GLU A 62 -2.45 11.90 8.00
N HIS A 63 -1.15 12.04 7.75
CA HIS A 63 -0.21 10.92 7.80
C HIS A 63 -0.20 10.28 9.19
N ALA A 64 0.16 11.07 10.20
CA ALA A 64 0.22 10.59 11.57
C ALA A 64 -1.15 10.11 12.04
N THR A 65 -2.18 10.86 11.67
CA THR A 65 -3.56 10.50 12.02
C THR A 65 -3.95 9.15 11.39
N LEU A 66 -3.48 8.91 10.17
CA LEU A 66 -3.73 7.65 9.49
C LEU A 66 -3.03 6.52 10.25
N ALA A 67 -1.81 6.80 10.71
CA ALA A 67 -1.03 5.85 11.49
C ALA A 67 -1.71 5.52 12.83
N GLU A 68 -2.15 6.55 13.55
CA GLU A 68 -2.72 6.36 14.89
C GLU A 68 -4.15 5.80 14.82
N ALA A 69 -4.96 6.34 13.92
CA ALA A 69 -6.39 6.03 13.86
C ALA A 69 -6.65 4.54 13.59
N ILE A 70 -5.61 3.82 13.21
CA ILE A 70 -5.75 2.40 12.93
C ILE A 70 -5.86 1.60 14.22
N SER A 71 -5.23 2.09 15.29
CA SER A 71 -5.19 1.38 16.56
C SER A 71 -6.60 1.11 17.13
N PRO A 72 -7.48 2.16 17.21
CA PRO A 72 -8.86 1.98 17.68
C PRO A 72 -9.73 1.22 16.66
N SER A 73 -9.21 1.04 15.45
CA SER A 73 -9.93 0.32 14.41
C SER A 73 -9.77 -1.19 14.60
N LEU A 74 -8.70 -1.58 15.28
CA LEU A 74 -8.46 -2.99 15.62
C LEU A 74 -8.81 -3.24 17.08
N ASP A 75 -8.81 -4.50 17.48
CA ASP A 75 -9.04 -4.87 18.88
C ASP A 75 -7.70 -5.05 19.59
N ARG A 76 -6.64 -4.74 18.88
CA ARG A 76 -5.28 -4.74 19.40
C ARG A 76 -4.67 -3.37 19.19
N PRO A 77 -3.70 -2.96 20.02
CA PRO A 77 -3.01 -1.68 19.84
C PRO A 77 -2.28 -1.61 18.49
N ILE A 78 -1.88 -0.41 18.08
CA ILE A 78 -1.16 -0.20 16.83
C ILE A 78 0.06 -1.14 16.70
N ASP A 79 0.57 -1.58 17.84
CA ASP A 79 1.74 -2.46 17.91
C ASP A 79 1.45 -3.85 17.34
N GLN A 80 0.18 -4.09 17.02
CA GLN A 80 -0.30 -5.38 16.51
C GLN A 80 0.59 -5.92 15.38
N LEU A 81 0.65 -5.19 14.27
CA LEU A 81 1.38 -5.64 13.10
C LEU A 81 2.85 -5.19 13.20
N SER A 82 3.75 -6.05 12.72
CA SER A 82 5.19 -5.77 12.75
C SER A 82 5.48 -4.35 12.23
N PRO A 83 6.40 -3.62 12.89
CA PRO A 83 6.72 -2.22 12.54
C PRO A 83 6.88 -2.01 11.03
N VAL A 84 7.71 -2.86 10.41
CA VAL A 84 7.98 -2.73 8.98
C VAL A 84 6.72 -3.00 8.16
N GLU A 85 6.05 -4.12 8.46
CA GLU A 85 4.85 -4.52 7.73
C GLU A 85 3.73 -3.48 7.90
N ARG A 86 3.70 -2.85 9.06
CA ARG A 86 2.69 -1.86 9.38
C ARG A 86 2.92 -0.60 8.55
N ALA A 87 4.13 -0.04 8.67
CA ALA A 87 4.49 1.16 7.92
C ALA A 87 4.25 0.95 6.42
N VAL A 88 4.63 -0.22 5.93
CA VAL A 88 4.44 -0.56 4.53
C VAL A 88 2.95 -0.63 4.18
N LEU A 89 2.21 -1.49 4.89
CA LEU A 89 0.80 -1.73 4.55
C LEU A 89 0.03 -0.40 4.48
N LEU A 90 0.15 0.41 5.53
CA LEU A 90 -0.64 1.64 5.64
C LEU A 90 -0.26 2.65 4.55
N ILE A 91 1.02 3.03 4.49
CA ILE A 91 1.49 4.04 3.55
C ILE A 91 1.35 3.56 2.10
N ALA A 92 1.81 2.33 1.86
CA ALA A 92 1.75 1.75 0.53
C ALA A 92 0.32 1.68 0.03
N THR A 93 -0.60 1.24 0.88
CA THR A 93 -2.02 1.20 0.50
C THR A 93 -2.50 2.61 0.15
N TYR A 94 -2.22 3.57 1.04
CA TYR A 94 -2.70 4.94 0.84
C TYR A 94 -2.28 5.47 -0.54
N GLU A 95 -0.97 5.42 -0.84
CA GLU A 95 -0.48 5.89 -2.13
C GLU A 95 -0.86 4.96 -3.29
N LEU A 96 -0.49 3.69 -3.19
CA LEU A 96 -0.60 2.75 -4.31
C LEU A 96 -2.04 2.57 -4.76
N THR A 97 -2.96 2.43 -3.80
CA THR A 97 -4.37 2.25 -4.12
C THR A 97 -4.88 3.31 -5.09
N HIS A 98 -4.25 4.48 -5.06
CA HIS A 98 -4.70 5.62 -5.86
C HIS A 98 -3.64 6.04 -6.89
N GLN A 99 -2.45 5.46 -6.79
CA GLN A 99 -1.33 5.80 -7.67
C GLN A 99 -0.80 4.54 -8.37
N ILE A 100 -1.72 3.70 -8.81
CA ILE A 100 -1.37 2.43 -9.46
C ILE A 100 -0.47 2.63 -10.68
N GLU A 101 -0.62 3.79 -11.34
CA GLU A 101 0.10 4.08 -12.57
C GLU A 101 1.49 4.67 -12.27
N THR A 102 1.73 5.02 -11.02
CA THR A 102 3.01 5.56 -10.60
C THR A 102 4.06 4.43 -10.58
N PRO A 103 5.25 4.66 -11.18
CA PRO A 103 6.29 3.63 -11.32
C PRO A 103 6.63 2.96 -9.99
N TYR A 104 6.53 1.63 -9.97
CA TYR A 104 6.79 0.86 -8.75
C TYR A 104 8.19 1.16 -8.23
N ARG A 105 9.08 1.58 -9.12
CA ARG A 105 10.46 1.91 -8.75
C ARG A 105 10.49 2.96 -7.64
N VAL A 106 9.77 4.06 -7.85
CA VAL A 106 9.79 5.17 -6.89
C VAL A 106 9.09 4.78 -5.59
N ILE A 107 7.97 4.06 -5.70
CA ILE A 107 7.22 3.64 -4.52
C ILE A 107 8.03 2.67 -3.66
N ILE A 108 8.69 1.70 -4.33
CA ILE A 108 9.56 0.76 -3.64
C ILE A 108 10.74 1.50 -3.02
N ASN A 109 11.26 2.50 -3.72
CA ASN A 109 12.34 3.34 -3.20
C ASN A 109 11.94 3.96 -1.87
N GLU A 110 10.78 4.61 -1.84
CA GLU A 110 10.27 5.21 -0.62
C GLU A 110 10.19 4.15 0.49
N ALA A 111 9.52 3.04 0.17
CA ALA A 111 9.28 1.97 1.13
C ALA A 111 10.59 1.40 1.67
N VAL A 112 11.58 1.22 0.79
CA VAL A 112 12.84 0.60 1.16
C VAL A 112 13.66 1.54 2.03
N GLU A 113 13.55 2.85 1.77
CA GLU A 113 14.24 3.85 2.58
C GLU A 113 13.59 4.03 3.95
N LEU A 114 12.26 3.91 4.00
CA LEU A 114 11.53 4.03 5.26
C LEU A 114 11.79 2.79 6.12
N ALA A 115 11.80 1.63 5.47
CA ALA A 115 12.07 0.36 6.15
C ALA A 115 13.40 0.39 6.91
N LYS A 116 14.31 1.22 6.44
CA LYS A 116 15.62 1.40 7.07
C LYS A 116 15.45 1.64 8.58
N THR A 117 14.68 2.66 8.94
CA THR A 117 14.48 3.02 10.33
C THR A 117 13.55 2.03 11.05
N PHE A 118 12.52 1.55 10.35
CA PHE A 118 11.53 0.65 10.94
C PHE A 118 12.10 -0.77 11.09
N GLY A 119 13.20 -1.04 10.42
CA GLY A 119 13.84 -2.34 10.50
C GLY A 119 15.34 -2.23 10.54
N GLY A 120 15.96 -2.10 9.38
CA GLY A 120 17.41 -2.02 9.28
C GLY A 120 17.93 -2.80 8.09
N SER A 121 19.04 -3.51 8.30
CA SER A 121 19.67 -4.28 7.24
C SER A 121 18.75 -5.39 6.74
N ASP A 122 17.86 -5.83 7.62
CA ASP A 122 16.86 -6.83 7.28
C ASP A 122 15.62 -6.15 6.73
N GLY A 123 15.24 -5.04 7.36
CA GLY A 123 14.01 -4.35 7.03
C GLY A 123 13.95 -3.88 5.58
N TYR A 124 15.02 -3.25 5.10
CA TYR A 124 15.02 -2.67 3.77
C TYR A 124 14.93 -3.77 2.70
N LYS A 125 15.55 -4.91 2.98
CA LYS A 125 15.53 -6.03 2.04
C LYS A 125 14.16 -6.71 2.12
N TYR A 126 13.61 -6.77 3.34
CA TYR A 126 12.31 -7.38 3.60
C TYR A 126 11.24 -6.73 2.71
N VAL A 127 11.13 -5.41 2.80
CA VAL A 127 10.13 -4.67 2.05
C VAL A 127 10.41 -4.74 0.54
N ASN A 128 11.69 -4.65 0.18
CA ASN A 128 12.09 -4.72 -1.22
C ASN A 128 11.63 -6.06 -1.81
N GLY A 129 11.70 -7.10 -0.98
CA GLY A 129 11.28 -8.41 -1.39
C GLY A 129 9.78 -8.53 -1.53
N VAL A 130 9.04 -8.13 -0.49
CA VAL A 130 7.58 -8.32 -0.46
C VAL A 130 6.92 -7.62 -1.66
N LEU A 131 7.40 -6.44 -2.00
CA LEU A 131 6.83 -5.64 -3.08
C LEU A 131 7.12 -6.26 -4.45
N ASP A 132 8.16 -7.10 -4.50
CA ASP A 132 8.59 -7.71 -5.75
C ASP A 132 7.49 -8.62 -6.29
N LYS A 133 6.83 -9.31 -5.37
CA LYS A 133 5.83 -10.31 -5.69
C LYS A 133 4.59 -9.65 -6.28
N LEU A 134 4.26 -8.45 -5.83
CA LEU A 134 3.13 -7.70 -6.37
C LEU A 134 3.51 -7.06 -7.71
N ALA A 135 4.73 -6.53 -7.76
CA ALA A 135 5.20 -5.79 -8.93
C ALA A 135 5.30 -6.68 -10.15
N VAL A 136 5.77 -7.91 -9.96
CA VAL A 136 5.92 -8.85 -11.07
C VAL A 136 4.56 -9.29 -11.61
N LYS A 137 3.49 -8.96 -10.87
CA LYS A 137 2.13 -9.28 -11.31
C LYS A 137 1.54 -8.10 -12.06
N LEU A 138 1.62 -6.92 -11.44
CA LEU A 138 1.05 -5.70 -12.01
C LEU A 138 1.87 -5.27 -13.24
N ARG A 139 3.18 -5.43 -13.15
CA ARG A 139 4.11 -4.97 -14.19
C ARG A 139 5.19 -6.02 -14.46
N PRO A 140 4.82 -7.15 -15.09
CA PRO A 140 5.74 -8.26 -15.34
C PRO A 140 6.88 -7.88 -16.30
N ALA A 141 6.52 -7.09 -17.32
CA ALA A 141 7.49 -6.68 -18.34
C ALA A 141 8.56 -5.77 -17.75
N GLU A 142 8.17 -4.94 -16.80
CA GLU A 142 9.09 -4.02 -16.14
C GLU A 142 10.00 -4.75 -15.17
N THR A 143 9.44 -5.67 -14.39
CA THR A 143 10.19 -6.41 -13.39
C THR A 143 11.21 -7.36 -14.04
N GLN A 144 10.76 -8.08 -15.06
CA GLN A 144 11.60 -9.09 -15.70
C GLN A 144 12.54 -8.47 -16.72
N ALA A 145 12.06 -8.30 -17.95
CA ALA A 145 12.87 -7.80 -19.06
C ALA A 145 14.11 -8.68 -19.28
N ARG A 146 14.06 -9.91 -18.74
CA ARG A 146 15.18 -10.84 -18.82
C ARG A 146 15.29 -11.41 -20.22
N ARG A 147 16.52 -11.51 -20.73
CA ARG A 147 16.76 -11.95 -22.10
C ARG A 147 16.72 -13.47 -22.20
N GLY A 148 15.51 -14.01 -22.31
CA GLY A 148 15.34 -15.45 -22.44
C GLY A 148 13.93 -15.79 -22.88
N ALA A 149 12.96 -15.40 -22.05
CA ALA A 149 11.55 -15.59 -22.35
C ALA A 149 10.71 -14.61 -21.53
N GLY A 1 -11.27 -12.42 -15.99
CA GLY A 1 -11.71 -12.20 -14.59
C GLY A 1 -11.49 -10.76 -14.14
N PRO A 2 -10.30 -10.44 -13.60
CA PRO A 2 -9.98 -9.09 -13.13
C PRO A 2 -9.87 -8.08 -14.28
N GLY A 3 -11.02 -7.63 -14.77
CA GLY A 3 -11.06 -6.64 -15.84
C GLY A 3 -10.85 -5.22 -15.32
N SER A 4 -9.70 -4.98 -14.70
CA SER A 4 -9.38 -3.68 -14.15
C SER A 4 -9.01 -2.70 -15.26
N MET A 5 -10.03 -2.15 -15.92
CA MET A 5 -9.83 -1.18 -17.00
C MET A 5 -9.21 0.10 -16.43
N LYS A 6 -8.01 0.43 -16.89
CA LYS A 6 -7.24 1.56 -16.33
C LYS A 6 -7.83 2.91 -16.75
N LYS A 7 -8.91 2.87 -17.53
CA LYS A 7 -9.63 4.08 -17.93
C LYS A 7 -10.94 4.18 -17.15
N SER A 8 -11.03 3.42 -16.07
CA SER A 8 -12.16 3.51 -15.16
C SER A 8 -11.68 3.94 -13.77
N ALA A 9 -12.53 4.63 -13.02
CA ALA A 9 -12.19 5.05 -11.68
C ALA A 9 -12.14 3.85 -10.73
N ARG A 10 -13.13 2.98 -10.84
CA ARG A 10 -13.32 1.88 -9.89
C ARG A 10 -12.11 0.94 -9.85
N ARG A 11 -11.35 0.89 -10.94
CA ARG A 11 -10.19 0.01 -11.03
C ARG A 11 -9.16 0.29 -9.94
N GLN A 12 -9.06 1.56 -9.51
CA GLN A 12 -8.00 1.96 -8.55
C GLN A 12 -8.04 1.10 -7.28
N SER A 13 -9.25 0.72 -6.89
CA SER A 13 -9.46 -0.16 -5.74
C SER A 13 -8.64 -1.46 -5.85
N ARG A 14 -8.39 -1.89 -7.08
CA ARG A 14 -7.71 -3.18 -7.36
C ARG A 14 -6.42 -3.34 -6.56
N GLU A 15 -5.53 -2.34 -6.63
CA GLU A 15 -4.25 -2.40 -5.93
C GLU A 15 -4.47 -2.65 -4.43
N LEU A 16 -5.38 -1.87 -3.83
CA LEU A 16 -5.67 -2.00 -2.40
C LEU A 16 -6.13 -3.42 -2.07
N ALA A 17 -6.99 -3.97 -2.92
CA ALA A 17 -7.54 -5.30 -2.71
C ALA A 17 -6.44 -6.36 -2.76
N THR A 18 -5.68 -6.35 -3.85
CA THR A 18 -4.65 -7.37 -4.07
C THR A 18 -3.57 -7.31 -3.00
N GLN A 19 -3.34 -6.12 -2.43
CA GLN A 19 -2.41 -5.95 -1.32
C GLN A 19 -2.92 -6.73 -0.11
N GLY A 20 -4.20 -6.59 0.19
CA GLY A 20 -4.80 -7.28 1.31
C GLY A 20 -4.74 -8.79 1.14
N LEU A 21 -5.19 -9.26 -0.03
CA LEU A 21 -5.18 -10.68 -0.33
C LEU A 21 -3.77 -11.26 -0.23
N TYR A 22 -2.79 -10.52 -0.74
CA TYR A 22 -1.39 -10.95 -0.68
C TYR A 22 -0.91 -11.04 0.76
N GLN A 23 -1.12 -9.96 1.53
CA GLN A 23 -0.67 -9.92 2.92
C GLN A 23 -1.24 -11.09 3.72
N TRP A 24 -2.53 -11.38 3.52
CA TRP A 24 -3.17 -12.48 4.24
C TRP A 24 -2.65 -13.82 3.75
N LEU A 25 -2.43 -13.93 2.43
CA LEU A 25 -1.94 -15.16 1.83
C LEU A 25 -0.48 -15.42 2.23
N LEU A 26 0.24 -14.33 2.54
CA LEU A 26 1.66 -14.41 2.88
C LEU A 26 1.85 -14.76 4.36
N SER A 27 1.19 -14.01 5.24
CA SER A 27 1.40 -14.15 6.68
C SER A 27 0.33 -15.00 7.34
N ASN A 28 -0.86 -15.03 6.74
CA ASN A 28 -2.03 -15.70 7.34
C ASN A 28 -2.38 -15.01 8.68
N ALA A 29 -2.09 -13.71 8.73
CA ALA A 29 -2.37 -12.89 9.91
C ALA A 29 -3.86 -12.79 10.17
N ALA A 30 -4.23 -12.01 11.19
CA ALA A 30 -5.62 -11.83 11.56
C ALA A 30 -6.38 -11.09 10.45
N PRO A 31 -7.57 -11.58 10.07
CA PRO A 31 -8.38 -10.95 9.02
C PRO A 31 -8.63 -9.48 9.30
N GLY A 32 -8.88 -9.16 10.58
CA GLY A 32 -9.19 -7.80 10.98
C GLY A 32 -8.02 -6.85 10.76
N GLU A 33 -6.81 -7.32 11.02
CA GLU A 33 -5.60 -6.50 10.87
C GLU A 33 -5.47 -5.95 9.47
N ILE A 34 -5.73 -6.81 8.48
CA ILE A 34 -5.61 -6.44 7.08
C ILE A 34 -6.88 -5.76 6.58
N ASP A 35 -8.03 -6.33 7.00
CA ASP A 35 -9.34 -5.76 6.67
C ASP A 35 -9.41 -4.31 7.10
N ALA A 36 -8.68 -4.00 8.19
CA ALA A 36 -8.65 -2.67 8.77
C ALA A 36 -8.38 -1.59 7.71
N GLN A 37 -7.54 -1.94 6.75
CA GLN A 37 -7.18 -1.02 5.67
C GLN A 37 -8.42 -0.56 4.90
N LEU A 38 -9.29 -1.51 4.58
CA LEU A 38 -10.44 -1.21 3.73
C LEU A 38 -11.61 -0.64 4.55
N ARG A 39 -11.89 -1.23 5.71
CA ARG A 39 -12.97 -0.74 6.56
C ARG A 39 -12.69 0.71 6.96
N GLY A 40 -11.41 1.07 6.92
CA GLY A 40 -11.02 2.45 7.15
C GLY A 40 -11.04 3.25 5.85
N ALA A 41 -10.57 2.63 4.77
CA ALA A 41 -10.51 3.30 3.47
C ALA A 41 -11.41 2.57 2.48
N LEU A 42 -12.67 3.02 2.38
CA LEU A 42 -13.63 2.35 1.52
C LEU A 42 -13.20 2.47 0.05
N GLY A 43 -13.39 1.39 -0.69
CA GLY A 43 -13.01 1.36 -2.10
C GLY A 43 -13.58 2.53 -2.87
N TYR A 44 -14.83 2.88 -2.56
CA TYR A 44 -15.51 4.00 -3.20
C TYR A 44 -14.64 5.26 -3.17
N ASP A 45 -14.12 5.59 -1.99
CA ASP A 45 -13.33 6.80 -1.78
C ASP A 45 -11.97 6.70 -2.48
N LYS A 46 -11.53 5.47 -2.76
CA LYS A 46 -10.24 5.25 -3.41
C LYS A 46 -10.42 4.93 -4.90
N ALA A 47 -11.66 4.88 -5.36
CA ALA A 47 -11.96 4.44 -6.72
C ALA A 47 -12.51 5.59 -7.54
N ASP A 48 -11.81 6.71 -7.50
CA ASP A 48 -12.19 7.90 -8.27
C ASP A 48 -10.94 8.60 -8.79
N LYS A 49 -10.83 8.66 -10.11
CA LYS A 49 -9.64 9.19 -10.79
C LYS A 49 -9.29 10.61 -10.32
N THR A 50 -10.31 11.43 -10.07
CA THR A 50 -10.10 12.82 -9.67
C THR A 50 -9.71 12.90 -8.20
N LEU A 51 -10.33 12.05 -7.39
CA LEU A 51 -10.07 12.01 -5.96
C LEU A 51 -8.62 11.61 -5.70
N LEU A 52 -8.03 10.87 -6.64
CA LEU A 52 -6.64 10.42 -6.53
C LEU A 52 -5.69 11.62 -6.36
N ASP A 53 -6.00 12.73 -7.04
CA ASP A 53 -5.16 13.92 -7.00
C ASP A 53 -5.11 14.50 -5.58
N THR A 54 -6.28 14.79 -5.03
CA THR A 54 -6.41 15.40 -3.70
C THR A 54 -5.68 14.57 -2.64
N ILE A 55 -5.64 13.25 -2.85
CA ILE A 55 -5.05 12.30 -1.90
C ILE A 55 -3.66 12.73 -1.41
N LEU A 56 -2.93 13.49 -2.22
CA LEU A 56 -1.64 14.02 -1.79
C LEU A 56 -1.77 14.72 -0.43
N HIS A 57 -2.88 15.43 -0.23
CA HIS A 57 -3.20 16.05 1.05
C HIS A 57 -3.27 14.98 2.13
N GLY A 58 -3.88 13.85 1.76
CA GLY A 58 -4.03 12.75 2.69
C GLY A 58 -2.70 12.19 3.15
N VAL A 59 -1.82 11.88 2.21
CA VAL A 59 -0.52 11.28 2.54
C VAL A 59 0.36 12.27 3.31
N ILE A 60 0.33 13.54 2.93
CA ILE A 60 1.11 14.57 3.61
C ILE A 60 0.52 14.90 4.99
N ARG A 61 -0.76 15.26 5.00
CA ARG A 61 -1.43 15.74 6.21
C ARG A 61 -1.91 14.57 7.08
N GLU A 62 -2.68 13.67 6.50
CA GLU A 62 -3.35 12.61 7.27
C GLU A 62 -2.41 11.42 7.49
N HIS A 63 -1.12 11.63 7.26
CA HIS A 63 -0.12 10.58 7.45
C HIS A 63 -0.24 9.96 8.85
N ALA A 64 -0.08 10.80 9.86
CA ALA A 64 -0.18 10.38 11.25
C ALA A 64 -1.58 9.86 11.55
N THR A 65 -2.60 10.58 11.07
CA THR A 65 -3.99 10.20 11.28
C THR A 65 -4.24 8.76 10.83
N LEU A 66 -3.79 8.45 9.62
CA LEU A 66 -4.01 7.14 9.02
C LEU A 66 -3.22 6.07 9.77
N ALA A 67 -1.97 6.39 10.11
CA ALA A 67 -1.11 5.45 10.83
C ALA A 67 -1.68 5.12 12.21
N GLU A 68 -2.00 6.16 12.99
CA GLU A 68 -2.44 6.00 14.37
C GLU A 68 -3.88 5.50 14.48
N ALA A 69 -4.79 6.15 13.76
CA ALA A 69 -6.23 5.89 13.91
C ALA A 69 -6.63 4.50 13.39
N ILE A 70 -5.68 3.78 12.79
CA ILE A 70 -5.96 2.45 12.27
C ILE A 70 -6.08 1.43 13.42
N SER A 71 -5.57 1.80 14.60
CA SER A 71 -5.50 0.88 15.74
C SER A 71 -6.87 0.24 16.10
N PRO A 72 -7.96 1.03 16.25
CA PRO A 72 -9.28 0.48 16.61
C PRO A 72 -9.90 -0.33 15.47
N SER A 73 -9.22 -0.36 14.32
CA SER A 73 -9.67 -1.10 13.16
C SER A 73 -9.16 -2.55 13.21
N LEU A 74 -8.02 -2.75 13.87
CA LEU A 74 -7.46 -4.09 14.07
C LEU A 74 -8.17 -4.77 15.23
N ASP A 75 -7.68 -5.94 15.64
CA ASP A 75 -8.21 -6.65 16.81
C ASP A 75 -8.15 -5.71 18.02
N ARG A 76 -7.06 -4.95 18.08
CA ARG A 76 -6.83 -3.86 19.04
C ARG A 76 -5.37 -3.40 18.97
N PRO A 77 -4.39 -4.34 19.11
CA PRO A 77 -2.97 -3.99 19.05
C PRO A 77 -2.55 -3.50 17.67
N ILE A 78 -2.31 -2.20 17.54
CA ILE A 78 -1.87 -1.61 16.29
C ILE A 78 -0.52 -2.18 15.87
N ASP A 79 0.22 -2.69 16.85
CA ASP A 79 1.59 -3.16 16.62
C ASP A 79 1.66 -4.68 16.71
N GLN A 80 0.54 -5.36 16.48
CA GLN A 80 0.51 -6.83 16.51
C GLN A 80 1.38 -7.36 15.37
N LEU A 81 1.00 -7.05 14.13
CA LEU A 81 1.84 -7.32 12.98
C LEU A 81 3.12 -6.49 13.07
N SER A 82 4.17 -6.90 12.39
CA SER A 82 5.46 -6.21 12.46
C SER A 82 5.30 -4.72 12.14
N PRO A 83 5.85 -3.82 12.98
CA PRO A 83 5.75 -2.37 12.80
C PRO A 83 6.19 -1.94 11.39
N VAL A 84 7.20 -2.64 10.88
CA VAL A 84 7.69 -2.39 9.53
C VAL A 84 6.61 -2.72 8.49
N GLU A 85 5.98 -3.89 8.64
CA GLU A 85 4.92 -4.32 7.71
C GLU A 85 3.77 -3.33 7.72
N ARG A 86 3.41 -2.87 8.91
CA ARG A 86 2.32 -1.91 9.07
C ARG A 86 2.67 -0.60 8.35
N ALA A 87 3.87 -0.08 8.64
CA ALA A 87 4.34 1.16 8.03
C ALA A 87 4.32 1.05 6.51
N VAL A 88 4.77 -0.09 6.00
CA VAL A 88 4.81 -0.34 4.56
C VAL A 88 3.39 -0.41 4.00
N LEU A 89 2.56 -1.28 4.56
CA LEU A 89 1.21 -1.51 4.04
C LEU A 89 0.44 -0.18 3.95
N LEU A 90 0.42 0.56 5.05
CA LEU A 90 -0.37 1.79 5.13
C LEU A 90 0.16 2.86 4.18
N ILE A 91 1.44 3.22 4.33
CA ILE A 91 2.05 4.27 3.52
C ILE A 91 2.01 3.89 2.04
N ALA A 92 2.41 2.66 1.72
CA ALA A 92 2.45 2.20 0.34
C ALA A 92 1.07 2.26 -0.29
N THR A 93 0.04 1.79 0.42
CA THR A 93 -1.32 1.81 -0.09
C THR A 93 -1.78 3.25 -0.37
N TYR A 94 -1.59 4.14 0.61
CA TYR A 94 -2.01 5.53 0.45
C TYR A 94 -1.21 6.21 -0.66
N GLU A 95 0.05 5.82 -0.83
CA GLU A 95 0.85 6.30 -1.94
C GLU A 95 0.25 5.84 -3.25
N LEU A 96 0.07 4.53 -3.39
CA LEU A 96 -0.50 3.93 -4.60
C LEU A 96 -1.79 4.62 -5.00
N THR A 97 -2.57 5.01 -3.98
CA THR A 97 -3.83 5.71 -4.21
C THR A 97 -3.64 6.93 -5.14
N HIS A 98 -2.52 7.64 -4.99
CA HIS A 98 -2.23 8.80 -5.84
C HIS A 98 -1.02 8.56 -6.72
N GLN A 99 -0.46 7.36 -6.63
CA GLN A 99 0.72 6.97 -7.40
C GLN A 99 0.40 5.74 -8.25
N ILE A 100 -0.84 5.67 -8.72
CA ILE A 100 -1.37 4.48 -9.39
C ILE A 100 -0.50 4.08 -10.60
N GLU A 101 0.03 5.06 -11.31
CA GLU A 101 0.81 4.81 -12.52
C GLU A 101 2.29 5.13 -12.30
N THR A 102 2.63 5.54 -11.08
CA THR A 102 4.00 5.90 -10.75
C THR A 102 4.91 4.67 -10.74
N PRO A 103 6.17 4.79 -11.23
CA PRO A 103 7.11 3.68 -11.25
C PRO A 103 7.29 3.04 -9.86
N TYR A 104 7.02 1.75 -9.78
CA TYR A 104 7.09 1.02 -8.52
C TYR A 104 8.48 1.17 -7.87
N ARG A 105 9.49 1.44 -8.69
CA ARG A 105 10.86 1.57 -8.19
C ARG A 105 10.97 2.68 -7.14
N VAL A 106 10.42 3.85 -7.46
CA VAL A 106 10.49 4.99 -6.56
C VAL A 106 9.62 4.75 -5.33
N ILE A 107 8.47 4.09 -5.54
CA ILE A 107 7.58 3.78 -4.42
C ILE A 107 8.24 2.77 -3.48
N ILE A 108 8.94 1.80 -4.04
CA ILE A 108 9.70 0.84 -3.24
C ILE A 108 10.75 1.57 -2.43
N ASN A 109 11.47 2.51 -3.08
CA ASN A 109 12.45 3.35 -2.41
C ASN A 109 11.83 4.02 -1.19
N GLU A 110 10.65 4.63 -1.39
CA GLU A 110 9.93 5.29 -0.32
C GLU A 110 9.68 4.34 0.85
N ALA A 111 9.08 3.20 0.55
CA ALA A 111 8.79 2.19 1.57
C ALA A 111 10.07 1.74 2.28
N VAL A 112 11.14 1.61 1.51
CA VAL A 112 12.44 1.21 2.04
C VAL A 112 12.93 2.23 3.06
N GLU A 113 12.72 3.51 2.77
CA GLU A 113 13.14 4.59 3.68
C GLU A 113 12.60 4.38 5.08
N LEU A 114 11.31 4.05 5.19
CA LEU A 114 10.69 3.83 6.49
C LEU A 114 11.07 2.46 7.03
N ALA A 115 11.05 1.45 6.17
CA ALA A 115 11.39 0.09 6.55
C ALA A 115 12.81 0.01 7.08
N LYS A 116 13.65 0.93 6.61
CA LYS A 116 15.08 0.95 6.94
C LYS A 116 15.29 1.19 8.44
N THR A 117 14.53 2.11 9.02
CA THR A 117 14.66 2.43 10.44
C THR A 117 14.06 1.33 11.32
N PHE A 118 12.96 0.72 10.86
CA PHE A 118 12.28 -0.33 11.62
C PHE A 118 13.09 -1.63 11.57
N GLY A 119 13.60 -1.96 10.40
CA GLY A 119 14.41 -3.14 10.22
C GLY A 119 15.63 -2.85 9.38
N GLY A 120 16.80 -3.21 9.88
CA GLY A 120 18.04 -2.91 9.19
C GLY A 120 18.27 -3.76 7.96
N SER A 121 19.16 -4.75 8.10
CA SER A 121 19.58 -5.57 6.97
C SER A 121 18.41 -6.40 6.42
N ASP A 122 17.64 -7.00 7.31
CA ASP A 122 16.52 -7.85 6.91
C ASP A 122 15.30 -7.01 6.57
N GLY A 123 15.21 -5.83 7.18
CA GLY A 123 14.04 -4.99 6.99
C GLY A 123 13.89 -4.50 5.56
N TYR A 124 14.87 -3.72 5.08
CA TYR A 124 14.79 -3.12 3.75
C TYR A 124 14.80 -4.21 2.68
N LYS A 125 15.44 -5.32 2.98
CA LYS A 125 15.52 -6.46 2.08
C LYS A 125 14.15 -7.12 1.93
N TYR A 126 13.52 -7.40 3.07
CA TYR A 126 12.23 -8.07 3.10
C TYR A 126 11.20 -7.28 2.31
N VAL A 127 11.07 -5.99 2.64
CA VAL A 127 10.09 -5.13 1.99
C VAL A 127 10.36 -5.02 0.49
N ASN A 128 11.65 -4.95 0.12
CA ASN A 128 12.04 -4.91 -1.28
C ASN A 128 11.54 -6.16 -2.01
N GLY A 129 11.68 -7.30 -1.34
CA GLY A 129 11.26 -8.57 -1.89
C GLY A 129 9.75 -8.64 -2.11
N VAL A 130 8.98 -8.26 -1.09
CA VAL A 130 7.52 -8.39 -1.16
C VAL A 130 6.90 -7.39 -2.13
N LEU A 131 7.44 -6.17 -2.17
CA LEU A 131 6.94 -5.13 -3.07
C LEU A 131 7.20 -5.53 -4.52
N ASP A 132 8.32 -6.21 -4.75
CA ASP A 132 8.65 -6.75 -6.06
C ASP A 132 7.54 -7.70 -6.52
N LYS A 133 7.22 -8.65 -5.64
CA LYS A 133 6.21 -9.68 -5.92
C LYS A 133 4.88 -9.04 -6.28
N LEU A 134 4.52 -7.97 -5.57
CA LEU A 134 3.29 -7.23 -5.88
C LEU A 134 3.40 -6.60 -7.26
N ALA A 135 4.47 -5.85 -7.48
CA ALA A 135 4.68 -5.15 -8.74
C ALA A 135 4.63 -6.11 -9.92
N VAL A 136 5.12 -7.33 -9.72
CA VAL A 136 5.15 -8.34 -10.79
C VAL A 136 3.74 -8.80 -11.16
N LYS A 137 2.82 -8.78 -10.20
CA LYS A 137 1.43 -9.19 -10.47
C LYS A 137 0.53 -7.97 -10.68
N LEU A 138 1.08 -6.77 -10.44
CA LEU A 138 0.36 -5.53 -10.73
C LEU A 138 0.60 -5.08 -12.17
N ARG A 139 1.85 -5.21 -12.61
CA ARG A 139 2.23 -4.81 -13.96
C ARG A 139 3.57 -5.47 -14.36
N PRO A 140 3.52 -6.75 -14.77
CA PRO A 140 4.72 -7.56 -15.03
C PRO A 140 5.57 -7.01 -16.18
N ALA A 141 4.93 -6.25 -17.07
CA ALA A 141 5.60 -5.69 -18.23
C ALA A 141 6.75 -4.76 -17.82
N GLU A 142 6.67 -4.24 -16.59
CA GLU A 142 7.67 -3.32 -16.07
C GLU A 142 8.75 -4.06 -15.30
N THR A 143 8.33 -5.10 -14.56
CA THR A 143 9.23 -5.81 -13.65
C THR A 143 10.12 -6.81 -14.39
N GLN A 144 9.51 -7.62 -15.26
CA GLN A 144 10.23 -8.70 -15.94
C GLN A 144 11.42 -8.17 -16.73
N ALA A 145 11.23 -7.03 -17.39
CA ALA A 145 12.30 -6.38 -18.14
C ALA A 145 12.94 -7.34 -19.14
N ARG A 146 12.15 -8.28 -19.65
CA ARG A 146 12.65 -9.29 -20.58
C ARG A 146 12.56 -8.79 -22.02
N ARG A 147 13.70 -8.61 -22.66
CA ARG A 147 13.76 -8.21 -24.07
C ARG A 147 14.56 -9.23 -24.86
N GLY A 148 13.89 -9.87 -25.82
CA GLY A 148 14.51 -10.93 -26.59
C GLY A 148 15.46 -10.41 -27.65
N ALA A 149 16.71 -10.23 -27.26
CA ALA A 149 17.75 -9.82 -28.21
C ALA A 149 18.18 -11.01 -29.06
N GLY A 1 -1.10 -2.36 -24.50
CA GLY A 1 0.37 -2.43 -24.38
C GLY A 1 0.81 -2.83 -22.98
N PRO A 2 2.12 -2.80 -22.68
CA PRO A 2 2.63 -3.13 -21.34
C PRO A 2 2.23 -2.06 -20.32
N GLY A 3 1.05 -2.27 -19.74
CA GLY A 3 0.52 -1.35 -18.74
C GLY A 3 -0.98 -1.39 -18.71
N SER A 4 -1.56 -1.77 -17.57
CA SER A 4 -2.99 -1.94 -17.44
C SER A 4 -3.69 -0.58 -17.24
N MET A 5 -3.53 0.30 -18.21
CA MET A 5 -4.20 1.60 -18.21
C MET A 5 -5.39 1.55 -19.17
N LYS A 6 -6.04 2.70 -19.39
CA LYS A 6 -7.24 2.78 -20.23
C LYS A 6 -8.36 1.98 -19.57
N LYS A 7 -8.24 1.79 -18.27
CA LYS A 7 -9.19 1.03 -17.48
C LYS A 7 -10.13 1.97 -16.73
N SER A 8 -10.99 1.40 -15.88
CA SER A 8 -11.99 2.17 -15.16
C SER A 8 -11.48 2.60 -13.78
N ALA A 9 -12.30 3.39 -13.09
CA ALA A 9 -12.01 3.87 -11.73
C ALA A 9 -11.82 2.71 -10.75
N ARG A 10 -12.30 1.53 -11.16
CA ARG A 10 -12.24 0.32 -10.35
C ARG A 10 -10.80 0.06 -9.88
N ARG A 11 -9.85 0.59 -10.65
CA ARG A 11 -8.43 0.46 -10.37
C ARG A 11 -8.10 0.90 -8.93
N GLN A 12 -8.48 2.12 -8.57
CA GLN A 12 -8.12 2.69 -7.26
C GLN A 12 -8.59 1.80 -6.11
N SER A 13 -9.71 1.12 -6.32
CA SER A 13 -10.28 0.24 -5.29
C SER A 13 -9.45 -1.03 -5.13
N ARG A 14 -9.10 -1.64 -6.26
CA ARG A 14 -8.46 -2.94 -6.27
C ARG A 14 -7.02 -2.90 -5.75
N GLU A 15 -6.33 -1.79 -5.95
CA GLU A 15 -4.95 -1.64 -5.47
C GLU A 15 -4.90 -1.87 -3.96
N LEU A 16 -5.89 -1.31 -3.26
CA LEU A 16 -6.01 -1.46 -1.82
C LEU A 16 -6.28 -2.93 -1.45
N ALA A 17 -6.99 -3.61 -2.32
CA ALA A 17 -7.36 -5.01 -2.09
C ALA A 17 -6.16 -5.93 -2.26
N THR A 18 -5.47 -5.80 -3.39
CA THR A 18 -4.37 -6.69 -3.74
C THR A 18 -3.27 -6.67 -2.67
N GLN A 19 -2.80 -5.47 -2.32
CA GLN A 19 -1.78 -5.31 -1.30
C GLN A 19 -2.17 -6.06 -0.02
N GLY A 20 -3.42 -5.88 0.39
CA GLY A 20 -3.92 -6.51 1.59
C GLY A 20 -3.92 -8.04 1.48
N LEU A 21 -4.48 -8.55 0.38
CA LEU A 21 -4.58 -9.99 0.18
C LEU A 21 -3.21 -10.66 0.25
N TYR A 22 -2.23 -10.09 -0.48
CA TYR A 22 -0.87 -10.64 -0.46
C TYR A 22 -0.29 -10.58 0.94
N GLN A 23 -0.35 -9.40 1.53
CA GLN A 23 0.25 -9.18 2.85
C GLN A 23 -0.26 -10.24 3.83
N TRP A 24 -1.55 -10.53 3.76
CA TRP A 24 -2.17 -11.53 4.63
C TRP A 24 -1.65 -12.94 4.30
N LEU A 25 -1.70 -13.29 3.03
CA LEU A 25 -1.33 -14.64 2.59
C LEU A 25 0.17 -14.90 2.76
N LEU A 26 0.96 -13.83 2.67
CA LEU A 26 2.42 -13.94 2.68
C LEU A 26 2.98 -13.81 4.11
N SER A 27 2.37 -12.94 4.91
CA SER A 27 2.85 -12.65 6.26
C SER A 27 2.00 -13.34 7.33
N ASN A 28 0.86 -13.89 6.92
CA ASN A 28 -0.10 -14.50 7.85
C ASN A 28 -0.46 -13.50 8.94
N ALA A 29 -0.70 -12.25 8.52
CA ALA A 29 -1.07 -11.18 9.43
C ALA A 29 -2.46 -11.40 10.02
N ALA A 30 -2.86 -10.51 10.92
CA ALA A 30 -4.18 -10.58 11.52
C ALA A 30 -5.21 -9.95 10.58
N PRO A 31 -6.36 -10.63 10.38
CA PRO A 31 -7.40 -10.15 9.45
C PRO A 31 -7.82 -8.72 9.75
N GLY A 32 -7.92 -8.39 11.04
CA GLY A 32 -8.34 -7.06 11.45
C GLY A 32 -7.36 -5.98 11.01
N GLU A 33 -6.08 -6.26 11.15
CA GLU A 33 -5.02 -5.31 10.81
C GLU A 33 -5.16 -4.82 9.36
N ILE A 34 -5.49 -5.74 8.48
CA ILE A 34 -5.68 -5.40 7.07
C ILE A 34 -7.10 -4.90 6.82
N ASP A 35 -8.05 -5.43 7.59
CA ASP A 35 -9.43 -4.98 7.53
C ASP A 35 -9.50 -3.47 7.72
N ALA A 36 -8.71 -2.97 8.67
CA ALA A 36 -8.69 -1.55 9.00
C ALA A 36 -8.37 -0.68 7.79
N GLN A 37 -7.49 -1.16 6.92
CA GLN A 37 -7.10 -0.39 5.72
C GLN A 37 -8.31 -0.16 4.82
N LEU A 38 -9.06 -1.23 4.54
CA LEU A 38 -10.23 -1.16 3.67
C LEU A 38 -11.42 -0.56 4.44
N ARG A 39 -11.36 -0.71 5.76
CA ARG A 39 -12.42 -0.27 6.66
C ARG A 39 -12.38 1.25 6.85
N GLY A 40 -11.16 1.79 6.91
CA GLY A 40 -10.98 3.22 7.07
C GLY A 40 -10.99 3.94 5.73
N ALA A 41 -10.22 3.42 4.79
CA ALA A 41 -10.16 3.97 3.45
C ALA A 41 -11.07 3.17 2.52
N LEU A 42 -12.31 3.64 2.39
CA LEU A 42 -13.28 2.97 1.54
C LEU A 42 -12.85 3.06 0.07
N GLY A 43 -12.52 1.91 -0.51
CA GLY A 43 -11.97 1.88 -1.86
C GLY A 43 -12.99 2.23 -2.93
N TYR A 44 -14.06 1.43 -3.01
CA TYR A 44 -15.05 1.55 -4.06
C TYR A 44 -15.54 2.99 -4.26
N ASP A 45 -16.03 3.61 -3.20
CA ASP A 45 -16.66 4.92 -3.28
C ASP A 45 -15.66 6.00 -3.72
N LYS A 46 -14.42 5.89 -3.22
CA LYS A 46 -13.39 6.90 -3.50
C LYS A 46 -12.55 6.51 -4.73
N ALA A 47 -12.85 5.35 -5.30
CA ALA A 47 -12.18 4.90 -6.51
C ALA A 47 -12.51 5.81 -7.68
N ASP A 48 -11.61 6.76 -7.95
CA ASP A 48 -11.77 7.70 -9.06
C ASP A 48 -10.46 8.48 -9.23
N LYS A 49 -9.99 8.61 -10.47
CA LYS A 49 -8.67 9.22 -10.72
C LYS A 49 -8.64 10.70 -10.33
N THR A 50 -9.78 11.37 -10.45
CA THR A 50 -9.87 12.79 -10.08
C THR A 50 -9.91 12.94 -8.56
N LEU A 51 -10.49 11.94 -7.90
CA LEU A 51 -10.60 11.91 -6.45
C LEU A 51 -9.20 11.84 -5.83
N LEU A 52 -8.25 11.27 -6.58
CA LEU A 52 -6.86 11.13 -6.14
C LEU A 52 -6.31 12.43 -5.57
N ASP A 53 -6.72 13.55 -6.17
CA ASP A 53 -6.29 14.88 -5.71
C ASP A 53 -6.42 15.02 -4.19
N THR A 54 -7.55 14.55 -3.64
CA THR A 54 -7.77 14.62 -2.20
C THR A 54 -6.90 13.59 -1.48
N ILE A 55 -6.66 12.45 -2.14
CA ILE A 55 -5.85 11.37 -1.57
C ILE A 55 -4.42 11.85 -1.32
N LEU A 56 -3.84 12.54 -2.30
CA LEU A 56 -2.48 13.06 -2.16
C LEU A 56 -2.47 14.14 -1.08
N HIS A 57 -3.52 14.95 -1.06
CA HIS A 57 -3.70 15.97 -0.03
C HIS A 57 -3.70 15.31 1.34
N GLY A 58 -4.30 14.12 1.40
CA GLY A 58 -4.40 13.38 2.64
C GLY A 58 -3.09 12.74 3.05
N VAL A 59 -2.33 12.23 2.07
CA VAL A 59 -1.06 11.59 2.38
C VAL A 59 -0.03 12.62 2.83
N ILE A 60 -0.15 13.84 2.31
CA ILE A 60 0.68 14.95 2.76
C ILE A 60 0.27 15.41 4.17
N ARG A 61 -1.00 15.75 4.32
CA ARG A 61 -1.51 16.35 5.57
C ARG A 61 -1.81 15.30 6.64
N GLU A 62 -2.74 14.39 6.33
CA GLU A 62 -3.33 13.49 7.32
C GLU A 62 -2.66 12.11 7.30
N HIS A 63 -1.38 12.08 6.93
CA HIS A 63 -0.60 10.83 6.86
C HIS A 63 -0.65 10.10 8.20
N ALA A 64 -0.22 10.81 9.25
CA ALA A 64 -0.21 10.25 10.59
C ALA A 64 -1.63 9.91 11.04
N THR A 65 -2.57 10.79 10.72
CA THR A 65 -3.97 10.59 11.06
C THR A 65 -4.49 9.28 10.46
N LEU A 66 -3.98 8.93 9.28
CA LEU A 66 -4.29 7.65 8.64
C LEU A 66 -3.66 6.53 9.44
N ALA A 67 -2.36 6.68 9.74
CA ALA A 67 -1.61 5.69 10.50
C ALA A 67 -2.25 5.43 11.88
N GLU A 68 -2.86 6.45 12.46
CA GLU A 68 -3.51 6.33 13.76
C GLU A 68 -4.84 5.57 13.65
N ALA A 69 -5.53 5.78 12.53
CA ALA A 69 -6.90 5.27 12.35
C ALA A 69 -6.99 3.75 12.47
N ILE A 70 -5.88 3.06 12.25
CA ILE A 70 -5.86 1.60 12.27
C ILE A 70 -6.09 1.05 13.70
N SER A 71 -5.55 1.74 14.69
CA SER A 71 -5.53 1.22 16.07
C SER A 71 -6.95 1.14 16.67
N PRO A 72 -7.78 2.21 16.58
CA PRO A 72 -9.14 2.19 17.14
C PRO A 72 -10.15 1.48 16.23
N SER A 73 -9.68 1.03 15.08
CA SER A 73 -10.55 0.41 14.09
C SER A 73 -11.02 -0.97 14.56
N LEU A 74 -10.09 -1.75 15.11
CA LEU A 74 -10.41 -3.11 15.56
C LEU A 74 -10.51 -3.16 17.08
N ASP A 75 -10.91 -4.32 17.60
CA ASP A 75 -10.93 -4.57 19.05
C ASP A 75 -9.52 -4.54 19.60
N ARG A 76 -8.58 -5.06 18.80
CA ARG A 76 -7.17 -5.07 19.16
C ARG A 76 -6.47 -3.86 18.52
N PRO A 77 -5.76 -3.06 19.34
CA PRO A 77 -5.04 -1.87 18.85
C PRO A 77 -3.91 -2.21 17.86
N ILE A 78 -3.25 -1.15 17.39
CA ILE A 78 -2.22 -1.24 16.34
C ILE A 78 -1.05 -2.18 16.72
N ASP A 79 -1.03 -2.62 17.97
CA ASP A 79 0.07 -3.45 18.48
C ASP A 79 0.10 -4.84 17.85
N GLN A 80 -1.00 -5.22 17.19
CA GLN A 80 -1.19 -6.60 16.74
C GLN A 80 -0.17 -6.99 15.65
N LEU A 81 -0.20 -6.29 14.51
CA LEU A 81 0.71 -6.59 13.42
C LEU A 81 2.09 -6.00 13.70
N SER A 82 3.14 -6.67 13.22
CA SER A 82 4.50 -6.22 13.41
C SER A 82 4.66 -4.78 12.89
N PRO A 83 5.37 -3.92 13.66
CA PRO A 83 5.53 -2.49 13.35
C PRO A 83 5.90 -2.24 11.89
N VAL A 84 6.96 -2.90 11.42
CA VAL A 84 7.43 -2.73 10.06
C VAL A 84 6.36 -3.14 9.05
N GLU A 85 5.68 -4.25 9.31
CA GLU A 85 4.65 -4.78 8.42
C GLU A 85 3.53 -3.76 8.22
N ARG A 86 2.91 -3.34 9.33
CA ARG A 86 1.77 -2.43 9.25
C ARG A 86 2.19 -1.04 8.76
N ALA A 87 3.37 -0.59 9.19
CA ALA A 87 3.89 0.71 8.76
C ALA A 87 4.02 0.73 7.23
N VAL A 88 4.70 -0.29 6.70
CA VAL A 88 4.88 -0.41 5.26
C VAL A 88 3.53 -0.55 4.55
N LEU A 89 2.63 -1.33 5.14
CA LEU A 89 1.33 -1.59 4.52
C LEU A 89 0.57 -0.28 4.29
N LEU A 90 0.47 0.54 5.33
CA LEU A 90 -0.36 1.74 5.25
C LEU A 90 0.30 2.81 4.37
N ILE A 91 1.64 2.95 4.47
CA ILE A 91 2.37 3.90 3.61
C ILE A 91 2.28 3.47 2.15
N ALA A 92 2.63 2.21 1.89
CA ALA A 92 2.67 1.68 0.52
C ALA A 92 1.30 1.77 -0.14
N THR A 93 0.25 1.46 0.62
CA THR A 93 -1.10 1.55 0.11
C THR A 93 -1.48 3.00 -0.17
N TYR A 94 -1.23 3.88 0.80
CA TYR A 94 -1.52 5.30 0.65
C TYR A 94 -0.88 5.86 -0.62
N GLU A 95 0.36 5.44 -0.87
CA GLU A 95 1.08 5.84 -2.08
C GLU A 95 0.44 5.22 -3.30
N LEU A 96 0.33 3.89 -3.30
CA LEU A 96 -0.14 3.12 -4.45
C LEU A 96 -1.41 3.75 -5.02
N THR A 97 -2.33 4.09 -4.12
CA THR A 97 -3.61 4.68 -4.50
C THR A 97 -3.43 5.87 -5.46
N HIS A 98 -2.45 6.73 -5.18
CA HIS A 98 -2.23 7.93 -6.00
C HIS A 98 -0.94 7.81 -6.81
N GLN A 99 -0.35 6.61 -6.81
CA GLN A 99 0.89 6.36 -7.54
C GLN A 99 0.75 5.15 -8.46
N ILE A 100 -0.49 4.81 -8.81
CA ILE A 100 -0.77 3.67 -9.71
C ILE A 100 0.03 3.78 -11.02
N GLU A 101 0.26 5.01 -11.48
CA GLU A 101 0.97 5.23 -12.74
C GLU A 101 2.47 5.44 -12.48
N THR A 102 2.82 5.62 -11.21
CA THR A 102 4.20 5.90 -10.81
C THR A 102 5.02 4.61 -10.74
N PRO A 103 6.30 4.64 -11.19
CA PRO A 103 7.19 3.46 -11.16
C PRO A 103 7.27 2.81 -9.78
N TYR A 104 7.15 1.49 -9.76
CA TYR A 104 7.17 0.74 -8.51
C TYR A 104 8.53 0.91 -7.82
N ARG A 105 9.54 1.25 -8.61
CA ARG A 105 10.89 1.50 -8.09
C ARG A 105 10.84 2.51 -6.94
N VAL A 106 10.25 3.66 -7.20
CA VAL A 106 10.24 4.76 -6.22
C VAL A 106 9.30 4.44 -5.06
N ILE A 107 8.21 3.71 -5.35
CA ILE A 107 7.28 3.29 -4.30
C ILE A 107 7.96 2.32 -3.33
N ILE A 108 8.53 1.24 -3.87
CA ILE A 108 9.24 0.27 -3.06
C ILE A 108 10.40 0.94 -2.34
N ASN A 109 11.10 1.82 -3.07
CA ASN A 109 12.21 2.58 -2.49
C ASN A 109 11.73 3.33 -1.25
N GLU A 110 10.56 3.97 -1.37
CA GLU A 110 9.96 4.72 -0.27
C GLU A 110 9.71 3.79 0.92
N ALA A 111 9.12 2.63 0.63
CA ALA A 111 8.85 1.62 1.66
C ALA A 111 10.16 1.16 2.31
N VAL A 112 11.21 1.03 1.50
CA VAL A 112 12.52 0.59 1.97
C VAL A 112 13.13 1.63 2.95
N GLU A 113 12.98 2.91 2.60
CA GLU A 113 13.51 3.99 3.42
C GLU A 113 12.99 3.89 4.85
N LEU A 114 11.72 3.56 4.97
CA LEU A 114 11.07 3.40 6.28
C LEU A 114 11.44 2.06 6.89
N ALA A 115 11.43 1.02 6.07
CA ALA A 115 11.75 -0.33 6.51
C ALA A 115 13.12 -0.37 7.19
N LYS A 116 13.99 0.56 6.80
CA LYS A 116 15.31 0.69 7.40
C LYS A 116 15.21 0.92 8.91
N THR A 117 14.45 1.93 9.31
CA THR A 117 14.33 2.27 10.73
C THR A 117 13.44 1.26 11.48
N PHE A 118 12.38 0.78 10.83
CA PHE A 118 11.43 -0.10 11.50
C PHE A 118 11.93 -1.55 11.55
N GLY A 119 12.39 -2.06 10.43
CA GLY A 119 12.74 -3.48 10.33
C GLY A 119 14.23 -3.73 10.14
N GLY A 120 14.96 -2.69 9.77
CA GLY A 120 16.39 -2.81 9.56
C GLY A 120 16.73 -3.65 8.34
N SER A 121 17.69 -4.55 8.50
CA SER A 121 18.12 -5.43 7.41
C SER A 121 16.98 -6.36 7.00
N ASP A 122 16.39 -7.03 7.97
CA ASP A 122 15.26 -7.93 7.73
C ASP A 122 14.11 -7.17 7.10
N GLY A 123 13.96 -5.91 7.48
CA GLY A 123 12.88 -5.09 6.98
C GLY A 123 13.05 -4.69 5.53
N TYR A 124 14.17 -4.03 5.21
CA TYR A 124 14.38 -3.47 3.88
C TYR A 124 14.35 -4.57 2.83
N LYS A 125 14.90 -5.73 3.18
CA LYS A 125 15.05 -6.84 2.25
C LYS A 125 13.70 -7.51 2.00
N TYR A 126 12.96 -7.75 3.08
CA TYR A 126 11.65 -8.38 2.98
C TYR A 126 10.72 -7.52 2.12
N VAL A 127 10.59 -6.25 2.49
CA VAL A 127 9.67 -5.35 1.80
C VAL A 127 10.03 -5.23 0.31
N ASN A 128 11.32 -5.15 0.02
CA ASN A 128 11.78 -5.00 -1.36
C ASN A 128 11.44 -6.25 -2.17
N GLY A 129 11.69 -7.41 -1.57
CA GLY A 129 11.43 -8.67 -2.25
C GLY A 129 9.95 -8.98 -2.42
N VAL A 130 9.17 -8.68 -1.39
CA VAL A 130 7.74 -9.01 -1.36
C VAL A 130 6.98 -8.19 -2.39
N LEU A 131 7.28 -6.89 -2.45
CA LEU A 131 6.59 -5.99 -3.36
C LEU A 131 7.00 -6.27 -4.80
N ASP A 132 8.24 -6.72 -4.98
CA ASP A 132 8.75 -7.10 -6.30
C ASP A 132 7.91 -8.23 -6.88
N LYS A 133 7.66 -9.26 -6.07
CA LYS A 133 6.92 -10.45 -6.52
C LYS A 133 5.56 -10.07 -7.10
N LEU A 134 4.85 -9.15 -6.45
CA LEU A 134 3.55 -8.72 -6.94
C LEU A 134 3.72 -7.68 -8.06
N ALA A 135 4.85 -6.97 -8.04
CA ALA A 135 5.14 -5.96 -9.05
C ALA A 135 5.43 -6.62 -10.39
N VAL A 136 5.87 -7.88 -10.36
CA VAL A 136 6.09 -8.63 -11.59
C VAL A 136 4.75 -8.91 -12.28
N LYS A 137 3.68 -8.85 -11.50
CA LYS A 137 2.33 -9.10 -12.01
C LYS A 137 1.65 -7.78 -12.38
N LEU A 138 1.63 -6.86 -11.42
CA LEU A 138 0.89 -5.60 -11.56
C LEU A 138 1.69 -4.56 -12.36
N ARG A 139 3.00 -4.77 -12.47
CA ARG A 139 3.88 -3.80 -13.15
C ARG A 139 4.91 -4.53 -14.01
N PRO A 140 4.46 -5.32 -15.01
CA PRO A 140 5.36 -6.12 -15.86
C PRO A 140 6.22 -5.24 -16.76
N ALA A 141 5.73 -4.05 -17.07
CA ALA A 141 6.41 -3.12 -17.97
C ALA A 141 7.82 -2.80 -17.48
N GLU A 142 8.00 -2.78 -16.17
CA GLU A 142 9.29 -2.47 -15.56
C GLU A 142 10.06 -3.74 -15.20
N THR A 143 9.41 -4.63 -14.46
CA THR A 143 10.05 -5.85 -13.94
C THR A 143 10.64 -6.70 -15.07
N GLN A 144 9.92 -6.79 -16.18
CA GLN A 144 10.39 -7.58 -17.32
C GLN A 144 11.44 -6.81 -18.12
N ALA A 145 11.42 -5.49 -17.99
CA ALA A 145 12.29 -4.63 -18.79
C ALA A 145 13.58 -4.27 -18.03
N ARG A 146 14.40 -5.28 -17.80
CA ARG A 146 15.72 -5.07 -17.17
C ARG A 146 16.74 -4.69 -18.24
N ARG A 147 17.65 -3.80 -17.88
CA ARG A 147 18.61 -3.24 -18.83
C ARG A 147 20.04 -3.54 -18.38
N GLY A 148 20.88 -3.90 -19.35
CA GLY A 148 22.25 -4.29 -19.07
C GLY A 148 22.47 -5.76 -19.33
N ALA A 149 21.88 -6.60 -18.49
CA ALA A 149 21.92 -8.05 -18.67
C ALA A 149 20.94 -8.47 -19.77
#